data_6Z6P
#
_entry.id   6Z6P
#
_cell.length_a   1.00
_cell.length_b   1.00
_cell.length_c   1.00
_cell.angle_alpha   90.00
_cell.angle_beta   90.00
_cell.angle_gamma   90.00
#
_symmetry.space_group_name_H-M   'P 1'
#
loop_
_entity.id
_entity.type
_entity.pdbx_description
1 polymer 'Histone deacetylase HDA1'
2 polymer 'Histone deacetylase HDA1'
3 polymer 'HDA1 complex subunit 3,HDA1 complex subunit 3'
4 polymer 'HDA1 complex subunit 2'
5 polymer 'Histone H3'
6 polymer 'Histone H4'
7 polymer 'Histone H2A'
8 polymer 'Histone H2B'
9 polymer 'Histone H3.2'
10 polymer 'Histone H4'
11 polymer 'Histone H2A type 1'
12 polymer 'Histone H2B'
13 polymer 'DNA (145-MER)'
14 polymer 'DNA (145-MER)'
15 non-polymer 'ZINC ION'
#
loop_
_entity_poly.entity_id
_entity_poly.type
_entity_poly.pdbx_seq_one_letter_code
_entity_poly.pdbx_strand_id
1 'polypeptide(L)'
;RQVIVPVCMPKIHYSPLKTGLCYDVRMRYHAKIFTSYFEYIDPHPEDPRRIYRIYKILAENGLINDPTLSGVDDLGDLML
KIPVRAATSEEILEVHTKEHLEFIESTEKMSREELLKETEKGDSVYFNNDSYASARLPCGGAIEACKAVVEGRVKNSLAV
VRPPGHHAEPQAAGGFCLFSNVAVAAKNILKNYPESVRRIMILDWDIHHGNGTQKSFYQDDQVLYVSLHRFEMGKYYPGT
IQGQYDQTGEGKGEGFNCNITWPVGGVGDAEYMWAFEQVVMPMGREFKPDLVIISSGFDAADGDTIGQCHVTPSCYGHMT
HMLKSLARGNLCVVLEGGYNLDAIARSALSVAKVLIGEPPDELPDPLSDPKPEVIEMIDKVIRLQSKYWNCFRRRHANSG
CNFNEPINDSIISKNFPLQKAIRQQQQHYLSDEFNFVTLPLVSMDLPDNTVLCTPNISESNTIIIVVHDTSDIWAKRNVI
SGTIDLSSSVIIDNSLDFIKWGLDRKYGIIDVNIPLTLFEPDNYSGMITSQEVLIYLWDNYIKYFPSVAKIAFIGIGDSY
SGIVHLLGHRDTRAVTKTVINFLGDKQLKPLVPLVDETLSEWYFKNSLIFSNNSHQCWKENESRKPRKKFGRVLRCDTDG
LNNIIEERFEEATDFILDSFE
;
K
2 'polypeptide(L)'
;ENSLSTTSKSKRQVIVPVCMPKIHYSPLKTGLCYDVRMRYHAKIFTSYFEYIDPHPEDPRRIYRIYKILAENGLINDPTL
SGVDDLGDLMLKIPVRAATSEEILEVHTKEHLEFIESTEKMSREELLKETEKGDSVYFNNDSYASARLPCGGAIEACKAV
VEGRVKNSLAVVRPPGHHAEPQAAGGFCLFSNVAVAAKNILKNYPESVRRIMILDWDIHHGNGTQKSFYQDDQVLYVSLH
RFEMGKYYPGTIQGQYDQTGEGKGEGFNCNITWPVGGVGDAEYMWAFEQVVMPMGREFKPDLVIISSGFDAADGDTIGQC
HVTPSCYGHMTHMLKSLARGNLCVVLEGGYNLDAIARSALSVAKVLIGEPPDELPDPLSDPKPEVIEMIDKVIRLQSKYW
NCFRRRHANSGCNFNEPINDSIISKNFPLQKAIRQQQQHYLSDEFNFVTLPLVSMDLPDNTVLCTPNISESNTIIIVVHD
TSDIWAKRNVISGTIDLSSSVIIDNSLDFIKWGLDRKYGIIDVNIPLTLFEPDNYSGMITSQEVLIYLWDNYIKYFPSVA
KIAFIGIGDSYSGIVHLLGHRDTRAVTKTVINFLGDKQLKPLVPLVDETLSEWYFKNSLIFSNNSHQCWKENESRKPRKK
FGRVLRCDTDGLNNIIEERFEEATDFILDSFE
;
L
3 'polypeptide(L)'
;SGDYWLPTTMSLYQKELTDQIVSLHYSDILRYFETSHYKEDVILESMKTMCLNGSLVATHPYLLIDHYMPKSLITRDVPA
HLAENSGKFSVLRDLINLVQEYETETAIVCRPGRTMDLLEALLLGNKVHIKRYDGHSIKSKQKANDFSCTVHLFSSEGIN
FTKYPIKSKARFDMLICLDTTVDTSQKDIQYLLQYKRERKGLERYAPIVRLVAINSIDHCRLFFGKKFDKNSREYLENVT
AAMVILRDRLGTLPPDLRPIYSQKLHYLVEWLENPTVPWPLPDIYPLKQYTSMDVERSLLTEVHFKKNSSNVNYHLSSGI
ITHKLIQSMGEVYMDICVQKQELDDYSCLDDLQNDHLKFFSNEDEKIIKEYETVLRTNNENLNRSHELEVENNLKFSQIE
TLEKDIETLKGSLMAQGETLSKLKDAFVKTDNVQDEIEKEERVSVSRDTEKKYMEQEIKRAVDAIRENEEETHKLNEKQN
GLESELKLKFEKSEISTKELNEKIGFLKKELKLENDLNEELVGQLSKTMDNLENLTIPRVRTQ
;
M
4 'polypeptide(L)'
;KVYYLPVTLTQFQKDLSEILISLHAKSFKASIIGEPQADAVNKPSGLPAGPETHPYPTLSQRQLTYIFDSNIRAIANHPS
LLVDHYMPRQLLRMEPTESSIAGSHKFQVLNQLINSICFRDREGSPNEVIKCAIIAHSIKELDLLEGLILGKKFRTKRLS
GTSLYNEKHKFPNLPTVDSTINKDGTPNSVSSTSSNSNSTSYTGYSKDDYDYSVKRNLKKRKINTDDWLFLATTKHLKHD
QYLLANYDIDMIISFDPMLEVELPALQVLRNNANKDIPIIKLLVQNSPDHYLLDSEIKNSSVKSSHLSNNGHVDDSQEYE
EIKSSLLYFLQARNAPVNNCEIDYIKLVKCCLEGKDCNNILPVLDLITLDEASKDSSDSGFWQPQLTKLQYSSTELPLWD
GPLDIKTYQTELMHRAVIRLRDIQDEYAKGTVPLYEKRLNETQRQNQLDEIKNSVGLTFKKKQEVEKSINDSEKRLKHAM
TESTKLQNKINHLLKNRQELENFNKLPSNTISSENHLEEGSALADKLKEYIDKNATLFNKLKELQQANAEKSKLNDELRS
KYQIESSKAAESAQTLKILQESMKSLENEVNGPLTKFSTESLKKELERLQNDFQSLKARNKFLKNYITL
;
N
5 'polypeptide(L)'
;PHRYRPGTVALREIRRYQKSTELLIRKLPFQRLVREIAQDFKTDLRFQSSAVMALQEASEAYLVALFEDTNLCAIHAKRV
TIMPKDIQLARRIRGER
;
A
6 'polypeptide(L)'
;KVLRDNIQGITKPAIRRLARRGGVKRISGLIYEETRGVLKVFLENVIRDAVTYTEHAKRKTVTAMDVVYALKRQGRTLYG
FGG
;
B
7 'polypeptide(L)'
;TRSSRAGLQFPVGRVHRLLRKGNYAERVGAGAPVYLAAVLEYLTAEILELAGNAARDNKKTRIIPRHLQLAVRNDEELNK
LLGRVTIAQGGVLPNIQSVLLPK
;
C
8 'polypeptide(L)'
;KTRKESYAIYVYKVLKQVHPDTGISSKAMSIMNSFVNDVFERIAGEASRLAHYNKRSTITSREIQTAVRLLLPGELAKHA
VSEGTKAVTKYTSAK
;
D
9 'polypeptide(L)'
;HRYRPGTVALREIRRYQKSTELLIRKLPFQRLVREIAQDFKTDLRFQSSAVMALQEASEAYLVALFEDTNLCAIHAKRVT
IMPKDIQLARRIRGERA
;
E
10 'polypeptide(L)' NIQGITKPAIRRLARRGGVKRISGLIYEETRGVLKVFLENVIRDAVTYTEHAKRKTVTAMDVVYALKRQGRTLYGFGG F
11 'polypeptide(L)'
;AKTRSSRAGLQFPVGRVHRLLRKGNYAERVGAGAPVYLAAVLEYLTAEILELAGNAARDNKKTRIIPRHLQLAVRNDEEL
NKLLGRVTIAQGGVLPNIQSVLLPK
;
G
12 'polypeptide(L)'
;TRKESYAIYVYKVLKQVHPDTGISSKAMSIMNSFVNDVFERIAGEASRLAHYNKRSTITSREIQTAVRLLLPGELAKHAV
SEGTKAVTKYTSA
;
H
13 'polydeoxyribonucleotide'
;(DA)(DT)(DC)(DA)(DG)(DA)(DA)(DT)(DC)(DC)(DC)(DG)(DG)(DT)(DG)(DC)(DC)(DG)(DA)(DG)
(DG)(DC)(DC)(DG)(DC)(DT)(DC)(DA)(DA)(DT)(DT)(DG)(DG)(DT)(DC)(DG)(DT)(DA)(DG)(DA)
(DC)(DA)(DG)(DC)(DT)(DC)(DT)(DA)(DG)(DC)(DA)(DC)(DC)(DG)(DC)(DT)(DT)(DA)(DA)(DA)
(DC)(DG)(DC)(DA)(DC)(DG)(DT)(DA)(DC)(DG)(DC)(DG)(DC)(DT)(DG)(DT)(DC)(DC)(DC)(DC)
(DC)(DG)(DC)(DG)(DT)(DT)(DT)(DT)(DA)(DA)(DC)(DC)(DG)(DC)(DC)(DA)(DA)(DG)(DG)(DG)
(DG)(DA)(DT)(DT)(DA)(DC)(DT)(DC)(DC)(DC)(DT)(DA)(DG)(DT)(DC)(DT)(DC)(DC)(DA)(DG)
(DG)(DC)(DA)(DC)(DG)(DT)(DG)(DT)(DC)(DA)(DG)(DA)(DT)(DA)(DT)(DA)(DT)(DA)(DC)(DA)
(DT)(DC)(DG)(DA)(DT)
;
I
14 'polydeoxyribonucleotide'
;(DA)(DT)(DC)(DG)(DA)(DT)(DG)(DT)(DA)(DT)(DA)(DT)(DA)(DT)(DC)(DT)(DG)(DA)(DC)(DA)
(DC)(DG)(DT)(DG)(DC)(DC)(DT)(DG)(DG)(DA)(DG)(DA)(DC)(DT)(DA)(DG)(DG)(DG)(DA)(DG)
(DT)(DA)(DA)(DT)(DC)(DC)(DC)(DC)(DT)(DT)(DG)(DG)(DC)(DG)(DG)(DT)(DT)(DA)(DA)(DA)
(DA)(DC)(DG)(DC)(DG)(DG)(DG)(DG)(DG)(DA)(DC)(DA)(DG)(DC)(DG)(DC)(DG)(DT)(DA)(DC)
(DG)(DT)(DG)(DC)(DG)(DT)(DT)(DT)(DA)(DA)(DG)(DC)(DG)(DG)(DT)(DG)(DC)(DT)(DA)(DG)
(DA)(DG)(DC)(DT)(DG)(DT)(DC)(DT)(DA)(DC)(DG)(DA)(DC)(DC)(DA)(DA)(DT)(DT)(DG)(DA)
(DG)(DC)(DG)(DG)(DC)(DC)(DT)(DC)(DG)(DG)(DC)(DA)(DC)(DC)(DG)(DG)(DG)(DA)(DT)(DT)
(DC)(DT)(DG)(DA)(DT)
;
J
#
# COMPACT_ATOMS: atom_id res chain seq x y z
N ARG A 1 30.76 44.91 40.58
CA ARG A 1 30.28 45.51 41.82
C ARG A 1 29.30 46.64 41.57
N GLN A 2 29.24 47.15 40.34
CA GLN A 2 28.15 48.05 39.97
C GLN A 2 26.94 47.21 39.58
N VAL A 3 25.79 47.54 40.15
CA VAL A 3 24.64 46.65 40.22
C VAL A 3 23.55 47.16 39.28
N ILE A 4 22.86 46.24 38.61
CA ILE A 4 21.79 46.63 37.69
C ILE A 4 20.49 45.91 38.05
N VAL A 5 20.58 44.72 38.66
CA VAL A 5 19.40 43.96 39.05
C VAL A 5 19.57 43.40 40.47
N PRO A 6 18.49 43.23 41.23
CA PRO A 6 18.56 42.41 42.45
C PRO A 6 18.12 40.98 42.19
N VAL A 7 18.16 40.15 43.24
CA VAL A 7 17.43 38.88 43.21
C VAL A 7 15.94 39.16 43.23
N CYS A 8 15.19 38.51 42.33
CA CYS A 8 13.76 38.78 42.21
C CYS A 8 13.03 37.52 41.76
N MET A 9 11.70 37.54 41.95
CA MET A 9 10.83 36.37 41.80
C MET A 9 10.59 36.08 40.33
N PRO A 10 10.81 34.83 39.87
CA PRO A 10 10.51 34.48 38.48
C PRO A 10 9.01 34.46 38.17
N LYS A 11 8.68 34.92 36.96
CA LYS A 11 7.32 35.27 36.54
C LYS A 11 6.90 34.43 35.33
N ILE A 12 6.15 33.36 35.60
CA ILE A 12 5.51 32.54 34.56
C ILE A 12 4.02 32.42 34.89
N HIS A 13 3.29 31.70 34.03
CA HIS A 13 1.86 31.55 34.26
C HIS A 13 1.41 30.09 34.30
N TYR A 14 2.03 29.23 33.50
CA TYR A 14 1.65 27.83 33.41
C TYR A 14 2.84 26.97 33.78
N SER A 15 2.52 25.76 34.24
CA SER A 15 3.46 24.78 34.78
C SER A 15 4.43 25.24 35.88
N PRO A 16 3.94 25.75 37.00
CA PRO A 16 4.30 25.15 38.30
C PRO A 16 3.21 24.22 38.80
N LEU A 17 2.22 23.93 37.96
CA LEU A 17 0.90 23.49 38.36
C LEU A 17 0.72 21.99 38.15
N LYS A 18 -0.39 21.47 38.64
CA LYS A 18 -0.62 20.05 38.72
C LYS A 18 -1.89 19.69 37.96
N THR A 19 -1.95 18.43 37.50
CA THR A 19 -2.99 18.00 36.57
C THR A 19 -4.19 17.48 37.36
N GLY A 20 -5.34 18.14 37.21
CA GLY A 20 -6.54 17.72 37.92
C GLY A 20 -7.18 16.51 37.25
N LEU A 21 -7.74 15.62 38.07
CA LEU A 21 -8.44 14.46 37.54
C LEU A 21 -9.82 14.32 38.17
N CYS A 22 -10.65 13.52 37.50
CA CYS A 22 -11.96 13.15 38.00
C CYS A 22 -12.07 11.64 38.01
N TYR A 23 -12.08 11.05 39.21
CA TYR A 23 -12.16 9.62 39.41
C TYR A 23 -12.93 9.37 40.70
N ASP A 24 -13.72 8.29 40.73
CA ASP A 24 -14.54 7.98 41.88
C ASP A 24 -14.60 6.47 42.03
N VAL A 25 -14.60 6.01 43.29
CA VAL A 25 -14.78 4.59 43.60
C VAL A 25 -16.24 4.17 43.60
N ARG A 26 -17.16 5.10 43.46
CA ARG A 26 -18.58 4.80 43.48
C ARG A 26 -19.21 4.87 42.10
N MET A 27 -18.45 5.22 41.07
CA MET A 27 -18.96 5.24 39.70
C MET A 27 -19.03 3.85 39.09
N ARG A 28 -18.40 2.86 39.71
CA ARG A 28 -18.39 1.50 39.20
C ARG A 28 -19.69 0.76 39.47
N TYR A 29 -20.57 1.29 40.32
CA TYR A 29 -21.70 0.54 40.85
C TYR A 29 -22.86 0.41 39.87
N HIS A 30 -23.03 1.35 38.95
CA HIS A 30 -24.13 1.30 38.00
C HIS A 30 -23.80 0.26 36.93
N ALA A 31 -24.43 -0.91 37.02
CA ALA A 31 -24.04 -2.02 36.17
C ALA A 31 -25.29 -2.63 35.57
N LYS A 32 -25.10 -3.66 34.75
CA LYS A 32 -26.17 -4.34 34.06
C LYS A 32 -26.52 -5.63 34.80
N ILE A 33 -27.80 -5.96 34.81
CA ILE A 33 -28.36 -7.02 35.63
C ILE A 33 -28.58 -8.25 34.76
N PHE A 34 -28.38 -9.45 35.34
CA PHE A 34 -28.32 -10.72 34.63
C PHE A 34 -29.66 -11.10 34.02
N THR A 35 -29.75 -11.02 32.69
CA THR A 35 -30.87 -11.55 31.95
C THR A 35 -30.46 -12.72 31.06
N SER A 36 -29.48 -12.52 30.18
CA SER A 36 -29.12 -13.51 29.17
C SER A 36 -27.72 -14.04 29.42
N TYR A 37 -27.35 -15.06 28.65
CA TYR A 37 -25.99 -15.56 28.67
C TYR A 37 -25.17 -15.03 27.51
N PHE A 38 -25.85 -14.48 26.48
CA PHE A 38 -25.19 -13.79 25.37
C PHE A 38 -24.42 -12.56 25.82
N GLU A 39 -24.87 -11.94 26.92
CA GLU A 39 -24.16 -10.86 27.61
C GLU A 39 -22.78 -11.25 28.11
N TYR A 40 -22.51 -12.54 28.38
CA TYR A 40 -21.13 -12.95 28.59
C TYR A 40 -20.31 -12.92 27.30
N ILE A 41 -20.89 -13.30 26.15
CA ILE A 41 -20.11 -13.27 24.90
C ILE A 41 -20.25 -11.90 24.24
N ASP A 42 -21.17 -11.07 24.71
CA ASP A 42 -21.06 -9.63 24.47
C ASP A 42 -19.83 -9.09 25.19
N PRO A 43 -19.24 -7.98 24.69
CA PRO A 43 -18.06 -7.40 25.37
C PRO A 43 -18.34 -6.60 26.64
N HIS A 44 -19.54 -6.74 27.25
CA HIS A 44 -20.15 -5.97 28.33
C HIS A 44 -20.11 -4.51 27.89
N PRO A 45 -21.07 -4.06 27.03
CA PRO A 45 -20.89 -2.86 26.18
C PRO A 45 -20.64 -1.54 26.89
N GLU A 46 -21.11 -1.41 28.13
CA GLU A 46 -20.60 -0.40 29.06
C GLU A 46 -20.21 -1.21 30.27
N ASP A 47 -18.99 -1.72 30.27
CA ASP A 47 -18.47 -2.38 31.45
C ASP A 47 -17.94 -1.37 32.47
N PRO A 48 -18.04 -1.68 33.77
CA PRO A 48 -17.53 -0.75 34.77
C PRO A 48 -16.04 -0.91 35.05
N ARG A 49 -15.36 -1.80 34.33
CA ARG A 49 -13.94 -1.98 34.50
C ARG A 49 -13.12 -1.11 33.54
N ARG A 50 -13.75 -0.14 32.87
CA ARG A 50 -12.99 0.80 32.05
C ARG A 50 -12.25 1.83 32.87
N ILE A 51 -12.66 2.03 34.13
CA ILE A 51 -12.03 3.06 34.95
C ILE A 51 -10.65 2.60 35.39
N TYR A 52 -10.60 1.47 36.12
CA TYR A 52 -9.49 1.16 37.02
C TYR A 52 -8.25 0.75 36.23
N ARG A 53 -8.47 0.20 35.02
CA ARG A 53 -7.40 -0.14 34.08
C ARG A 53 -6.62 1.09 33.66
N ILE A 54 -7.35 2.14 33.31
CA ILE A 54 -6.76 3.45 33.03
C ILE A 54 -6.16 4.01 34.30
N TYR A 55 -6.83 3.78 35.43
CA TYR A 55 -6.32 4.21 36.72
C TYR A 55 -5.17 3.30 37.17
N LYS A 56 -5.03 2.11 36.58
CA LYS A 56 -3.81 1.33 36.70
C LYS A 56 -2.70 1.91 35.85
N ILE A 57 -3.00 2.23 34.57
CA ILE A 57 -1.96 2.48 33.56
C ILE A 57 -1.31 3.84 33.72
N LEU A 58 -1.86 4.69 34.57
CA LEU A 58 -1.19 5.91 34.94
C LEU A 58 -0.52 5.79 36.28
N ALA A 59 -1.06 4.99 37.21
CA ALA A 59 -0.49 4.94 38.54
C ALA A 59 0.72 4.02 38.60
N GLU A 60 0.66 2.89 37.90
CA GLU A 60 1.80 2.01 37.88
C GLU A 60 2.78 2.32 36.76
N ASN A 61 2.55 3.39 36.00
CA ASN A 61 3.55 3.93 35.09
C ASN A 61 4.24 5.17 35.65
N GLY A 62 4.37 5.26 36.97
CA GLY A 62 5.16 6.28 37.60
C GLY A 62 4.49 7.63 37.82
N LEU A 63 3.35 7.89 37.20
CA LEU A 63 2.75 9.22 37.28
C LEU A 63 2.03 9.46 38.60
N ILE A 64 1.73 8.40 39.36
CA ILE A 64 1.09 8.49 40.67
C ILE A 64 1.81 7.54 41.62
N ASN A 65 2.38 8.08 42.69
CA ASN A 65 2.88 7.26 43.79
C ASN A 65 1.69 6.82 44.64
N ASP A 66 1.29 5.55 44.51
CA ASP A 66 0.19 5.03 45.31
C ASP A 66 0.48 3.59 45.74
N PRO A 67 0.23 3.25 47.00
CA PRO A 67 0.40 1.86 47.42
C PRO A 67 -0.87 1.04 47.36
N THR A 68 -2.01 1.70 47.12
CA THR A 68 -3.33 1.11 47.33
C THR A 68 -4.19 0.98 46.09
N LEU A 69 -3.92 1.79 45.04
CA LEU A 69 -4.85 2.08 43.92
C LEU A 69 -6.23 2.50 44.41
N SER A 70 -6.26 3.39 45.40
CA SER A 70 -7.48 4.04 45.87
C SER A 70 -7.10 5.41 46.41
N GLY A 71 -7.97 6.01 47.21
CA GLY A 71 -7.78 7.37 47.67
C GLY A 71 -6.95 7.54 48.92
N VAL A 72 -5.71 8.03 48.75
CA VAL A 72 -4.90 8.59 49.82
C VAL A 72 -4.65 10.05 49.45
N ASP A 73 -4.70 10.95 50.44
CA ASP A 73 -4.72 12.39 50.17
C ASP A 73 -3.37 12.96 49.72
N ASP A 74 -2.29 12.20 49.80
CA ASP A 74 -0.98 12.64 49.30
C ASP A 74 -0.91 12.28 47.82
N LEU A 75 -1.16 13.26 46.95
CA LEU A 75 -1.24 13.04 45.52
C LEU A 75 0.01 13.48 44.76
N GLY A 76 1.13 13.65 45.46
CA GLY A 76 2.36 14.05 44.81
C GLY A 76 2.36 15.52 44.42
N ASP A 77 3.17 15.84 43.41
CA ASP A 77 3.27 17.20 42.93
C ASP A 77 2.96 17.32 41.43
N LEU A 78 2.14 16.43 40.88
CA LEU A 78 1.63 16.57 39.52
C LEU A 78 0.15 16.28 39.35
N MET A 79 -0.56 15.78 40.37
CA MET A 79 -1.98 15.44 40.25
C MET A 79 -2.82 16.13 41.33
N LEU A 80 -3.98 16.59 40.93
CA LEU A 80 -5.02 17.12 41.81
C LEU A 80 -6.26 16.25 41.78
N LYS A 81 -6.90 16.15 42.95
CA LYS A 81 -8.23 15.61 43.04
C LYS A 81 -9.24 16.74 42.87
N ILE A 82 -10.39 16.41 42.30
CA ILE A 82 -11.52 17.32 42.24
C ILE A 82 -12.64 16.70 43.09
N PRO A 83 -12.97 17.27 44.26
CA PRO A 83 -13.95 16.64 45.15
C PRO A 83 -15.38 16.79 44.65
N VAL A 84 -15.99 15.67 44.31
CA VAL A 84 -17.34 15.64 43.74
C VAL A 84 -18.30 15.19 44.83
N ARG A 85 -19.37 15.93 45.02
CA ARG A 85 -20.41 15.58 45.98
C ARG A 85 -21.73 15.32 45.27
N ALA A 86 -22.77 15.11 46.06
CA ALA A 86 -24.11 14.87 45.55
C ALA A 86 -24.73 16.18 45.10
N ALA A 87 -25.06 16.28 43.81
CA ALA A 87 -25.46 17.55 43.23
C ALA A 87 -26.98 17.72 43.25
N THR A 88 -27.41 18.92 42.89
CA THR A 88 -28.83 19.26 42.78
C THR A 88 -29.28 19.07 41.33
N SER A 89 -30.45 19.61 40.98
CA SER A 89 -31.19 19.14 39.81
C SER A 89 -31.53 20.22 38.79
N GLU A 90 -31.43 21.50 39.13
CA GLU A 90 -31.75 22.57 38.18
C GLU A 90 -30.69 22.68 37.09
N GLU A 91 -29.45 22.30 37.43
CA GLU A 91 -28.39 22.13 36.46
C GLU A 91 -28.73 21.04 35.46
N ILE A 92 -29.35 19.96 35.93
CA ILE A 92 -29.77 18.86 35.07
C ILE A 92 -30.92 19.30 34.17
N LEU A 93 -31.86 20.07 34.71
CA LEU A 93 -32.95 20.55 33.88
C LEU A 93 -32.66 21.89 33.18
N GLU A 94 -31.39 22.31 33.12
CA GLU A 94 -31.01 23.21 32.04
C GLU A 94 -31.18 22.56 30.67
N VAL A 95 -30.87 21.26 30.58
CA VAL A 95 -31.12 20.44 29.40
C VAL A 95 -32.46 19.74 29.47
N HIS A 96 -32.61 18.91 30.50
CA HIS A 96 -33.53 17.79 30.54
C HIS A 96 -34.95 18.28 30.79
N THR A 97 -35.92 17.47 30.38
CA THR A 97 -37.26 17.68 30.91
C THR A 97 -37.35 17.11 32.31
N LYS A 98 -38.34 17.58 33.07
CA LYS A 98 -38.40 17.28 34.50
C LYS A 98 -38.84 15.85 34.76
N GLU A 99 -39.82 15.34 34.03
CA GLU A 99 -40.29 13.99 34.28
C GLU A 99 -39.38 12.93 33.68
N HIS A 100 -38.43 13.32 32.82
CA HIS A 100 -37.24 12.51 32.61
C HIS A 100 -36.46 12.32 33.92
N LEU A 101 -36.28 13.41 34.67
CA LEU A 101 -35.61 13.29 35.95
C LEU A 101 -36.51 12.66 37.01
N GLU A 102 -37.83 12.69 36.84
CA GLU A 102 -38.68 11.98 37.78
C GLU A 102 -38.73 10.49 37.46
N PHE A 103 -38.53 10.14 36.19
CA PHE A 103 -38.28 8.76 35.79
C PHE A 103 -36.98 8.25 36.40
N ILE A 104 -35.94 9.08 36.42
CA ILE A 104 -34.69 8.67 37.08
C ILE A 104 -34.85 8.67 38.60
N GLU A 105 -35.69 9.57 39.13
CA GLU A 105 -35.97 9.67 40.57
C GLU A 105 -36.79 8.47 41.06
N SER A 106 -37.59 7.88 40.16
CA SER A 106 -38.35 6.67 40.43
C SER A 106 -37.44 5.48 40.72
N THR A 107 -36.32 5.39 39.99
CA THR A 107 -35.43 4.22 39.93
C THR A 107 -34.70 3.98 41.26
N GLU A 108 -34.63 5.00 42.13
CA GLU A 108 -34.31 4.84 43.54
C GLU A 108 -35.28 3.91 44.27
N LYS A 109 -36.56 3.91 43.89
CA LYS A 109 -37.59 3.18 44.64
C LYS A 109 -38.27 2.07 43.83
N MET A 110 -37.92 1.91 42.55
CA MET A 110 -38.47 0.84 41.71
C MET A 110 -37.97 -0.52 42.17
N SER A 111 -38.74 -1.55 41.82
CA SER A 111 -38.30 -2.93 42.01
C SER A 111 -37.64 -3.40 40.71
N ARG A 112 -37.40 -4.70 40.61
CA ARG A 112 -36.51 -5.24 39.58
C ARG A 112 -37.19 -5.34 38.22
N GLU A 113 -38.41 -5.90 38.20
CA GLU A 113 -39.12 -6.22 36.96
C GLU A 113 -39.55 -4.95 36.24
N GLU A 114 -39.78 -3.87 37.00
CA GLU A 114 -40.04 -2.57 36.42
C GLU A 114 -38.83 -2.01 35.68
N LEU A 115 -37.62 -2.27 36.18
CA LEU A 115 -36.44 -1.91 35.38
C LEU A 115 -36.22 -2.87 34.22
N LEU A 116 -36.71 -4.11 34.31
CA LEU A 116 -36.67 -4.97 33.11
C LEU A 116 -37.64 -4.49 32.05
N LYS A 117 -38.78 -3.93 32.47
CA LYS A 117 -39.68 -3.23 31.56
C LYS A 117 -39.01 -2.01 30.93
N GLU A 118 -38.47 -1.12 31.76
CA GLU A 118 -37.91 0.12 31.24
C GLU A 118 -36.55 -0.05 30.58
N THR A 119 -35.91 -1.22 30.68
CA THR A 119 -34.81 -1.53 29.78
C THR A 119 -35.27 -2.23 28.52
N GLU A 120 -36.44 -2.88 28.54
CA GLU A 120 -37.03 -3.30 27.27
C GLU A 120 -37.53 -2.10 26.48
N LYS A 121 -37.98 -1.05 27.15
CA LYS A 121 -38.49 0.14 26.49
C LYS A 121 -37.40 1.17 26.18
N GLY A 122 -36.29 1.17 26.91
CA GLY A 122 -35.22 2.09 26.61
C GLY A 122 -34.36 1.60 25.46
N ASP A 123 -33.93 2.54 24.64
CA ASP A 123 -33.32 2.23 23.35
C ASP A 123 -31.85 1.94 23.61
N SER A 124 -31.57 0.65 23.83
CA SER A 124 -30.28 0.06 24.24
C SER A 124 -29.73 0.75 25.50
N VAL A 125 -30.46 0.57 26.60
CA VAL A 125 -30.08 1.15 27.88
C VAL A 125 -29.76 0.02 28.85
N TYR A 126 -29.29 0.41 30.03
CA TYR A 126 -29.23 -0.50 31.16
C TYR A 126 -29.38 0.33 32.42
N PHE A 127 -29.97 -0.25 33.45
CA PHE A 127 -30.06 0.41 34.74
C PHE A 127 -29.71 -0.58 35.84
N ASN A 128 -29.85 -0.09 37.08
CA ASN A 128 -29.49 -0.81 38.28
C ASN A 128 -30.24 -0.09 39.40
N ASN A 129 -30.35 -0.75 40.57
CA ASN A 129 -30.82 -0.08 41.77
C ASN A 129 -29.88 1.02 42.21
N ASP A 130 -28.57 0.82 42.02
CA ASP A 130 -27.57 1.84 42.34
C ASP A 130 -27.27 2.61 41.05
N SER A 131 -28.18 3.52 40.70
CA SER A 131 -27.97 4.39 39.55
C SER A 131 -28.35 5.83 39.83
N TYR A 132 -28.70 6.18 41.08
CA TYR A 132 -29.26 7.49 41.36
C TYR A 132 -28.15 8.53 41.46
N ALA A 133 -27.15 8.28 42.31
CA ALA A 133 -26.00 9.16 42.39
C ALA A 133 -25.09 9.00 41.18
N SER A 134 -25.15 7.86 40.50
CA SER A 134 -24.43 7.63 39.25
C SER A 134 -25.05 8.36 38.06
N ALA A 135 -26.27 8.88 38.19
CA ALA A 135 -26.83 9.77 37.20
C ALA A 135 -26.41 11.21 37.43
N ARG A 136 -26.14 11.56 38.68
CA ARG A 136 -25.97 12.95 39.09
C ARG A 136 -24.50 13.35 39.17
N LEU A 137 -23.71 12.56 39.88
CA LEU A 137 -22.28 12.70 40.14
C LEU A 137 -21.38 12.85 38.90
N PRO A 138 -21.63 12.22 37.73
CA PRO A 138 -20.87 12.65 36.55
C PRO A 138 -21.22 14.05 36.06
N CYS A 139 -22.47 14.48 36.22
CA CYS A 139 -22.81 15.84 35.81
C CYS A 139 -22.29 16.87 36.79
N GLY A 140 -22.43 16.58 38.09
CA GLY A 140 -21.89 17.47 39.11
C GLY A 140 -20.38 17.49 39.11
N GLY A 141 -19.76 16.36 38.80
CA GLY A 141 -18.33 16.33 38.54
C GLY A 141 -17.92 17.05 37.28
N ALA A 142 -18.79 17.06 36.26
CA ALA A 142 -18.49 17.79 35.04
C ALA A 142 -18.59 19.30 35.26
N ILE A 143 -19.48 19.73 36.16
CA ILE A 143 -19.50 21.12 36.59
C ILE A 143 -18.29 21.45 37.47
N GLU A 144 -17.96 20.56 38.41
CA GLU A 144 -16.90 20.79 39.38
C GLU A 144 -15.52 20.74 38.76
N ALA A 145 -15.36 20.03 37.65
CA ALA A 145 -14.12 20.08 36.90
C ALA A 145 -13.99 21.40 36.16
N CYS A 146 -15.05 21.79 35.44
CA CYS A 146 -15.01 22.93 34.51
C CYS A 146 -14.90 24.26 35.24
N LYS A 147 -15.42 24.34 36.48
CA LYS A 147 -15.19 25.48 37.36
C LYS A 147 -13.71 25.64 37.71
N ALA A 148 -13.02 24.52 37.94
CA ALA A 148 -11.57 24.57 38.15
C ALA A 148 -10.81 24.81 36.85
N VAL A 149 -11.43 24.47 35.71
CA VAL A 149 -10.80 24.67 34.41
C VAL A 149 -10.69 26.15 34.07
N VAL A 150 -11.83 26.85 34.01
CA VAL A 150 -11.84 28.14 33.30
C VAL A 150 -11.26 29.25 34.19
N GLU A 151 -11.39 29.12 35.50
CA GLU A 151 -10.59 29.92 36.41
C GLU A 151 -9.11 29.57 36.36
N GLY A 152 -8.77 28.33 36.03
CA GLY A 152 -7.38 27.92 36.08
C GLY A 152 -6.93 27.46 37.45
N ARG A 153 -7.85 26.89 38.24
CA ARG A 153 -7.44 26.17 39.45
C ARG A 153 -6.61 24.95 39.11
N VAL A 154 -7.02 24.17 38.13
CA VAL A 154 -6.17 23.18 37.50
C VAL A 154 -5.43 23.86 36.36
N LYS A 155 -4.34 23.25 35.94
CA LYS A 155 -3.79 23.67 34.66
C LYS A 155 -4.44 22.92 33.52
N ASN A 156 -5.03 21.77 33.80
CA ASN A 156 -5.78 20.88 32.91
C ASN A 156 -6.53 19.84 33.74
N SER A 157 -7.72 19.45 33.26
CA SER A 157 -8.56 18.51 33.95
C SER A 157 -8.98 17.39 33.01
N LEU A 158 -9.21 16.23 33.58
CA LEU A 158 -9.59 15.08 32.78
C LEU A 158 -10.47 14.18 33.62
N ALA A 159 -11.38 13.50 32.94
CA ALA A 159 -12.45 12.75 33.60
C ALA A 159 -12.42 11.32 33.12
N VAL A 160 -11.89 10.44 33.97
CA VAL A 160 -12.08 8.99 33.80
C VAL A 160 -13.39 8.64 34.52
N VAL A 161 -14.48 8.89 33.82
CA VAL A 161 -15.79 9.02 34.45
C VAL A 161 -16.79 8.21 33.64
N ARG A 162 -17.49 7.31 34.32
CA ARG A 162 -18.58 6.56 33.74
C ARG A 162 -19.83 6.81 34.59
N PRO A 163 -21.05 6.62 34.05
CA PRO A 163 -21.54 6.32 32.69
C PRO A 163 -21.37 7.51 31.74
N PRO A 164 -21.47 7.30 30.44
CA PRO A 164 -21.47 8.43 29.51
C PRO A 164 -22.75 9.25 29.63
N GLY A 165 -22.74 10.39 28.96
CA GLY A 165 -23.90 11.25 29.02
C GLY A 165 -24.54 11.54 27.68
N HIS A 166 -23.85 11.19 26.60
CA HIS A 166 -24.19 11.75 25.30
C HIS A 166 -25.34 11.06 24.58
N HIS A 167 -26.09 10.19 25.24
CA HIS A 167 -27.36 9.71 24.69
C HIS A 167 -28.54 10.12 25.54
N ALA A 168 -28.33 10.98 26.52
CA ALA A 168 -29.39 11.39 27.43
C ALA A 168 -30.09 12.61 26.87
N GLU A 169 -31.03 12.37 25.95
CA GLU A 169 -31.89 13.37 25.35
C GLU A 169 -32.87 13.91 26.40
N PRO A 170 -33.35 15.18 26.26
CA PRO A 170 -34.15 15.79 27.35
C PRO A 170 -35.49 15.16 27.64
N GLN A 171 -36.21 14.64 26.64
CA GLN A 171 -37.52 14.06 26.88
C GLN A 171 -37.40 12.69 27.52
N ALA A 172 -36.83 11.73 26.80
CA ALA A 172 -36.52 10.42 27.33
C ALA A 172 -35.25 9.96 26.67
N ALA A 173 -34.37 9.36 27.47
CA ALA A 173 -33.09 8.94 26.94
C ALA A 173 -33.22 7.62 26.21
N GLY A 174 -32.09 7.22 25.62
CA GLY A 174 -31.95 5.89 25.08
C GLY A 174 -30.52 5.76 24.62
N GLY A 175 -29.83 4.69 24.99
CA GLY A 175 -28.41 4.65 24.71
C GLY A 175 -27.46 4.61 25.88
N PHE A 176 -27.81 3.86 26.93
CA PHE A 176 -27.02 3.56 28.13
C PHE A 176 -26.67 4.79 28.98
N CYS A 177 -27.30 5.94 28.74
CA CYS A 177 -26.82 7.22 29.27
C CYS A 177 -27.87 7.76 30.21
N LEU A 178 -27.49 8.01 31.46
CA LEU A 178 -28.50 8.37 32.46
C LEU A 178 -28.84 9.85 32.37
N PHE A 179 -27.88 10.71 32.70
CA PHE A 179 -27.98 12.14 32.44
C PHE A 179 -26.75 12.59 31.65
N SER A 180 -26.93 13.66 30.87
CA SER A 180 -25.83 14.24 30.12
C SER A 180 -24.92 15.03 31.04
N ASN A 181 -23.62 14.81 30.93
CA ASN A 181 -22.72 15.37 31.92
C ASN A 181 -22.15 16.70 31.42
N VAL A 182 -21.57 16.64 30.22
CA VAL A 182 -20.90 17.75 29.57
C VAL A 182 -21.89 18.86 29.17
N ALA A 183 -23.13 18.52 28.78
CA ALA A 183 -24.09 19.52 28.34
C ALA A 183 -24.63 20.31 29.52
N VAL A 184 -24.83 19.64 30.65
CA VAL A 184 -25.15 20.27 31.92
C VAL A 184 -24.02 21.17 32.40
N ALA A 185 -22.78 20.68 32.25
CA ALA A 185 -21.59 21.45 32.60
C ALA A 185 -21.46 22.72 31.78
N ALA A 186 -21.64 22.61 30.47
CA ALA A 186 -21.51 23.72 29.54
C ALA A 186 -22.67 24.69 29.60
N LYS A 187 -23.85 24.25 30.04
CA LYS A 187 -24.91 25.20 30.31
C LYS A 187 -24.61 25.99 31.56
N ASN A 188 -24.21 25.29 32.63
CA ASN A 188 -24.06 25.96 33.92
C ASN A 188 -22.77 26.76 34.06
N ILE A 189 -21.79 26.60 33.19
CA ILE A 189 -20.65 27.51 33.32
C ILE A 189 -20.92 28.80 32.55
N LEU A 190 -21.75 28.73 31.50
CA LEU A 190 -22.17 29.96 30.82
C LEU A 190 -23.12 30.75 31.70
N LYS A 191 -23.98 30.05 32.43
CA LYS A 191 -25.00 30.74 33.22
C LYS A 191 -24.62 30.87 34.69
N ASN A 192 -23.45 30.37 35.09
CA ASN A 192 -22.85 30.81 36.35
C ASN A 192 -21.86 31.95 36.15
N TYR A 193 -21.08 31.92 35.07
CA TYR A 193 -20.12 32.97 34.79
C TYR A 193 -20.12 33.25 33.30
N PRO A 194 -20.87 34.25 32.85
CA PRO A 194 -20.57 34.85 31.54
C PRO A 194 -19.59 36.01 31.63
N GLU A 195 -18.57 35.88 32.47
CA GLU A 195 -17.40 36.76 32.51
C GLU A 195 -16.15 35.97 32.14
N SER A 196 -15.89 34.87 32.84
CA SER A 196 -14.86 33.95 32.42
C SER A 196 -15.31 33.15 31.21
N VAL A 197 -16.40 32.40 31.35
CA VAL A 197 -16.85 31.49 30.30
C VAL A 197 -17.69 32.30 29.32
N ARG A 198 -17.14 32.57 28.16
CA ARG A 198 -17.84 33.35 27.15
C ARG A 198 -18.26 32.53 25.97
N ARG A 199 -17.40 31.61 25.51
CA ARG A 199 -17.67 30.72 24.40
C ARG A 199 -16.99 29.38 24.68
N ILE A 200 -17.72 28.30 24.43
CA ILE A 200 -17.24 26.94 24.68
C ILE A 200 -17.25 26.17 23.38
N MET A 201 -16.17 25.45 23.10
CA MET A 201 -16.19 24.41 22.09
C MET A 201 -16.34 23.06 22.78
N ILE A 202 -17.33 22.28 22.36
CA ILE A 202 -17.42 20.89 22.79
C ILE A 202 -17.08 20.01 21.61
N LEU A 203 -16.06 19.18 21.76
CA LEU A 203 -15.67 18.25 20.70
C LEU A 203 -15.81 16.84 21.23
N ASP A 204 -16.21 15.93 20.34
CA ASP A 204 -16.44 14.54 20.69
C ASP A 204 -15.98 13.62 19.57
N TRP A 205 -15.29 12.53 19.93
CA TRP A 205 -14.98 11.51 18.94
C TRP A 205 -15.31 10.11 19.46
N ASP A 206 -16.03 10.01 20.57
CA ASP A 206 -16.77 8.80 20.91
C ASP A 206 -17.70 8.52 19.76
N ILE A 207 -17.65 7.29 19.24
CA ILE A 207 -18.05 7.12 17.87
C ILE A 207 -19.52 6.69 17.78
N HIS A 208 -20.19 6.56 18.91
CA HIS A 208 -21.64 6.71 18.95
C HIS A 208 -21.95 8.22 18.94
N HIS A 209 -23.05 8.60 18.30
CA HIS A 209 -23.38 10.02 18.15
C HIS A 209 -23.87 10.65 19.45
N GLY A 210 -23.35 11.83 19.76
CA GLY A 210 -23.82 12.61 20.89
C GLY A 210 -25.18 13.26 20.75
N ASN A 211 -26.24 12.46 20.58
CA ASN A 211 -27.60 12.95 20.52
C ASN A 211 -28.11 13.44 21.87
N GLY A 212 -27.55 12.97 22.97
CA GLY A 212 -27.90 13.54 24.26
C GLY A 212 -27.30 14.91 24.48
N THR A 213 -26.21 15.21 23.80
CA THR A 213 -25.53 16.49 23.96
C THR A 213 -25.83 17.49 22.86
N GLN A 214 -26.33 17.04 21.70
CA GLN A 214 -26.45 17.94 20.56
C GLN A 214 -27.61 18.92 20.73
N LYS A 215 -28.79 18.41 21.08
CA LYS A 215 -30.02 19.19 21.14
C LYS A 215 -30.02 20.14 22.34
N SER A 216 -29.17 19.88 23.34
CA SER A 216 -28.93 20.79 24.45
C SER A 216 -28.38 22.13 23.98
N PHE A 217 -27.51 22.11 23.00
CA PHE A 217 -27.00 23.33 22.39
C PHE A 217 -27.12 23.30 20.88
N TYR A 218 -28.20 22.71 20.38
CA TYR A 218 -28.45 22.84 18.95
C TYR A 218 -28.95 24.22 18.61
N GLN A 219 -29.62 24.86 19.56
CA GLN A 219 -30.10 26.23 19.41
C GLN A 219 -29.04 27.25 19.78
N ASP A 220 -28.03 26.86 20.55
CA ASP A 220 -27.17 27.81 21.24
C ASP A 220 -26.00 28.17 20.32
N ASP A 221 -25.60 29.43 20.38
CA ASP A 221 -24.43 29.91 19.65
C ASP A 221 -23.15 29.78 20.44
N GLN A 222 -23.23 29.81 21.77
CA GLN A 222 -22.05 29.90 22.62
C GLN A 222 -21.31 28.58 22.72
N VAL A 223 -21.95 27.48 22.33
CA VAL A 223 -21.29 26.19 22.22
C VAL A 223 -21.11 25.85 20.75
N LEU A 224 -19.86 25.79 20.32
CA LEU A 224 -19.49 25.19 19.05
C LEU A 224 -19.40 23.69 19.24
N TYR A 225 -20.39 22.98 18.71
CA TYR A 225 -20.55 21.56 18.98
C TYR A 225 -19.97 20.80 17.79
N VAL A 226 -18.78 20.24 17.96
CA VAL A 226 -18.15 19.41 16.94
C VAL A 226 -18.22 17.96 17.39
N SER A 227 -18.78 17.12 16.53
CA SER A 227 -19.08 15.74 16.84
C SER A 227 -18.46 14.84 15.78
N LEU A 228 -18.03 13.64 16.21
CA LEU A 228 -17.32 12.71 15.34
C LEU A 228 -17.74 11.29 15.71
N HIS A 229 -18.41 10.61 14.79
CA HIS A 229 -19.15 9.39 15.09
C HIS A 229 -19.53 8.65 13.83
N ARG A 230 -19.70 7.33 13.96
CA ARG A 230 -20.30 6.58 12.86
C ARG A 230 -21.78 6.85 12.77
N PHE A 231 -22.26 7.08 11.54
CA PHE A 231 -23.65 7.47 11.34
C PHE A 231 -24.54 6.23 11.34
N GLU A 232 -24.47 5.46 10.24
CA GLU A 232 -24.98 4.09 10.02
C GLU A 232 -26.43 3.91 10.51
N MET A 233 -27.33 4.55 9.74
CA MET A 233 -28.51 5.28 10.20
C MET A 233 -29.49 4.42 11.01
N GLY A 234 -29.54 3.12 10.77
CA GLY A 234 -30.29 2.27 11.65
C GLY A 234 -29.42 1.23 12.33
N LYS A 235 -28.28 0.93 11.71
CA LYS A 235 -27.56 -0.30 12.01
C LYS A 235 -26.72 -0.14 13.27
N TYR A 236 -25.71 0.70 13.21
CA TYR A 236 -24.90 0.99 14.38
C TYR A 236 -25.66 1.98 15.24
N TYR A 237 -25.39 1.95 16.52
CA TYR A 237 -26.17 2.76 17.42
C TYR A 237 -25.64 4.20 17.38
N PRO A 238 -26.51 5.21 17.32
CA PRO A 238 -27.95 5.15 17.07
C PRO A 238 -28.40 5.45 15.64
N GLY A 239 -27.65 6.27 14.92
CA GLY A 239 -28.13 6.83 13.68
C GLY A 239 -29.35 7.73 13.87
N THR A 240 -29.15 8.90 14.46
CA THR A 240 -30.17 9.94 14.44
C THR A 240 -30.00 10.78 13.18
N ILE A 241 -30.93 11.71 12.98
CA ILE A 241 -30.74 12.71 11.95
C ILE A 241 -30.01 13.92 12.55
N GLN A 242 -29.86 13.96 13.87
CA GLN A 242 -29.02 14.97 14.50
C GLN A 242 -27.54 14.69 14.26
N GLY A 243 -27.18 13.44 13.99
CA GLY A 243 -25.81 13.13 13.63
C GLY A 243 -25.39 13.55 12.24
N GLN A 244 -26.34 13.93 11.38
CA GLN A 244 -26.06 14.18 9.98
C GLN A 244 -25.38 15.55 9.82
N TYR A 245 -24.65 15.71 8.70
CA TYR A 245 -23.86 16.89 8.36
C TYR A 245 -24.68 18.17 8.19
N ASP A 246 -25.98 18.07 7.91
CA ASP A 246 -26.85 19.23 7.71
C ASP A 246 -27.14 20.01 8.98
N GLN A 247 -26.88 19.42 10.14
CA GLN A 247 -27.15 20.00 11.45
C GLN A 247 -26.11 21.08 11.74
N THR A 248 -26.34 22.27 11.19
CA THR A 248 -25.45 23.40 11.40
C THR A 248 -25.82 24.21 12.63
N GLY A 249 -26.80 23.76 13.39
CA GLY A 249 -27.31 24.52 14.51
C GLY A 249 -28.71 25.03 14.25
N GLU A 250 -29.14 25.95 15.11
CA GLU A 250 -30.48 26.48 15.01
C GLU A 250 -30.47 27.93 15.47
N GLY A 251 -31.10 28.79 14.65
CA GLY A 251 -31.29 30.20 14.93
C GLY A 251 -30.02 31.00 15.11
N LYS A 252 -29.76 31.37 16.37
CA LYS A 252 -28.48 31.97 16.73
C LYS A 252 -27.35 30.96 16.65
N GLY A 253 -27.64 29.66 16.83
CA GLY A 253 -26.63 28.62 16.77
C GLY A 253 -26.23 28.15 15.40
N GLU A 254 -26.67 28.84 14.35
CA GLU A 254 -26.47 28.40 12.97
C GLU A 254 -25.03 28.63 12.55
N GLY A 255 -24.32 27.54 12.27
CA GLY A 255 -22.89 27.57 12.14
C GLY A 255 -22.14 27.13 13.37
N PHE A 256 -22.82 27.02 14.50
CA PHE A 256 -22.17 26.61 15.75
C PHE A 256 -22.44 25.15 16.06
N ASN A 257 -22.59 24.34 15.01
CA ASN A 257 -22.63 22.89 15.12
C ASN A 257 -21.91 22.33 13.90
N CYS A 258 -21.27 21.18 14.08
CA CYS A 258 -20.34 20.62 13.09
C CYS A 258 -20.29 19.10 13.32
N ASN A 259 -21.05 18.35 12.52
CA ASN A 259 -21.07 16.90 12.61
C ASN A 259 -20.11 16.28 11.61
N ILE A 260 -19.38 15.26 12.05
CA ILE A 260 -18.44 14.49 11.24
C ILE A 260 -18.75 13.02 11.48
N THR A 261 -19.20 12.33 10.44
CA THR A 261 -19.56 10.93 10.59
C THR A 261 -18.52 10.05 9.92
N TRP A 262 -18.68 8.74 10.14
CA TRP A 262 -17.69 7.77 9.76
C TRP A 262 -18.41 6.58 9.13
N PRO A 263 -18.30 6.37 7.83
CA PRO A 263 -19.12 5.34 7.19
C PRO A 263 -18.69 3.89 7.43
N VAL A 264 -17.47 3.68 7.92
CA VAL A 264 -16.99 2.32 8.13
C VAL A 264 -16.07 2.33 9.34
N GLY A 265 -16.02 1.22 10.06
CA GLY A 265 -15.01 1.01 11.06
C GLY A 265 -13.70 0.56 10.44
N GLY A 266 -12.68 0.48 11.27
CA GLY A 266 -11.37 0.09 10.78
C GLY A 266 -10.66 1.23 10.08
N VAL A 267 -10.42 2.33 10.80
CA VAL A 267 -9.67 3.47 10.30
C VAL A 267 -8.51 3.74 11.23
N GLY A 268 -7.60 4.62 10.80
CA GLY A 268 -6.37 4.81 11.53
C GLY A 268 -6.05 6.21 12.03
N ASP A 269 -4.76 6.54 12.06
CA ASP A 269 -4.27 7.75 12.75
C ASP A 269 -4.58 9.01 11.97
N ALA A 270 -4.04 9.10 10.75
CA ALA A 270 -4.06 10.37 10.04
C ALA A 270 -5.40 10.69 9.40
N GLU A 271 -6.32 9.72 9.39
CA GLU A 271 -7.75 10.00 9.40
C GLU A 271 -8.11 11.06 10.44
N TYR A 272 -7.87 10.75 11.73
CA TYR A 272 -8.19 11.67 12.81
C TYR A 272 -7.25 12.87 12.85
N MET A 273 -5.97 12.67 12.55
CA MET A 273 -5.00 13.77 12.56
C MET A 273 -5.26 14.76 11.43
N TRP A 274 -5.48 14.27 10.22
CA TRP A 274 -5.68 15.13 9.08
C TRP A 274 -7.02 15.82 9.14
N ALA A 275 -8.05 15.10 9.62
CA ALA A 275 -9.37 15.68 9.85
C ALA A 275 -9.34 16.72 10.95
N PHE A 276 -8.55 16.44 11.99
CA PHE A 276 -8.36 17.30 13.14
C PHE A 276 -7.70 18.61 12.74
N GLU A 277 -6.62 18.53 11.99
CA GLU A 277 -5.92 19.70 11.50
C GLU A 277 -6.66 20.43 10.39
N GLN A 278 -7.60 19.79 9.69
CA GLN A 278 -8.43 20.57 8.77
C GLN A 278 -9.51 21.37 9.49
N VAL A 279 -10.38 20.74 10.28
CA VAL A 279 -11.57 21.44 10.74
C VAL A 279 -11.37 22.05 12.13
N VAL A 280 -10.61 21.39 13.01
CA VAL A 280 -10.65 21.69 14.43
C VAL A 280 -9.86 22.95 14.75
N MET A 281 -8.76 23.16 14.07
CA MET A 281 -7.91 24.31 14.39
C MET A 281 -8.38 25.67 13.82
N PRO A 282 -8.80 25.87 12.54
CA PRO A 282 -9.14 27.26 12.13
C PRO A 282 -10.42 27.83 12.71
N MET A 283 -11.47 27.02 12.80
CA MET A 283 -12.68 27.48 13.45
C MET A 283 -12.50 27.46 14.97
N GLY A 284 -11.60 26.62 15.48
CA GLY A 284 -11.17 26.73 16.87
C GLY A 284 -10.33 27.95 17.17
N ARG A 285 -9.78 28.62 16.16
CA ARG A 285 -9.35 30.00 16.34
C ARG A 285 -10.55 30.94 16.28
N GLU A 286 -11.25 30.96 15.14
CA GLU A 286 -12.18 32.04 14.76
C GLU A 286 -13.41 32.11 15.67
N PHE A 287 -13.87 30.95 16.17
CA PHE A 287 -14.97 30.85 17.12
C PHE A 287 -14.63 31.49 18.45
N LYS A 288 -13.34 31.54 18.80
CA LYS A 288 -12.71 31.95 20.05
C LYS A 288 -13.33 31.27 21.25
N PRO A 289 -13.10 29.97 21.48
CA PRO A 289 -13.53 29.39 22.73
C PRO A 289 -12.59 29.77 23.85
N ASP A 290 -13.14 29.76 25.05
CA ASP A 290 -12.27 29.80 26.22
C ASP A 290 -11.84 28.37 26.51
N LEU A 291 -12.83 27.53 26.80
CA LEU A 291 -12.65 26.12 27.07
C LEU A 291 -13.18 25.29 25.91
N VAL A 292 -12.46 24.22 25.59
CA VAL A 292 -12.94 23.14 24.75
C VAL A 292 -13.10 21.91 25.65
N ILE A 293 -14.32 21.47 25.84
CA ILE A 293 -14.56 20.22 26.56
C ILE A 293 -14.42 19.08 25.56
N ILE A 294 -13.61 18.09 25.94
CA ILE A 294 -12.95 17.20 25.02
C ILE A 294 -13.42 15.80 25.38
N SER A 295 -14.22 15.21 24.51
CA SER A 295 -15.00 14.04 24.88
C SER A 295 -14.39 12.78 24.28
N SER A 296 -13.70 12.04 25.12
CA SER A 296 -13.13 10.78 24.71
C SER A 296 -14.17 9.67 24.83
N GLY A 297 -13.93 8.60 24.07
CA GLY A 297 -14.75 7.41 24.16
C GLY A 297 -14.06 6.28 23.44
N PHE A 298 -13.93 5.14 24.10
CA PHE A 298 -13.09 4.05 23.60
C PHE A 298 -13.87 3.03 22.80
N ASP A 299 -14.90 3.46 22.08
CA ASP A 299 -15.54 2.67 21.05
C ASP A 299 -14.89 2.83 19.68
N ALA A 300 -13.71 3.47 19.62
CA ALA A 300 -13.17 3.95 18.36
C ALA A 300 -11.68 3.72 18.17
N ALA A 301 -11.03 2.88 18.95
CA ALA A 301 -9.59 2.82 18.91
C ALA A 301 -9.11 1.51 18.30
N ASP A 302 -7.80 1.31 18.35
CA ASP A 302 -7.19 0.03 17.98
C ASP A 302 -7.50 -1.03 19.01
N GLY A 303 -8.17 -2.10 18.56
CA GLY A 303 -8.51 -3.18 19.45
C GLY A 303 -9.91 -3.11 20.04
N ASP A 304 -10.73 -2.16 19.60
CA ASP A 304 -12.11 -2.11 20.05
C ASP A 304 -12.89 -3.23 19.35
N THR A 305 -13.84 -3.82 20.06
CA THR A 305 -14.62 -4.92 19.51
C THR A 305 -15.60 -4.49 18.44
N ILE A 306 -16.09 -3.24 18.48
CA ILE A 306 -17.15 -2.79 17.59
C ILE A 306 -16.62 -1.78 16.57
N GLY A 307 -15.87 -0.79 17.03
CA GLY A 307 -15.29 0.20 16.12
C GLY A 307 -14.19 -0.38 15.27
N GLN A 308 -13.38 -1.28 15.86
CA GLN A 308 -12.36 -2.12 15.21
C GLN A 308 -11.29 -1.33 14.47
N CYS A 309 -10.96 -0.14 14.99
CA CYS A 309 -10.13 0.81 14.28
C CYS A 309 -8.65 0.45 14.40
N HIS A 310 -7.79 1.34 13.92
CA HIS A 310 -6.36 1.10 13.90
C HIS A 310 -5.64 2.29 14.50
N VAL A 311 -6.35 3.09 15.28
CA VAL A 311 -5.90 4.43 15.62
C VAL A 311 -4.96 4.32 16.81
N THR A 312 -3.77 4.89 16.68
CA THR A 312 -2.77 4.78 17.74
C THR A 312 -3.12 5.65 18.94
N PRO A 313 -2.67 5.26 20.14
CA PRO A 313 -2.48 6.21 21.25
C PRO A 313 -1.76 7.52 20.93
N SER A 314 -0.76 7.47 20.04
CA SER A 314 0.03 8.65 19.68
C SER A 314 -0.80 9.71 18.98
N CYS A 315 -1.75 9.28 18.13
CA CYS A 315 -2.70 10.19 17.46
C CYS A 315 -3.54 10.95 18.46
N TYR A 316 -3.96 10.25 19.51
CA TYR A 316 -4.69 10.85 20.63
C TYR A 316 -3.84 11.81 21.43
N GLY A 317 -2.57 11.47 21.68
CA GLY A 317 -1.68 12.38 22.40
C GLY A 317 -1.30 13.61 21.61
N HIS A 318 -1.24 13.49 20.28
CA HIS A 318 -0.99 14.67 19.46
C HIS A 318 -2.21 15.59 19.39
N MET A 319 -3.41 15.04 19.33
CA MET A 319 -4.57 15.94 19.42
C MET A 319 -4.77 16.49 20.84
N THR A 320 -4.28 15.78 21.86
CA THR A 320 -4.19 16.31 23.22
C THR A 320 -3.27 17.53 23.28
N HIS A 321 -2.13 17.45 22.59
CA HIS A 321 -1.18 18.56 22.58
C HIS A 321 -1.69 19.75 21.78
N MET A 322 -2.35 19.51 20.64
CA MET A 322 -2.82 20.66 19.89
C MET A 322 -4.11 21.27 20.43
N LEU A 323 -4.91 20.55 21.21
CA LEU A 323 -5.97 21.25 21.90
C LEU A 323 -5.56 21.84 23.23
N LYS A 324 -4.44 21.36 23.79
CA LYS A 324 -3.73 22.13 24.81
C LYS A 324 -3.24 23.46 24.23
N SER A 325 -2.79 23.44 22.98
CA SER A 325 -2.39 24.67 22.29
C SER A 325 -3.59 25.54 21.94
N LEU A 326 -4.72 24.94 21.56
CA LEU A 326 -5.81 25.72 20.99
C LEU A 326 -6.59 26.47 22.07
N ALA A 327 -6.76 25.87 23.24
CA ALA A 327 -7.15 26.62 24.42
C ALA A 327 -5.90 27.24 25.04
N ARG A 328 -6.08 28.00 26.12
CA ARG A 328 -4.93 28.53 26.86
C ARG A 328 -4.70 27.73 28.13
N GLY A 329 -4.80 26.42 28.02
CA GLY A 329 -4.82 25.60 29.21
C GLY A 329 -6.17 25.56 29.86
N ASN A 330 -7.22 25.91 29.13
CA ASN A 330 -8.57 25.72 29.62
C ASN A 330 -9.02 24.38 29.05
N LEU A 331 -8.64 23.31 29.76
CA LEU A 331 -8.71 21.94 29.27
C LEU A 331 -9.59 21.10 30.17
N CYS A 332 -10.70 20.59 29.65
CA CYS A 332 -11.50 19.59 30.35
C CYS A 332 -11.69 18.41 29.42
N VAL A 333 -10.78 17.46 29.47
CA VAL A 333 -10.85 16.24 28.68
C VAL A 333 -11.70 15.24 29.44
N VAL A 334 -12.80 14.80 28.84
CA VAL A 334 -13.72 13.89 29.52
C VAL A 334 -13.81 12.60 28.73
N LEU A 335 -14.20 11.53 29.41
CA LEU A 335 -14.35 10.21 28.81
C LEU A 335 -15.80 9.77 28.82
N GLU A 336 -16.26 9.15 27.72
CA GLU A 336 -17.60 8.60 27.65
C GLU A 336 -17.65 7.08 27.56
N GLY A 337 -17.07 6.45 26.53
CA GLY A 337 -17.41 5.09 26.18
C GLY A 337 -16.26 4.10 26.17
N GLY A 338 -16.60 2.87 25.81
CA GLY A 338 -15.63 1.82 25.65
C GLY A 338 -16.13 0.40 25.78
N TYR A 339 -15.60 -0.48 24.91
CA TYR A 339 -15.88 -1.91 24.95
C TYR A 339 -14.71 -2.71 25.47
N ASN A 340 -13.54 -2.52 24.89
CA ASN A 340 -12.32 -3.24 25.21
C ASN A 340 -11.73 -2.59 26.48
N LEU A 341 -10.83 -3.31 27.15
CA LEU A 341 -9.98 -2.75 28.20
C LEU A 341 -8.52 -2.63 27.78
N ASP A 342 -8.21 -2.86 26.51
CA ASP A 342 -6.84 -2.86 26.03
C ASP A 342 -6.54 -1.69 25.11
N ALA A 343 -7.57 -1.17 24.43
CA ALA A 343 -7.44 0.10 23.73
C ALA A 343 -7.27 1.27 24.68
N ILE A 344 -7.84 1.15 25.88
CA ILE A 344 -8.00 2.27 26.79
C ILE A 344 -6.70 2.65 27.48
N ALA A 345 -5.80 1.69 27.66
CA ALA A 345 -4.70 1.85 28.60
C ALA A 345 -3.49 2.44 27.91
N ARG A 346 -3.23 1.96 26.68
CA ARG A 346 -2.20 2.53 25.82
C ARG A 346 -2.53 3.98 25.43
N SER A 347 -3.82 4.29 25.28
CA SER A 347 -4.23 5.62 24.86
C SER A 347 -4.20 6.60 26.02
N ALA A 348 -4.67 6.17 27.20
CA ALA A 348 -4.58 6.98 28.41
C ALA A 348 -3.13 7.19 28.84
N LEU A 349 -2.29 6.18 28.62
CA LEU A 349 -0.88 6.24 28.91
C LEU A 349 -0.17 7.20 27.98
N SER A 350 -0.63 7.33 26.73
CA SER A 350 -0.09 8.37 25.86
C SER A 350 -0.57 9.75 26.28
N VAL A 351 -1.86 9.89 26.55
CA VAL A 351 -2.49 11.22 26.63
C VAL A 351 -2.21 11.93 27.96
N ALA A 352 -2.17 11.19 29.07
CA ALA A 352 -2.02 11.87 30.36
C ALA A 352 -0.60 12.38 30.60
N LYS A 353 0.40 11.81 29.95
CA LYS A 353 1.72 12.42 30.00
C LYS A 353 1.82 13.65 29.12
N VAL A 354 1.00 13.77 28.07
CA VAL A 354 0.85 15.06 27.39
C VAL A 354 0.22 16.07 28.33
N LEU A 355 -0.77 15.64 29.10
CA LEU A 355 -1.42 16.61 29.98
C LEU A 355 -0.67 16.86 31.29
N ILE A 356 0.40 16.11 31.56
CA ILE A 356 1.39 16.63 32.51
C ILE A 356 2.17 17.75 31.87
N GLY A 357 2.58 17.55 30.61
CA GLY A 357 3.34 18.59 29.95
C GLY A 357 4.47 18.08 29.08
N GLU A 358 4.55 16.77 28.95
CA GLU A 358 5.49 16.23 27.99
C GLU A 358 4.93 16.38 26.59
N PRO A 359 5.77 16.45 25.56
CA PRO A 359 5.26 16.34 24.20
C PRO A 359 4.85 14.91 23.93
N PRO A 360 3.87 14.69 23.05
CA PRO A 360 3.53 13.33 22.66
C PRO A 360 4.61 12.72 21.77
N ASP A 361 4.61 11.38 21.76
CA ASP A 361 5.63 10.61 21.11
C ASP A 361 5.49 10.70 19.59
N GLU A 362 6.57 10.34 18.90
CA GLU A 362 6.57 10.33 17.45
C GLU A 362 5.75 9.13 16.96
N LEU A 363 5.30 9.23 15.71
CA LEU A 363 4.22 8.36 15.23
C LEU A 363 4.74 6.97 14.92
N PRO A 364 4.10 5.92 15.43
CA PRO A 364 4.50 4.56 15.04
C PRO A 364 4.17 4.26 13.60
N ASP A 365 3.03 4.73 13.13
CA ASP A 365 2.81 4.79 11.69
C ASP A 365 2.62 6.25 11.35
N PRO A 366 3.63 6.91 10.78
CA PRO A 366 3.42 8.23 10.18
C PRO A 366 2.83 8.21 8.78
N LEU A 367 2.44 7.05 8.26
CA LEU A 367 1.92 6.92 6.91
C LEU A 367 0.63 6.13 7.00
N SER A 368 -0.46 6.79 7.38
CA SER A 368 -1.76 6.12 7.31
C SER A 368 -2.26 6.09 5.87
N ASP A 369 -2.05 7.21 5.14
CA ASP A 369 -2.59 7.54 3.82
C ASP A 369 -4.10 7.33 3.84
N PRO A 370 -4.88 8.27 4.42
CA PRO A 370 -6.16 7.93 5.07
C PRO A 370 -7.26 7.46 4.11
N LYS A 371 -8.19 6.70 4.67
CA LYS A 371 -9.18 5.98 3.88
C LYS A 371 -10.23 6.97 3.33
N PRO A 372 -10.62 6.84 2.06
CA PRO A 372 -11.16 8.00 1.31
C PRO A 372 -12.56 8.45 1.69
N GLU A 373 -13.25 7.73 2.56
CA GLU A 373 -14.47 8.24 3.17
C GLU A 373 -14.17 9.44 4.06
N VAL A 374 -13.04 9.42 4.76
CA VAL A 374 -12.55 10.57 5.50
C VAL A 374 -12.17 11.71 4.56
N ILE A 375 -11.71 11.39 3.36
CA ILE A 375 -11.26 12.41 2.41
C ILE A 375 -12.47 13.13 1.80
N GLU A 376 -13.48 12.39 1.37
CA GLU A 376 -14.70 13.00 0.85
C GLU A 376 -15.77 13.24 1.89
N MET A 377 -15.47 13.06 3.17
CA MET A 377 -16.53 13.18 4.17
C MET A 377 -16.77 14.63 4.57
N ILE A 378 -15.69 15.41 4.71
CA ILE A 378 -15.77 16.69 5.39
C ILE A 378 -16.01 17.83 4.39
N ASP A 379 -16.16 17.52 3.10
CA ASP A 379 -16.19 18.55 2.06
C ASP A 379 -17.49 19.34 2.06
N LYS A 380 -18.62 18.64 2.17
CA LYS A 380 -19.91 19.29 2.33
C LYS A 380 -20.07 19.94 3.71
N VAL A 381 -19.32 19.47 4.71
CA VAL A 381 -19.26 20.13 6.01
C VAL A 381 -18.58 21.50 5.87
N ILE A 382 -17.47 21.56 5.11
CA ILE A 382 -16.84 22.84 4.77
C ILE A 382 -17.74 23.71 3.87
N ARG A 383 -18.61 23.10 3.07
CA ARG A 383 -19.61 23.87 2.30
C ARG A 383 -20.64 24.55 3.19
N LEU A 384 -21.17 23.84 4.19
CA LEU A 384 -22.16 24.49 5.06
C LEU A 384 -21.53 25.42 6.09
N GLN A 385 -20.34 25.07 6.61
CA GLN A 385 -19.67 26.03 7.48
C GLN A 385 -19.09 27.20 6.70
N SER A 386 -18.76 27.05 5.42
CA SER A 386 -18.38 28.21 4.62
C SER A 386 -19.61 29.00 4.21
N LYS A 387 -20.79 28.40 4.25
CA LYS A 387 -22.00 29.19 4.23
C LYS A 387 -22.19 29.93 5.56
N TYR A 388 -21.55 29.49 6.65
CA TYR A 388 -21.68 30.26 7.88
C TYR A 388 -20.41 30.93 8.43
N TRP A 389 -19.20 30.60 7.97
CA TRP A 389 -18.00 31.07 8.68
C TRP A 389 -16.96 31.64 7.73
N ASN A 390 -16.21 32.62 8.26
CA ASN A 390 -15.13 33.25 7.51
C ASN A 390 -13.93 32.32 7.38
N CYS A 391 -13.59 31.57 8.44
CA CYS A 391 -12.39 30.71 8.56
C CYS A 391 -12.33 29.58 7.62
N PHE A 392 -13.24 29.32 6.71
CA PHE A 392 -12.97 28.44 5.60
C PHE A 392 -13.34 29.09 4.29
N ARG A 393 -14.08 30.21 4.32
CA ARG A 393 -14.21 31.08 3.15
C ARG A 393 -12.87 31.69 2.81
N ARG A 394 -12.52 31.60 1.50
CA ARG A 394 -11.38 32.17 0.75
C ARG A 394 -10.05 31.46 1.07
N ARG A 395 -10.04 30.64 2.12
CA ARG A 395 -8.93 29.75 2.42
C ARG A 395 -8.98 28.52 1.54
N HIS A 396 -10.14 28.25 0.93
CA HIS A 396 -10.33 27.09 0.07
C HIS A 396 -11.18 27.42 -1.14
N ALA A 397 -11.28 28.70 -1.53
CA ALA A 397 -12.09 29.25 -2.62
C ALA A 397 -13.56 28.87 -2.50
N ASN A 398 -14.15 29.34 -1.41
CA ASN A 398 -15.43 28.83 -0.94
C ASN A 398 -16.59 29.76 -1.31
N SER A 399 -16.54 31.02 -0.86
CA SER A 399 -17.49 32.12 -1.14
C SER A 399 -18.94 31.77 -0.81
N GLY A 400 -19.19 31.54 0.48
CA GLY A 400 -20.55 31.33 0.94
C GLY A 400 -21.06 29.91 0.80
N PRO A 406 -24.80 23.28 -9.66
CA PRO A 406 -26.07 22.64 -9.33
C PRO A 406 -27.25 23.46 -9.83
N ILE A 407 -26.94 24.44 -10.66
CA ILE A 407 -27.86 25.52 -11.00
C ILE A 407 -28.38 25.40 -12.43
N ASN A 408 -27.66 24.66 -13.29
CA ASN A 408 -28.14 24.46 -14.65
C ASN A 408 -27.63 23.12 -15.14
N ASP A 409 -28.47 22.43 -15.93
CA ASP A 409 -28.14 21.13 -16.48
C ASP A 409 -28.41 21.06 -17.98
N SER A 410 -28.68 22.19 -18.64
CA SER A 410 -29.19 22.20 -20.00
C SER A 410 -28.25 22.84 -21.00
N ILE A 411 -26.99 23.07 -20.64
CA ILE A 411 -26.01 23.67 -21.53
C ILE A 411 -25.15 22.61 -22.21
N ILE A 412 -25.63 21.37 -22.26
CA ILE A 412 -24.81 20.22 -22.59
C ILE A 412 -24.58 20.12 -24.10
N SER A 413 -25.52 20.63 -24.91
CA SER A 413 -25.50 20.47 -26.36
C SER A 413 -24.45 21.33 -27.06
N LYS A 414 -23.85 22.31 -26.37
CA LYS A 414 -22.72 23.07 -26.90
C LYS A 414 -21.61 23.00 -25.84
N ASN A 415 -20.51 22.33 -26.19
CA ASN A 415 -19.52 21.92 -25.21
C ASN A 415 -18.20 21.66 -25.93
N PHE A 416 -17.11 22.00 -25.24
CA PHE A 416 -15.76 21.61 -25.66
C PHE A 416 -15.60 20.11 -25.49
N PRO A 417 -15.41 19.35 -26.57
CA PRO A 417 -15.73 17.91 -26.55
C PRO A 417 -14.74 17.01 -25.82
N LEU A 418 -13.65 17.54 -25.25
CA LEU A 418 -12.94 17.01 -24.08
C LEU A 418 -12.17 15.70 -24.31
N GLN A 419 -12.26 15.07 -25.48
CA GLN A 419 -11.51 13.84 -25.73
C GLN A 419 -10.78 13.79 -27.05
N LYS A 420 -11.02 14.71 -27.98
CA LYS A 420 -10.44 14.63 -29.32
C LYS A 420 -8.94 14.94 -29.33
N ALA A 421 -8.54 16.05 -28.69
CA ALA A 421 -7.14 16.43 -28.72
C ALA A 421 -6.28 15.62 -27.77
N ILE A 422 -6.91 14.87 -26.85
CA ILE A 422 -6.19 13.87 -26.05
C ILE A 422 -5.57 12.82 -26.96
N ARG A 423 -6.40 12.20 -27.81
CA ARG A 423 -5.91 11.15 -28.68
C ARG A 423 -5.22 11.73 -29.91
N GLN A 424 -5.52 12.98 -30.31
CA GLN A 424 -4.75 13.66 -31.33
C GLN A 424 -3.33 13.99 -30.87
N GLN A 425 -3.19 14.40 -29.60
CA GLN A 425 -1.90 14.74 -29.01
C GLN A 425 -1.05 13.48 -28.84
N GLN A 426 -1.62 12.46 -28.17
CA GLN A 426 -1.14 11.07 -28.15
C GLN A 426 -0.73 10.54 -29.51
N GLN A 427 -1.56 10.76 -30.53
CA GLN A 427 -1.27 10.32 -31.89
C GLN A 427 -0.07 11.04 -32.47
N HIS A 428 0.13 12.29 -32.09
CA HIS A 428 1.24 13.04 -32.68
C HIS A 428 2.57 12.70 -32.01
N TYR A 429 2.63 12.63 -30.67
CA TYR A 429 3.92 12.23 -30.06
C TYR A 429 4.20 10.73 -30.16
N LEU A 430 3.20 9.87 -30.16
CA LEU A 430 3.45 8.47 -30.47
C LEU A 430 3.63 8.23 -31.97
N SER A 431 3.29 9.21 -32.82
CA SER A 431 3.57 9.17 -34.25
C SER A 431 4.93 9.74 -34.61
N ASP A 432 5.56 10.47 -33.71
CA ASP A 432 6.93 10.90 -33.97
C ASP A 432 7.96 10.15 -33.15
N GLU A 433 7.74 9.96 -31.85
CA GLU A 433 8.75 9.33 -31.02
C GLU A 433 8.79 7.82 -31.22
N PHE A 434 7.63 7.19 -31.39
CA PHE A 434 7.57 5.76 -31.64
C PHE A 434 6.85 5.39 -32.93
N ASN A 435 6.30 6.37 -33.64
CA ASN A 435 5.95 6.32 -35.06
C ASN A 435 4.87 5.29 -35.36
N PHE A 436 3.72 5.47 -34.71
CA PHE A 436 2.67 4.47 -34.74
C PHE A 436 1.85 4.61 -36.00
N VAL A 437 1.77 3.54 -36.78
CA VAL A 437 0.82 3.47 -37.87
C VAL A 437 -0.59 3.40 -37.32
N THR A 438 -1.43 4.35 -37.73
CA THR A 438 -2.84 4.12 -37.55
C THR A 438 -3.24 3.06 -38.56
N LEU A 439 -3.53 1.86 -38.08
CA LEU A 439 -4.07 0.84 -38.97
C LEU A 439 -5.56 0.80 -38.70
N PRO A 440 -6.40 1.42 -39.54
CA PRO A 440 -7.80 1.67 -39.15
C PRO A 440 -8.68 0.44 -39.28
N LEU A 441 -9.40 0.14 -38.20
CA LEU A 441 -10.41 -0.90 -38.23
C LEU A 441 -11.67 -0.38 -38.91
N VAL A 442 -11.67 -0.39 -40.23
CA VAL A 442 -12.78 0.19 -40.99
C VAL A 442 -13.91 -0.85 -41.05
N SER A 443 -15.07 -0.41 -41.57
CA SER A 443 -16.40 -1.05 -41.46
C SER A 443 -16.80 -1.27 -40.00
N MET A 444 -16.50 -0.27 -39.17
CA MET A 444 -16.86 -0.22 -37.76
C MET A 444 -17.24 1.20 -37.43
N ASP A 445 -17.50 1.47 -36.15
CA ASP A 445 -17.72 2.84 -35.69
C ASP A 445 -16.82 3.18 -34.51
N LEU A 446 -15.96 4.21 -34.72
CA LEU A 446 -14.90 4.76 -33.88
C LEU A 446 -14.34 5.94 -34.67
N PRO A 447 -13.68 6.92 -34.05
CA PRO A 447 -12.82 7.82 -34.83
C PRO A 447 -11.59 7.11 -35.39
N ASP A 448 -11.02 7.71 -36.44
CA ASP A 448 -10.04 7.04 -37.30
C ASP A 448 -8.71 6.82 -36.61
N ASN A 449 -8.13 7.90 -36.06
CA ASN A 449 -6.82 7.84 -35.43
C ASN A 449 -6.84 7.32 -33.99
N THR A 450 -7.39 6.13 -33.78
CA THR A 450 -7.66 5.67 -32.42
C THR A 450 -7.07 4.27 -32.25
N VAL A 451 -6.91 3.56 -33.36
CA VAL A 451 -6.19 2.30 -33.37
C VAL A 451 -4.82 2.54 -33.99
N LEU A 452 -3.78 2.56 -33.16
CA LEU A 452 -2.44 2.95 -33.58
C LEU A 452 -1.54 1.75 -33.40
N CYS A 453 -1.09 1.15 -34.50
CA CYS A 453 -0.28 -0.05 -34.45
C CYS A 453 1.19 0.27 -34.73
N THR A 454 2.05 -0.66 -34.34
CA THR A 454 3.40 -0.61 -34.88
C THR A 454 3.42 -1.21 -36.28
N PRO A 455 4.18 -0.62 -37.20
CA PRO A 455 4.27 -1.16 -38.56
C PRO A 455 4.98 -2.50 -38.62
N ASN A 456 4.64 -3.26 -39.65
CA ASN A 456 4.94 -4.68 -39.85
C ASN A 456 4.50 -5.49 -38.62
N ILE A 457 3.22 -5.33 -38.30
CA ILE A 457 2.57 -6.08 -37.25
C ILE A 457 2.31 -7.52 -37.70
N SER A 458 2.28 -7.75 -39.02
CA SER A 458 2.12 -9.07 -39.61
C SER A 458 3.29 -9.99 -39.27
N GLU A 459 4.51 -9.55 -39.58
CA GLU A 459 5.67 -10.40 -39.32
C GLU A 459 6.09 -10.35 -37.86
N SER A 460 5.67 -9.32 -37.13
CA SER A 460 5.89 -9.26 -35.69
C SER A 460 5.05 -10.33 -35.05
N ASN A 461 5.71 -11.40 -34.64
CA ASN A 461 5.08 -12.52 -33.97
C ASN A 461 4.53 -12.05 -32.64
N THR A 462 5.42 -11.64 -31.74
CA THR A 462 5.08 -11.25 -30.38
C THR A 462 4.37 -9.90 -30.42
N ILE A 463 3.07 -9.92 -30.18
CA ILE A 463 2.22 -8.73 -30.23
C ILE A 463 1.72 -8.40 -28.83
N ILE A 464 2.06 -7.20 -28.39
CA ILE A 464 1.49 -6.57 -27.21
C ILE A 464 0.38 -5.67 -27.70
N ILE A 465 -0.84 -5.90 -27.24
CA ILE A 465 -1.96 -5.00 -27.50
C ILE A 465 -2.29 -4.33 -26.18
N VAL A 466 -2.49 -3.02 -26.20
CA VAL A 466 -3.02 -2.28 -25.05
C VAL A 466 -4.30 -1.60 -25.50
N VAL A 467 -5.39 -1.97 -24.88
CA VAL A 467 -6.60 -1.15 -24.98
C VAL A 467 -6.67 -0.34 -23.70
N HIS A 468 -7.21 0.86 -23.83
CA HIS A 468 -7.39 1.72 -22.67
C HIS A 468 -8.60 2.59 -22.91
N ASP A 469 -8.95 3.34 -21.87
CA ASP A 469 -9.94 4.41 -21.83
C ASP A 469 -9.41 5.69 -22.45
N THR A 470 -9.93 6.85 -22.04
CA THR A 470 -9.19 8.06 -22.31
C THR A 470 -8.10 8.26 -21.26
N SER A 471 -7.29 9.30 -21.45
CA SER A 471 -6.24 9.65 -20.50
C SER A 471 -6.83 10.15 -19.19
N ASP A 472 -6.08 9.98 -18.11
CA ASP A 472 -6.56 10.52 -16.86
C ASP A 472 -6.24 12.02 -16.81
N ILE A 473 -7.10 12.76 -16.12
CA ILE A 473 -7.01 14.22 -16.10
C ILE A 473 -6.86 14.67 -14.66
N TRP A 474 -5.65 15.03 -14.25
CA TRP A 474 -5.41 15.66 -12.97
C TRP A 474 -5.55 17.16 -13.09
N ALA A 475 -5.98 17.81 -12.01
CA ALA A 475 -6.16 19.25 -12.05
C ALA A 475 -5.74 19.91 -10.75
N LYS A 476 -5.43 21.20 -10.87
CA LYS A 476 -5.35 22.16 -9.78
C LYS A 476 -6.57 23.07 -9.86
N ARG A 477 -7.23 23.27 -8.73
CA ARG A 477 -8.26 24.30 -8.59
C ARG A 477 -7.70 25.45 -7.76
N ASN A 478 -8.01 26.68 -8.17
CA ASN A 478 -7.41 27.84 -7.52
C ASN A 478 -8.05 28.09 -6.15
N VAL A 479 -7.44 29.00 -5.41
CA VAL A 479 -7.84 29.23 -4.03
C VAL A 479 -8.40 30.63 -3.81
N ILE A 480 -8.19 31.56 -4.75
CA ILE A 480 -8.60 32.93 -4.51
C ILE A 480 -10.06 33.15 -4.87
N SER A 481 -10.52 32.64 -6.01
CA SER A 481 -11.91 32.80 -6.44
C SER A 481 -12.31 31.56 -7.24
N GLY A 482 -12.94 30.61 -6.57
CA GLY A 482 -13.73 29.60 -7.24
C GLY A 482 -13.05 28.52 -8.07
N THR A 483 -13.14 28.71 -9.38
CA THR A 483 -13.10 27.66 -10.39
C THR A 483 -11.70 27.05 -10.56
N ILE A 484 -11.62 26.10 -11.48
CA ILE A 484 -10.54 25.15 -11.56
C ILE A 484 -9.50 25.63 -12.56
N ASP A 485 -8.26 25.75 -12.09
CA ASP A 485 -7.14 26.25 -12.90
C ASP A 485 -6.79 25.23 -13.96
N LEU A 486 -7.27 25.49 -15.16
CA LEU A 486 -7.45 24.45 -16.14
C LEU A 486 -6.20 24.26 -16.99
N SER A 487 -5.25 25.19 -16.89
CA SER A 487 -3.95 25.00 -17.53
C SER A 487 -3.14 23.93 -16.83
N SER A 488 -3.14 24.00 -15.51
CA SER A 488 -2.47 23.11 -14.57
C SER A 488 -3.17 21.77 -14.40
N SER A 489 -4.29 21.55 -15.08
CA SER A 489 -4.68 20.20 -15.42
C SER A 489 -3.57 19.54 -16.20
N VAL A 490 -3.07 18.43 -15.68
CA VAL A 490 -2.12 17.63 -16.43
C VAL A 490 -2.85 16.42 -16.99
N ILE A 491 -2.37 15.98 -18.14
CA ILE A 491 -2.96 14.89 -18.90
C ILE A 491 -2.10 13.68 -18.68
N ILE A 492 -2.60 12.78 -17.86
CA ILE A 492 -1.89 11.59 -17.43
C ILE A 492 -2.09 10.56 -18.51
N ASP A 493 -1.14 10.50 -19.43
CA ASP A 493 -1.12 9.45 -20.45
C ASP A 493 -0.54 8.21 -19.78
N ASN A 494 -1.41 7.27 -19.44
CA ASN A 494 -1.02 6.10 -18.67
C ASN A 494 -0.62 4.90 -19.52
N SER A 495 -0.24 5.12 -20.77
CA SER A 495 0.06 4.04 -21.68
C SER A 495 1.50 4.07 -22.19
N LEU A 496 2.30 5.04 -21.76
CA LEU A 496 3.56 5.30 -22.44
C LEU A 496 4.64 4.30 -22.08
N ASP A 497 4.68 3.86 -20.82
CA ASP A 497 5.80 3.06 -20.31
C ASP A 497 5.78 1.63 -20.84
N PHE A 498 4.61 1.00 -20.92
CA PHE A 498 4.57 -0.37 -21.40
C PHE A 498 4.68 -0.42 -22.91
N ILE A 499 4.31 0.69 -23.57
CA ILE A 499 4.62 0.90 -24.99
C ILE A 499 6.12 1.00 -25.18
N LYS A 500 6.81 1.70 -24.27
CA LYS A 500 8.27 1.76 -24.29
C LYS A 500 8.91 0.43 -23.93
N TRP A 501 8.24 -0.41 -23.16
CA TRP A 501 8.76 -1.75 -22.89
C TRP A 501 8.60 -2.66 -24.10
N GLY A 502 7.44 -2.60 -24.75
CA GLY A 502 7.21 -3.43 -25.92
C GLY A 502 8.03 -3.00 -27.12
N LEU A 503 8.41 -1.72 -27.18
CA LEU A 503 9.37 -1.26 -28.18
C LEU A 503 10.81 -1.36 -27.71
N ASP A 504 11.03 -1.51 -26.40
CA ASP A 504 12.34 -1.88 -25.88
C ASP A 504 12.70 -3.30 -26.28
N ARG A 505 11.73 -4.20 -26.21
CA ARG A 505 11.95 -5.56 -26.65
C ARG A 505 11.57 -5.79 -28.10
N LYS A 506 11.11 -4.73 -28.77
CA LYS A 506 10.74 -4.66 -30.19
C LYS A 506 9.64 -5.68 -30.50
N TYR A 507 8.47 -5.37 -29.97
CA TYR A 507 7.31 -6.20 -30.19
C TYR A 507 6.36 -5.49 -31.15
N GLY A 508 5.37 -6.23 -31.62
CA GLY A 508 4.30 -5.58 -32.33
C GLY A 508 3.39 -4.88 -31.34
N ILE A 509 3.43 -3.56 -31.27
CA ILE A 509 2.59 -2.81 -30.32
C ILE A 509 1.37 -2.36 -31.11
N ILE A 510 0.18 -2.74 -30.63
CA ILE A 510 -1.08 -2.15 -31.08
C ILE A 510 -1.71 -1.46 -29.88
N ASP A 511 -2.11 -0.21 -30.04
CA ASP A 511 -2.83 0.51 -29.01
C ASP A 511 -4.21 0.83 -29.54
N VAL A 512 -5.22 0.67 -28.69
CA VAL A 512 -6.59 1.08 -29.00
C VAL A 512 -7.07 1.92 -27.81
N ASN A 513 -7.47 3.15 -28.10
CA ASN A 513 -8.14 3.96 -27.10
C ASN A 513 -9.62 3.67 -27.21
N ILE A 514 -10.34 3.82 -26.11
CA ILE A 514 -11.79 3.69 -26.13
C ILE A 514 -12.38 5.00 -25.61
N PRO A 515 -13.23 5.67 -26.40
CA PRO A 515 -13.99 6.81 -25.85
C PRO A 515 -15.05 6.29 -24.89
N LEU A 516 -15.20 6.99 -23.78
CA LEU A 516 -16.04 6.49 -22.70
C LEU A 516 -17.53 6.71 -22.99
N THR A 517 -18.35 6.21 -22.08
CA THR A 517 -19.79 6.48 -22.04
C THR A 517 -20.10 7.48 -20.94
N LEU A 518 -21.10 8.32 -21.20
CA LEU A 518 -21.29 9.55 -20.44
C LEU A 518 -22.27 9.31 -19.30
N PHE A 519 -21.92 9.83 -18.11
CA PHE A 519 -22.73 9.87 -16.87
C PHE A 519 -23.13 8.46 -16.39
N GLU A 520 -22.20 7.53 -16.54
CA GLU A 520 -22.59 6.14 -16.44
C GLU A 520 -21.72 5.40 -15.45
N PRO A 521 -22.28 4.51 -14.60
CA PRO A 521 -21.47 3.79 -13.61
C PRO A 521 -20.50 2.78 -14.20
N ASP A 522 -20.96 1.96 -15.15
CA ASP A 522 -20.09 1.02 -15.83
C ASP A 522 -20.03 1.40 -17.31
N ASN A 523 -18.81 1.48 -17.84
CA ASN A 523 -18.55 2.11 -19.13
C ASN A 523 -18.98 1.18 -20.26
N TYR A 524 -20.30 1.12 -20.49
CA TYR A 524 -20.89 -0.09 -21.03
C TYR A 524 -20.78 -0.18 -22.54
N SER A 525 -21.10 0.90 -23.26
CA SER A 525 -20.95 0.87 -24.72
C SER A 525 -19.49 0.90 -25.15
N GLY A 526 -18.60 1.38 -24.28
CA GLY A 526 -17.18 1.15 -24.46
C GLY A 526 -16.81 -0.32 -24.37
N MET A 527 -17.50 -1.08 -23.50
CA MET A 527 -17.33 -2.53 -23.51
C MET A 527 -17.91 -3.14 -24.79
N ILE A 528 -19.03 -2.58 -25.30
CA ILE A 528 -19.66 -3.06 -26.53
C ILE A 528 -18.75 -2.90 -27.73
N THR A 529 -18.16 -1.71 -27.88
CA THR A 529 -17.20 -1.55 -28.97
C THR A 529 -15.88 -2.23 -28.68
N SER A 530 -15.58 -2.60 -27.42
CA SER A 530 -14.43 -3.47 -27.18
C SER A 530 -14.69 -4.90 -27.66
N GLN A 531 -15.93 -5.40 -27.53
CA GLN A 531 -16.20 -6.69 -28.18
C GLN A 531 -16.20 -6.58 -29.71
N GLU A 532 -16.64 -5.45 -30.25
CA GLU A 532 -16.57 -5.24 -31.71
C GLU A 532 -15.13 -5.18 -32.22
N VAL A 533 -14.26 -4.47 -31.48
CA VAL A 533 -12.83 -4.41 -31.78
C VAL A 533 -12.17 -5.77 -31.64
N LEU A 534 -12.40 -6.45 -30.50
CA LEU A 534 -11.70 -7.70 -30.17
C LEU A 534 -12.11 -8.85 -31.07
N ILE A 535 -13.42 -8.99 -31.33
CA ILE A 535 -13.91 -10.00 -32.25
C ILE A 535 -13.54 -9.67 -33.69
N TYR A 536 -13.48 -8.37 -34.05
CA TYR A 536 -13.13 -8.00 -35.41
C TYR A 536 -11.65 -8.21 -35.70
N LEU A 537 -10.78 -7.94 -34.71
CA LEU A 537 -9.35 -8.13 -34.90
C LEU A 537 -9.00 -9.60 -34.94
N TRP A 538 -9.64 -10.41 -34.10
CA TRP A 538 -9.24 -11.80 -34.13
C TRP A 538 -9.94 -12.56 -35.25
N ASP A 539 -11.15 -12.15 -35.64
CA ASP A 539 -11.88 -12.79 -36.72
C ASP A 539 -11.74 -12.08 -38.05
N ASN A 540 -10.78 -11.18 -38.19
CA ASN A 540 -10.57 -10.60 -39.50
C ASN A 540 -9.14 -10.66 -40.00
N TYR A 541 -8.11 -10.57 -39.12
CA TYR A 541 -6.74 -10.51 -39.62
C TYR A 541 -5.73 -11.40 -38.90
N ILE A 542 -5.95 -11.80 -37.65
CA ILE A 542 -4.84 -12.36 -36.87
C ILE A 542 -4.71 -13.88 -37.07
N LYS A 543 -5.80 -14.57 -37.39
CA LYS A 543 -5.69 -15.93 -37.94
C LYS A 543 -5.08 -15.92 -39.33
N TYR A 544 -5.27 -14.85 -40.10
CA TYR A 544 -4.62 -14.66 -41.39
C TYR A 544 -3.26 -13.99 -41.27
N PHE A 545 -2.77 -13.77 -40.06
CA PHE A 545 -1.35 -13.65 -39.82
C PHE A 545 -0.87 -15.05 -39.49
N PRO A 546 -0.10 -15.69 -40.34
CA PRO A 546 0.40 -17.02 -39.99
C PRO A 546 1.57 -16.95 -39.02
N SER A 547 2.41 -15.93 -39.17
CA SER A 547 3.64 -15.80 -38.37
C SER A 547 3.31 -15.02 -37.11
N VAL A 548 2.71 -15.71 -36.14
CA VAL A 548 2.31 -15.07 -34.90
C VAL A 548 2.37 -16.08 -33.75
N ALA A 549 2.90 -15.62 -32.63
CA ALA A 549 3.00 -16.35 -31.37
C ALA A 549 3.12 -15.29 -30.31
N LYS A 550 2.88 -15.68 -29.04
CA LYS A 550 3.17 -14.87 -27.83
C LYS A 550 2.40 -13.53 -27.78
N ILE A 551 1.09 -13.58 -27.94
CA ILE A 551 0.31 -12.35 -27.82
C ILE A 551 -0.05 -12.13 -26.37
N ALA A 552 0.08 -10.88 -25.89
CA ALA A 552 -0.53 -10.47 -24.63
C ALA A 552 -1.43 -9.25 -24.81
N PHE A 553 -2.61 -9.33 -24.18
CA PHE A 553 -3.56 -8.23 -24.11
C PHE A 553 -3.39 -7.50 -22.79
N ILE A 554 -3.33 -6.17 -22.86
CA ILE A 554 -3.15 -5.30 -21.71
C ILE A 554 -4.29 -4.30 -21.74
N GLY A 555 -5.19 -4.39 -20.77
CA GLY A 555 -6.29 -3.48 -20.66
C GLY A 555 -6.08 -2.53 -19.49
N ILE A 556 -6.30 -1.24 -19.75
CA ILE A 556 -6.16 -0.22 -18.71
C ILE A 556 -7.53 0.33 -18.40
N GLY A 557 -7.98 0.10 -17.18
CA GLY A 557 -9.22 0.67 -16.73
C GLY A 557 -10.42 -0.09 -17.22
N ASP A 558 -11.11 0.48 -18.20
CA ASP A 558 -12.40 -0.01 -18.67
C ASP A 558 -12.27 -1.26 -19.54
N SER A 559 -13.43 -1.75 -19.99
CA SER A 559 -13.64 -2.58 -21.20
C SER A 559 -12.91 -3.91 -21.17
N TYR A 560 -12.78 -4.50 -19.98
CA TYR A 560 -12.13 -5.79 -19.84
C TYR A 560 -13.00 -6.90 -20.42
N SER A 561 -14.33 -6.69 -20.42
CA SER A 561 -15.28 -7.70 -20.86
C SER A 561 -15.24 -7.98 -22.35
N GLY A 562 -14.69 -7.09 -23.17
CA GLY A 562 -14.42 -7.46 -24.56
C GLY A 562 -13.25 -8.41 -24.71
N ILE A 563 -12.29 -8.35 -23.81
CA ILE A 563 -11.17 -9.27 -23.89
C ILE A 563 -11.50 -10.59 -23.21
N VAL A 564 -12.30 -10.52 -22.13
CA VAL A 564 -13.06 -11.65 -21.58
C VAL A 564 -13.91 -12.32 -22.66
N HIS A 565 -14.51 -11.52 -23.52
CA HIS A 565 -15.22 -12.04 -24.68
C HIS A 565 -14.26 -12.53 -25.77
N LEU A 566 -12.98 -12.13 -25.76
CA LEU A 566 -12.09 -12.83 -26.66
C LEU A 566 -11.71 -14.20 -26.09
N LEU A 567 -11.64 -14.31 -24.77
CA LEU A 567 -11.29 -15.60 -24.15
C LEU A 567 -12.44 -16.60 -24.18
N GLY A 568 -13.58 -16.24 -23.61
CA GLY A 568 -14.65 -17.20 -23.44
C GLY A 568 -15.53 -17.46 -24.64
N HIS A 569 -15.24 -16.83 -25.77
CA HIS A 569 -16.10 -16.93 -26.94
C HIS A 569 -15.28 -17.25 -28.18
N ARG A 570 -13.96 -17.20 -28.08
CA ARG A 570 -13.04 -17.52 -29.16
C ARG A 570 -11.84 -18.28 -28.59
N ASP A 571 -11.28 -19.16 -29.41
CA ASP A 571 -10.02 -19.81 -29.03
C ASP A 571 -8.89 -18.89 -29.51
N THR A 572 -8.66 -17.83 -28.75
CA THR A 572 -7.52 -16.98 -29.03
C THR A 572 -6.26 -17.51 -28.38
N ARG A 573 -6.36 -18.49 -27.48
CA ARG A 573 -5.21 -18.99 -26.73
C ARG A 573 -4.40 -20.03 -27.50
N ALA A 574 -4.74 -20.28 -28.77
CA ALA A 574 -3.82 -20.97 -29.67
C ALA A 574 -2.62 -20.09 -30.04
N VAL A 575 -2.73 -18.77 -29.88
CA VAL A 575 -1.62 -17.88 -30.11
C VAL A 575 -1.29 -17.01 -28.89
N THR A 576 -2.31 -16.51 -28.17
CA THR A 576 -2.03 -15.64 -27.03
C THR A 576 -1.72 -16.49 -25.80
N LYS A 577 -1.11 -15.84 -24.79
CA LYS A 577 -0.71 -16.58 -23.61
C LYS A 577 -1.32 -16.07 -22.31
N THR A 578 -1.23 -14.77 -22.02
CA THR A 578 -1.63 -14.27 -20.70
C THR A 578 -2.12 -12.83 -20.84
N VAL A 579 -3.32 -12.55 -20.29
CA VAL A 579 -3.96 -11.24 -20.36
C VAL A 579 -3.63 -10.42 -19.11
N ILE A 580 -3.49 -9.11 -19.30
CA ILE A 580 -3.12 -8.15 -18.26
C ILE A 580 -4.27 -7.15 -18.14
N ASN A 581 -4.68 -6.85 -16.90
CA ASN A 581 -5.73 -5.85 -16.68
C ASN A 581 -5.30 -5.01 -15.49
N PHE A 582 -5.15 -3.71 -15.72
CA PHE A 582 -5.19 -2.71 -14.65
C PHE A 582 -6.63 -2.26 -14.51
N LEU A 583 -7.41 -3.02 -13.73
CA LEU A 583 -8.79 -2.66 -13.48
C LEU A 583 -8.87 -1.47 -12.53
N GLY A 584 -8.41 -1.64 -11.30
CA GLY A 584 -8.40 -0.54 -10.37
C GLY A 584 -9.72 -0.36 -9.66
N ASP A 585 -10.49 0.61 -10.10
CA ASP A 585 -11.77 0.94 -9.48
C ASP A 585 -12.96 0.46 -10.26
N LYS A 586 -12.76 -0.05 -11.48
CA LYS A 586 -13.86 -0.45 -12.35
C LYS A 586 -14.49 -1.75 -11.86
N GLN A 587 -15.61 -2.08 -12.48
CA GLN A 587 -16.41 -3.20 -12.02
C GLN A 587 -15.79 -4.49 -12.55
N LEU A 588 -15.98 -5.58 -11.80
CA LEU A 588 -15.42 -6.87 -12.14
C LEU A 588 -16.06 -7.45 -13.41
N LYS A 589 -15.23 -7.87 -14.35
CA LYS A 589 -15.66 -8.55 -15.56
C LYS A 589 -15.18 -10.00 -15.47
N PRO A 590 -15.97 -10.91 -14.92
CA PRO A 590 -15.52 -12.30 -14.80
C PRO A 590 -15.62 -13.05 -16.12
N LEU A 591 -14.76 -14.05 -16.25
CA LEU A 591 -14.89 -14.97 -17.37
C LEU A 591 -16.03 -15.92 -17.08
N VAL A 592 -17.06 -15.85 -17.90
CA VAL A 592 -18.16 -16.82 -17.82
C VAL A 592 -17.67 -18.17 -18.34
N PRO A 593 -17.95 -19.28 -17.64
CA PRO A 593 -17.65 -20.60 -18.19
C PRO A 593 -18.62 -21.02 -19.28
N LEU A 594 -18.15 -21.05 -20.53
CA LEU A 594 -19.05 -21.24 -21.67
C LEU A 594 -18.81 -22.56 -22.39
N VAL A 595 -17.59 -22.81 -22.87
CA VAL A 595 -17.32 -24.08 -23.51
C VAL A 595 -16.98 -25.15 -22.48
N ASP A 596 -16.51 -24.72 -21.30
CA ASP A 596 -15.98 -25.57 -20.25
C ASP A 596 -15.78 -24.65 -19.06
N GLU A 597 -15.26 -25.16 -17.94
CA GLU A 597 -14.62 -24.31 -16.97
C GLU A 597 -13.12 -24.58 -16.88
N THR A 598 -12.57 -25.25 -17.89
CA THR A 598 -11.14 -25.52 -18.04
C THR A 598 -10.38 -24.34 -18.63
N LEU A 599 -10.99 -23.66 -19.61
CA LEU A 599 -10.45 -22.39 -20.11
C LEU A 599 -10.58 -21.30 -19.05
N SER A 600 -11.60 -21.40 -18.20
CA SER A 600 -11.68 -20.51 -17.04
C SER A 600 -10.66 -20.91 -15.98
N GLU A 601 -10.31 -22.19 -15.92
CA GLU A 601 -9.23 -22.59 -15.03
C GLU A 601 -7.88 -22.15 -15.57
N TRP A 602 -7.72 -22.13 -16.88
CA TRP A 602 -6.53 -21.59 -17.53
C TRP A 602 -6.41 -20.09 -17.33
N TYR A 603 -7.54 -19.39 -17.47
CA TYR A 603 -7.73 -18.01 -17.01
C TYR A 603 -7.36 -17.82 -15.54
N PHE A 604 -7.73 -18.79 -14.70
CA PHE A 604 -7.43 -18.76 -13.29
C PHE A 604 -5.95 -19.08 -13.01
N LYS A 605 -5.22 -19.63 -14.00
CA LYS A 605 -3.80 -19.86 -13.79
C LYS A 605 -2.91 -18.78 -14.40
N ASN A 606 -3.15 -18.35 -15.63
CA ASN A 606 -2.27 -17.35 -16.24
C ASN A 606 -3.08 -16.16 -16.74
N SER A 607 -3.35 -15.23 -15.82
CA SER A 607 -3.93 -13.93 -16.12
C SER A 607 -3.57 -12.99 -14.98
N LEU A 608 -3.81 -11.71 -15.21
CA LEU A 608 -3.58 -10.69 -14.20
C LEU A 608 -4.68 -9.65 -14.25
N ILE A 609 -5.28 -9.38 -13.10
CA ILE A 609 -6.24 -8.28 -12.92
C ILE A 609 -5.85 -7.61 -11.62
N PHE A 610 -5.74 -6.29 -11.63
CA PHE A 610 -5.39 -5.55 -10.42
C PHE A 610 -6.50 -4.57 -10.10
N SER A 611 -7.04 -4.67 -8.90
CA SER A 611 -8.06 -3.75 -8.48
C SER A 611 -7.67 -3.12 -7.14
N ASN A 612 -8.52 -2.22 -6.67
CA ASN A 612 -8.15 -1.28 -5.62
C ASN A 612 -8.26 -1.92 -4.24
N ASN A 613 -8.01 -1.11 -3.22
CA ASN A 613 -8.24 -1.52 -1.84
C ASN A 613 -9.71 -1.28 -1.46
N SER A 614 -10.24 -0.13 -1.86
CA SER A 614 -11.59 0.27 -1.46
C SER A 614 -12.61 0.01 -2.56
N HIS A 615 -12.31 -0.93 -3.46
CA HIS A 615 -13.24 -1.34 -4.48
C HIS A 615 -14.13 -2.43 -3.84
N GLN A 616 -15.24 -2.80 -4.52
CA GLN A 616 -16.43 -3.57 -4.13
C GLN A 616 -16.24 -4.74 -3.17
N CYS A 617 -15.14 -5.46 -3.30
CA CYS A 617 -14.85 -6.64 -2.50
C CYS A 617 -14.14 -6.22 -1.21
N TRP A 618 -13.51 -7.19 -0.52
CA TRP A 618 -12.56 -7.04 0.58
C TRP A 618 -13.18 -6.44 1.83
N LYS A 619 -14.49 -6.54 2.01
CA LYS A 619 -15.14 -5.96 3.17
C LYS A 619 -15.88 -7.03 3.96
N LYS A 625 -11.87 -15.62 -0.46
CA LYS A 625 -13.32 -15.45 -0.45
C LYS A 625 -14.07 -15.58 -1.81
N PRO A 626 -13.75 -14.79 -2.90
CA PRO A 626 -14.66 -14.82 -4.06
C PRO A 626 -14.38 -15.98 -5.00
N ARG A 627 -15.08 -15.98 -6.14
CA ARG A 627 -15.11 -17.12 -7.06
C ARG A 627 -13.80 -17.29 -7.82
N LYS A 628 -13.72 -18.42 -8.52
CA LYS A 628 -12.61 -18.74 -9.40
C LYS A 628 -12.83 -18.21 -10.81
N LYS A 629 -14.05 -17.76 -11.14
CA LYS A 629 -14.33 -17.16 -12.44
C LYS A 629 -13.91 -15.70 -12.53
N PHE A 630 -13.51 -15.10 -11.40
CA PHE A 630 -12.82 -13.83 -11.42
C PHE A 630 -11.36 -13.98 -11.79
N GLY A 631 -10.70 -15.04 -11.29
CA GLY A 631 -9.41 -15.46 -11.78
C GLY A 631 -8.21 -14.58 -11.47
N ARG A 632 -7.79 -14.58 -10.19
CA ARG A 632 -6.59 -13.92 -9.66
C ARG A 632 -6.63 -12.40 -9.86
N VAL A 633 -7.59 -11.80 -9.16
CA VAL A 633 -7.74 -10.35 -9.07
C VAL A 633 -7.00 -9.91 -7.81
N LEU A 634 -6.16 -8.90 -7.94
CA LEU A 634 -5.15 -8.58 -6.95
C LEU A 634 -5.48 -7.25 -6.31
N ARG A 635 -5.68 -7.27 -4.99
CA ARG A 635 -5.91 -6.06 -4.20
C ARG A 635 -4.69 -5.16 -4.20
N CYS A 636 -4.90 -3.88 -4.47
CA CYS A 636 -3.82 -2.89 -4.45
C CYS A 636 -4.17 -1.73 -3.53
N ASP A 637 -3.19 -1.32 -2.72
CA ASP A 637 -3.37 -0.24 -1.76
C ASP A 637 -2.80 1.10 -2.19
N THR A 638 -1.93 1.13 -3.19
CA THR A 638 -1.57 2.38 -3.83
C THR A 638 -2.59 2.70 -4.90
N ASP A 639 -3.36 3.75 -4.67
CA ASP A 639 -4.62 3.98 -5.35
C ASP A 639 -4.39 4.82 -6.59
N GLY A 640 -5.00 4.41 -7.70
CA GLY A 640 -4.89 5.12 -8.96
C GLY A 640 -4.43 4.15 -10.03
N LEU A 641 -4.88 4.41 -11.26
CA LEU A 641 -4.37 3.66 -12.42
C LEU A 641 -2.92 3.99 -12.66
N ASN A 642 -2.56 5.26 -12.45
CA ASN A 642 -1.21 5.75 -12.69
C ASN A 642 -0.22 5.17 -11.69
N ASN A 643 -0.68 4.91 -10.46
CA ASN A 643 0.16 4.38 -9.40
C ASN A 643 0.60 2.95 -9.70
N ILE A 644 -0.31 2.11 -10.17
CA ILE A 644 0.08 0.75 -10.52
C ILE A 644 0.70 0.64 -11.90
N ILE A 645 0.48 1.62 -12.79
CA ILE A 645 1.12 1.56 -14.10
C ILE A 645 2.60 1.95 -14.00
N GLU A 646 2.93 3.03 -13.29
CA GLU A 646 4.35 3.30 -13.05
C GLU A 646 4.96 2.32 -12.04
N GLU A 647 4.18 1.89 -11.02
CA GLU A 647 4.78 1.17 -9.90
C GLU A 647 5.06 -0.27 -10.24
N ARG A 648 4.07 -1.00 -10.75
CA ARG A 648 4.26 -2.40 -11.09
C ARG A 648 4.40 -2.61 -12.59
N PHE A 649 5.16 -1.69 -13.20
CA PHE A 649 5.86 -1.94 -14.43
C PHE A 649 6.71 -3.22 -14.35
N GLU A 650 7.47 -3.36 -13.27
CA GLU A 650 8.51 -4.36 -13.16
C GLU A 650 7.91 -5.75 -12.95
N GLU A 651 6.82 -5.82 -12.20
CA GLU A 651 6.19 -7.10 -11.94
C GLU A 651 5.40 -7.57 -13.15
N ALA A 652 4.89 -6.63 -13.95
CA ALA A 652 4.27 -6.95 -15.22
C ALA A 652 5.29 -7.46 -16.23
N THR A 653 6.45 -6.80 -16.33
CA THR A 653 7.44 -7.27 -17.28
C THR A 653 8.24 -8.45 -16.75
N ASP A 654 8.07 -8.85 -15.49
CA ASP A 654 8.53 -10.18 -15.09
C ASP A 654 7.47 -11.25 -15.32
N PHE A 655 6.19 -10.93 -15.16
CA PHE A 655 5.13 -11.93 -15.29
C PHE A 655 4.95 -12.34 -16.74
N ILE A 656 4.95 -11.38 -17.67
CA ILE A 656 4.55 -11.76 -19.02
C ILE A 656 5.77 -12.30 -19.77
N LEU A 657 6.98 -11.92 -19.36
CA LEU A 657 8.17 -12.58 -19.85
C LEU A 657 8.45 -13.89 -19.13
N ASP A 658 7.82 -14.12 -17.97
CA ASP A 658 7.70 -15.48 -17.47
C ASP A 658 6.70 -16.26 -18.32
N SER A 659 5.64 -15.60 -18.77
CA SER A 659 4.65 -16.25 -19.62
C SER A 659 5.17 -16.35 -21.05
N PHE A 660 6.04 -15.44 -21.48
CA PHE A 660 6.82 -15.66 -22.69
C PHE A 660 8.13 -16.33 -22.31
N GLU A 661 9.08 -16.32 -23.24
CA GLU A 661 10.44 -16.77 -22.96
C GLU A 661 11.15 -15.85 -21.98
N GLU B 1 -24.99 8.71 56.79
CA GLU B 1 -25.47 9.54 55.71
C GLU B 1 -25.53 8.73 54.40
N ASN B 2 -24.40 8.14 54.04
CA ASN B 2 -24.32 7.39 52.79
C ASN B 2 -24.74 5.95 53.02
N SER B 3 -24.46 5.10 52.02
CA SER B 3 -24.88 3.70 52.06
C SER B 3 -23.72 2.74 52.20
N LEU B 4 -22.64 2.93 51.44
CA LEU B 4 -21.65 1.85 51.27
C LEU B 4 -20.70 1.76 52.45
N SER B 5 -19.79 2.75 52.57
CA SER B 5 -18.79 2.94 53.63
C SER B 5 -17.93 1.67 53.85
N THR B 6 -17.09 1.41 52.83
CA THR B 6 -16.40 0.11 52.69
C THR B 6 -15.37 -0.14 53.79
N THR B 7 -15.45 -1.35 54.36
CA THR B 7 -14.65 -1.72 55.53
C THR B 7 -13.28 -2.18 55.07
N SER B 8 -12.29 -1.29 55.18
CA SER B 8 -10.89 -1.64 54.93
C SER B 8 -10.14 -1.40 56.23
N LYS B 9 -10.23 -2.36 57.14
CA LYS B 9 -9.50 -2.32 58.40
C LYS B 9 -8.29 -3.25 58.31
N SER B 10 -7.26 -2.78 57.59
CA SER B 10 -6.13 -3.64 57.30
C SER B 10 -4.90 -2.80 57.02
N LYS B 11 -3.75 -3.47 57.11
CA LYS B 11 -2.53 -3.00 56.46
C LYS B 11 -2.67 -3.28 54.98
N ARG B 12 -3.03 -2.26 54.21
CA ARG B 12 -3.21 -2.41 52.77
C ARG B 12 -1.86 -2.51 52.09
N GLN B 13 -1.62 -3.64 51.43
CA GLN B 13 -0.30 -4.00 50.92
C GLN B 13 0.06 -3.22 49.66
N VAL B 14 1.36 -2.97 49.51
CA VAL B 14 1.89 -1.95 48.61
C VAL B 14 2.02 -2.53 47.21
N ILE B 15 1.47 -1.83 46.22
CA ILE B 15 1.53 -2.30 44.84
C ILE B 15 2.85 -1.93 44.19
N VAL B 16 3.13 -0.63 44.06
CA VAL B 16 4.38 -0.21 43.42
C VAL B 16 5.33 0.37 44.47
N PRO B 17 6.62 0.03 44.41
CA PRO B 17 7.55 0.42 45.50
C PRO B 17 8.07 1.84 45.36
N VAL B 18 9.01 2.20 46.24
CA VAL B 18 9.71 3.47 46.11
C VAL B 18 10.63 3.43 44.89
N CYS B 19 10.47 4.43 44.01
CA CYS B 19 11.08 4.41 42.70
C CYS B 19 11.15 5.83 42.17
N MET B 20 12.01 6.02 41.18
CA MET B 20 12.03 7.26 40.43
C MET B 20 11.03 7.12 39.28
N PRO B 21 10.21 8.13 38.99
CA PRO B 21 9.11 7.95 38.03
C PRO B 21 9.58 7.92 36.58
N LYS B 22 8.72 7.32 35.74
CA LYS B 22 8.97 7.31 34.30
C LYS B 22 8.31 8.55 33.72
N ILE B 23 9.03 9.65 33.78
CA ILE B 23 8.79 10.80 32.94
C ILE B 23 10.06 11.01 32.12
N HIS B 24 9.88 11.52 30.91
CA HIS B 24 11.00 11.56 29.99
C HIS B 24 11.06 12.84 29.17
N TYR B 25 10.42 13.91 29.64
CA TYR B 25 10.71 15.25 29.16
C TYR B 25 10.40 16.21 30.29
N SER B 26 11.21 17.25 30.40
CA SER B 26 11.19 18.24 31.48
C SER B 26 11.17 17.74 32.94
N PRO B 27 12.20 16.98 33.40
CA PRO B 27 12.56 17.13 34.82
C PRO B 27 13.65 18.17 35.02
N LEU B 28 14.39 18.44 33.96
CA LEU B 28 15.47 19.41 33.97
C LEU B 28 14.96 20.70 33.36
N LYS B 29 15.86 21.65 33.18
CA LYS B 29 15.52 23.04 32.92
C LYS B 29 16.29 23.51 31.69
N THR B 30 15.85 24.65 31.14
CA THR B 30 16.40 25.21 29.91
C THR B 30 17.81 25.76 30.10
N GLY B 31 18.71 25.44 29.17
CA GLY B 31 20.04 26.00 29.16
C GLY B 31 20.09 27.36 28.48
N LEU B 32 20.92 28.24 29.04
CA LEU B 32 21.11 29.59 28.55
C LEU B 32 22.61 29.84 28.51
N CYS B 33 23.10 30.31 27.36
CA CYS B 33 24.49 30.67 27.24
C CYS B 33 24.64 32.19 27.20
N TYR B 34 25.62 32.70 27.95
CA TYR B 34 25.92 34.12 27.96
C TYR B 34 27.37 34.33 28.35
N ASP B 35 28.09 35.11 27.55
CA ASP B 35 29.41 35.56 27.95
C ASP B 35 29.59 36.96 27.40
N VAL B 36 30.30 37.78 28.17
CA VAL B 36 30.62 39.16 27.80
C VAL B 36 31.65 39.25 26.69
N ARG B 37 32.37 38.16 26.41
CA ARG B 37 33.37 38.12 25.37
C ARG B 37 32.79 38.15 23.96
N MET B 38 31.50 37.85 23.79
CA MET B 38 30.83 38.13 22.52
C MET B 38 30.50 39.60 22.34
N ARG B 39 30.53 40.38 23.41
CA ARG B 39 30.19 41.79 23.44
C ARG B 39 31.36 42.71 23.10
N TYR B 40 32.33 42.24 22.31
CA TYR B 40 33.53 43.00 22.05
C TYR B 40 33.58 43.62 20.66
N HIS B 41 33.44 42.81 19.62
CA HIS B 41 33.95 43.15 18.30
C HIS B 41 32.96 44.08 17.59
N ALA B 42 33.49 45.13 16.96
CA ALA B 42 32.66 46.21 16.47
C ALA B 42 33.24 46.75 15.17
N LYS B 43 32.79 47.94 14.80
CA LYS B 43 33.11 48.59 13.54
C LYS B 43 34.01 49.81 13.78
N ILE B 44 34.71 50.22 12.74
CA ILE B 44 35.58 51.40 12.78
C ILE B 44 34.92 52.49 11.93
N PHE B 45 34.68 53.66 12.53
CA PHE B 45 33.92 54.72 11.89
C PHE B 45 34.86 55.78 11.30
N THR B 46 34.44 56.38 10.19
CA THR B 46 35.29 57.24 9.39
C THR B 46 34.83 58.70 9.38
N SER B 47 33.60 58.96 8.94
CA SER B 47 33.19 60.32 8.62
C SER B 47 32.78 61.11 9.85
N TYR B 48 31.73 60.66 10.53
CA TYR B 48 31.26 61.32 11.73
C TYR B 48 31.23 60.28 12.85
N PHE B 49 30.99 60.75 14.08
CA PHE B 49 30.88 59.84 15.22
C PHE B 49 29.55 59.13 15.15
N GLU B 50 29.58 57.89 14.63
CA GLU B 50 28.38 57.16 14.26
C GLU B 50 27.85 56.30 15.39
N TYR B 51 28.06 56.71 16.64
CA TYR B 51 27.43 56.08 17.79
C TYR B 51 26.10 56.73 18.11
N ILE B 52 25.63 57.63 17.25
CA ILE B 52 24.24 58.09 17.28
C ILE B 52 23.30 56.92 17.03
N ASP B 53 23.42 56.34 15.85
CA ASP B 53 22.71 55.11 15.54
C ASP B 53 23.49 53.92 16.05
N PRO B 54 22.88 53.03 16.84
CA PRO B 54 23.45 51.70 16.99
C PRO B 54 23.35 50.95 15.68
N HIS B 55 24.38 50.18 15.38
CA HIS B 55 24.42 49.38 14.16
C HIS B 55 23.47 48.20 14.34
N PRO B 56 22.91 47.66 13.23
CA PRO B 56 22.04 46.46 13.37
C PRO B 56 22.73 45.22 13.91
N GLU B 57 24.04 45.09 13.75
CA GLU B 57 24.83 44.17 14.57
C GLU B 57 25.43 45.00 15.69
N ASP B 58 25.15 44.64 16.93
CA ASP B 58 25.48 45.55 18.00
C ASP B 58 25.81 44.75 19.25
N PRO B 59 26.76 45.23 20.08
CA PRO B 59 27.12 44.48 21.30
C PRO B 59 26.10 44.55 22.44
N ARG B 60 25.04 45.34 22.33
CA ARG B 60 24.11 45.47 23.44
C ARG B 60 22.76 44.83 23.18
N ARG B 61 22.57 44.19 22.02
CA ARG B 61 21.26 43.58 21.73
C ARG B 61 21.05 42.32 22.56
N ILE B 62 22.14 41.56 22.74
CA ILE B 62 22.16 40.39 23.63
C ILE B 62 21.88 40.82 25.05
N TYR B 63 22.48 41.94 25.48
CA TYR B 63 22.25 42.43 26.84
C TYR B 63 20.89 43.10 26.99
N ARG B 64 20.30 43.59 25.89
CA ARG B 64 18.92 44.06 25.88
C ARG B 64 17.92 42.94 26.17
N ILE B 65 17.99 41.85 25.40
CA ILE B 65 17.01 40.78 25.63
C ILE B 65 17.36 39.98 26.87
N TYR B 66 18.66 39.94 27.22
CA TYR B 66 19.15 39.44 28.47
C TYR B 66 18.73 40.29 29.66
N LYS B 67 18.47 41.57 29.43
CA LYS B 67 17.92 42.43 30.46
C LYS B 67 16.41 42.25 30.57
N ILE B 68 15.75 41.99 29.43
CA ILE B 68 14.32 41.63 29.39
C ILE B 68 14.05 40.35 30.18
N LEU B 69 14.92 39.37 30.04
CA LEU B 69 14.81 38.19 30.87
C LEU B 69 15.35 38.39 32.28
N ALA B 70 16.16 39.43 32.51
CA ALA B 70 16.53 39.78 33.88
C ALA B 70 15.40 40.45 34.63
N GLU B 71 14.51 41.16 33.92
CA GLU B 71 13.30 41.74 34.49
C GLU B 71 12.35 40.70 35.05
N ASN B 72 12.29 39.52 34.45
CA ASN B 72 11.26 38.56 34.81
C ASN B 72 11.76 37.55 35.84
N GLY B 73 12.69 37.93 36.69
CA GLY B 73 13.07 37.19 37.87
C GLY B 73 13.92 35.96 37.65
N LEU B 74 14.41 35.75 36.43
CA LEU B 74 15.08 34.49 36.11
C LEU B 74 16.51 34.44 36.61
N ILE B 75 17.12 35.59 36.91
CA ILE B 75 18.54 35.65 37.22
C ILE B 75 18.72 36.31 38.58
N ASN B 76 19.41 35.62 39.50
CA ASN B 76 19.74 36.17 40.81
C ASN B 76 21.04 36.96 40.81
N ASP B 77 21.82 36.91 39.73
CA ASP B 77 23.13 37.54 39.70
C ASP B 77 22.98 39.03 39.48
N PRO B 78 23.54 39.87 40.36
CA PRO B 78 23.38 41.31 40.19
C PRO B 78 24.24 41.90 39.09
N THR B 79 25.35 41.25 38.74
CA THR B 79 26.29 41.80 37.77
C THR B 79 25.79 41.70 36.34
N LEU B 80 24.85 40.77 36.08
CA LEU B 80 24.40 40.34 34.75
C LEU B 80 25.56 39.92 33.85
N SER B 81 26.48 39.16 34.42
CA SER B 81 27.53 38.49 33.68
C SER B 81 27.08 37.08 33.32
N GLY B 82 28.01 36.28 32.78
CA GLY B 82 27.70 34.89 32.59
C GLY B 82 28.18 34.03 33.75
N VAL B 83 27.30 33.79 34.71
CA VAL B 83 27.54 32.90 35.85
C VAL B 83 26.42 31.86 35.87
N ASP B 84 26.57 30.85 36.74
CA ASP B 84 25.70 29.69 36.68
C ASP B 84 24.50 29.79 37.61
N ASP B 85 24.66 30.36 38.81
CA ASP B 85 23.59 30.32 39.82
C ASP B 85 22.56 31.40 39.50
N LEU B 86 21.30 30.98 39.36
CA LEU B 86 20.21 31.85 38.96
C LEU B 86 18.91 31.63 39.71
N GLY B 87 18.78 30.56 40.50
CA GLY B 87 17.49 30.16 41.03
C GLY B 87 17.26 28.68 40.86
N ASP B 88 16.15 28.29 40.22
CA ASP B 88 15.87 26.87 40.01
C ASP B 88 15.20 26.53 38.69
N LEU B 89 15.05 27.47 37.75
CA LEU B 89 14.25 27.22 36.57
C LEU B 89 15.01 27.22 35.25
N MET B 90 16.29 27.57 35.25
CA MET B 90 17.13 27.45 34.07
C MET B 90 18.49 26.92 34.53
N LEU B 91 19.43 26.87 33.59
CA LEU B 91 20.77 26.36 33.85
C LEU B 91 21.68 26.97 32.78
N LYS B 92 22.90 27.32 33.16
CA LYS B 92 23.80 28.06 32.30
C LYS B 92 24.69 27.11 31.50
N ILE B 93 25.11 27.57 30.33
CA ILE B 93 25.94 26.80 29.40
C ILE B 93 27.33 27.44 29.39
N PRO B 94 28.40 26.67 29.58
CA PRO B 94 29.75 27.21 29.38
C PRO B 94 30.19 27.15 27.93
N VAL B 95 31.20 27.97 27.62
CA VAL B 95 31.69 28.15 26.24
C VAL B 95 33.21 28.01 26.25
N ARG B 96 33.72 27.02 25.51
CA ARG B 96 35.11 26.97 25.07
C ARG B 96 35.14 27.47 23.63
N ALA B 97 36.34 27.86 23.18
CA ALA B 97 36.64 28.23 21.81
C ALA B 97 36.24 27.15 20.79
N ALA B 98 35.80 27.59 19.62
CA ALA B 98 35.76 26.66 18.50
C ALA B 98 37.19 26.45 18.03
N THR B 99 37.66 25.22 18.15
CA THR B 99 38.98 24.90 17.64
C THR B 99 38.95 24.82 16.12
N SER B 100 40.15 24.85 15.52
CA SER B 100 40.26 24.90 14.08
C SER B 100 39.92 23.58 13.41
N GLU B 101 40.00 22.46 14.14
CA GLU B 101 39.44 21.24 13.58
C GLU B 101 37.92 21.22 13.70
N GLU B 102 37.36 21.98 14.63
CA GLU B 102 35.91 22.07 14.74
C GLU B 102 35.30 23.04 13.75
N ILE B 103 36.11 23.93 13.18
CA ILE B 103 35.59 24.97 12.30
C ILE B 103 36.15 24.87 10.89
N LEU B 104 37.23 24.13 10.68
CA LEU B 104 37.84 23.99 9.37
C LEU B 104 37.38 22.72 8.68
N GLU B 105 36.37 22.07 9.25
CA GLU B 105 35.66 21.01 8.56
C GLU B 105 35.00 21.53 7.30
N VAL B 106 34.34 22.68 7.42
CA VAL B 106 33.67 23.29 6.29
C VAL B 106 34.51 24.41 5.68
N HIS B 107 35.18 25.21 6.51
CA HIS B 107 35.81 26.46 6.10
C HIS B 107 37.10 26.21 5.33
N THR B 108 37.44 27.17 4.47
CA THR B 108 38.78 27.21 3.91
C THR B 108 39.74 27.75 4.95
N LYS B 109 41.02 27.40 4.79
CA LYS B 109 42.01 27.79 5.78
C LYS B 109 42.38 29.26 5.64
N GLU B 110 42.23 29.80 4.42
CA GLU B 110 42.42 31.21 4.12
C GLU B 110 41.46 32.10 4.92
N HIS B 111 40.23 31.61 5.15
CA HIS B 111 39.26 32.26 6.02
C HIS B 111 39.75 32.32 7.46
N LEU B 112 40.33 31.24 7.97
CA LEU B 112 40.77 31.17 9.36
C LEU B 112 42.01 32.01 9.61
N GLU B 113 42.98 31.91 8.69
CA GLU B 113 44.15 32.79 8.75
C GLU B 113 43.81 34.24 8.41
N PHE B 114 42.70 34.47 7.71
CA PHE B 114 42.32 35.83 7.39
C PHE B 114 41.67 36.51 8.60
N ILE B 115 40.88 35.75 9.37
CA ILE B 115 40.40 36.20 10.67
C ILE B 115 41.56 36.38 11.65
N GLU B 116 42.54 35.47 11.57
CA GLU B 116 43.71 35.57 12.43
C GLU B 116 44.66 36.70 12.01
N SER B 117 44.56 37.17 10.76
CA SER B 117 45.33 38.32 10.29
C SER B 117 44.64 39.62 10.61
N THR B 118 43.31 39.68 10.48
CA THR B 118 42.56 40.88 10.85
C THR B 118 42.35 41.01 12.36
N GLU B 119 42.72 39.97 13.13
CA GLU B 119 43.02 40.10 14.55
C GLU B 119 44.10 41.14 14.82
N LYS B 120 45.11 41.24 13.95
CA LYS B 120 46.23 42.15 14.16
C LYS B 120 46.48 43.10 12.99
N MET B 121 45.48 43.31 12.13
CA MET B 121 45.65 44.23 11.00
C MET B 121 45.64 45.68 11.46
N SER B 122 46.13 46.56 10.58
CA SER B 122 46.10 47.98 10.88
C SER B 122 44.72 48.54 10.59
N ARG B 123 44.48 49.75 11.11
CA ARG B 123 43.17 50.42 11.08
C ARG B 123 42.73 50.77 9.67
N GLU B 124 43.69 51.16 8.82
CA GLU B 124 43.44 51.34 7.39
C GLU B 124 43.06 50.02 6.74
N GLU B 125 43.71 48.92 7.13
CA GLU B 125 43.31 47.62 6.59
C GLU B 125 42.05 47.08 7.23
N LEU B 126 41.66 47.53 8.43
CA LEU B 126 40.34 47.18 8.97
C LEU B 126 39.25 47.86 8.18
N LEU B 127 39.46 49.12 7.80
CA LEU B 127 38.56 49.78 6.84
C LEU B 127 38.63 49.14 5.46
N LYS B 128 39.80 48.63 5.05
CA LYS B 128 39.94 48.02 3.73
C LYS B 128 39.25 46.68 3.63
N GLU B 129 39.25 45.87 4.69
CA GLU B 129 38.46 44.65 4.63
C GLU B 129 37.00 44.87 4.96
N THR B 130 36.68 45.97 5.66
CA THR B 130 35.30 46.38 5.81
C THR B 130 34.68 46.78 4.46
N GLU B 131 35.41 47.56 3.65
CA GLU B 131 34.92 47.91 2.33
C GLU B 131 35.14 46.82 1.29
N LYS B 132 36.11 45.93 1.50
CA LYS B 132 36.47 44.92 0.51
C LYS B 132 35.63 43.66 0.67
N GLY B 133 35.65 43.05 1.85
CA GLY B 133 34.66 42.06 2.18
C GLY B 133 33.40 42.77 2.60
N ASP B 134 32.34 42.63 1.80
CA ASP B 134 31.17 43.50 1.91
C ASP B 134 30.32 43.11 3.11
N SER B 135 29.84 44.14 3.83
CA SER B 135 28.87 44.06 4.94
C SER B 135 29.38 43.23 6.11
N VAL B 136 30.68 43.29 6.39
CA VAL B 136 31.25 42.72 7.60
C VAL B 136 32.06 43.80 8.29
N TYR B 137 31.69 44.11 9.51
CA TYR B 137 32.37 45.01 10.43
C TYR B 137 33.70 44.44 10.89
N PHE B 138 34.69 45.33 11.05
CA PHE B 138 36.02 44.96 11.54
C PHE B 138 36.54 45.97 12.54
N ASN B 139 37.56 45.51 13.28
CA ASN B 139 38.18 46.13 14.44
C ASN B 139 39.34 45.20 14.81
N ASN B 140 40.29 45.69 15.60
CA ASN B 140 41.60 45.06 15.78
C ASN B 140 41.62 43.95 16.85
N ASP B 141 40.48 43.28 17.11
CA ASP B 141 40.40 42.18 18.06
C ASP B 141 39.28 41.24 17.58
N SER B 142 39.66 40.19 16.87
CA SER B 142 38.69 39.22 16.42
C SER B 142 38.89 37.84 17.01
N TYR B 143 40.07 37.24 16.80
CA TYR B 143 40.23 35.79 16.90
C TYR B 143 40.27 35.28 18.33
N ALA B 144 40.57 36.15 19.30
CA ALA B 144 40.51 35.76 20.69
C ALA B 144 39.08 35.66 21.22
N SER B 145 38.10 36.21 20.49
CA SER B 145 36.72 36.19 20.92
C SER B 145 35.72 35.86 19.82
N ALA B 146 36.17 35.62 18.58
CA ALA B 146 35.31 35.05 17.53
C ALA B 146 35.27 33.53 17.59
N ARG B 147 36.19 32.93 18.33
CA ARG B 147 36.24 31.49 18.54
C ARG B 147 35.05 31.00 19.37
N LEU B 148 34.55 31.83 20.25
CA LEU B 148 33.45 31.57 21.18
C LEU B 148 32.01 31.57 20.64
N PRO B 149 31.58 32.36 19.61
CA PRO B 149 30.23 32.12 19.03
C PRO B 149 30.04 30.75 18.40
N CYS B 150 30.95 30.34 17.51
CA CYS B 150 30.93 28.96 17.01
C CYS B 150 31.27 27.95 18.09
N GLY B 151 32.07 28.32 19.09
CA GLY B 151 32.41 27.38 20.15
C GLY B 151 31.25 27.06 21.07
N GLY B 152 30.48 28.08 21.44
CA GLY B 152 29.23 27.84 22.15
C GLY B 152 28.17 27.20 21.27
N ALA B 153 28.23 27.45 19.95
CA ALA B 153 27.34 26.80 19.00
C ALA B 153 27.60 25.30 18.88
N ILE B 154 28.86 24.88 19.03
CA ILE B 154 29.13 23.47 19.31
C ILE B 154 28.59 23.08 20.67
N GLU B 155 29.12 23.70 21.72
CA GLU B 155 29.11 23.10 23.05
C GLU B 155 27.80 23.27 23.82
N ALA B 156 26.82 23.99 23.28
CA ALA B 156 25.51 23.94 23.88
C ALA B 156 24.77 22.67 23.47
N CYS B 157 25.06 22.15 22.29
CA CYS B 157 24.29 21.08 21.68
C CYS B 157 24.58 19.73 22.32
N LYS B 158 25.76 19.57 22.91
CA LYS B 158 26.11 18.33 23.59
C LYS B 158 25.43 18.18 24.93
N ALA B 159 24.91 19.26 25.50
CA ALA B 159 24.01 19.09 26.63
C ALA B 159 22.64 18.60 26.16
N VAL B 160 22.26 18.95 24.94
CA VAL B 160 20.95 18.57 24.41
C VAL B 160 20.93 17.09 24.07
N VAL B 161 21.95 16.62 23.34
CA VAL B 161 21.91 15.22 22.93
C VAL B 161 22.32 14.27 24.03
N GLU B 162 22.92 14.76 25.12
CA GLU B 162 23.16 13.91 26.27
C GLU B 162 21.88 13.73 27.08
N GLY B 163 21.02 14.73 27.08
CA GLY B 163 19.89 14.72 27.98
C GLY B 163 20.14 15.45 29.27
N ARG B 164 20.97 16.49 29.24
CA ARG B 164 21.15 17.35 30.39
C ARG B 164 20.24 18.57 30.33
N VAL B 165 19.45 18.68 29.27
CA VAL B 165 18.50 19.76 29.05
C VAL B 165 17.44 19.23 28.08
N LYS B 166 16.18 19.61 28.35
CA LYS B 166 15.05 19.40 27.46
C LYS B 166 15.30 20.01 26.09
N ASN B 167 15.44 21.33 26.08
CA ASN B 167 15.64 22.15 24.90
C ASN B 167 16.19 23.49 25.38
N SER B 168 16.87 24.20 24.49
CA SER B 168 17.62 25.35 24.97
C SER B 168 17.67 26.43 23.89
N LEU B 169 18.60 27.35 24.06
CA LEU B 169 18.71 28.54 23.25
C LEU B 169 20.17 28.74 22.88
N ALA B 170 20.38 29.70 21.98
CA ALA B 170 21.72 30.22 21.71
C ALA B 170 21.57 31.68 21.35
N VAL B 171 21.67 32.56 22.33
CA VAL B 171 21.81 33.99 22.07
C VAL B 171 23.27 34.27 21.76
N VAL B 172 23.51 34.92 20.62
CA VAL B 172 24.81 34.88 19.98
C VAL B 172 24.95 36.09 19.06
N ARG B 173 26.13 36.69 19.09
CA ARG B 173 26.57 37.62 18.08
C ARG B 173 28.01 37.29 17.75
N PRO B 174 28.46 37.47 16.48
CA PRO B 174 27.83 37.82 15.20
C PRO B 174 26.89 36.73 14.68
N PRO B 175 26.03 36.99 13.68
CA PRO B 175 25.20 35.89 13.15
C PRO B 175 25.96 34.91 12.28
N GLY B 176 25.25 33.94 11.73
CA GLY B 176 25.91 32.93 10.94
C GLY B 176 25.16 32.44 9.72
N HIS B 177 24.12 33.18 9.32
CA HIS B 177 23.27 32.77 8.22
C HIS B 177 23.61 33.48 6.91
N HIS B 178 24.76 34.13 6.84
CA HIS B 178 25.26 34.63 5.56
C HIS B 178 26.76 34.37 5.42
N ALA B 179 27.24 33.23 5.89
CA ALA B 179 28.68 32.95 5.88
C ALA B 179 28.96 31.60 5.23
N GLU B 180 30.00 31.58 4.41
CA GLU B 180 30.36 30.47 3.53
C GLU B 180 31.78 30.01 3.91
N PRO B 181 32.34 28.89 3.33
CA PRO B 181 33.78 28.66 3.51
C PRO B 181 34.67 29.73 2.89
N GLN B 182 34.49 30.00 1.61
CA GLN B 182 35.41 30.88 0.90
C GLN B 182 35.13 32.36 1.15
N ALA B 183 33.97 32.70 1.70
CA ALA B 183 33.59 34.10 1.83
C ALA B 183 32.63 34.28 2.99
N ALA B 184 32.26 35.54 3.22
CA ALA B 184 31.24 35.89 4.20
C ALA B 184 30.50 37.14 3.74
N GLY B 185 29.77 37.77 4.65
CA GLY B 185 28.90 38.89 4.34
C GLY B 185 27.79 38.87 5.36
N GLY B 186 26.96 39.91 5.42
CA GLY B 186 25.80 39.92 6.31
C GLY B 186 26.11 39.95 7.78
N PHE B 187 27.20 40.65 8.16
CA PHE B 187 27.70 40.86 9.53
C PHE B 187 28.17 39.57 10.17
N CYS B 188 28.54 38.59 9.36
CA CYS B 188 28.84 37.24 9.81
C CYS B 188 30.33 37.02 9.78
N LEU B 189 30.90 36.61 10.91
CA LEU B 189 32.32 36.32 11.00
C LEU B 189 32.60 34.88 10.60
N PHE B 190 31.94 33.95 11.27
CA PHE B 190 31.81 32.58 10.80
C PHE B 190 30.34 32.23 10.73
N SER B 191 30.04 31.08 10.14
CA SER B 191 28.69 30.57 10.15
C SER B 191 28.50 29.85 11.48
N ASN B 192 27.84 30.53 12.43
CA ASN B 192 27.57 29.94 13.74
C ASN B 192 26.54 28.82 13.66
N VAL B 193 25.67 28.81 12.65
CA VAL B 193 24.63 27.79 12.58
C VAL B 193 25.10 26.55 11.82
N ALA B 194 25.97 26.68 10.81
CA ALA B 194 26.57 25.50 10.19
C ALA B 194 27.59 24.83 11.10
N VAL B 195 28.35 25.62 11.87
CA VAL B 195 29.24 25.10 12.89
C VAL B 195 28.50 24.96 14.22
N ALA B 196 27.20 25.23 14.24
CA ALA B 196 26.37 24.62 15.27
C ALA B 196 25.96 23.22 14.86
N ALA B 197 25.61 23.05 13.58
CA ALA B 197 24.81 21.92 13.13
C ALA B 197 25.63 20.76 12.56
N LYS B 198 26.87 20.98 12.14
CA LYS B 198 27.66 19.85 11.66
C LYS B 198 28.18 19.01 12.83
N ASN B 199 28.71 19.67 13.87
CA ASN B 199 29.51 19.09 14.94
C ASN B 199 28.78 18.07 15.79
N ILE B 200 27.45 18.20 15.90
CA ILE B 200 26.66 17.24 16.65
C ILE B 200 26.63 15.92 15.92
N LEU B 201 26.55 15.98 14.59
CA LEU B 201 26.47 14.77 13.80
C LEU B 201 27.85 14.18 13.58
N LYS B 202 28.88 15.02 13.54
CA LYS B 202 30.22 14.45 13.31
C LYS B 202 30.83 13.93 14.61
N ASN B 203 30.71 14.67 15.71
CA ASN B 203 31.22 14.17 16.97
C ASN B 203 30.32 13.09 17.56
N TYR B 204 29.04 13.08 17.22
CA TYR B 204 28.13 12.00 17.61
C TYR B 204 27.23 11.57 16.47
N PRO B 205 27.70 10.68 15.58
CA PRO B 205 26.75 9.94 14.75
C PRO B 205 26.31 8.62 15.38
N GLU B 206 25.94 8.65 16.66
CA GLU B 206 25.46 7.45 17.34
C GLU B 206 24.21 7.72 18.15
N SER B 207 23.62 8.91 18.02
CA SER B 207 22.28 9.16 18.55
C SER B 207 21.40 9.96 17.61
N VAL B 208 21.96 10.74 16.69
CA VAL B 208 21.25 11.69 15.84
C VAL B 208 21.80 11.52 14.42
N ARG B 209 20.91 11.36 13.44
CA ARG B 209 21.40 11.24 12.08
C ARG B 209 20.72 12.27 11.17
N ARG B 210 19.45 12.59 11.42
CA ARG B 210 18.73 13.51 10.56
C ARG B 210 18.18 14.68 11.35
N ILE B 211 18.45 15.90 10.86
CA ILE B 211 18.23 17.14 11.59
C ILE B 211 17.40 18.06 10.71
N MET B 212 16.38 18.67 11.28
CA MET B 212 15.59 19.69 10.61
C MET B 212 15.99 21.06 11.12
N ILE B 213 16.02 22.03 10.20
CA ILE B 213 16.48 23.38 10.49
C ILE B 213 15.33 24.34 10.23
N LEU B 214 14.96 25.09 11.23
CA LEU B 214 14.01 26.16 11.04
C LEU B 214 14.77 27.46 10.81
N ASP B 215 14.22 28.31 9.95
CA ASP B 215 14.73 29.66 9.75
C ASP B 215 13.53 30.52 9.40
N TRP B 216 13.28 31.56 10.18
CA TRP B 216 12.25 32.52 9.85
C TRP B 216 12.77 33.95 9.95
N ASP B 217 14.07 34.13 10.21
CA ASP B 217 14.78 35.36 9.94
C ASP B 217 14.58 35.68 8.47
N ILE B 218 14.07 36.88 8.20
CA ILE B 218 13.47 37.13 6.90
C ILE B 218 14.54 37.57 5.89
N HIS B 219 15.77 37.80 6.33
CA HIS B 219 16.92 37.57 5.45
C HIS B 219 17.18 36.06 5.40
N HIS B 220 17.21 35.52 4.17
CA HIS B 220 17.37 34.10 3.89
C HIS B 220 18.72 33.60 4.40
N GLY B 221 18.71 32.42 5.03
CA GLY B 221 19.93 31.84 5.57
C GLY B 221 20.90 31.33 4.52
N ASN B 222 21.54 32.26 3.80
CA ASN B 222 22.07 31.98 2.48
C ASN B 222 23.40 31.26 2.54
N GLY B 223 24.24 31.59 3.51
CA GLY B 223 25.54 30.96 3.62
C GLY B 223 25.46 29.53 4.13
N THR B 224 24.43 29.23 4.91
CA THR B 224 24.22 27.90 5.44
C THR B 224 23.36 27.06 4.49
N GLN B 225 22.66 27.74 3.57
CA GLN B 225 21.92 27.09 2.49
C GLN B 225 22.84 26.28 1.58
N LYS B 226 24.01 26.81 1.26
CA LYS B 226 24.96 26.05 0.48
C LYS B 226 25.77 25.08 1.34
N SER B 227 25.77 25.28 2.67
CA SER B 227 26.60 24.47 3.56
C SER B 227 26.05 23.07 3.77
N PHE B 228 24.77 22.87 3.47
CA PHE B 228 24.14 21.57 3.62
C PHE B 228 23.37 21.23 2.35
N TYR B 229 23.81 21.77 1.21
CA TYR B 229 23.02 21.84 -0.01
C TYR B 229 22.90 20.47 -0.68
N GLN B 230 23.91 19.63 -0.50
CA GLN B 230 23.85 18.27 -0.98
C GLN B 230 23.59 17.30 0.15
N ASP B 231 23.57 17.80 1.38
CA ASP B 231 23.51 17.00 2.59
C ASP B 231 22.08 16.51 2.69
N ASP B 232 21.87 15.23 2.36
CA ASP B 232 20.56 14.61 2.40
C ASP B 232 20.05 14.38 3.81
N GLN B 233 20.94 14.34 4.79
CA GLN B 233 20.55 14.08 6.16
C GLN B 233 19.80 15.25 6.77
N VAL B 234 20.06 16.46 6.30
CA VAL B 234 19.63 17.67 6.97
C VAL B 234 18.52 18.33 6.14
N LEU B 235 17.29 18.25 6.64
CA LEU B 235 16.16 18.97 6.07
C LEU B 235 16.16 20.41 6.56
N TYR B 236 15.88 21.34 5.65
CA TYR B 236 16.05 22.76 5.92
C TYR B 236 14.79 23.50 5.49
N VAL B 237 14.37 24.47 6.29
CA VAL B 237 13.24 25.35 6.02
C VAL B 237 13.69 26.78 6.28
N SER B 238 13.49 27.67 5.31
CA SER B 238 13.72 29.09 5.55
C SER B 238 12.54 29.91 5.04
N LEU B 239 12.21 30.96 5.78
CA LEU B 239 11.15 31.90 5.45
C LEU B 239 11.75 33.28 5.32
N HIS B 240 11.52 33.93 4.18
CA HIS B 240 12.30 35.09 3.79
C HIS B 240 11.62 35.88 2.67
N ARG B 241 11.95 37.16 2.61
CA ARG B 241 11.55 37.97 1.47
C ARG B 241 12.44 37.66 0.28
N PHE B 242 11.92 37.96 -0.91
CA PHE B 242 12.65 37.70 -2.15
C PHE B 242 13.00 38.99 -2.89
N GLU B 243 11.99 39.80 -3.25
CA GLU B 243 12.06 41.16 -3.79
C GLU B 243 12.77 41.31 -5.14
N MET B 244 13.14 40.20 -5.80
CA MET B 244 13.98 40.12 -7.01
C MET B 244 15.30 40.86 -6.79
N GLY B 245 16.07 40.30 -5.86
CA GLY B 245 17.39 40.81 -5.55
C GLY B 245 17.43 41.86 -4.45
N LYS B 246 16.35 42.58 -4.23
CA LYS B 246 16.44 43.85 -3.50
C LYS B 246 16.47 43.68 -1.98
N TYR B 247 15.79 42.67 -1.44
CA TYR B 247 15.98 42.44 -0.01
C TYR B 247 17.28 41.68 0.17
N TYR B 248 17.83 41.74 1.38
CA TYR B 248 19.10 41.06 1.50
C TYR B 248 18.84 39.61 1.91
N PRO B 249 19.52 38.60 1.35
CA PRO B 249 20.53 38.62 0.28
C PRO B 249 20.00 38.83 -1.14
N GLY B 250 18.83 38.28 -1.47
CA GLY B 250 18.25 38.49 -2.79
C GLY B 250 19.00 37.84 -3.91
N THR B 251 18.97 36.51 -3.97
CA THR B 251 19.63 35.78 -5.03
C THR B 251 18.63 34.82 -5.65
N ILE B 252 19.12 33.97 -6.55
CA ILE B 252 18.29 32.89 -7.08
C ILE B 252 18.27 31.71 -6.13
N GLN B 253 19.17 31.68 -5.14
CA GLN B 253 19.17 30.60 -4.17
C GLN B 253 18.26 30.89 -3.00
N GLY B 254 17.77 32.13 -2.90
CA GLY B 254 16.67 32.47 -2.02
C GLY B 254 15.34 32.40 -2.76
N GLN B 255 15.06 31.26 -3.37
CA GLN B 255 13.83 31.08 -4.10
C GLN B 255 13.14 29.78 -3.68
N TYR B 256 11.80 29.79 -3.74
CA TYR B 256 10.94 28.73 -3.20
C TYR B 256 11.12 27.39 -3.89
N ASP B 257 11.58 27.39 -5.15
CA ASP B 257 11.69 26.18 -5.94
C ASP B 257 13.01 25.43 -5.73
N GLN B 258 13.90 25.94 -4.88
CA GLN B 258 15.09 25.16 -4.55
C GLN B 258 14.72 24.04 -3.58
N THR B 259 14.54 22.83 -4.14
CA THR B 259 14.25 21.67 -3.32
C THR B 259 15.49 21.07 -2.67
N GLY B 260 16.67 21.48 -3.11
CA GLY B 260 17.93 20.87 -2.74
C GLY B 260 18.76 20.59 -3.97
N GLU B 261 19.82 19.81 -3.79
CA GLU B 261 20.72 19.51 -4.89
C GLU B 261 21.33 18.14 -4.67
N GLY B 262 21.44 17.37 -5.75
CA GLY B 262 22.05 16.06 -5.74
C GLY B 262 21.23 15.04 -5.00
N LYS B 263 21.81 14.45 -3.96
CA LYS B 263 21.06 13.59 -3.06
C LYS B 263 20.33 14.37 -1.98
N GLY B 264 20.69 15.63 -1.76
CA GLY B 264 20.03 16.50 -0.79
C GLY B 264 18.70 17.09 -1.20
N GLU B 265 18.09 16.61 -2.29
CA GLU B 265 16.82 17.16 -2.75
C GLU B 265 15.68 16.63 -1.88
N GLY B 266 14.69 17.48 -1.64
CA GLY B 266 13.69 17.19 -0.65
C GLY B 266 14.14 17.45 0.77
N PHE B 267 15.23 18.21 0.94
CA PHE B 267 15.74 18.55 2.26
C PHE B 267 16.03 20.04 2.34
N ASN B 268 15.31 20.81 1.55
CA ASN B 268 15.53 22.25 1.44
C ASN B 268 14.21 22.84 0.98
N CYS B 269 13.63 23.71 1.81
CA CYS B 269 12.31 24.28 1.58
C CYS B 269 12.41 25.78 1.84
N ASN B 270 12.28 26.57 0.79
CA ASN B 270 12.28 28.02 0.93
C ASN B 270 10.86 28.54 0.85
N ILE B 271 10.64 29.66 1.53
CA ILE B 271 9.36 30.37 1.55
C ILE B 271 9.70 31.81 1.22
N THR B 272 9.17 32.30 0.11
CA THR B 272 9.35 33.68 -0.30
C THR B 272 8.07 34.44 -0.06
N TRP B 273 8.17 35.58 0.60
CA TRP B 273 7.05 36.52 0.64
C TRP B 273 7.19 37.52 -0.49
N PRO B 274 6.25 37.57 -1.45
CA PRO B 274 6.37 38.55 -2.54
C PRO B 274 6.09 39.99 -2.13
N VAL B 275 5.43 40.20 -0.99
CA VAL B 275 5.24 41.52 -0.43
C VAL B 275 5.26 41.37 1.10
N GLY B 276 5.91 42.32 1.78
CA GLY B 276 6.06 42.26 3.22
C GLY B 276 4.84 42.77 3.96
N GLY B 277 5.06 43.12 5.23
CA GLY B 277 3.94 43.55 6.04
C GLY B 277 3.04 42.42 6.47
N VAL B 278 3.59 41.23 6.67
CA VAL B 278 2.77 40.09 7.01
C VAL B 278 2.58 40.09 8.52
N GLY B 279 1.54 39.38 8.96
CA GLY B 279 1.27 39.31 10.39
C GLY B 279 1.24 37.88 10.86
N ASP B 280 0.43 37.63 11.89
CA ASP B 280 0.36 36.30 12.49
C ASP B 280 -0.40 35.32 11.62
N ALA B 281 -1.26 35.86 10.77
CA ALA B 281 -2.20 35.10 9.94
C ALA B 281 -1.49 34.19 8.95
N GLU B 282 -0.49 34.73 8.26
CA GLU B 282 0.23 33.97 7.26
C GLU B 282 1.20 32.99 7.90
N TYR B 283 1.78 33.35 9.06
CA TYR B 283 2.67 32.42 9.75
C TYR B 283 1.93 31.26 10.41
N MET B 284 0.80 31.51 11.07
CA MET B 284 0.03 30.38 11.57
C MET B 284 -0.71 29.62 10.49
N TRP B 285 -0.90 30.23 9.32
CA TRP B 285 -1.32 29.48 8.15
C TRP B 285 -0.22 28.51 7.70
N ALA B 286 0.94 29.06 7.33
CA ALA B 286 2.02 28.32 6.70
C ALA B 286 2.69 27.34 7.65
N PHE B 287 2.69 27.68 8.94
CA PHE B 287 3.26 26.87 9.97
C PHE B 287 2.49 25.58 10.18
N GLU B 288 1.19 25.57 9.90
CA GLU B 288 0.43 24.34 9.86
C GLU B 288 0.27 23.78 8.45
N GLN B 289 0.68 24.52 7.42
CA GLN B 289 0.64 23.94 6.08
C GLN B 289 1.72 22.91 5.79
N VAL B 290 2.97 23.31 5.83
CA VAL B 290 4.04 22.46 5.34
C VAL B 290 4.84 21.84 6.48
N VAL B 291 4.95 22.54 7.61
CA VAL B 291 5.89 22.20 8.68
C VAL B 291 5.43 20.94 9.42
N MET B 292 4.17 20.93 9.82
CA MET B 292 3.64 19.82 10.62
C MET B 292 3.50 18.50 9.86
N PRO B 293 2.89 18.40 8.60
CA PRO B 293 2.72 17.05 8.04
C PRO B 293 3.99 16.41 7.52
N MET B 294 4.89 17.20 6.92
CA MET B 294 6.17 16.63 6.54
C MET B 294 7.09 16.50 7.74
N GLY B 295 6.88 17.29 8.79
CA GLY B 295 7.61 17.10 10.01
C GLY B 295 7.15 15.89 10.81
N ARG B 296 5.92 15.42 10.56
CA ARG B 296 5.54 14.10 11.03
C ARG B 296 5.91 12.99 10.06
N GLU B 297 5.95 13.29 8.76
CA GLU B 297 6.28 12.31 7.74
C GLU B 297 7.76 11.99 7.73
N PHE B 298 8.59 12.90 8.24
CA PHE B 298 10.03 12.80 8.19
C PHE B 298 10.61 12.35 9.52
N LYS B 299 10.15 12.97 10.64
CA LYS B 299 10.55 12.72 12.03
C LYS B 299 12.05 12.81 12.27
N PRO B 300 12.62 14.02 12.34
CA PRO B 300 14.06 14.15 12.56
C PRO B 300 14.46 13.79 13.98
N ASP B 301 15.77 13.72 14.17
CA ASP B 301 16.35 13.40 15.46
C ASP B 301 16.78 14.64 16.22
N LEU B 302 16.92 15.77 15.53
CA LEU B 302 17.25 17.04 16.15
C LEU B 302 16.69 18.14 15.27
N VAL B 303 16.31 19.25 15.89
CA VAL B 303 15.84 20.44 15.17
C VAL B 303 16.65 21.63 15.66
N ILE B 304 17.38 22.24 14.75
CA ILE B 304 18.07 23.48 15.00
C ILE B 304 17.07 24.58 14.67
N ILE B 305 16.93 25.56 15.55
CA ILE B 305 15.91 26.58 15.41
C ILE B 305 16.64 27.89 15.17
N SER B 306 16.90 28.21 13.91
CA SER B 306 17.31 29.54 13.45
C SER B 306 16.17 30.51 13.71
N SER B 307 16.35 31.33 14.73
CA SER B 307 15.32 32.26 15.16
C SER B 307 15.69 33.69 14.77
N GLY B 308 14.83 34.33 13.98
CA GLY B 308 15.03 35.74 13.73
C GLY B 308 13.76 36.57 13.75
N PHE B 309 13.69 37.53 14.66
CA PHE B 309 12.53 38.40 14.78
C PHE B 309 12.72 39.72 14.08
N ASP B 310 13.34 39.69 12.90
CA ASP B 310 13.38 40.88 12.07
C ASP B 310 12.08 41.15 11.33
N ALA B 311 11.17 40.18 11.28
CA ALA B 311 9.82 40.40 10.80
C ALA B 311 8.82 40.58 11.93
N ALA B 312 9.28 40.92 13.13
CA ALA B 312 8.37 40.99 14.26
C ALA B 312 7.57 42.28 14.23
N ASP B 313 6.48 42.30 15.00
CA ASP B 313 5.55 43.43 15.05
C ASP B 313 6.23 44.53 15.85
N GLY B 314 6.97 45.37 15.13
CA GLY B 314 7.72 46.44 15.74
C GLY B 314 9.08 46.61 15.10
N ASP B 315 9.42 45.76 14.14
CA ASP B 315 10.74 45.80 13.55
C ASP B 315 10.67 46.42 12.16
N THR B 316 11.80 46.99 11.74
CA THR B 316 11.85 48.01 10.71
C THR B 316 12.37 47.52 9.38
N ILE B 317 13.30 46.57 9.36
CA ILE B 317 13.89 46.16 8.09
C ILE B 317 13.04 45.09 7.42
N GLY B 318 12.51 44.13 8.18
CA GLY B 318 11.61 43.15 7.61
C GLY B 318 10.21 43.67 7.39
N GLN B 319 9.87 44.81 8.01
CA GLN B 319 8.70 45.65 7.74
C GLN B 319 7.37 44.96 8.03
N CYS B 320 7.36 43.95 8.90
CA CYS B 320 6.22 43.07 9.05
C CYS B 320 5.62 43.24 10.44
N HIS B 321 4.46 42.62 10.64
CA HIS B 321 3.63 42.89 11.80
C HIS B 321 3.31 41.60 12.54
N VAL B 322 4.28 40.71 12.63
CA VAL B 322 4.04 39.42 13.24
C VAL B 322 4.25 39.58 14.73
N THR B 323 3.19 39.31 15.51
CA THR B 323 3.24 39.60 16.93
C THR B 323 4.05 38.53 17.66
N PRO B 324 4.56 38.85 18.86
CA PRO B 324 5.16 37.81 19.72
C PRO B 324 4.29 36.60 20.08
N SER B 325 2.96 36.71 20.09
CA SER B 325 2.10 35.55 20.38
C SER B 325 2.13 34.53 19.24
N CYS B 326 2.34 34.99 18.01
CA CYS B 326 2.56 34.08 16.88
C CYS B 326 3.86 33.31 17.03
N TYR B 327 4.90 34.00 17.52
CA TYR B 327 6.18 33.37 17.77
C TYR B 327 6.08 32.37 18.90
N GLY B 328 5.23 32.67 19.89
CA GLY B 328 4.97 31.75 20.96
C GLY B 328 4.17 30.53 20.52
N HIS B 329 3.24 30.71 19.58
CA HIS B 329 2.47 29.56 19.11
C HIS B 329 3.31 28.67 18.20
N MET B 330 4.18 29.27 17.39
CA MET B 330 5.10 28.47 16.61
C MET B 330 6.22 27.87 17.45
N THR B 331 6.52 28.48 18.61
CA THR B 331 7.33 27.81 19.61
C THR B 331 6.59 26.61 20.19
N HIS B 332 5.29 26.76 20.41
CA HIS B 332 4.57 25.80 21.23
C HIS B 332 4.23 24.53 20.46
N MET B 333 3.90 24.66 19.19
CA MET B 333 3.40 23.49 18.48
C MET B 333 4.50 22.60 17.92
N LEU B 334 5.76 22.97 18.02
CA LEU B 334 6.84 22.10 17.57
C LEU B 334 7.46 21.26 18.66
N LYS B 335 6.88 21.22 19.85
CA LYS B 335 7.34 20.26 20.84
C LYS B 335 6.94 18.85 20.43
N SER B 336 5.75 18.71 19.85
CA SER B 336 5.21 17.42 19.48
C SER B 336 5.87 16.84 18.23
N LEU B 337 6.45 17.68 17.37
CA LEU B 337 6.84 17.24 16.04
C LEU B 337 8.12 16.42 16.07
N ALA B 338 9.10 16.84 16.86
CA ALA B 338 10.17 15.96 17.31
C ALA B 338 9.76 15.39 18.67
N ARG B 339 10.71 14.83 19.41
CA ARG B 339 10.46 14.48 20.80
C ARG B 339 10.63 15.67 21.73
N GLY B 340 11.10 16.79 21.23
CA GLY B 340 11.59 17.89 22.01
C GLY B 340 13.03 18.21 21.72
N ASN B 341 13.50 17.89 20.51
CA ASN B 341 14.91 17.86 20.17
C ASN B 341 15.30 19.19 19.54
N LEU B 342 15.26 20.21 20.38
CA LEU B 342 15.14 21.58 19.94
C LEU B 342 16.25 22.42 20.55
N CYS B 343 16.75 23.37 19.77
CA CYS B 343 17.61 24.43 20.31
C CYS B 343 17.50 25.69 19.45
N VAL B 344 17.13 26.78 20.11
CA VAL B 344 17.03 28.08 19.47
C VAL B 344 18.42 28.61 19.20
N VAL B 345 18.60 29.35 18.11
CA VAL B 345 19.80 30.13 17.92
C VAL B 345 19.41 31.52 17.40
N LEU B 346 20.03 32.55 17.99
CA LEU B 346 19.70 33.93 17.63
C LEU B 346 20.28 34.25 16.25
N GLU B 347 19.41 34.69 15.33
CA GLU B 347 19.87 35.11 14.01
C GLU B 347 19.51 36.54 13.66
N GLY B 348 18.25 36.94 13.84
CA GLY B 348 17.81 38.23 13.35
C GLY B 348 16.87 38.99 14.27
N GLY B 349 16.58 40.24 13.91
CA GLY B 349 15.90 41.16 14.79
C GLY B 349 16.76 42.36 15.14
N TYR B 350 16.46 43.49 14.48
CA TYR B 350 17.35 44.64 14.50
C TYR B 350 16.71 45.91 15.05
N ASN B 351 15.40 45.95 15.22
CA ASN B 351 14.83 46.85 16.20
C ASN B 351 15.19 46.28 17.56
N LEU B 352 15.45 47.16 18.52
CA LEU B 352 15.84 46.72 19.85
C LEU B 352 14.68 46.18 20.68
N ASP B 353 13.44 46.43 20.26
CA ASP B 353 12.28 46.20 21.10
C ASP B 353 11.39 45.08 20.61
N ALA B 354 11.33 44.85 19.30
CA ALA B 354 10.50 43.79 18.75
C ALA B 354 11.09 42.42 19.01
N ILE B 355 12.43 42.33 18.93
CA ILE B 355 13.16 41.13 19.30
C ILE B 355 13.05 40.84 20.80
N ALA B 356 12.85 41.90 21.61
CA ALA B 356 12.77 41.78 23.05
C ALA B 356 11.46 41.14 23.48
N ARG B 357 10.34 41.65 22.96
CA ARG B 357 9.04 41.07 23.27
C ARG B 357 8.84 39.72 22.61
N SER B 358 9.42 39.54 21.41
CA SER B 358 9.26 38.30 20.70
C SER B 358 10.04 37.17 21.36
N ALA B 359 11.29 37.42 21.75
CA ALA B 359 12.05 36.41 22.47
C ALA B 359 11.58 36.27 23.91
N LEU B 360 10.94 37.32 24.47
CA LEU B 360 10.26 37.22 25.75
C LEU B 360 9.07 36.27 25.67
N SER B 361 8.39 36.23 24.53
CA SER B 361 7.28 35.29 24.37
C SER B 361 7.78 33.87 24.13
N VAL B 362 8.80 33.71 23.29
CA VAL B 362 9.43 32.39 23.06
C VAL B 362 10.04 31.81 24.34
N ALA B 363 10.58 32.66 25.21
CA ALA B 363 11.15 32.23 26.49
C ALA B 363 10.07 31.71 27.44
N LYS B 364 8.97 32.44 27.57
CA LYS B 364 7.87 31.96 28.39
C LYS B 364 6.87 31.11 27.63
N VAL B 365 7.21 30.59 26.45
CA VAL B 365 6.63 29.34 26.01
C VAL B 365 7.52 28.16 26.36
N LEU B 366 8.80 28.22 25.99
CA LEU B 366 9.62 27.02 26.14
C LEU B 366 10.27 26.91 27.52
N ILE B 367 9.85 27.72 28.48
CA ILE B 367 10.08 27.40 29.89
C ILE B 367 8.85 26.67 30.44
N GLY B 368 7.90 26.33 29.55
CA GLY B 368 6.90 25.33 29.88
C GLY B 368 5.42 25.67 29.72
N GLU B 369 5.06 26.52 28.77
CA GLU B 369 3.74 27.11 28.82
C GLU B 369 3.08 27.00 27.46
N PRO B 370 1.76 27.14 27.37
CA PRO B 370 1.17 27.61 26.12
C PRO B 370 1.11 29.13 26.06
N PRO B 371 1.22 29.71 24.86
CA PRO B 371 1.21 31.16 24.73
C PRO B 371 -0.20 31.73 24.86
N ASP B 372 -0.25 33.05 24.84
CA ASP B 372 -1.54 33.73 24.69
C ASP B 372 -2.05 33.52 23.26
N GLU B 373 -3.36 33.42 23.14
CA GLU B 373 -3.99 33.13 21.87
C GLU B 373 -3.96 34.36 20.95
N LEU B 374 -4.27 34.12 19.68
CA LEU B 374 -4.15 35.15 18.67
C LEU B 374 -5.24 36.20 18.83
N PRO B 375 -4.89 37.48 18.95
CA PRO B 375 -5.90 38.51 19.23
C PRO B 375 -6.79 38.84 18.06
N ASP B 376 -6.36 38.60 16.82
CA ASP B 376 -7.32 38.54 15.72
C ASP B 376 -7.47 37.11 15.22
N PRO B 377 -8.58 36.44 15.55
CA PRO B 377 -8.78 35.07 15.05
C PRO B 377 -9.50 35.02 13.71
N LEU B 378 -10.19 36.09 13.36
CA LEU B 378 -10.70 36.28 12.01
C LEU B 378 -9.61 37.09 11.31
N SER B 379 -8.55 36.39 10.95
CA SER B 379 -7.25 36.98 10.72
C SER B 379 -7.00 37.31 9.25
N ASP B 380 -7.38 36.38 8.35
CA ASP B 380 -7.52 36.56 6.91
C ASP B 380 -6.26 37.03 6.18
N PRO B 381 -5.30 36.11 5.85
CA PRO B 381 -4.08 36.49 5.11
C PRO B 381 -4.27 37.13 3.74
N LYS B 382 -3.15 37.56 3.16
CA LYS B 382 -3.14 37.92 1.75
C LYS B 382 -3.39 36.67 0.92
N PRO B 383 -4.19 36.75 -0.15
CA PRO B 383 -4.53 35.54 -0.92
C PRO B 383 -3.37 34.97 -1.71
N GLU B 384 -2.40 35.83 -2.07
CA GLU B 384 -1.20 35.38 -2.77
C GLU B 384 -0.27 34.56 -1.88
N VAL B 385 -0.37 34.70 -0.56
CA VAL B 385 0.34 33.82 0.38
C VAL B 385 -0.12 32.38 0.22
N ILE B 386 -1.44 32.18 0.23
CA ILE B 386 -2.01 30.86 0.02
C ILE B 386 -1.83 30.38 -1.43
N GLU B 387 -1.71 31.31 -2.40
CA GLU B 387 -1.39 30.94 -3.79
C GLU B 387 0.03 30.38 -3.92
N MET B 388 1.00 31.04 -3.26
CA MET B 388 2.36 30.52 -3.26
C MET B 388 2.51 29.25 -2.43
N ILE B 389 1.71 29.09 -1.38
CA ILE B 389 1.75 27.85 -0.60
C ILE B 389 1.07 26.69 -1.32
N ASP B 390 0.11 27.00 -2.19
CA ASP B 390 -0.41 26.01 -3.12
C ASP B 390 0.67 25.60 -4.12
N LYS B 391 1.49 26.56 -4.57
CA LYS B 391 2.62 26.18 -5.40
C LYS B 391 3.76 25.53 -4.61
N VAL B 392 3.79 25.69 -3.28
CA VAL B 392 4.72 24.93 -2.44
C VAL B 392 4.31 23.47 -2.39
N ILE B 393 3.04 23.21 -2.07
CA ILE B 393 2.57 21.83 -1.93
C ILE B 393 2.15 21.25 -3.27
N ARG B 394 2.37 21.98 -4.37
CA ARG B 394 2.35 21.46 -5.74
C ARG B 394 3.34 20.31 -5.91
N LEU B 395 4.64 20.64 -5.88
CA LEU B 395 5.72 19.71 -6.24
C LEU B 395 6.15 18.80 -5.12
N GLN B 396 5.45 18.86 -3.98
CA GLN B 396 5.76 18.02 -2.85
C GLN B 396 5.39 16.57 -3.09
N SER B 397 4.38 16.34 -3.92
CA SER B 397 3.93 15.01 -4.31
C SER B 397 4.87 14.31 -5.27
N LYS B 398 5.85 15.01 -5.83
CA LYS B 398 6.87 14.31 -6.56
C LYS B 398 7.87 13.63 -5.64
N TYR B 399 7.96 14.05 -4.39
CA TYR B 399 8.77 13.38 -3.39
C TYR B 399 7.95 12.79 -2.26
N TRP B 400 7.14 13.60 -1.59
CA TRP B 400 6.61 13.27 -0.28
C TRP B 400 5.22 12.67 -0.36
N ASN B 401 4.92 11.82 0.63
CA ASN B 401 3.68 11.06 0.67
C ASN B 401 2.58 11.76 1.46
N CYS B 402 2.95 12.53 2.49
CA CYS B 402 1.99 13.25 3.33
C CYS B 402 1.27 14.37 2.60
N PHE B 403 1.85 14.92 1.54
CA PHE B 403 1.27 16.01 0.78
C PHE B 403 0.53 15.56 -0.47
N ARG B 404 0.62 14.28 -0.82
CA ARG B 404 -0.32 13.71 -1.77
C ARG B 404 -1.35 12.90 -0.98
N ARG B 405 -2.50 12.68 -1.64
CA ARG B 405 -3.71 11.91 -1.26
C ARG B 405 -4.57 12.61 -0.21
N ARG B 406 -4.04 13.64 0.42
CA ARG B 406 -4.79 14.48 1.32
C ARG B 406 -5.01 15.86 0.76
N HIS B 407 -4.10 16.33 -0.09
CA HIS B 407 -4.16 17.67 -0.62
C HIS B 407 -4.42 17.62 -2.12
N ALA B 408 -4.97 16.48 -2.57
CA ALA B 408 -5.47 16.22 -3.92
C ALA B 408 -4.37 16.34 -4.98
N ASN B 409 -3.33 15.50 -4.81
CA ASN B 409 -2.12 15.56 -5.62
C ASN B 409 -1.62 14.25 -6.16
N SER B 410 -2.22 13.10 -5.82
CA SER B 410 -1.60 11.82 -6.12
C SER B 410 -1.71 11.36 -7.56
N GLY B 411 -2.58 11.98 -8.37
CA GLY B 411 -2.67 11.57 -9.75
C GLY B 411 -1.45 11.98 -10.54
N CYS B 412 -1.06 13.23 -10.43
CA CYS B 412 0.15 13.70 -11.07
C CYS B 412 1.37 13.27 -10.28
N ASN B 413 2.52 13.41 -10.90
CA ASN B 413 3.81 13.23 -10.25
C ASN B 413 4.83 14.06 -11.02
N PHE B 414 5.46 15.00 -10.35
CA PHE B 414 6.28 15.97 -11.07
C PHE B 414 7.72 15.52 -11.23
N ASN B 415 8.03 14.28 -10.86
CA ASN B 415 9.26 13.65 -11.33
C ASN B 415 9.22 13.38 -12.82
N GLU B 416 8.03 13.22 -13.39
CA GLU B 416 7.82 13.42 -14.81
C GLU B 416 8.23 14.82 -15.20
N PRO B 417 9.21 15.00 -16.08
CA PRO B 417 9.61 16.36 -16.49
C PRO B 417 8.64 17.00 -17.48
N ILE B 418 7.84 17.92 -16.96
CA ILE B 418 6.47 18.20 -17.38
C ILE B 418 6.52 18.92 -18.73
N ASN B 419 6.27 18.18 -19.81
CA ASN B 419 6.57 18.63 -21.16
C ASN B 419 5.76 17.71 -22.07
N ASP B 420 5.83 17.96 -23.39
CA ASP B 420 5.34 17.04 -24.43
C ASP B 420 6.32 15.90 -24.75
N SER B 421 7.33 15.66 -23.91
CA SER B 421 8.21 14.50 -24.02
C SER B 421 7.49 13.23 -23.56
N ILE B 422 8.20 12.11 -23.67
CA ILE B 422 7.62 10.84 -23.22
C ILE B 422 7.88 10.58 -21.75
N ILE B 423 8.98 11.09 -21.20
CA ILE B 423 9.33 10.87 -19.80
C ILE B 423 8.39 11.65 -18.89
N SER B 424 7.87 12.77 -19.38
CA SER B 424 6.59 13.25 -18.90
C SER B 424 5.49 12.34 -19.40
N LYS B 425 4.82 11.65 -18.51
CA LYS B 425 3.50 11.13 -18.87
C LYS B 425 2.41 12.09 -18.48
N ASN B 426 2.76 13.19 -17.83
CA ASN B 426 1.84 14.30 -17.56
C ASN B 426 2.00 15.33 -18.67
N PHE B 427 0.89 15.86 -19.17
CA PHE B 427 0.94 16.73 -20.34
C PHE B 427 0.05 17.93 -20.06
N PRO B 428 0.47 19.16 -20.40
CA PRO B 428 -0.31 20.34 -20.01
C PRO B 428 -1.57 20.52 -20.86
N LEU B 429 -2.70 20.66 -20.17
CA LEU B 429 -3.96 20.57 -20.87
C LEU B 429 -4.36 21.88 -21.52
N GLN B 430 -3.69 22.98 -21.21
CA GLN B 430 -4.02 24.24 -21.89
C GLN B 430 -3.53 24.21 -23.32
N LYS B 431 -2.44 23.47 -23.56
CA LYS B 431 -2.11 23.08 -24.92
C LYS B 431 -3.11 22.10 -25.51
N ALA B 432 -3.84 21.31 -24.70
CA ALA B 432 -4.85 20.47 -25.33
C ALA B 432 -6.10 21.24 -25.68
N ILE B 433 -6.46 22.22 -24.85
CA ILE B 433 -7.50 23.20 -25.15
C ILE B 433 -7.13 23.98 -26.40
N ARG B 434 -5.87 24.41 -26.48
CA ARG B 434 -5.51 25.29 -27.57
C ARG B 434 -5.16 24.53 -28.84
N GLN B 435 -4.65 23.29 -28.73
CA GLN B 435 -4.61 22.39 -29.87
C GLN B 435 -5.99 21.95 -30.31
N GLN B 436 -6.94 21.79 -29.38
CA GLN B 436 -8.28 21.39 -29.78
C GLN B 436 -8.99 22.55 -30.42
N GLN B 437 -8.84 23.74 -29.85
CA GLN B 437 -9.54 24.89 -30.35
C GLN B 437 -8.82 25.44 -31.56
N GLN B 438 -7.52 25.14 -31.69
CA GLN B 438 -6.77 25.39 -32.89
C GLN B 438 -7.22 24.51 -34.03
N HIS B 439 -7.28 23.18 -33.81
CA HIS B 439 -7.79 22.23 -34.79
C HIS B 439 -9.27 22.46 -35.04
N TYR B 440 -10.00 22.84 -34.00
CA TYR B 440 -11.45 23.00 -34.02
C TYR B 440 -11.84 24.26 -34.77
N LEU B 441 -11.21 25.38 -34.47
CA LEU B 441 -11.53 26.59 -35.19
C LEU B 441 -10.81 26.68 -36.53
N SER B 442 -9.85 25.80 -36.81
CA SER B 442 -9.39 25.75 -38.20
C SER B 442 -10.27 24.87 -39.06
N ASP B 443 -10.82 23.77 -38.54
CA ASP B 443 -11.77 23.04 -39.39
C ASP B 443 -13.16 23.67 -39.37
N GLU B 444 -13.44 24.51 -38.38
CA GLU B 444 -14.64 25.32 -38.41
C GLU B 444 -14.46 26.55 -39.30
N PHE B 445 -13.51 27.46 -38.97
CA PHE B 445 -13.52 28.74 -39.66
C PHE B 445 -12.13 29.18 -40.15
N ASN B 446 -11.18 28.25 -40.29
CA ASN B 446 -9.81 28.43 -40.82
C ASN B 446 -9.01 29.47 -40.02
N PHE B 447 -8.85 29.17 -38.72
CA PHE B 447 -8.33 30.13 -37.76
C PHE B 447 -6.83 29.94 -37.60
N VAL B 448 -6.09 31.05 -37.43
CA VAL B 448 -4.63 31.02 -37.43
C VAL B 448 -4.11 31.37 -36.03
N THR B 449 -2.79 31.31 -35.88
CA THR B 449 -2.10 31.63 -34.64
C THR B 449 -1.35 32.95 -34.76
N LEU B 450 -0.86 33.42 -33.62
CA LEU B 450 0.29 34.31 -33.73
C LEU B 450 1.51 33.59 -33.19
N PRO B 451 2.70 34.12 -33.47
CA PRO B 451 3.81 33.85 -32.58
C PRO B 451 3.97 34.97 -31.56
N LEU B 452 4.41 34.55 -30.39
CA LEU B 452 5.09 35.38 -29.40
C LEU B 452 6.61 35.35 -29.55
N VAL B 453 7.05 35.54 -30.78
CA VAL B 453 8.47 35.66 -31.07
C VAL B 453 8.98 36.98 -30.52
N SER B 454 10.12 36.90 -29.81
CA SER B 454 10.56 37.80 -28.73
C SER B 454 9.48 37.95 -27.65
N MET B 455 9.11 36.80 -27.07
CA MET B 455 8.45 36.71 -25.76
C MET B 455 8.72 35.30 -25.24
N ASP B 456 9.07 35.19 -23.96
CA ASP B 456 9.61 33.95 -23.39
C ASP B 456 8.42 33.07 -23.01
N LEU B 457 7.80 32.47 -24.02
CA LEU B 457 6.70 31.53 -23.86
C LEU B 457 6.85 30.49 -24.95
N PRO B 458 6.03 29.42 -24.96
CA PRO B 458 5.93 28.60 -26.18
C PRO B 458 4.90 29.15 -27.17
N ASP B 459 5.11 28.76 -28.43
CA ASP B 459 4.55 29.44 -29.61
C ASP B 459 3.05 29.33 -29.69
N ASN B 460 2.52 28.11 -29.76
CA ASN B 460 1.08 27.89 -29.83
C ASN B 460 0.43 28.12 -28.46
N THR B 461 0.26 29.39 -28.13
CA THR B 461 -0.34 29.84 -26.88
C THR B 461 -1.44 30.84 -27.25
N VAL B 462 -1.18 31.64 -28.28
CA VAL B 462 -2.03 32.78 -28.61
C VAL B 462 -2.41 32.68 -30.09
N LEU B 463 -3.65 33.04 -30.42
CA LEU B 463 -4.19 32.90 -31.77
C LEU B 463 -4.78 34.24 -32.21
N CYS B 464 -5.17 34.32 -33.48
CA CYS B 464 -5.79 35.52 -34.07
C CYS B 464 -6.50 35.13 -35.36
N THR B 465 -7.17 36.15 -36.00
CA THR B 465 -7.84 35.79 -37.25
C THR B 465 -6.84 35.85 -38.40
N PRO B 466 -7.05 35.08 -39.48
CA PRO B 466 -6.31 35.33 -40.71
C PRO B 466 -6.62 36.70 -41.30
N ASN B 467 -5.54 37.42 -41.63
CA ASN B 467 -5.50 38.80 -42.13
C ASN B 467 -6.16 39.75 -41.13
N ILE B 468 -5.47 39.88 -39.99
CA ILE B 468 -5.78 40.88 -38.96
C ILE B 468 -5.43 42.30 -39.43
N SER B 469 -4.56 42.42 -40.44
CA SER B 469 -4.13 43.72 -40.98
C SER B 469 -5.26 44.47 -41.67
N GLU B 470 -5.99 43.80 -42.57
CA GLU B 470 -7.16 44.42 -43.17
C GLU B 470 -8.44 44.20 -42.37
N SER B 471 -8.35 43.59 -41.18
CA SER B 471 -9.50 43.55 -40.29
C SER B 471 -9.74 44.93 -39.70
N ASN B 472 -10.67 45.68 -40.31
CA ASN B 472 -10.82 47.10 -40.03
C ASN B 472 -11.48 47.39 -38.69
N THR B 473 -12.13 46.39 -38.08
CA THR B 473 -12.75 46.55 -36.77
C THR B 473 -12.39 45.32 -35.96
N ILE B 474 -11.79 45.52 -34.80
CA ILE B 474 -11.10 44.44 -34.10
C ILE B 474 -11.77 44.22 -32.75
N ILE B 475 -12.35 43.07 -32.56
CA ILE B 475 -12.68 42.64 -31.21
C ILE B 475 -11.45 41.99 -30.62
N ILE B 476 -11.16 42.24 -29.35
CA ILE B 476 -10.07 41.55 -28.69
C ILE B 476 -10.68 40.81 -27.51
N VAL B 477 -10.92 39.52 -27.69
CA VAL B 477 -11.47 38.68 -26.65
C VAL B 477 -10.31 38.12 -25.86
N VAL B 478 -10.20 38.54 -24.61
CA VAL B 478 -9.05 38.24 -23.77
C VAL B 478 -9.51 37.25 -22.73
N HIS B 479 -8.82 36.13 -22.63
CA HIS B 479 -9.35 35.05 -21.82
C HIS B 479 -8.26 34.32 -21.07
N ASP B 480 -8.63 33.89 -19.87
CA ASP B 480 -7.87 33.02 -18.99
C ASP B 480 -8.41 31.60 -19.29
N THR B 481 -7.89 30.57 -18.64
CA THR B 481 -8.39 29.21 -18.79
C THR B 481 -9.81 29.10 -18.25
N SER B 482 -10.65 28.34 -18.95
CA SER B 482 -12.08 28.41 -18.76
C SER B 482 -12.51 27.58 -17.55
N ASP B 483 -13.82 27.37 -17.42
CA ASP B 483 -14.40 26.96 -16.15
C ASP B 483 -15.29 25.74 -16.33
N ILE B 484 -14.95 24.69 -15.61
CA ILE B 484 -15.56 23.37 -15.68
C ILE B 484 -16.18 23.08 -14.32
N TRP B 485 -17.15 22.18 -14.30
CA TRP B 485 -17.96 21.95 -13.10
C TRP B 485 -18.16 20.47 -12.94
N ALA B 486 -17.67 19.90 -11.85
CA ALA B 486 -17.80 18.46 -11.66
C ALA B 486 -17.92 18.17 -10.18
N LYS B 487 -18.12 16.88 -9.87
CA LYS B 487 -17.89 16.38 -8.53
C LYS B 487 -16.39 16.40 -8.23
N ARG B 488 -16.07 16.44 -6.95
CA ARG B 488 -14.70 16.74 -6.55
C ARG B 488 -14.10 15.45 -6.01
N ASN B 489 -13.41 14.72 -6.88
CA ASN B 489 -12.61 13.56 -6.53
C ASN B 489 -11.42 14.11 -5.78
N VAL B 490 -11.54 14.20 -4.45
CA VAL B 490 -10.62 15.01 -3.69
C VAL B 490 -9.57 14.15 -2.99
N ILE B 491 -9.51 12.86 -3.31
CA ILE B 491 -8.32 12.09 -2.95
C ILE B 491 -7.14 12.53 -3.80
N SER B 492 -7.32 12.49 -5.11
CA SER B 492 -6.22 12.45 -6.05
C SER B 492 -5.89 13.79 -6.67
N GLY B 493 -6.87 14.67 -6.82
CA GLY B 493 -6.74 15.79 -7.72
C GLY B 493 -7.04 15.47 -9.15
N THR B 494 -7.35 14.21 -9.46
CA THR B 494 -7.96 13.94 -10.74
C THR B 494 -9.44 14.18 -10.65
N ILE B 495 -10.09 14.20 -11.80
CA ILE B 495 -11.52 14.49 -11.85
C ILE B 495 -12.24 13.34 -12.52
N ASP B 496 -13.57 13.41 -12.50
CA ASP B 496 -14.43 12.58 -13.33
C ASP B 496 -14.72 13.38 -14.59
N LEU B 497 -14.35 12.85 -15.75
CA LEU B 497 -14.59 13.57 -17.00
C LEU B 497 -16.05 13.50 -17.42
N SER B 498 -16.80 12.52 -16.94
CA SER B 498 -18.20 12.39 -17.31
C SER B 498 -19.08 13.41 -16.60
N SER B 499 -18.73 13.79 -15.37
CA SER B 499 -19.51 14.75 -14.61
C SER B 499 -19.08 16.19 -14.87
N SER B 500 -18.19 16.42 -15.83
CA SER B 500 -17.51 17.70 -15.97
C SER B 500 -17.99 18.42 -17.21
N VAL B 501 -18.55 19.61 -17.02
CA VAL B 501 -19.10 20.40 -18.12
C VAL B 501 -18.26 21.64 -18.29
N ILE B 502 -17.45 21.66 -19.34
CA ILE B 502 -16.67 22.83 -19.69
C ILE B 502 -17.47 23.73 -20.62
N ILE B 503 -17.55 24.97 -20.25
CA ILE B 503 -18.04 26.02 -21.14
C ILE B 503 -16.83 26.71 -21.78
N ASP B 504 -16.93 26.96 -23.07
CA ASP B 504 -16.02 27.88 -23.74
C ASP B 504 -16.91 29.08 -24.01
N ASN B 505 -17.04 29.92 -22.97
CA ASN B 505 -17.94 31.05 -23.00
C ASN B 505 -17.47 32.15 -23.95
N SER B 506 -16.15 32.26 -24.12
CA SER B 506 -15.57 33.25 -25.02
C SER B 506 -15.85 32.93 -26.48
N LEU B 507 -16.02 31.62 -26.79
CA LEU B 507 -16.28 31.18 -28.16
C LEU B 507 -17.62 31.67 -28.68
N ASP B 508 -18.58 31.89 -27.78
CA ASP B 508 -19.85 32.49 -28.14
C ASP B 508 -19.69 33.93 -28.57
N PHE B 509 -18.74 34.66 -27.96
CA PHE B 509 -18.40 35.99 -28.43
C PHE B 509 -17.65 35.93 -29.74
N ILE B 510 -16.83 34.88 -29.94
CA ILE B 510 -16.15 34.68 -31.22
C ILE B 510 -17.14 34.46 -32.35
N LYS B 511 -18.09 33.53 -32.17
CA LYS B 511 -19.10 33.29 -33.20
C LYS B 511 -20.08 34.44 -33.33
N TRP B 512 -20.27 35.23 -32.26
CA TRP B 512 -21.09 36.42 -32.36
C TRP B 512 -20.36 37.48 -33.19
N GLY B 513 -19.05 37.56 -33.04
CA GLY B 513 -18.23 38.38 -33.91
C GLY B 513 -18.18 37.89 -35.35
N LEU B 514 -18.40 36.59 -35.56
CA LEU B 514 -18.65 36.13 -36.92
C LEU B 514 -20.05 36.44 -37.41
N ASP B 515 -21.00 36.78 -36.53
CA ASP B 515 -22.15 37.51 -37.04
C ASP B 515 -21.86 38.99 -37.26
N ARG B 516 -20.73 39.51 -36.77
CA ARG B 516 -20.35 40.87 -37.14
C ARG B 516 -19.29 40.90 -38.23
N LYS B 517 -18.66 39.74 -38.53
CA LYS B 517 -17.62 39.55 -39.56
C LYS B 517 -16.41 40.46 -39.34
N TYR B 518 -15.99 40.59 -38.07
CA TYR B 518 -14.95 41.51 -37.65
C TYR B 518 -13.76 40.77 -37.04
N GLY B 519 -12.66 41.52 -36.83
CA GLY B 519 -11.39 40.92 -36.51
C GLY B 519 -11.24 40.51 -35.06
N ILE B 520 -10.45 39.46 -34.86
CA ILE B 520 -10.27 38.87 -33.53
C ILE B 520 -8.80 38.49 -33.35
N ILE B 521 -8.25 38.85 -32.21
CA ILE B 521 -7.00 38.28 -31.74
C ILE B 521 -7.35 37.49 -30.50
N ASP B 522 -7.34 36.18 -30.63
CA ASP B 522 -7.66 35.24 -29.56
C ASP B 522 -6.48 35.22 -28.59
N VAL B 523 -6.47 36.15 -27.64
CA VAL B 523 -5.42 36.21 -26.63
C VAL B 523 -5.78 35.39 -25.40
N ASN B 524 -4.81 34.59 -24.98
CA ASN B 524 -4.98 33.56 -23.99
C ASN B 524 -3.96 33.85 -22.91
N ILE B 525 -4.38 33.63 -21.68
CA ILE B 525 -3.46 33.68 -20.54
C ILE B 525 -3.54 32.29 -19.93
N PRO B 526 -2.59 31.43 -20.20
CA PRO B 526 -2.31 30.36 -19.26
C PRO B 526 -1.70 31.03 -18.04
N LEU B 527 -2.12 30.62 -16.84
CA LEU B 527 -1.59 31.25 -15.63
C LEU B 527 -0.18 30.75 -15.39
N THR B 528 0.76 31.47 -16.03
CA THR B 528 2.24 31.46 -16.02
C THR B 528 2.87 30.25 -16.69
N LEU B 529 2.08 29.22 -17.01
CA LEU B 529 2.42 27.89 -17.56
C LEU B 529 3.31 27.00 -16.70
N PHE B 530 3.77 27.50 -15.53
CA PHE B 530 4.55 26.94 -14.44
C PHE B 530 6.03 26.64 -14.83
N GLU B 531 6.38 26.67 -16.11
CA GLU B 531 7.67 26.23 -16.61
C GLU B 531 8.85 27.20 -16.38
N PRO B 532 8.77 28.54 -16.58
CA PRO B 532 9.89 29.37 -16.11
C PRO B 532 9.90 29.55 -14.60
N ASP B 533 8.74 29.44 -13.94
CA ASP B 533 8.46 29.14 -12.54
C ASP B 533 8.72 30.36 -11.61
N ASN B 534 9.39 31.41 -12.07
CA ASN B 534 9.60 32.64 -11.33
C ASN B 534 8.56 33.69 -11.69
N TYR B 535 7.41 33.25 -12.16
CA TYR B 535 6.69 33.93 -13.22
C TYR B 535 5.39 34.51 -12.69
N SER B 536 5.03 35.69 -13.18
CA SER B 536 3.72 36.29 -12.95
C SER B 536 3.17 36.70 -14.31
N GLY B 537 2.08 36.06 -14.71
CA GLY B 537 1.48 36.28 -16.01
C GLY B 537 0.77 37.59 -16.19
N MET B 538 0.48 38.27 -15.06
CA MET B 538 0.07 39.67 -15.00
C MET B 538 0.97 40.57 -15.83
N ILE B 539 2.22 40.66 -15.41
CA ILE B 539 3.15 41.66 -15.91
C ILE B 539 3.66 41.28 -17.30
N THR B 540 3.83 39.97 -17.52
CA THR B 540 4.23 39.50 -18.83
C THR B 540 3.09 39.56 -19.83
N SER B 541 1.84 39.45 -19.37
CA SER B 541 0.71 39.69 -20.24
C SER B 541 0.58 41.16 -20.58
N GLN B 542 0.97 42.04 -19.66
CA GLN B 542 1.10 43.45 -20.01
C GLN B 542 2.21 43.70 -21.01
N GLU B 543 3.29 42.91 -20.95
CA GLU B 543 4.35 42.99 -21.96
C GLU B 543 3.86 42.53 -23.32
N VAL B 544 2.98 41.53 -23.33
CA VAL B 544 2.27 41.15 -24.55
C VAL B 544 1.38 42.28 -25.03
N LEU B 545 0.77 43.03 -24.11
CA LEU B 545 -0.11 44.15 -24.50
C LEU B 545 0.66 45.32 -25.08
N ILE B 546 1.80 45.66 -24.46
CA ILE B 546 2.81 46.57 -25.03
C ILE B 546 3.28 46.07 -26.39
N TYR B 547 3.51 44.76 -26.52
CA TYR B 547 4.07 44.16 -27.72
C TYR B 547 3.08 44.23 -28.88
N LEU B 548 1.80 43.99 -28.58
CA LEU B 548 0.76 44.09 -29.60
C LEU B 548 0.48 45.54 -29.99
N TRP B 549 0.23 46.42 -29.01
CA TRP B 549 -0.14 47.80 -29.31
C TRP B 549 1.01 48.59 -29.93
N ASP B 550 2.17 48.57 -29.29
CA ASP B 550 3.31 49.33 -29.77
C ASP B 550 4.13 48.58 -30.80
N ASN B 551 3.73 47.37 -31.19
CA ASN B 551 4.40 46.75 -32.32
C ASN B 551 3.48 46.49 -33.50
N TYR B 552 2.18 46.29 -33.28
CA TYR B 552 1.35 45.90 -34.41
C TYR B 552 0.15 46.81 -34.66
N ILE B 553 -0.62 47.13 -33.59
CA ILE B 553 -2.04 47.46 -33.73
C ILE B 553 -2.24 48.85 -34.35
N LYS B 554 -1.44 49.83 -33.95
CA LYS B 554 -1.60 51.20 -34.43
C LYS B 554 -1.19 51.38 -35.90
N TYR B 555 -0.37 50.47 -36.41
CA TYR B 555 0.38 50.65 -37.63
C TYR B 555 -0.30 49.99 -38.81
N PHE B 556 -1.55 49.57 -38.64
CA PHE B 556 -2.58 48.89 -39.40
C PHE B 556 -3.28 49.90 -40.32
N PRO B 557 -3.57 49.51 -41.57
CA PRO B 557 -3.98 50.52 -42.57
C PRO B 557 -5.39 51.05 -42.39
N SER B 558 -6.38 50.19 -42.14
CA SER B 558 -7.76 50.62 -42.03
C SER B 558 -8.26 50.52 -40.60
N VAL B 559 -7.42 50.87 -39.63
CA VAL B 559 -7.69 50.55 -38.23
C VAL B 559 -8.75 51.50 -37.65
N ALA B 560 -9.70 50.91 -36.91
CA ALA B 560 -10.91 51.56 -36.41
C ALA B 560 -11.57 50.68 -35.36
N LYS B 561 -12.23 51.34 -34.40
CA LYS B 561 -13.46 50.85 -33.76
C LYS B 561 -13.22 49.62 -32.88
N ILE B 562 -12.13 49.63 -32.12
CA ILE B 562 -11.52 48.39 -31.63
C ILE B 562 -12.21 47.98 -30.34
N ALA B 563 -12.76 46.76 -30.32
CA ALA B 563 -13.43 46.24 -29.14
C ALA B 563 -12.48 45.35 -28.34
N PHE B 564 -12.76 45.24 -27.04
CA PHE B 564 -11.83 44.63 -26.09
C PHE B 564 -12.63 43.83 -25.07
N ILE B 565 -12.69 42.51 -25.22
CA ILE B 565 -13.40 41.74 -24.21
C ILE B 565 -12.43 41.01 -23.30
N GLY B 566 -12.12 41.59 -22.16
CA GLY B 566 -11.38 40.86 -21.13
C GLY B 566 -12.32 40.11 -20.23
N ILE B 567 -11.86 38.97 -19.71
CA ILE B 567 -12.71 38.08 -18.93
C ILE B 567 -12.06 37.92 -17.56
N GLY B 568 -12.61 38.58 -16.55
CA GLY B 568 -12.18 38.39 -15.17
C GLY B 568 -10.82 39.00 -14.91
N ASP B 569 -9.90 38.13 -14.44
CA ASP B 569 -8.51 38.54 -14.20
C ASP B 569 -7.77 38.85 -15.49
N SER B 570 -8.21 38.25 -16.61
CA SER B 570 -7.76 38.60 -17.95
C SER B 570 -8.41 39.87 -18.50
N TYR B 571 -8.99 40.73 -17.66
CA TYR B 571 -9.26 42.11 -17.99
C TYR B 571 -8.27 43.07 -17.31
N SER B 572 -7.41 42.53 -16.41
CA SER B 572 -6.56 43.33 -15.53
C SER B 572 -5.49 44.12 -16.30
N GLY B 573 -4.86 43.49 -17.29
CA GLY B 573 -3.90 44.16 -18.14
C GLY B 573 -4.51 45.17 -19.09
N ILE B 574 -5.83 45.08 -19.34
CA ILE B 574 -6.53 46.14 -20.05
C ILE B 574 -6.65 47.38 -19.15
N VAL B 575 -6.63 47.18 -17.83
CA VAL B 575 -6.40 48.26 -16.87
C VAL B 575 -5.00 48.86 -17.05
N HIS B 576 -4.02 48.04 -17.45
CA HIS B 576 -2.67 48.51 -17.74
C HIS B 576 -2.59 49.31 -19.03
N LEU B 577 -2.92 48.65 -20.16
CA LEU B 577 -2.52 49.13 -21.50
C LEU B 577 -3.31 50.35 -21.92
N LEU B 578 -4.63 50.33 -21.65
CA LEU B 578 -5.47 51.51 -21.82
C LEU B 578 -5.04 52.61 -20.87
N GLY B 579 -4.59 52.24 -19.66
CA GLY B 579 -3.97 53.20 -18.77
C GLY B 579 -2.64 53.70 -19.30
N HIS B 580 -1.88 52.84 -19.98
CA HIS B 580 -0.53 53.22 -20.37
C HIS B 580 -0.42 53.74 -21.79
N ARG B 581 -1.35 53.42 -22.67
CA ARG B 581 -1.32 53.90 -24.05
C ARG B 581 -2.63 54.55 -24.40
N ASP B 582 -2.57 55.57 -25.28
CA ASP B 582 -3.77 56.27 -25.73
C ASP B 582 -4.38 55.52 -26.90
N THR B 583 -5.56 54.95 -26.67
CA THR B 583 -6.27 54.20 -27.69
C THR B 583 -7.63 54.79 -28.01
N ARG B 584 -7.91 56.02 -27.58
CA ARG B 584 -9.31 56.42 -27.39
C ARG B 584 -10.01 56.79 -28.68
N ALA B 585 -9.24 57.16 -29.71
CA ALA B 585 -9.86 57.43 -31.01
C ALA B 585 -10.18 56.16 -31.78
N VAL B 586 -9.46 55.07 -31.50
CA VAL B 586 -9.62 53.84 -32.27
C VAL B 586 -10.40 52.79 -31.48
N THR B 587 -10.65 53.02 -30.20
CA THR B 587 -11.51 52.14 -29.41
C THR B 587 -12.95 52.60 -29.44
N LYS B 588 -13.85 51.72 -29.88
CA LYS B 588 -15.26 51.99 -29.61
C LYS B 588 -15.67 51.56 -28.21
N THR B 589 -15.26 50.37 -27.77
CA THR B 589 -15.68 49.88 -26.47
C THR B 589 -14.68 48.88 -25.90
N VAL B 590 -14.90 48.55 -24.62
CA VAL B 590 -14.05 47.65 -23.85
C VAL B 590 -14.85 46.85 -22.80
N ILE B 591 -14.99 45.54 -23.00
CA ILE B 591 -16.01 44.74 -22.32
C ILE B 591 -15.40 43.91 -21.21
N ASN B 592 -16.10 43.77 -20.07
CA ASN B 592 -15.59 42.89 -19.04
C ASN B 592 -16.70 42.03 -18.45
N PHE B 593 -16.42 40.73 -18.34
CA PHE B 593 -17.13 39.81 -17.44
C PHE B 593 -16.19 39.49 -16.29
N LEU B 594 -16.33 40.23 -15.20
CA LEU B 594 -15.48 40.02 -14.04
C LEU B 594 -15.89 38.77 -13.28
N GLY B 595 -17.16 38.66 -12.93
CA GLY B 595 -17.61 37.57 -12.10
C GLY B 595 -17.24 37.83 -10.67
N ASP B 596 -16.61 36.84 -10.03
CA ASP B 596 -16.22 36.95 -8.63
C ASP B 596 -14.74 37.26 -8.44
N LYS B 597 -14.07 37.75 -9.47
CA LYS B 597 -12.67 38.15 -9.31
C LYS B 597 -12.59 39.50 -8.62
N GLN B 598 -11.36 39.86 -8.21
CA GLN B 598 -11.12 41.10 -7.51
C GLN B 598 -11.11 42.30 -8.47
N LEU B 599 -11.02 43.49 -7.89
CA LEU B 599 -10.92 44.70 -8.69
C LEU B 599 -9.46 44.97 -9.05
N LYS B 600 -9.26 45.66 -10.17
CA LYS B 600 -7.91 45.79 -10.69
C LYS B 600 -7.42 47.22 -10.62
N PRO B 601 -6.21 47.46 -10.10
CA PRO B 601 -5.79 48.82 -9.72
C PRO B 601 -5.43 49.71 -10.90
N LEU B 602 -6.16 50.83 -11.02
CA LEU B 602 -6.11 51.69 -12.20
C LEU B 602 -4.79 52.44 -12.30
N VAL B 603 -4.11 52.25 -13.42
CA VAL B 603 -2.78 52.80 -13.64
C VAL B 603 -2.71 53.70 -14.88
N PRO B 604 -3.20 54.95 -14.81
CA PRO B 604 -3.23 55.78 -16.02
C PRO B 604 -1.87 56.44 -16.27
N LEU B 605 -1.56 56.64 -17.56
CA LEU B 605 -0.30 57.28 -17.95
C LEU B 605 -0.43 58.42 -18.95
N VAL B 606 -1.46 58.45 -19.79
CA VAL B 606 -1.48 59.35 -20.94
C VAL B 606 -2.38 60.58 -20.74
N ASP B 607 -3.58 60.42 -20.14
CA ASP B 607 -4.48 61.51 -19.78
C ASP B 607 -5.46 61.03 -18.73
N GLU B 608 -6.11 61.98 -18.06
CA GLU B 608 -7.04 61.64 -16.99
C GLU B 608 -8.49 61.57 -17.46
N THR B 609 -8.74 61.71 -18.75
CA THR B 609 -10.04 61.35 -19.31
C THR B 609 -10.08 59.89 -19.75
N LEU B 610 -9.08 59.10 -19.37
CA LEU B 610 -9.09 57.66 -19.61
C LEU B 610 -10.20 57.00 -18.81
N SER B 611 -10.39 57.43 -17.56
CA SER B 611 -11.41 56.84 -16.69
C SER B 611 -12.81 57.21 -17.15
N GLU B 612 -12.98 58.38 -17.75
CA GLU B 612 -14.30 58.81 -18.18
C GLU B 612 -14.63 58.27 -19.56
N TRP B 613 -13.63 58.22 -20.44
CA TRP B 613 -13.76 57.56 -21.75
C TRP B 613 -13.99 56.07 -21.57
N TYR B 614 -13.29 55.47 -20.61
CA TYR B 614 -13.46 54.06 -20.28
C TYR B 614 -14.77 53.84 -19.54
N PHE B 615 -15.25 54.85 -18.82
CA PHE B 615 -16.56 54.80 -18.18
C PHE B 615 -17.67 54.84 -19.22
N LYS B 616 -17.41 55.54 -20.34
CA LYS B 616 -18.30 55.46 -21.49
C LYS B 616 -18.19 54.10 -22.17
N ASN B 617 -16.98 53.59 -22.33
CA ASN B 617 -16.75 52.47 -23.23
C ASN B 617 -16.89 51.10 -22.57
N SER B 618 -17.39 51.01 -21.34
CA SER B 618 -17.38 49.72 -20.67
C SER B 618 -18.76 49.27 -20.23
N LEU B 619 -19.08 48.02 -20.55
CA LEU B 619 -20.06 47.25 -19.83
C LEU B 619 -19.31 46.16 -19.08
N ILE B 620 -19.43 46.17 -17.76
CA ILE B 620 -18.73 45.26 -16.87
C ILE B 620 -19.81 44.53 -16.09
N PHE B 621 -19.76 43.21 -16.08
CA PHE B 621 -20.75 42.42 -15.35
C PHE B 621 -20.06 41.49 -14.36
N SER B 622 -20.60 41.43 -13.15
CA SER B 622 -20.00 40.67 -12.06
C SER B 622 -21.05 39.78 -11.41
N ASN B 623 -20.56 38.80 -10.65
CA ASN B 623 -21.36 37.69 -10.15
C ASN B 623 -22.23 38.14 -8.97
N ASN B 624 -23.11 37.24 -8.53
CA ASN B 624 -24.09 37.57 -7.50
C ASN B 624 -23.61 37.19 -6.11
N SER B 625 -22.92 36.05 -5.99
CA SER B 625 -22.24 35.66 -4.76
C SER B 625 -20.88 36.33 -4.61
N HIS B 626 -20.43 37.04 -5.66
CA HIS B 626 -19.39 38.06 -5.56
C HIS B 626 -19.78 39.15 -4.56
N GLN B 627 -21.07 39.53 -4.59
CA GLN B 627 -21.71 40.62 -3.84
C GLN B 627 -21.09 41.98 -4.17
N CYS B 628 -20.62 42.14 -5.39
CA CYS B 628 -20.09 43.41 -5.90
C CYS B 628 -20.55 43.63 -7.34
N LYS B 639 -16.06 55.56 -8.80
CA LYS B 639 -16.65 55.81 -10.11
C LYS B 639 -15.63 55.35 -11.16
N LYS B 640 -14.37 55.28 -10.77
CA LYS B 640 -13.26 55.20 -11.71
C LYS B 640 -13.05 53.82 -12.32
N PHE B 641 -13.89 52.82 -12.02
CA PHE B 641 -13.76 51.49 -12.58
C PHE B 641 -14.89 51.14 -13.55
N GLY B 642 -15.60 52.14 -14.06
CA GLY B 642 -16.33 52.05 -15.32
C GLY B 642 -17.51 51.11 -15.47
N ARG B 643 -18.60 51.39 -14.74
CA ARG B 643 -19.93 50.76 -14.84
C ARG B 643 -19.87 49.26 -14.57
N VAL B 644 -19.49 48.94 -13.34
CA VAL B 644 -19.48 47.58 -12.82
C VAL B 644 -20.88 47.18 -12.39
N LEU B 645 -21.59 46.47 -13.25
CA LEU B 645 -22.94 45.99 -12.97
C LEU B 645 -22.87 44.60 -12.36
N ARG B 646 -23.20 44.49 -11.07
CA ARG B 646 -23.59 43.22 -10.50
C ARG B 646 -24.86 42.71 -11.18
N CYS B 647 -24.84 41.44 -11.55
CA CYS B 647 -26.00 40.84 -12.19
C CYS B 647 -26.65 39.82 -11.25
N ASP B 648 -27.68 39.16 -11.78
CA ASP B 648 -28.69 38.51 -10.97
C ASP B 648 -28.64 37.00 -11.07
N THR B 649 -28.67 36.45 -12.29
CA THR B 649 -29.02 35.05 -12.52
C THR B 649 -27.92 34.06 -12.15
N ASP B 650 -26.70 34.51 -11.89
CA ASP B 650 -25.70 33.67 -11.24
C ASP B 650 -24.81 34.54 -10.39
N LEU B 652 -21.31 32.32 -13.18
CA LEU B 652 -21.14 33.46 -14.08
C LEU B 652 -21.91 33.26 -15.39
N ASN B 653 -22.06 32.02 -15.85
CA ASN B 653 -22.53 31.76 -17.20
C ASN B 653 -24.03 32.01 -17.39
N ASN B 654 -24.81 32.04 -16.30
CA ASN B 654 -26.15 32.57 -16.40
C ASN B 654 -26.15 34.07 -16.61
N ILE B 655 -25.17 34.81 -16.07
CA ILE B 655 -25.14 36.23 -16.39
C ILE B 655 -24.43 36.46 -17.71
N ILE B 656 -23.72 35.47 -18.25
CA ILE B 656 -23.26 35.57 -19.64
C ILE B 656 -24.43 35.41 -20.61
N GLU B 657 -25.32 34.44 -20.36
CA GLU B 657 -26.52 34.40 -21.21
C GLU B 657 -27.55 35.47 -20.85
N GLU B 658 -27.43 36.12 -19.70
CA GLU B 658 -28.30 37.23 -19.33
C GLU B 658 -27.77 38.57 -19.84
N ARG B 659 -26.45 38.72 -19.94
CA ARG B 659 -25.82 39.99 -20.20
C ARG B 659 -25.05 39.99 -21.51
N PHE B 660 -25.06 38.88 -22.26
CA PHE B 660 -24.46 38.82 -23.58
C PHE B 660 -25.24 39.70 -24.52
N GLU B 661 -26.57 39.63 -24.43
CA GLU B 661 -27.48 40.48 -25.19
C GLU B 661 -27.30 41.95 -24.82
N GLU B 662 -27.03 42.22 -23.53
CA GLU B 662 -26.75 43.56 -23.03
C GLU B 662 -25.47 44.13 -23.62
N ALA B 663 -24.42 43.31 -23.66
CA ALA B 663 -23.13 43.72 -24.19
C ALA B 663 -23.18 43.92 -25.70
N THR B 664 -23.84 42.99 -26.44
CA THR B 664 -23.87 43.16 -27.88
C THR B 664 -24.87 44.23 -28.29
N ASP B 665 -25.85 44.55 -27.44
CA ASP B 665 -26.78 45.61 -27.75
C ASP B 665 -26.14 46.97 -27.52
N PHE B 666 -25.26 47.06 -26.50
CA PHE B 666 -24.43 48.25 -26.33
C PHE B 666 -23.45 48.43 -27.48
N ILE B 667 -22.94 47.33 -28.02
CA ILE B 667 -22.01 47.43 -29.13
C ILE B 667 -22.73 47.80 -30.44
N LEU B 668 -23.90 47.21 -30.69
CA LEU B 668 -24.62 47.56 -31.92
C LEU B 668 -25.37 48.87 -31.80
N ASP B 669 -25.56 49.40 -30.59
CA ASP B 669 -26.08 50.76 -30.44
C ASP B 669 -24.97 51.79 -30.33
N SER B 670 -23.73 51.35 -30.10
CA SER B 670 -22.58 52.15 -30.51
C SER B 670 -22.44 52.15 -32.02
N PHE B 671 -22.94 51.10 -32.68
CA PHE B 671 -23.06 51.05 -34.13
C PHE B 671 -24.38 51.57 -34.64
N GLU B 672 -25.24 52.09 -33.75
CA GLU B 672 -26.66 52.45 -33.97
C GLU B 672 -27.50 51.34 -34.61
N SER C 1 -11.44 -44.63 55.63
CA SER C 1 -12.64 -44.05 56.20
C SER C 1 -13.89 -44.68 55.59
N GLY C 2 -14.02 -44.56 54.27
CA GLY C 2 -15.16 -45.11 53.57
C GLY C 2 -15.80 -44.14 52.60
N ASP C 3 -15.14 -43.01 52.37
CA ASP C 3 -15.68 -41.94 51.53
C ASP C 3 -14.53 -41.13 50.93
N TYR C 4 -14.37 -41.20 49.60
CA TYR C 4 -13.17 -40.64 48.96
C TYR C 4 -13.51 -39.92 47.67
N TRP C 5 -12.52 -39.18 47.18
CA TRP C 5 -12.66 -38.21 46.10
C TRP C 5 -11.72 -38.57 44.96
N LEU C 6 -11.93 -37.92 43.80
CA LEU C 6 -11.13 -38.16 42.61
C LEU C 6 -11.13 -36.90 41.73
N PRO C 7 -9.99 -36.21 41.60
CA PRO C 7 -9.97 -34.96 40.84
C PRO C 7 -9.97 -35.20 39.34
N THR C 8 -10.31 -34.14 38.61
CA THR C 8 -10.28 -34.12 37.15
C THR C 8 -9.56 -32.88 36.66
N THR C 9 -9.63 -32.63 35.36
CA THR C 9 -8.99 -31.47 34.75
C THR C 9 -10.00 -30.69 33.91
N MET C 10 -9.63 -29.45 33.60
CA MET C 10 -10.41 -28.54 32.79
C MET C 10 -9.52 -27.99 31.68
N SER C 11 -10.08 -27.89 30.47
CA SER C 11 -9.30 -27.37 29.35
C SER C 11 -9.23 -25.84 29.41
N LEU C 12 -8.45 -25.26 28.49
CA LEU C 12 -8.37 -23.81 28.39
C LEU C 12 -9.67 -23.22 27.86
N TYR C 13 -10.34 -23.94 26.97
CA TYR C 13 -11.65 -23.54 26.48
C TYR C 13 -12.72 -23.71 27.55
N GLN C 14 -12.49 -24.64 28.49
CA GLN C 14 -13.31 -24.71 29.69
C GLN C 14 -13.01 -23.55 30.63
N LYS C 15 -11.73 -23.27 30.88
CA LYS C 15 -11.33 -22.38 31.97
C LYS C 15 -11.47 -20.90 31.64
N GLU C 16 -11.42 -20.51 30.37
CA GLU C 16 -11.32 -19.08 30.08
C GLU C 16 -12.67 -18.41 29.87
N LEU C 17 -13.73 -18.88 30.53
CA LEU C 17 -15.05 -18.27 30.43
C LEU C 17 -15.62 -17.82 31.77
N THR C 18 -15.13 -18.39 32.88
CA THR C 18 -15.59 -17.98 34.20
C THR C 18 -15.10 -16.59 34.59
N ASP C 19 -14.03 -16.12 33.97
CA ASP C 19 -13.63 -14.73 34.12
C ASP C 19 -14.65 -13.79 33.49
N GLN C 20 -15.24 -14.19 32.36
CA GLN C 20 -16.34 -13.43 31.77
C GLN C 20 -17.62 -13.53 32.59
N ILE C 21 -17.81 -14.67 33.26
CA ILE C 21 -18.95 -14.90 34.15
C ILE C 21 -18.90 -13.92 35.33
N VAL C 22 -17.74 -13.81 35.98
CA VAL C 22 -17.63 -12.91 37.12
C VAL C 22 -17.53 -11.44 36.66
N SER C 23 -16.87 -11.19 35.52
CA SER C 23 -16.68 -9.80 35.08
C SER C 23 -17.92 -9.18 34.47
N LEU C 24 -18.93 -9.98 34.10
CA LEU C 24 -20.24 -9.38 33.89
C LEU C 24 -20.84 -8.88 35.20
N HIS C 25 -20.59 -9.60 36.30
CA HIS C 25 -21.24 -9.38 37.59
C HIS C 25 -20.36 -8.55 38.51
N TYR C 26 -19.67 -7.55 37.96
CA TYR C 26 -18.53 -6.93 38.62
C TYR C 26 -18.92 -6.06 39.80
N SER C 27 -19.99 -5.26 39.66
CA SER C 27 -20.37 -4.34 40.72
C SER C 27 -21.24 -5.00 41.78
N ASP C 28 -21.59 -6.27 41.63
CA ASP C 28 -22.64 -6.87 42.44
C ASP C 28 -22.14 -7.28 43.83
N ILE C 29 -20.89 -7.74 43.93
CA ILE C 29 -20.35 -8.21 45.19
C ILE C 29 -19.90 -7.07 46.11
N LEU C 30 -19.79 -5.86 45.57
CA LEU C 30 -19.33 -4.69 46.31
C LEU C 30 -20.36 -4.23 47.33
N ARG C 31 -21.64 -4.23 46.93
CA ARG C 31 -22.75 -3.98 47.84
C ARG C 31 -22.99 -5.16 48.78
N TYR C 32 -22.54 -6.36 48.40
CA TYR C 32 -22.73 -7.51 49.27
C TYR C 32 -21.73 -7.52 50.41
N PHE C 33 -20.45 -7.34 50.12
CA PHE C 33 -19.44 -7.58 51.14
C PHE C 33 -19.02 -6.32 51.89
N GLU C 34 -19.03 -5.16 51.24
CA GLU C 34 -18.57 -3.91 51.85
C GLU C 34 -19.63 -2.82 51.76
N THR C 35 -20.84 -3.16 52.18
CA THR C 35 -21.88 -2.16 52.37
C THR C 35 -22.66 -2.56 53.62
N SER C 36 -22.91 -1.59 54.51
CA SER C 36 -23.70 -1.81 55.71
C SER C 36 -25.15 -1.35 55.56
N HIS C 37 -25.45 -0.46 54.62
CA HIS C 37 -26.81 0.03 54.40
C HIS C 37 -27.24 -0.55 53.05
N TYR C 38 -27.85 -1.74 53.09
CA TYR C 38 -27.94 -2.62 51.93
C TYR C 38 -29.39 -2.99 51.63
N LYS C 39 -29.57 -3.74 50.55
CA LYS C 39 -30.80 -4.44 50.19
C LYS C 39 -30.52 -5.93 50.14
N GLU C 40 -31.54 -6.72 49.79
CA GLU C 40 -31.39 -8.17 49.80
C GLU C 40 -31.98 -8.85 48.57
N ASP C 41 -32.31 -8.10 47.51
CA ASP C 41 -33.09 -8.68 46.42
C ASP C 41 -32.35 -8.78 45.08
N VAL C 42 -31.61 -7.75 44.66
CA VAL C 42 -30.85 -7.84 43.43
C VAL C 42 -29.49 -8.49 43.68
N ILE C 43 -29.12 -8.66 44.94
CA ILE C 43 -27.79 -9.07 45.34
C ILE C 43 -27.59 -10.58 45.39
N LEU C 44 -28.67 -11.37 45.31
CA LEU C 44 -28.54 -12.81 45.38
C LEU C 44 -28.39 -13.49 44.02
N GLU C 45 -28.93 -12.86 42.96
CA GLU C 45 -29.21 -13.59 41.72
C GLU C 45 -27.96 -13.82 40.87
N SER C 46 -27.09 -12.83 40.74
CA SER C 46 -25.85 -13.00 40.01
C SER C 46 -24.84 -13.80 40.83
N MET C 47 -24.98 -13.77 42.15
CA MET C 47 -24.19 -14.59 43.06
C MET C 47 -24.48 -16.08 42.85
N LYS C 48 -25.76 -16.44 42.89
CA LYS C 48 -26.13 -17.84 42.72
C LYS C 48 -25.99 -18.29 41.27
N THR C 49 -26.17 -17.35 40.31
CA THR C 49 -25.86 -17.59 38.91
C THR C 49 -24.39 -17.91 38.71
N MET C 50 -23.51 -17.17 39.42
CA MET C 50 -22.08 -17.36 39.26
C MET C 50 -21.60 -18.64 39.94
N CYS C 51 -22.01 -18.88 41.19
CA CYS C 51 -21.62 -20.13 41.87
C CYS C 51 -22.34 -21.37 41.35
N LEU C 52 -23.41 -21.23 40.57
CA LEU C 52 -24.02 -22.43 40.00
C LEU C 52 -23.56 -22.70 38.58
N ASN C 53 -23.53 -21.67 37.72
CA ASN C 53 -23.02 -21.84 36.35
C ASN C 53 -21.52 -22.08 36.31
N GLY C 54 -20.78 -21.64 37.33
CA GLY C 54 -19.39 -22.09 37.44
C GLY C 54 -19.25 -23.56 37.74
N SER C 55 -20.20 -24.13 38.49
CA SER C 55 -20.19 -25.57 38.70
C SER C 55 -20.68 -26.32 37.47
N LEU C 56 -21.56 -25.70 36.67
CA LEU C 56 -21.96 -26.29 35.39
C LEU C 56 -20.81 -26.36 34.40
N VAL C 57 -20.10 -25.24 34.21
CA VAL C 57 -18.94 -25.23 33.32
C VAL C 57 -17.75 -25.98 33.94
N ALA C 58 -17.72 -26.08 35.28
CA ALA C 58 -16.76 -26.94 35.96
C ALA C 58 -17.05 -28.42 35.72
N THR C 59 -18.32 -28.76 35.45
CA THR C 59 -18.55 -30.02 34.76
C THR C 59 -18.30 -29.87 33.26
N HIS C 60 -19.10 -29.02 32.59
CA HIS C 60 -18.98 -28.92 31.13
C HIS C 60 -19.49 -27.59 30.59
N PRO C 61 -18.77 -26.95 29.66
CA PRO C 61 -19.17 -25.60 29.20
C PRO C 61 -20.43 -25.56 28.36
N TYR C 62 -20.81 -26.64 27.67
CA TYR C 62 -22.03 -26.62 26.86
C TYR C 62 -23.30 -26.73 27.69
N LEU C 63 -23.20 -26.88 29.00
CA LEU C 63 -24.30 -26.55 29.91
C LEU C 63 -24.64 -25.07 29.88
N LEU C 64 -23.67 -24.20 29.55
CA LEU C 64 -23.98 -22.80 29.30
C LEU C 64 -23.59 -22.32 27.90
N ILE C 65 -22.66 -22.97 27.21
CA ILE C 65 -22.23 -22.54 25.88
C ILE C 65 -22.97 -23.41 24.88
N ASP C 66 -24.16 -22.95 24.47
CA ASP C 66 -25.09 -23.83 23.77
C ASP C 66 -24.79 -23.94 22.27
N HIS C 67 -24.83 -22.82 21.55
CA HIS C 67 -25.05 -22.85 20.10
C HIS C 67 -23.80 -23.07 19.26
N TYR C 68 -22.68 -23.52 19.85
CA TYR C 68 -21.51 -23.91 19.07
C TYR C 68 -21.28 -25.41 19.07
N MET C 69 -22.35 -26.19 19.02
CA MET C 69 -22.24 -27.62 19.22
C MET C 69 -21.91 -28.32 17.90
N PRO C 70 -21.01 -29.33 17.91
CA PRO C 70 -20.61 -30.00 16.65
C PRO C 70 -21.63 -30.92 16.00
N LYS C 71 -21.14 -31.69 15.02
CA LYS C 71 -21.91 -32.28 13.92
C LYS C 71 -22.93 -33.35 14.32
N SER C 72 -22.51 -34.43 14.99
CA SER C 72 -23.35 -35.62 15.10
C SER C 72 -23.16 -36.26 16.47
N LEU C 73 -23.69 -37.48 16.63
CA LEU C 73 -23.40 -38.33 17.78
C LEU C 73 -22.74 -39.65 17.38
N ILE C 74 -22.61 -39.93 16.08
CA ILE C 74 -22.33 -41.27 15.59
C ILE C 74 -20.92 -41.36 14.99
N THR C 75 -20.45 -40.28 14.35
CA THR C 75 -19.29 -40.24 13.47
C THR C 75 -17.99 -40.45 14.28
N ARG C 76 -16.91 -40.80 13.57
CA ARG C 76 -15.67 -41.31 14.17
C ARG C 76 -14.93 -40.24 14.97
N ASP C 77 -14.99 -38.98 14.54
CA ASP C 77 -14.34 -37.90 15.27
C ASP C 77 -15.18 -37.33 16.41
N VAL C 78 -16.40 -37.82 16.59
CA VAL C 78 -17.34 -37.25 17.54
C VAL C 78 -17.05 -37.61 19.01
N PRO C 79 -16.79 -38.87 19.44
CA PRO C 79 -16.44 -39.05 20.87
C PRO C 79 -15.05 -38.53 21.23
N ALA C 80 -14.12 -38.56 20.28
CA ALA C 80 -12.81 -37.92 20.45
C ALA C 80 -12.94 -36.40 20.55
N HIS C 81 -13.87 -35.81 19.82
CA HIS C 81 -14.04 -34.36 19.90
C HIS C 81 -14.84 -33.97 21.14
N LEU C 82 -15.69 -34.89 21.64
CA LEU C 82 -16.40 -34.67 22.89
C LEU C 82 -15.45 -34.75 24.09
N ALA C 83 -14.46 -35.64 24.04
CA ALA C 83 -13.42 -35.61 25.05
C ALA C 83 -12.40 -34.50 24.79
N GLU C 84 -12.35 -33.96 23.58
CA GLU C 84 -11.57 -32.75 23.33
C GLU C 84 -12.25 -31.53 23.94
N ASN C 85 -13.59 -31.57 24.08
CA ASN C 85 -14.29 -30.50 24.80
C ASN C 85 -13.99 -30.54 26.30
N SER C 86 -14.36 -31.63 26.97
CA SER C 86 -14.26 -31.67 28.42
C SER C 86 -13.06 -32.49 28.89
N GLY C 87 -12.41 -31.99 29.93
CA GLY C 87 -11.34 -32.72 30.57
C GLY C 87 -11.87 -33.71 31.58
N LYS C 88 -12.97 -33.36 32.27
CA LYS C 88 -13.57 -34.27 33.24
C LYS C 88 -14.25 -35.44 32.55
N PHE C 89 -14.84 -35.22 31.39
CA PHE C 89 -15.37 -36.34 30.63
C PHE C 89 -14.27 -37.11 29.89
N SER C 90 -13.10 -36.48 29.71
CA SER C 90 -11.92 -37.23 29.28
C SER C 90 -11.40 -38.14 30.39
N VAL C 91 -11.60 -37.76 31.66
CA VAL C 91 -11.40 -38.71 32.75
C VAL C 91 -12.49 -39.79 32.73
N LEU C 92 -13.72 -39.39 32.40
CA LEU C 92 -14.89 -40.25 32.60
C LEU C 92 -14.96 -41.37 31.58
N ARG C 93 -14.61 -41.12 30.31
CA ARG C 93 -14.60 -42.25 29.38
C ARG C 93 -13.34 -43.09 29.54
N ASP C 94 -12.26 -42.53 30.10
CA ASP C 94 -11.06 -43.32 30.32
C ASP C 94 -11.20 -44.24 31.51
N LEU C 95 -12.05 -43.90 32.47
CA LEU C 95 -12.39 -44.88 33.50
C LEU C 95 -13.30 -45.97 32.95
N ILE C 96 -14.17 -45.65 31.98
CA ILE C 96 -15.01 -46.61 31.29
C ILE C 96 -14.17 -47.54 30.41
N ASN C 97 -13.02 -47.04 29.93
CA ASN C 97 -12.02 -47.84 29.23
C ASN C 97 -11.34 -48.89 30.14
N LEU C 98 -11.47 -48.77 31.47
CA LEU C 98 -10.96 -49.77 32.40
C LEU C 98 -12.01 -50.80 32.85
N VAL C 99 -13.30 -50.61 32.56
CA VAL C 99 -14.33 -51.46 33.14
C VAL C 99 -14.95 -52.45 32.16
N GLN C 100 -14.64 -52.34 30.86
CA GLN C 100 -15.10 -53.40 29.96
C GLN C 100 -14.14 -54.57 29.89
N GLU C 101 -12.97 -54.47 30.52
CA GLU C 101 -12.11 -55.63 30.66
C GLU C 101 -12.59 -56.56 31.77
N TYR C 102 -13.28 -56.02 32.78
CA TYR C 102 -13.86 -56.82 33.84
C TYR C 102 -15.22 -57.35 33.42
N GLU C 103 -15.92 -57.94 34.39
CA GLU C 103 -17.37 -58.06 34.32
C GLU C 103 -17.95 -57.75 35.70
N THR C 104 -17.49 -56.64 36.27
CA THR C 104 -18.23 -55.97 37.34
C THR C 104 -19.08 -54.89 36.68
N GLU C 105 -20.35 -54.83 37.05
CA GLU C 105 -21.29 -53.97 36.37
C GLU C 105 -21.09 -52.52 36.79
N THR C 106 -21.64 -51.63 35.99
CA THR C 106 -21.37 -50.21 36.08
C THR C 106 -22.45 -49.49 36.90
N ALA C 107 -22.13 -48.27 37.30
CA ALA C 107 -23.06 -47.36 37.97
C ALA C 107 -22.58 -45.94 37.75
N ILE C 108 -23.25 -45.19 36.89
CA ILE C 108 -22.92 -43.79 36.61
C ILE C 108 -24.15 -42.94 36.85
N VAL C 109 -24.05 -41.98 37.78
CA VAL C 109 -25.06 -40.96 37.98
C VAL C 109 -24.53 -39.63 37.47
N CYS C 110 -25.45 -38.80 36.98
CA CYS C 110 -25.17 -37.47 36.43
C CYS C 110 -26.50 -36.72 36.39
N ARG C 111 -26.40 -35.38 36.21
CA ARG C 111 -27.56 -34.50 36.16
C ARG C 111 -28.33 -34.75 34.86
N PRO C 112 -29.66 -34.57 34.86
CA PRO C 112 -30.44 -34.97 33.68
C PRO C 112 -30.29 -33.97 32.54
N GLY C 113 -30.81 -34.39 31.39
CA GLY C 113 -30.65 -33.62 30.17
C GLY C 113 -29.42 -34.02 29.40
N ARG C 114 -28.69 -33.00 28.93
CA ARG C 114 -27.59 -33.15 27.96
C ARG C 114 -26.42 -33.93 28.53
N THR C 115 -26.17 -33.77 29.84
CA THR C 115 -25.15 -34.52 30.58
C THR C 115 -25.46 -36.02 30.59
N MET C 116 -26.74 -36.37 30.56
CA MET C 116 -27.13 -37.73 30.26
C MET C 116 -26.79 -38.10 28.81
N ASP C 117 -27.28 -37.29 27.84
CA ASP C 117 -27.42 -37.73 26.45
C ASP C 117 -26.09 -37.80 25.71
N LEU C 118 -25.21 -36.82 25.95
CA LEU C 118 -23.86 -36.92 25.41
C LEU C 118 -23.02 -37.94 26.14
N LEU C 119 -23.43 -38.35 27.36
CA LEU C 119 -22.90 -39.55 28.00
C LEU C 119 -23.16 -40.79 27.18
N GLU C 120 -24.28 -40.84 26.45
CA GLU C 120 -24.41 -41.82 25.40
C GLU C 120 -23.46 -41.51 24.25
N ALA C 121 -23.43 -40.24 23.80
CA ALA C 121 -22.71 -39.88 22.57
C ALA C 121 -21.20 -39.84 22.73
N LEU C 122 -20.69 -39.83 23.96
CA LEU C 122 -19.27 -40.03 24.17
C LEU C 122 -18.92 -41.51 24.30
N LEU C 123 -19.87 -42.33 24.75
CA LEU C 123 -19.60 -43.72 25.09
C LEU C 123 -20.18 -44.69 24.06
N LEU C 124 -20.11 -44.31 22.78
CA LEU C 124 -20.53 -45.21 21.71
C LEU C 124 -19.38 -46.06 21.22
N GLY C 125 -18.15 -45.57 21.32
CA GLY C 125 -16.97 -46.30 20.89
C GLY C 125 -16.06 -46.68 22.03
N ASN C 126 -16.59 -46.68 23.26
CA ASN C 126 -15.85 -47.11 24.44
C ASN C 126 -16.05 -48.58 24.76
N LYS C 127 -16.59 -49.35 23.81
CA LYS C 127 -16.64 -50.83 23.79
C LYS C 127 -17.45 -51.41 24.95
N VAL C 128 -18.60 -50.78 25.24
CA VAL C 128 -19.52 -51.18 26.30
C VAL C 128 -20.93 -51.15 25.69
N HIS C 129 -21.76 -52.16 26.00
CA HIS C 129 -23.19 -52.16 25.64
C HIS C 129 -23.98 -51.02 26.30
N ILE C 130 -25.19 -50.81 25.78
CA ILE C 130 -26.01 -49.64 26.05
C ILE C 130 -27.23 -50.05 26.84
N LYS C 131 -27.46 -49.38 27.98
CA LYS C 131 -28.66 -49.52 28.80
C LYS C 131 -28.83 -48.25 29.62
N ARG C 132 -30.02 -47.66 29.56
CA ARG C 132 -30.29 -46.38 30.19
C ARG C 132 -31.42 -46.52 31.18
N TYR C 133 -31.25 -45.94 32.37
CA TYR C 133 -32.27 -45.99 33.40
C TYR C 133 -33.20 -44.80 33.34
N ASP C 134 -32.96 -43.87 32.41
CA ASP C 134 -34.05 -43.02 31.96
C ASP C 134 -34.85 -43.73 30.88
N GLY C 135 -34.19 -44.57 30.09
CA GLY C 135 -34.87 -45.39 29.11
C GLY C 135 -34.70 -44.87 27.70
N HIS C 136 -34.71 -43.55 27.55
CA HIS C 136 -34.63 -42.92 26.25
C HIS C 136 -33.20 -42.99 25.71
N SER C 137 -33.05 -43.72 24.61
CA SER C 137 -31.73 -44.19 24.20
C SER C 137 -31.55 -44.00 22.71
N ILE C 138 -30.28 -44.05 22.30
CA ILE C 138 -29.91 -44.26 20.91
C ILE C 138 -29.91 -45.77 20.68
N LYS C 139 -29.85 -46.20 19.42
CA LYS C 139 -29.85 -47.59 18.99
C LYS C 139 -28.69 -48.40 19.57
N SER C 140 -29.02 -49.31 20.50
CA SER C 140 -28.18 -50.45 20.81
C SER C 140 -28.41 -51.57 19.81
N LYS C 141 -29.51 -51.47 19.06
CA LYS C 141 -29.67 -52.08 17.77
C LYS C 141 -28.51 -51.65 16.92
N ASN C 145 -20.20 -54.55 17.46
CA ASN C 145 -19.57 -55.79 17.91
C ASN C 145 -19.95 -56.04 19.37
N ASP C 146 -19.75 -57.26 19.86
CA ASP C 146 -20.20 -57.67 21.18
C ASP C 146 -19.24 -57.13 22.23
N PHE C 147 -19.82 -56.57 23.28
CA PHE C 147 -19.03 -55.96 24.32
C PHE C 147 -19.35 -56.68 25.61
N SER C 148 -18.47 -56.52 26.60
CA SER C 148 -18.56 -57.35 27.80
C SER C 148 -19.67 -56.88 28.74
N CYS C 149 -19.53 -55.66 29.28
CA CYS C 149 -20.54 -55.16 30.21
C CYS C 149 -21.47 -54.20 29.50
N THR C 150 -22.44 -53.69 30.25
CA THR C 150 -23.31 -52.64 29.75
C THR C 150 -23.19 -51.43 30.66
N VAL C 151 -23.52 -50.25 30.11
CA VAL C 151 -23.64 -49.07 30.97
C VAL C 151 -24.92 -49.16 31.80
N HIS C 152 -24.91 -48.46 32.93
CA HIS C 152 -26.09 -48.35 33.79
C HIS C 152 -26.22 -46.86 34.07
N LEU C 153 -26.85 -46.14 33.14
CA LEU C 153 -26.92 -44.68 33.25
C LEU C 153 -28.10 -44.31 34.14
N PHE C 154 -27.84 -44.18 35.44
CA PHE C 154 -28.87 -43.86 36.41
C PHE C 154 -29.20 -42.37 36.37
N SER C 155 -30.11 -41.95 37.24
CA SER C 155 -30.41 -40.53 37.39
C SER C 155 -29.76 -40.00 38.66
N SER C 156 -29.93 -38.70 38.88
CA SER C 156 -29.32 -38.05 40.04
C SER C 156 -30.33 -37.66 41.11
N GLU C 157 -31.52 -37.21 40.72
CA GLU C 157 -32.49 -36.67 41.67
C GLU C 157 -33.76 -37.52 41.64
N GLY C 158 -33.60 -38.83 41.72
CA GLY C 158 -34.72 -39.75 41.55
C GLY C 158 -34.54 -40.61 40.32
N ILE C 159 -34.10 -41.85 40.54
CA ILE C 159 -33.87 -42.77 39.45
C ILE C 159 -35.14 -43.55 39.16
N ASN C 160 -36.03 -43.62 40.16
CA ASN C 160 -37.36 -44.22 40.15
C ASN C 160 -37.27 -45.72 39.81
N PHE C 161 -36.73 -46.46 40.78
CA PHE C 161 -36.70 -47.93 40.75
C PHE C 161 -38.09 -48.57 40.77
N THR C 162 -39.12 -47.85 41.24
CA THR C 162 -40.49 -48.28 41.08
C THR C 162 -40.92 -48.30 39.61
N LYS C 163 -40.33 -47.45 38.77
CA LYS C 163 -40.61 -47.45 37.33
C LYS C 163 -39.46 -47.97 36.48
N TYR C 164 -38.21 -47.68 36.85
CA TYR C 164 -37.05 -48.16 36.10
C TYR C 164 -36.26 -49.05 37.05
N PRO C 165 -36.58 -50.34 37.12
CA PRO C 165 -36.07 -51.18 38.20
C PRO C 165 -34.62 -51.60 37.99
N ILE C 166 -33.97 -51.92 39.11
CA ILE C 166 -32.55 -52.23 39.11
C ILE C 166 -32.35 -53.71 38.83
N LYS C 167 -31.50 -54.01 37.85
CA LYS C 167 -31.32 -55.37 37.35
C LYS C 167 -29.88 -55.85 37.48
N SER C 168 -29.05 -55.13 38.23
CA SER C 168 -27.64 -55.54 38.40
C SER C 168 -27.52 -56.74 39.32
N LYS C 169 -28.44 -56.84 40.30
CA LYS C 169 -28.64 -57.96 41.24
C LYS C 169 -27.43 -58.13 42.18
N ALA C 170 -26.65 -57.06 42.36
CA ALA C 170 -25.44 -57.01 43.16
C ALA C 170 -25.11 -55.55 43.37
N ARG C 171 -24.51 -55.23 44.52
CA ARG C 171 -24.01 -53.88 44.70
C ARG C 171 -22.77 -53.69 43.85
N PHE C 172 -22.54 -52.46 43.43
CA PHE C 172 -21.55 -52.18 42.42
C PHE C 172 -20.18 -52.04 43.07
N ASP C 173 -19.13 -52.43 42.33
CA ASP C 173 -17.77 -52.21 42.79
C ASP C 173 -17.30 -50.79 42.54
N MET C 174 -18.03 -50.00 41.76
CA MET C 174 -17.72 -48.59 41.57
C MET C 174 -19.01 -47.81 41.41
N LEU C 175 -19.03 -46.61 42.00
CA LEU C 175 -20.11 -45.65 41.79
C LEU C 175 -19.47 -44.28 41.69
N ILE C 176 -19.82 -43.52 40.66
CA ILE C 176 -19.15 -42.27 40.33
C ILE C 176 -20.11 -41.12 40.56
N CYS C 177 -19.78 -40.25 41.50
CA CYS C 177 -20.48 -38.98 41.65
C CYS C 177 -19.79 -37.96 40.76
N LEU C 178 -20.31 -37.81 39.54
CA LEU C 178 -19.79 -36.83 38.59
C LEU C 178 -20.11 -35.40 39.02
N ASP C 179 -21.18 -35.21 39.77
CA ASP C 179 -21.75 -33.90 40.04
C ASP C 179 -22.23 -33.81 41.49
N THR C 180 -22.31 -32.58 41.98
CA THR C 180 -22.70 -32.32 43.36
C THR C 180 -24.20 -32.19 43.55
N THR C 181 -25.00 -32.38 42.51
CA THR C 181 -26.45 -32.39 42.61
C THR C 181 -27.00 -33.78 42.90
N VAL C 182 -26.14 -34.73 43.27
CA VAL C 182 -26.60 -36.00 43.79
C VAL C 182 -27.18 -35.79 45.18
N ASP C 183 -28.13 -36.65 45.55
CA ASP C 183 -28.79 -36.56 46.85
C ASP C 183 -28.89 -37.96 47.46
N THR C 184 -27.85 -38.33 48.19
CA THR C 184 -27.76 -39.66 48.80
C THR C 184 -28.57 -39.76 50.08
N SER C 185 -29.03 -38.63 50.63
CA SER C 185 -30.00 -38.66 51.71
C SER C 185 -31.34 -39.20 51.22
N GLN C 186 -31.70 -38.90 49.98
CA GLN C 186 -32.75 -39.65 49.31
C GLN C 186 -32.23 -41.03 48.97
N LYS C 187 -33.13 -42.01 49.00
CA LYS C 187 -32.73 -43.40 49.13
C LYS C 187 -32.42 -44.07 47.79
N ASP C 188 -32.37 -43.31 46.69
CA ASP C 188 -32.07 -43.89 45.39
C ASP C 188 -30.59 -44.23 45.25
N ILE C 189 -29.70 -43.27 45.50
CA ILE C 189 -28.27 -43.53 45.46
C ILE C 189 -27.84 -44.32 46.70
N GLN C 190 -28.60 -44.19 47.80
CA GLN C 190 -28.36 -44.98 49.01
C GLN C 190 -28.70 -46.44 48.78
N TYR C 191 -29.76 -46.72 48.03
CA TYR C 191 -30.09 -48.10 47.72
C TYR C 191 -29.29 -48.60 46.51
N LEU C 192 -28.68 -47.69 45.74
CA LEU C 192 -27.62 -48.12 44.84
C LEU C 192 -26.40 -48.58 45.64
N LEU C 193 -26.13 -47.88 46.76
CA LEU C 193 -25.09 -48.30 47.68
C LEU C 193 -25.54 -49.52 48.49
N GLN C 194 -26.64 -49.40 49.22
CA GLN C 194 -27.19 -50.52 50.00
C GLN C 194 -28.18 -51.31 49.14
N TYR C 195 -27.66 -51.91 48.08
CA TYR C 195 -28.42 -52.87 47.30
C TYR C 195 -28.30 -54.25 47.93
N LYS C 196 -27.10 -54.81 47.88
CA LYS C 196 -26.76 -56.09 48.48
C LYS C 196 -25.51 -55.90 49.33
N ARG C 197 -25.14 -56.95 50.04
CA ARG C 197 -23.84 -57.02 50.71
C ARG C 197 -23.39 -58.47 50.81
N ARG C 204 -22.29 -50.04 56.21
CA ARG C 204 -22.20 -49.72 54.79
C ARG C 204 -20.97 -50.37 54.12
N TYR C 205 -21.23 -51.49 53.44
CA TYR C 205 -20.18 -52.28 52.82
C TYR C 205 -19.84 -51.82 51.41
N ALA C 206 -20.53 -50.80 50.89
CA ALA C 206 -20.21 -50.27 49.58
C ALA C 206 -19.48 -48.93 49.70
N PRO C 207 -18.50 -48.65 48.82
CA PRO C 207 -17.77 -47.38 48.93
C PRO C 207 -18.40 -46.24 48.15
N ILE C 208 -17.80 -45.05 48.22
CA ILE C 208 -18.29 -43.89 47.48
C ILE C 208 -17.13 -43.00 47.05
N VAL C 209 -17.06 -42.74 45.74
CA VAL C 209 -15.97 -42.00 45.11
C VAL C 209 -16.59 -40.83 44.34
N ARG C 210 -16.14 -39.61 44.63
CA ARG C 210 -16.70 -38.39 44.05
C ARG C 210 -15.77 -37.84 42.97
N LEU C 211 -16.23 -37.88 41.72
CA LEU C 211 -15.49 -37.26 40.62
C LEU C 211 -15.66 -35.75 40.69
N VAL C 212 -14.55 -35.04 40.92
CA VAL C 212 -14.59 -33.62 41.28
C VAL C 212 -13.41 -32.91 40.61
N ALA C 213 -13.66 -31.72 40.07
CA ALA C 213 -12.57 -30.89 39.59
C ALA C 213 -11.82 -30.29 40.78
N ILE C 214 -10.49 -30.41 40.76
CA ILE C 214 -9.66 -29.85 41.83
C ILE C 214 -9.59 -28.34 41.66
N ASN C 215 -9.68 -27.63 42.80
CA ASN C 215 -9.62 -26.16 42.93
C ASN C 215 -10.73 -25.46 42.15
N SER C 216 -11.98 -25.71 42.58
CA SER C 216 -13.13 -25.10 41.94
C SER C 216 -14.16 -24.67 42.98
N ILE C 217 -15.38 -24.39 42.52
CA ILE C 217 -16.43 -23.85 43.38
C ILE C 217 -16.97 -24.95 44.28
N ASP C 218 -17.18 -26.14 43.70
CA ASP C 218 -17.65 -27.28 44.45
C ASP C 218 -16.60 -27.85 45.40
N HIS C 219 -15.31 -27.55 45.19
CA HIS C 219 -14.27 -27.82 46.18
C HIS C 219 -14.52 -27.03 47.47
N CYS C 220 -14.84 -25.74 47.34
CA CYS C 220 -15.15 -24.94 48.51
C CYS C 220 -16.49 -25.32 49.11
N ARG C 221 -17.42 -25.78 48.26
CA ARG C 221 -18.71 -26.28 48.73
C ARG C 221 -18.55 -27.56 49.55
N LEU C 222 -17.70 -28.49 49.10
CA LEU C 222 -17.50 -29.72 49.85
C LEU C 222 -16.65 -29.49 51.09
N PHE C 223 -15.80 -28.46 51.08
CA PHE C 223 -15.01 -28.23 52.28
C PHE C 223 -15.84 -27.57 53.38
N PHE C 224 -16.49 -26.46 53.08
CA PHE C 224 -17.30 -25.82 54.10
C PHE C 224 -18.75 -26.28 54.12
N GLY C 225 -19.09 -27.41 53.51
CA GLY C 225 -20.41 -27.98 53.69
C GLY C 225 -20.65 -28.59 55.05
N LYS C 226 -19.59 -28.90 55.78
CA LYS C 226 -19.70 -29.47 57.11
C LYS C 226 -19.49 -28.45 58.22
N LYS C 227 -18.46 -27.61 58.12
CA LYS C 227 -18.20 -26.64 59.17
C LYS C 227 -19.14 -25.44 59.09
N PHE C 228 -19.54 -25.05 57.90
CA PHE C 228 -20.68 -24.15 57.75
C PHE C 228 -21.86 -24.95 57.24
N ASP C 229 -23.07 -24.40 57.42
CA ASP C 229 -24.28 -25.21 57.33
C ASP C 229 -25.29 -24.67 56.32
N LYS C 230 -25.18 -25.18 55.08
CA LYS C 230 -26.25 -25.32 54.08
C LYS C 230 -26.81 -23.96 53.62
N ASN C 231 -25.91 -23.20 52.99
CA ASN C 231 -26.16 -21.91 52.33
C ASN C 231 -26.70 -20.87 53.30
N SER C 232 -25.88 -20.55 54.28
CA SER C 232 -26.20 -19.51 55.25
C SER C 232 -25.68 -18.17 54.74
N ARG C 233 -25.63 -17.19 55.63
CA ARG C 233 -24.85 -15.99 55.41
C ARG C 233 -23.38 -16.32 55.21
N GLU C 234 -22.81 -17.12 56.12
CA GLU C 234 -21.38 -17.35 56.16
C GLU C 234 -20.93 -18.29 55.05
N TYR C 235 -21.78 -19.27 54.69
CA TYR C 235 -21.46 -20.23 53.62
C TYR C 235 -21.42 -19.54 52.27
N LEU C 236 -22.42 -18.71 51.99
CA LEU C 236 -22.51 -18.08 50.68
C LEU C 236 -21.51 -16.94 50.56
N GLU C 237 -21.24 -16.26 51.68
CA GLU C 237 -20.13 -15.30 51.80
C GLU C 237 -18.79 -15.96 51.49
N ASN C 238 -18.53 -17.14 52.06
CA ASN C 238 -17.24 -17.78 51.82
C ASN C 238 -17.13 -18.44 50.46
N VAL C 239 -18.22 -18.96 49.88
CA VAL C 239 -18.07 -19.59 48.56
C VAL C 239 -18.02 -18.52 47.48
N THR C 240 -18.59 -17.33 47.72
CA THR C 240 -18.37 -16.24 46.79
C THR C 240 -16.98 -15.64 46.95
N ALA C 241 -16.51 -15.51 48.20
CA ALA C 241 -15.23 -14.85 48.46
C ALA C 241 -14.05 -15.73 48.10
N ALA C 242 -14.19 -17.05 48.22
CA ALA C 242 -13.12 -17.94 47.80
C ALA C 242 -13.13 -18.20 46.31
N MET C 243 -14.19 -17.76 45.60
CA MET C 243 -14.31 -18.04 44.16
C MET C 243 -13.29 -17.27 43.35
N VAL C 244 -13.06 -16.00 43.67
CA VAL C 244 -12.10 -15.23 42.90
C VAL C 244 -10.64 -15.55 43.27
N ILE C 245 -10.34 -15.88 44.54
CA ILE C 245 -8.98 -16.25 44.89
C ILE C 245 -8.82 -17.78 44.86
N LEU C 246 -9.75 -18.49 44.25
CA LEU C 246 -9.44 -19.79 43.68
C LEU C 246 -9.53 -19.78 42.16
N ARG C 247 -10.21 -18.80 41.57
CA ARG C 247 -10.49 -18.74 40.14
C ARG C 247 -9.47 -17.88 39.42
N ASP C 248 -8.62 -17.18 40.17
CA ASP C 248 -7.37 -16.67 39.60
C ASP C 248 -6.37 -17.78 39.28
N ARG C 249 -6.49 -18.94 39.93
CA ARG C 249 -5.66 -20.12 39.69
C ARG C 249 -6.55 -21.37 39.62
N LEU C 250 -7.56 -21.32 38.76
CA LEU C 250 -8.58 -22.36 38.69
C LEU C 250 -8.05 -23.64 38.05
N GLY C 251 -8.43 -24.78 38.62
CA GLY C 251 -8.24 -26.06 37.99
C GLY C 251 -6.90 -26.70 38.25
N THR C 252 -6.06 -26.05 39.05
CA THR C 252 -4.71 -26.56 39.30
C THR C 252 -4.76 -27.73 40.29
N LEU C 253 -3.95 -28.73 40.00
CA LEU C 253 -3.53 -29.99 40.56
C LEU C 253 -2.08 -29.91 41.02
N PRO C 254 -1.76 -30.50 42.18
CA PRO C 254 -0.36 -30.63 42.56
C PRO C 254 0.35 -31.63 41.65
N PRO C 255 1.67 -31.49 41.47
CA PRO C 255 2.38 -32.38 40.53
C PRO C 255 2.69 -33.79 41.06
N ASP C 256 2.18 -34.20 42.23
CA ASP C 256 2.18 -35.62 42.56
C ASP C 256 1.05 -36.36 41.89
N LEU C 257 0.03 -35.65 41.41
CA LEU C 257 -1.13 -36.23 40.76
C LEU C 257 -0.90 -36.49 39.28
N ARG C 258 -0.02 -35.73 38.65
CA ARG C 258 0.33 -35.97 37.25
C ARG C 258 1.10 -37.27 36.93
N PRO C 259 1.90 -37.92 37.82
CA PRO C 259 2.23 -39.34 37.53
C PRO C 259 1.09 -40.29 37.82
N ILE C 260 0.08 -39.87 38.58
CA ILE C 260 -1.05 -40.73 38.87
C ILE C 260 -2.08 -40.62 37.73
N TYR C 261 -2.09 -39.49 37.02
CA TYR C 261 -3.01 -39.29 35.91
C TYR C 261 -2.37 -39.39 34.53
N SER C 262 -1.03 -39.42 34.43
CA SER C 262 -0.43 -39.63 33.13
C SER C 262 -0.37 -41.10 32.74
N GLN C 263 -0.65 -42.01 33.69
CA GLN C 263 -0.65 -43.45 33.44
C GLN C 263 -2.03 -43.98 33.08
N LYS C 264 -2.93 -43.10 32.59
CA LYS C 264 -4.34 -43.38 32.24
C LYS C 264 -5.13 -43.95 33.43
N LEU C 265 -4.80 -43.47 34.64
CA LEU C 265 -5.41 -43.82 35.93
C LEU C 265 -5.36 -45.33 36.19
N HIS C 266 -4.16 -45.90 36.13
CA HIS C 266 -4.06 -47.32 36.43
C HIS C 266 -3.73 -47.58 37.89
N TYR C 267 -3.37 -46.51 38.62
CA TYR C 267 -3.06 -46.56 40.05
C TYR C 267 -4.28 -46.95 40.90
N LEU C 268 -5.48 -46.65 40.40
CA LEU C 268 -6.70 -47.02 41.10
C LEU C 268 -7.20 -48.40 40.71
N VAL C 269 -6.57 -49.08 39.74
CA VAL C 269 -6.98 -50.43 39.35
C VAL C 269 -6.69 -51.45 40.45
N GLU C 270 -5.69 -51.19 41.31
CA GLU C 270 -5.50 -52.00 42.51
C GLU C 270 -6.61 -51.80 43.55
N TRP C 271 -7.39 -50.71 43.46
CA TRP C 271 -8.62 -50.60 44.22
C TRP C 271 -9.82 -51.11 43.42
N LEU C 272 -9.71 -51.19 42.09
CA LEU C 272 -10.83 -51.65 41.26
C LEU C 272 -11.06 -53.15 41.35
N GLU C 273 -10.12 -53.91 41.92
CA GLU C 273 -10.38 -55.28 42.29
C GLU C 273 -11.40 -55.37 43.43
N ASN C 274 -11.07 -54.79 44.58
CA ASN C 274 -11.91 -54.98 45.74
C ASN C 274 -12.28 -53.67 46.41
N PRO C 275 -13.53 -53.52 46.85
CA PRO C 275 -13.88 -52.40 47.73
C PRO C 275 -13.39 -52.54 49.18
N THR C 276 -12.82 -53.69 49.54
CA THR C 276 -12.39 -53.92 50.92
C THR C 276 -11.10 -53.20 51.27
N VAL C 277 -10.27 -52.88 50.27
CA VAL C 277 -8.99 -52.21 50.53
C VAL C 277 -9.33 -50.74 50.73
N PRO C 278 -8.60 -49.99 51.58
CA PRO C 278 -8.76 -48.53 51.61
C PRO C 278 -8.16 -47.82 50.39
N TRP C 279 -8.21 -46.49 50.40
CA TRP C 279 -8.00 -45.71 49.19
C TRP C 279 -6.51 -45.56 48.90
N PRO C 280 -6.08 -45.74 47.65
CA PRO C 280 -4.65 -45.65 47.35
C PRO C 280 -4.11 -44.22 47.33
N LEU C 281 -4.97 -43.24 47.07
CA LEU C 281 -4.61 -41.83 47.00
C LEU C 281 -4.77 -41.18 48.37
N PRO C 282 -4.00 -40.10 48.67
CA PRO C 282 -4.27 -39.32 49.89
C PRO C 282 -5.51 -38.44 49.83
N ASP C 283 -5.72 -37.65 50.87
CA ASP C 283 -7.02 -37.08 51.20
C ASP C 283 -7.22 -35.68 50.60
N ILE C 284 -8.28 -35.03 51.04
CA ILE C 284 -8.73 -33.74 50.49
C ILE C 284 -7.94 -32.64 51.17
N TYR C 285 -7.41 -31.70 50.38
CA TYR C 285 -6.71 -30.54 50.93
C TYR C 285 -7.69 -29.59 51.63
N PRO C 286 -7.43 -29.21 52.89
CA PRO C 286 -8.18 -28.12 53.49
C PRO C 286 -7.76 -26.78 52.93
N LEU C 287 -8.71 -25.85 52.89
CA LEU C 287 -8.51 -24.53 52.32
C LEU C 287 -8.54 -23.49 53.43
N LYS C 288 -8.46 -22.22 53.05
CA LYS C 288 -8.31 -21.12 54.01
C LYS C 288 -9.55 -20.23 54.02
N GLN C 289 -9.72 -19.50 55.12
CA GLN C 289 -10.84 -18.60 55.30
C GLN C 289 -10.41 -17.18 54.93
N TYR C 290 -11.08 -16.60 53.93
CA TYR C 290 -10.66 -15.33 53.37
C TYR C 290 -11.24 -14.14 54.14
N THR C 291 -10.80 -12.95 53.73
CA THR C 291 -11.28 -11.68 54.24
C THR C 291 -11.52 -10.80 53.01
N SER C 292 -12.52 -9.92 53.11
CA SER C 292 -13.03 -9.14 51.97
C SER C 292 -12.05 -8.12 51.42
N MET C 293 -11.04 -7.71 52.22
CA MET C 293 -9.96 -6.86 51.73
C MET C 293 -9.08 -7.61 50.73
N ASP C 294 -8.80 -8.89 50.98
CA ASP C 294 -8.05 -9.70 50.03
C ASP C 294 -8.87 -10.04 48.79
N VAL C 295 -10.19 -10.06 48.94
CA VAL C 295 -11.08 -10.13 47.77
C VAL C 295 -10.99 -8.86 46.95
N GLU C 296 -10.91 -7.70 47.63
CA GLU C 296 -10.81 -6.42 46.94
C GLU C 296 -9.46 -6.26 46.25
N ARG C 297 -8.41 -6.82 46.85
CA ARG C 297 -7.10 -6.90 46.22
C ARG C 297 -7.13 -7.80 44.99
N SER C 298 -7.95 -8.85 45.01
CA SER C 298 -8.12 -9.68 43.83
C SER C 298 -8.90 -8.99 42.73
N LEU C 299 -9.90 -8.17 43.09
CA LEU C 299 -10.58 -7.38 42.06
C LEU C 299 -9.76 -6.20 41.59
N LEU C 300 -8.75 -5.80 42.35
CA LEU C 300 -7.76 -4.85 41.85
C LEU C 300 -6.92 -5.47 40.74
N THR C 301 -6.73 -6.77 40.76
CA THR C 301 -6.06 -7.46 39.68
C THR C 301 -7.06 -7.86 38.59
N GLU C 302 -6.57 -7.85 37.35
CA GLU C 302 -7.13 -8.67 36.29
C GLU C 302 -6.17 -9.84 36.05
N VAL C 303 -6.74 -11.02 35.89
CA VAL C 303 -5.96 -12.26 35.84
C VAL C 303 -6.06 -12.85 34.44
N HIS C 304 -4.94 -13.40 33.95
CA HIS C 304 -4.84 -13.96 32.61
C HIS C 304 -4.09 -15.28 32.67
N PHE C 305 -4.76 -16.37 32.31
CA PHE C 305 -4.20 -17.71 32.39
C PHE C 305 -3.34 -18.08 31.19
N LYS C 306 -2.73 -19.25 31.34
CA LYS C 306 -2.43 -20.18 30.26
C LYS C 306 -2.89 -21.55 30.74
N LYS C 307 -2.52 -22.61 30.00
CA LYS C 307 -2.89 -24.03 30.24
C LYS C 307 -4.41 -24.24 30.33
N ASN C 308 -3.01 -18.40 -50.46
CA ASN C 308 -2.42 -17.07 -50.33
C ASN C 308 -2.56 -16.54 -48.91
N SER C 309 -1.58 -15.79 -48.44
CA SER C 309 -1.71 -15.12 -47.16
C SER C 309 -1.17 -13.72 -47.15
N SER C 310 -0.45 -13.30 -48.18
CA SER C 310 0.29 -12.04 -48.16
C SER C 310 -0.57 -10.83 -48.48
N ASN C 311 -1.84 -11.04 -48.86
CA ASN C 311 -2.70 -9.96 -49.37
C ASN C 311 -3.09 -8.97 -48.28
N VAL C 312 -3.45 -9.50 -47.09
CA VAL C 312 -3.76 -8.70 -45.91
C VAL C 312 -2.55 -7.91 -45.47
N ASN C 313 -1.38 -8.53 -45.57
CA ASN C 313 -0.14 -7.95 -45.09
C ASN C 313 0.37 -6.87 -46.04
N TYR C 314 0.19 -7.10 -47.36
CA TYR C 314 0.45 -6.10 -48.40
C TYR C 314 -0.43 -4.87 -48.23
N HIS C 315 -1.72 -5.10 -47.99
CA HIS C 315 -2.60 -3.95 -47.99
C HIS C 315 -2.55 -3.20 -46.66
N LEU C 316 -2.16 -3.89 -45.57
CA LEU C 316 -1.85 -3.14 -44.37
C LEU C 316 -0.51 -2.42 -44.49
N SER C 317 0.41 -2.87 -45.37
CA SER C 317 1.60 -2.06 -45.57
C SER C 317 1.30 -0.80 -46.39
N SER C 318 0.26 -0.85 -47.25
CA SER C 318 -0.18 0.41 -47.86
C SER C 318 -0.84 1.33 -46.83
N GLY C 319 -1.57 0.75 -45.87
CA GLY C 319 -2.01 1.50 -44.70
C GLY C 319 -0.89 1.97 -43.79
N ILE C 320 0.27 1.30 -43.82
CA ILE C 320 1.44 1.72 -43.07
C ILE C 320 2.06 2.94 -43.73
N ILE C 321 1.97 3.04 -45.07
CA ILE C 321 2.41 4.26 -45.77
C ILE C 321 1.50 5.44 -45.45
N THR C 322 0.21 5.37 -45.86
CA THR C 322 -0.56 6.60 -46.09
C THR C 322 -0.98 7.33 -44.81
N HIS C 323 -1.24 6.59 -43.72
CA HIS C 323 -1.62 7.33 -42.53
C HIS C 323 -0.40 7.85 -41.78
N LYS C 324 0.79 7.29 -42.03
CA LYS C 324 2.00 7.97 -41.62
C LYS C 324 2.24 9.25 -42.41
N LEU C 325 1.85 9.25 -43.69
CA LEU C 325 1.88 10.50 -44.44
C LEU C 325 0.90 11.55 -43.91
N ILE C 326 -0.28 11.14 -43.40
CA ILE C 326 -1.17 12.19 -42.88
C ILE C 326 -0.73 12.64 -41.46
N GLN C 327 -0.13 11.74 -40.64
CA GLN C 327 0.30 12.14 -39.30
C GLN C 327 1.58 12.96 -39.34
N SER C 328 2.44 12.70 -40.31
CA SER C 328 3.55 13.60 -40.53
C SER C 328 3.07 14.90 -41.15
N MET C 329 2.11 14.81 -42.09
CA MET C 329 1.79 15.90 -43.01
C MET C 329 1.02 17.01 -42.31
N GLY C 330 -0.01 16.63 -41.55
CA GLY C 330 -0.79 17.62 -40.81
C GLY C 330 -0.02 18.26 -39.67
N GLU C 331 0.93 17.52 -39.09
CA GLU C 331 1.70 18.07 -37.99
C GLU C 331 2.76 19.03 -38.50
N VAL C 332 3.46 18.67 -39.58
CA VAL C 332 4.39 19.63 -40.20
C VAL C 332 3.65 20.70 -40.98
N TYR C 333 2.37 20.50 -41.30
CA TYR C 333 1.53 21.53 -41.90
C TYR C 333 1.13 22.58 -40.87
N MET C 334 0.75 22.11 -39.68
CA MET C 334 0.57 22.97 -38.51
C MET C 334 1.84 23.74 -38.17
N ASP C 335 2.99 23.06 -38.23
CA ASP C 335 4.26 23.68 -37.90
C ASP C 335 4.73 24.63 -39.00
N ILE C 336 4.38 24.37 -40.26
CA ILE C 336 4.84 25.26 -41.31
C ILE C 336 3.95 26.49 -41.37
N CYS C 337 2.70 26.39 -40.89
CA CYS C 337 1.91 27.62 -40.72
C CYS C 337 2.35 28.41 -39.50
N VAL C 338 2.78 27.72 -38.43
CA VAL C 338 3.35 28.38 -37.25
C VAL C 338 4.65 29.08 -37.62
N GLN C 339 5.46 28.43 -38.47
CA GLN C 339 6.67 29.02 -39.04
C GLN C 339 6.34 30.20 -39.95
N LYS C 340 5.20 30.11 -40.65
CA LYS C 340 4.87 31.14 -41.62
C LYS C 340 4.42 32.41 -40.92
N GLN C 341 3.59 32.26 -39.88
CA GLN C 341 3.24 33.42 -39.03
C GLN C 341 4.44 33.91 -38.23
N GLU C 342 5.39 33.00 -37.93
CA GLU C 342 6.64 33.38 -37.31
C GLU C 342 7.51 34.24 -38.22
N LEU C 343 7.41 34.03 -39.54
CA LEU C 343 8.09 34.96 -40.43
C LEU C 343 7.31 36.26 -40.56
N ASP C 344 6.06 36.22 -41.05
CA ASP C 344 5.48 37.47 -41.49
C ASP C 344 4.78 38.24 -40.38
N ASP C 345 4.81 37.74 -39.14
CA ASP C 345 4.35 38.51 -38.01
C ASP C 345 5.39 39.57 -37.64
N TYR C 346 6.67 39.18 -37.65
CA TYR C 346 7.67 39.95 -36.92
C TYR C 346 8.40 40.96 -37.78
N SER C 347 8.74 40.61 -39.04
CA SER C 347 10.00 41.06 -39.65
C SER C 347 10.00 42.54 -40.02
N CYS C 348 8.97 43.00 -40.71
CA CYS C 348 8.76 44.44 -40.79
C CYS C 348 8.23 45.02 -39.49
N LEU C 349 7.52 44.23 -38.69
CA LEU C 349 6.59 44.76 -37.70
C LEU C 349 7.12 44.70 -36.28
N ASP C 350 8.44 44.57 -36.08
CA ASP C 350 9.00 44.52 -34.73
C ASP C 350 10.37 45.20 -34.74
N ASP C 351 10.42 46.44 -34.24
CA ASP C 351 11.62 47.22 -33.94
C ASP C 351 12.50 47.49 -35.16
N LEU C 352 11.92 47.49 -36.35
CA LEU C 352 12.64 47.92 -37.53
C LEU C 352 12.25 49.33 -37.94
N GLN C 353 11.00 49.73 -37.63
CA GLN C 353 10.58 51.13 -37.60
C GLN C 353 10.07 51.58 -36.24
N ASN C 354 9.96 50.69 -35.25
CA ASN C 354 9.34 51.03 -33.98
C ASN C 354 10.32 51.85 -33.13
N ASP C 355 11.62 51.59 -33.29
CA ASP C 355 12.65 52.39 -32.66
C ASP C 355 12.71 53.81 -33.22
N HIS C 356 12.39 53.96 -34.52
CA HIS C 356 12.35 55.26 -35.19
C HIS C 356 11.27 56.17 -34.61
N LEU C 357 10.07 55.63 -34.44
CA LEU C 357 9.01 56.40 -33.80
C LEU C 357 9.19 56.49 -32.29
N LYS C 358 9.98 55.59 -31.69
CA LYS C 358 10.34 55.75 -30.29
C LYS C 358 11.31 56.92 -30.11
N PHE C 359 12.15 57.19 -31.11
CA PHE C 359 12.92 58.44 -31.13
C PHE C 359 12.01 59.63 -31.31
N PHE C 360 11.21 59.59 -32.38
CA PHE C 360 10.46 60.74 -32.88
C PHE C 360 9.24 61.07 -32.04
N SER C 361 8.87 60.23 -31.05
CA SER C 361 7.86 60.64 -30.09
C SER C 361 8.39 61.74 -29.19
N ASN C 362 9.42 61.42 -28.40
CA ASN C 362 9.88 62.35 -27.38
C ASN C 362 10.76 63.46 -27.94
N GLU C 363 11.44 63.23 -29.08
CA GLU C 363 12.21 64.32 -29.70
C GLU C 363 11.29 65.41 -30.23
N ASP C 364 10.19 65.01 -30.88
CA ASP C 364 9.25 66.00 -31.40
C ASP C 364 8.38 66.59 -30.30
N GLU C 365 8.21 65.85 -29.18
CA GLU C 365 7.68 66.42 -27.95
C GLU C 365 8.53 67.57 -27.44
N LYS C 366 9.86 67.42 -27.48
CA LYS C 366 10.71 68.54 -27.05
C LYS C 366 10.76 69.69 -28.04
N ILE C 367 10.53 69.44 -29.35
CA ILE C 367 10.35 70.56 -30.29
C ILE C 367 9.06 71.33 -29.99
N ILE C 368 7.96 70.63 -29.72
CA ILE C 368 6.71 71.36 -29.49
C ILE C 368 6.59 71.94 -28.10
N LYS C 369 7.49 71.59 -27.18
CA LYS C 369 7.56 72.37 -25.94
C LYS C 369 8.75 73.33 -25.90
N GLU C 370 9.54 73.42 -26.99
CA GLU C 370 10.58 74.44 -27.03
C GLU C 370 10.17 75.70 -27.81
N TYR C 371 9.51 75.52 -28.98
CA TYR C 371 9.26 76.67 -29.87
C TYR C 371 8.27 77.70 -29.34
N GLU C 372 7.37 77.33 -28.43
CA GLU C 372 6.51 78.31 -27.78
C GLU C 372 7.31 79.23 -26.83
N THR C 373 8.34 78.68 -26.16
CA THR C 373 9.16 79.47 -25.26
C THR C 373 10.10 80.39 -26.04
N VAL C 374 10.64 79.91 -27.16
CA VAL C 374 11.53 80.79 -27.94
C VAL C 374 10.71 81.79 -28.77
N LEU C 375 9.43 81.53 -29.05
CA LEU C 375 8.63 82.53 -29.73
C LEU C 375 7.97 83.51 -28.77
N ARG C 376 8.01 83.25 -27.46
CA ARG C 376 7.60 84.29 -26.51
C ARG C 376 8.77 85.15 -25.99
N THR C 377 9.96 84.56 -25.78
CA THR C 377 10.97 85.22 -24.96
C THR C 377 11.79 86.26 -25.73
N ASN C 378 12.00 86.05 -27.04
CA ASN C 378 12.72 87.01 -27.89
C ASN C 378 11.93 88.31 -28.06
N ASN C 379 10.62 88.20 -28.27
CA ASN C 379 9.80 89.40 -28.39
C ASN C 379 9.56 90.06 -27.04
N GLU C 380 9.57 89.28 -25.93
CA GLU C 380 9.48 89.93 -24.62
C GLU C 380 10.76 90.67 -24.26
N ASN C 381 11.93 90.22 -24.75
CA ASN C 381 13.13 91.01 -24.53
C ASN C 381 13.21 92.22 -25.44
N LEU C 382 12.67 92.10 -26.67
CA LEU C 382 12.57 93.22 -27.61
C LEU C 382 11.69 94.35 -27.06
N ASN C 383 10.66 94.02 -26.28
CA ASN C 383 9.90 95.09 -25.62
C ASN C 383 10.50 95.55 -24.29
N ARG C 384 11.12 94.63 -23.51
CA ARG C 384 11.61 95.01 -22.18
C ARG C 384 12.87 95.87 -22.24
N SER C 385 13.73 95.69 -23.26
CA SER C 385 14.88 96.58 -23.42
C SER C 385 14.46 97.99 -23.82
N HIS C 386 13.38 98.12 -24.60
CA HIS C 386 12.88 99.42 -25.01
C HIS C 386 12.23 100.17 -23.85
N GLU C 387 11.47 99.46 -22.98
CA GLU C 387 10.94 100.18 -21.82
C GLU C 387 12.00 100.43 -20.74
N LEU C 388 13.11 99.67 -20.76
CA LEU C 388 14.29 100.06 -20.00
C LEU C 388 14.87 101.38 -20.51
N GLU C 389 14.89 101.57 -21.85
CA GLU C 389 15.31 102.87 -22.40
C GLU C 389 14.32 104.00 -22.08
N VAL C 390 13.05 103.67 -21.82
CA VAL C 390 12.11 104.68 -21.30
C VAL C 390 12.45 105.07 -19.86
N GLU C 391 12.46 104.09 -18.94
CA GLU C 391 12.51 104.49 -17.54
C GLU C 391 13.92 104.81 -17.04
N ASN C 392 14.96 104.44 -17.78
CA ASN C 392 16.28 104.98 -17.46
C ASN C 392 16.39 106.44 -17.86
N ASN C 393 15.65 106.86 -18.90
CA ASN C 393 15.58 108.28 -19.24
C ASN C 393 14.74 109.05 -18.23
N LEU C 394 13.72 108.40 -17.64
CA LEU C 394 13.05 109.03 -16.49
C LEU C 394 13.96 109.14 -15.26
N LYS C 395 14.86 108.16 -15.06
CA LYS C 395 15.89 108.26 -14.03
C LYS C 395 16.90 109.37 -14.37
N PHE C 396 17.12 109.63 -15.65
CA PHE C 396 18.00 110.74 -16.05
C PHE C 396 17.33 112.09 -15.79
N SER C 397 16.02 112.18 -16.03
CA SER C 397 15.35 113.47 -15.83
C SER C 397 15.10 113.79 -14.36
N GLN C 398 15.02 112.77 -13.47
CA GLN C 398 14.87 113.12 -12.05
C GLN C 398 16.17 113.69 -11.47
N ILE C 399 17.33 113.14 -11.84
CA ILE C 399 18.60 113.68 -11.36
C ILE C 399 18.96 114.96 -12.12
N GLU C 400 18.37 115.17 -13.31
CA GLU C 400 18.42 116.48 -13.97
C GLU C 400 17.66 117.54 -13.15
N THR C 401 16.48 117.19 -12.63
CA THR C 401 15.75 118.16 -11.81
C THR C 401 16.39 118.34 -10.43
N LEU C 402 17.07 117.31 -9.91
CA LEU C 402 17.87 117.51 -8.70
C LEU C 402 19.11 118.37 -8.97
N GLU C 403 19.63 118.34 -10.20
CA GLU C 403 20.75 119.20 -10.57
C GLU C 403 20.31 120.66 -10.72
N LYS C 404 19.12 120.88 -11.31
CA LYS C 404 18.52 122.21 -11.36
C LYS C 404 18.17 122.72 -9.96
N ASP C 405 17.78 121.81 -9.06
CA ASP C 405 17.48 122.17 -7.69
C ASP C 405 18.75 122.53 -6.91
N ILE C 406 19.86 121.81 -7.11
CA ILE C 406 21.06 122.13 -6.33
C ILE C 406 21.74 123.39 -6.89
N GLU C 407 21.53 123.72 -8.17
CA GLU C 407 21.98 125.04 -8.64
C GLU C 407 21.11 126.21 -8.15
N THR C 408 19.77 126.05 -8.09
CA THR C 408 18.98 127.17 -7.57
C THR C 408 19.09 127.32 -6.05
N LEU C 409 19.32 126.24 -5.31
CA LEU C 409 19.62 126.43 -3.89
C LEU C 409 21.10 126.76 -3.65
N LYS C 410 21.97 126.57 -4.64
CA LYS C 410 23.31 127.15 -4.58
C LYS C 410 23.23 128.66 -4.73
N GLY C 411 22.33 129.14 -5.59
CA GLY C 411 21.99 130.56 -5.62
C GLY C 411 21.34 131.06 -4.32
N SER C 412 20.59 130.18 -3.65
CA SER C 412 20.08 130.53 -2.32
C SER C 412 21.19 130.58 -1.26
N LEU C 413 22.23 129.75 -1.36
CA LEU C 413 23.38 129.91 -0.47
C LEU C 413 24.24 131.12 -0.84
N MET C 414 24.17 131.60 -2.08
CA MET C 414 24.70 132.94 -2.36
C MET C 414 23.87 134.01 -1.66
N ALA C 415 22.55 133.92 -1.75
CA ALA C 415 21.65 134.98 -1.29
C ALA C 415 21.53 135.09 0.23
N GLN C 416 21.06 134.03 0.91
CA GLN C 416 20.80 134.09 2.34
C GLN C 416 22.06 134.07 3.20
N GLY C 417 23.20 133.67 2.65
CA GLY C 417 24.44 133.75 3.40
C GLY C 417 24.98 135.14 3.55
N GLU C 418 24.58 136.06 2.66
CA GLU C 418 24.99 137.46 2.77
C GLU C 418 24.30 138.16 3.94
N THR C 419 22.97 138.11 3.98
CA THR C 419 22.19 138.81 4.99
C THR C 419 22.13 137.99 6.27
N LEU C 420 22.49 138.62 7.39
CA LEU C 420 22.51 137.94 8.68
C LEU C 420 22.09 138.84 9.85
N SER C 421 21.57 140.03 9.59
CA SER C 421 21.48 141.09 10.60
C SER C 421 20.10 141.07 11.26
N LYS C 422 20.03 140.34 12.39
CA LYS C 422 18.95 140.38 13.41
C LYS C 422 17.55 140.11 12.87
N LEU C 423 17.41 139.36 11.79
CA LEU C 423 16.11 139.17 11.16
C LEU C 423 15.93 137.69 10.81
N LYS C 424 14.94 137.43 9.97
CA LYS C 424 14.47 136.09 9.60
C LYS C 424 15.01 135.69 8.24
N ASP C 425 16.27 136.01 7.98
CA ASP C 425 16.83 136.05 6.64
C ASP C 425 17.07 134.66 6.05
N ALA C 426 17.79 133.80 6.77
CA ALA C 426 18.22 132.53 6.22
C ALA C 426 17.39 131.35 6.71
N PHE C 427 16.99 131.34 7.98
CA PHE C 427 16.49 130.13 8.62
C PHE C 427 14.98 129.96 8.51
N VAL C 428 14.33 130.67 7.58
CA VAL C 428 13.07 130.25 6.99
C VAL C 428 13.25 129.86 5.53
N LYS C 429 14.50 129.83 5.06
CA LYS C 429 14.85 129.33 3.72
C LYS C 429 15.79 128.15 3.75
N THR C 430 16.76 128.13 4.67
CA THR C 430 17.88 127.18 4.63
C THR C 430 17.47 125.79 5.12
N ASP C 431 16.51 125.71 6.04
CA ASP C 431 15.98 124.40 6.44
C ASP C 431 15.15 123.76 5.33
N ASN C 432 14.50 124.59 4.50
CA ASN C 432 13.82 124.09 3.30
C ASN C 432 14.82 123.57 2.28
N VAL C 433 16.00 124.20 2.19
CA VAL C 433 17.10 123.69 1.37
C VAL C 433 17.60 122.35 1.90
N GLN C 434 17.60 122.17 3.23
CA GLN C 434 18.03 120.90 3.80
C GLN C 434 17.01 119.79 3.60
N ASP C 435 15.70 120.07 3.74
CA ASP C 435 14.73 119.02 3.38
C ASP C 435 14.64 118.77 1.88
N GLU C 436 14.97 119.77 1.04
CA GLU C 436 15.04 119.53 -0.40
C GLU C 436 16.24 118.66 -0.76
N ILE C 437 17.40 118.88 -0.14
CA ILE C 437 18.56 118.03 -0.44
C ILE C 437 18.43 116.65 0.21
N GLU C 438 17.64 116.53 1.31
CA GLU C 438 17.28 115.21 1.82
C GLU C 438 16.34 114.48 0.87
N LYS C 439 15.45 115.23 0.20
CA LYS C 439 14.64 114.63 -0.86
C LYS C 439 15.48 114.24 -2.07
N GLU C 440 16.55 114.99 -2.37
CA GLU C 440 17.49 114.59 -3.43
C GLU C 440 18.21 113.29 -3.11
N GLU C 441 18.65 113.13 -1.85
CA GLU C 441 19.36 111.92 -1.45
C GLU C 441 18.44 110.70 -1.42
N ARG C 442 17.23 110.83 -0.84
CA ARG C 442 16.32 109.68 -0.78
C ARG C 442 15.70 109.32 -2.14
N VAL C 443 15.39 110.31 -2.99
CA VAL C 443 14.89 110.02 -4.34
C VAL C 443 15.99 109.40 -5.21
N SER C 444 17.25 109.81 -5.03
CA SER C 444 18.33 109.20 -5.81
C SER C 444 18.66 107.77 -5.35
N VAL C 445 18.60 107.50 -4.03
CA VAL C 445 18.93 106.12 -3.60
C VAL C 445 17.73 105.20 -3.84
N SER C 446 16.51 105.71 -3.86
CA SER C 446 15.36 104.88 -4.15
C SER C 446 14.99 104.86 -5.62
N ARG C 447 15.72 105.58 -6.47
CA ARG C 447 15.47 105.57 -7.91
C ARG C 447 16.59 104.90 -8.70
N ASP C 448 17.84 105.35 -8.49
CA ASP C 448 18.94 105.00 -9.38
C ASP C 448 19.37 103.55 -9.17
N THR C 449 19.38 103.09 -7.91
CA THR C 449 19.71 101.70 -7.59
C THR C 449 18.66 100.72 -8.10
N GLU C 450 17.39 101.14 -8.08
CA GLU C 450 16.31 100.35 -8.68
C GLU C 450 16.47 100.22 -10.19
N LYS C 451 16.93 101.30 -10.83
CA LYS C 451 17.17 101.24 -12.28
C LYS C 451 18.39 100.41 -12.64
N LYS C 452 19.44 100.42 -11.80
CA LYS C 452 20.57 99.51 -12.06
C LYS C 452 20.20 98.05 -11.80
N TYR C 453 19.30 97.81 -10.83
CA TYR C 453 18.83 96.45 -10.53
C TYR C 453 18.00 95.89 -11.67
N MET C 454 17.10 96.70 -12.24
CA MET C 454 16.38 96.19 -13.41
C MET C 454 17.22 96.23 -14.68
N GLU C 455 18.31 97.02 -14.72
CA GLU C 455 19.26 96.91 -15.83
C GLU C 455 19.94 95.55 -15.83
N GLN C 456 20.41 95.08 -14.68
CA GLN C 456 21.05 93.76 -14.66
C GLN C 456 20.02 92.63 -14.76
N GLU C 457 18.75 92.89 -14.42
CA GLU C 457 17.67 91.93 -14.65
C GLU C 457 17.39 91.75 -16.15
N ILE C 458 17.22 92.85 -16.89
CA ILE C 458 16.93 92.74 -18.33
C ILE C 458 18.19 92.35 -19.12
N LYS C 459 19.40 92.62 -18.60
CA LYS C 459 20.56 92.03 -19.26
C LYS C 459 20.77 90.55 -18.93
N ARG C 460 20.27 90.05 -17.78
CA ARG C 460 20.20 88.60 -17.60
C ARG C 460 19.16 88.01 -18.53
N ALA C 461 18.10 88.77 -18.82
CA ALA C 461 17.12 88.33 -19.81
C ALA C 461 17.68 88.32 -21.24
N VAL C 462 18.61 89.22 -21.60
CA VAL C 462 19.15 89.13 -22.97
C VAL C 462 20.23 88.03 -23.01
N ASP C 463 20.86 87.72 -21.86
CA ASP C 463 21.66 86.49 -21.76
C ASP C 463 20.78 85.24 -21.91
N ALA C 464 19.56 85.29 -21.37
CA ALA C 464 18.63 84.17 -21.46
C ALA C 464 18.12 83.99 -22.89
N ILE C 465 17.83 85.08 -23.61
CA ILE C 465 17.46 84.95 -25.01
C ILE C 465 18.67 84.61 -25.89
N ARG C 466 19.89 84.89 -25.45
CA ARG C 466 21.07 84.50 -26.22
C ARG C 466 21.31 83.00 -26.11
N GLU C 467 21.21 82.45 -24.89
CA GLU C 467 21.33 81.00 -24.74
C GLU C 467 20.13 80.26 -25.31
N ASN C 468 18.95 80.91 -25.33
CA ASN C 468 17.79 80.30 -25.96
C ASN C 468 17.88 80.31 -27.48
N GLU C 469 18.44 81.38 -28.08
CA GLU C 469 18.57 81.42 -29.53
C GLU C 469 19.63 80.46 -30.03
N GLU C 470 20.75 80.32 -29.30
CA GLU C 470 21.73 79.30 -29.71
C GLU C 470 21.24 77.89 -29.40
N GLU C 471 20.44 77.72 -28.34
CA GLU C 471 19.93 76.42 -27.97
C GLU C 471 18.73 76.01 -28.83
N THR C 472 18.15 76.94 -29.58
CA THR C 472 17.21 76.53 -30.63
C THR C 472 17.86 76.42 -32.00
N HIS C 473 18.95 77.16 -32.27
CA HIS C 473 19.71 76.92 -33.51
C HIS C 473 20.42 75.56 -33.48
N LYS C 474 20.79 75.10 -32.27
CA LYS C 474 21.25 73.73 -32.05
C LYS C 474 20.19 72.72 -32.47
N LEU C 475 18.94 72.94 -32.07
CA LEU C 475 17.89 72.03 -32.47
C LEU C 475 17.47 72.19 -33.94
N ASN C 476 17.68 73.35 -34.57
CA ASN C 476 17.42 73.45 -36.01
C ASN C 476 18.46 72.69 -36.84
N GLU C 477 19.72 72.69 -36.39
CA GLU C 477 20.67 71.81 -37.06
C GLU C 477 20.46 70.34 -36.67
N LYS C 478 19.87 70.07 -35.51
CA LYS C 478 19.35 68.73 -35.30
C LYS C 478 18.05 68.46 -36.06
N GLN C 479 17.34 69.47 -36.55
CA GLN C 479 16.25 69.19 -37.49
C GLN C 479 16.78 68.80 -38.85
N ASN C 480 17.91 69.42 -39.25
CA ASN C 480 18.64 68.96 -40.43
C ASN C 480 19.17 67.54 -40.23
N GLY C 481 19.63 67.24 -39.00
CA GLY C 481 20.01 65.88 -38.65
C GLY C 481 18.83 64.92 -38.61
N LEU C 482 17.65 65.41 -38.23
CA LEU C 482 16.47 64.55 -38.22
C LEU C 482 15.88 64.33 -39.61
N GLU C 483 16.07 65.26 -40.55
CA GLU C 483 15.78 64.93 -41.95
C GLU C 483 16.77 63.92 -42.49
N SER C 484 18.04 64.03 -42.08
CA SER C 484 19.04 63.04 -42.44
C SER C 484 18.78 61.68 -41.79
N GLU C 485 18.12 61.65 -40.63
CA GLU C 485 17.52 60.41 -40.14
C GLU C 485 16.33 60.00 -40.99
N LEU C 486 15.50 60.97 -41.39
CA LEU C 486 14.13 60.69 -41.82
C LEU C 486 14.08 60.07 -43.22
N LYS C 487 14.92 60.55 -44.16
CA LYS C 487 15.00 59.85 -45.46
C LYS C 487 15.66 58.48 -45.33
N LEU C 488 16.56 58.31 -44.36
CA LEU C 488 17.19 57.01 -44.13
C LEU C 488 16.21 56.03 -43.50
N LYS C 489 15.34 56.50 -42.60
CA LYS C 489 14.28 55.63 -42.11
C LYS C 489 13.18 55.41 -43.12
N PHE C 490 13.04 56.29 -44.11
CA PHE C 490 12.18 55.98 -45.25
C PHE C 490 12.77 54.86 -46.10
N GLU C 491 14.10 54.86 -46.29
CA GLU C 491 14.75 53.72 -46.93
C GLU C 491 14.76 52.47 -46.05
N LYS C 492 14.67 52.63 -44.72
CA LYS C 492 14.35 51.49 -43.86
C LYS C 492 12.94 50.99 -44.11
N SER C 493 11.98 51.92 -44.21
CA SER C 493 10.57 51.57 -44.11
C SER C 493 10.03 50.98 -45.40
N GLU C 494 10.37 51.58 -46.55
CA GLU C 494 9.84 51.09 -47.83
C GLU C 494 10.46 49.76 -48.24
N ILE C 495 11.78 49.61 -48.02
CA ILE C 495 12.44 48.34 -48.30
C ILE C 495 12.06 47.31 -47.22
N SER C 496 11.72 47.76 -46.00
CA SER C 496 11.21 46.88 -44.96
C SER C 496 9.81 46.37 -45.29
N THR C 497 9.02 47.17 -46.01
CA THR C 497 7.78 46.66 -46.55
C THR C 497 8.03 45.69 -47.70
N LYS C 498 8.92 46.03 -48.64
CA LYS C 498 9.11 45.21 -49.86
C LYS C 498 9.76 43.86 -49.58
N GLU C 499 10.57 43.75 -48.52
CA GLU C 499 11.10 42.44 -48.13
C GLU C 499 9.97 41.56 -47.58
N LEU C 500 9.00 42.15 -46.90
CA LEU C 500 7.91 41.32 -46.41
C LEU C 500 6.87 41.08 -47.49
N ASN C 501 6.77 41.93 -48.52
CA ASN C 501 5.93 41.60 -49.67
C ASN C 501 6.52 40.44 -50.48
N GLU C 502 7.85 40.45 -50.67
CA GLU C 502 8.51 39.32 -51.32
C GLU C 502 8.48 38.05 -50.46
N LYS C 503 8.52 38.20 -49.14
CA LYS C 503 8.38 37.02 -48.31
C LYS C 503 6.94 36.57 -48.08
N ILE C 504 5.92 37.41 -48.24
CA ILE C 504 4.59 36.84 -48.20
C ILE C 504 4.24 36.24 -49.55
N GLY C 505 4.87 36.70 -50.63
CA GLY C 505 4.82 35.96 -51.88
C GLY C 505 5.48 34.60 -51.78
N PHE C 506 6.59 34.55 -51.03
CA PHE C 506 7.28 33.29 -50.73
C PHE C 506 6.44 32.38 -49.83
N LEU C 507 5.92 32.90 -48.72
CA LEU C 507 5.19 32.09 -47.74
C LEU C 507 3.85 31.62 -48.28
N LYS C 508 3.11 32.49 -48.98
CA LYS C 508 1.87 32.06 -49.58
C LYS C 508 2.10 31.18 -50.81
N LYS C 509 3.24 31.28 -51.51
CA LYS C 509 3.46 30.38 -52.63
C LYS C 509 3.84 28.97 -52.16
N GLU C 510 4.71 28.88 -51.14
CA GLU C 510 5.00 27.58 -50.54
C GLU C 510 3.83 27.05 -49.71
N LEU C 511 2.92 27.90 -49.27
CA LEU C 511 1.70 27.36 -48.65
C LEU C 511 0.64 26.97 -49.67
N LYS C 512 0.64 27.55 -50.88
CA LYS C 512 -0.11 26.95 -51.99
C LYS C 512 0.43 25.57 -52.34
N LEU C 513 1.76 25.40 -52.36
CA LEU C 513 2.30 24.07 -52.61
C LEU C 513 2.09 23.13 -51.43
N GLU C 514 2.08 23.67 -50.20
CA GLU C 514 1.76 22.89 -49.00
C GLU C 514 0.31 22.44 -49.00
N ASN C 515 -0.61 23.29 -49.43
CA ASN C 515 -2.00 22.84 -49.53
C ASN C 515 -2.26 22.02 -50.79
N ASP C 516 -1.42 22.11 -51.82
CA ASP C 516 -1.52 21.16 -52.93
C ASP C 516 -1.10 19.76 -52.51
N LEU C 517 0.00 19.64 -51.76
CA LEU C 517 0.40 18.33 -51.26
C LEU C 517 -0.54 17.85 -50.15
N ASN C 518 -1.12 18.78 -49.40
CA ASN C 518 -2.14 18.45 -48.40
C ASN C 518 -3.41 17.91 -49.05
N GLU C 519 -3.90 18.61 -50.09
CA GLU C 519 -5.12 18.25 -50.80
C GLU C 519 -4.98 16.94 -51.55
N GLU C 520 -3.87 16.76 -52.26
CA GLU C 520 -3.64 15.54 -53.00
C GLU C 520 -3.26 14.38 -52.08
N LEU C 521 -2.71 14.66 -50.90
CA LEU C 521 -2.26 13.58 -50.04
C LEU C 521 -3.43 13.06 -49.22
N VAL C 522 -4.37 13.92 -48.81
CA VAL C 522 -5.58 13.36 -48.22
C VAL C 522 -6.55 12.92 -49.31
N GLY C 523 -6.37 13.34 -50.56
CA GLY C 523 -7.13 12.76 -51.65
C GLY C 523 -6.74 11.32 -51.94
N GLN C 524 -5.44 11.02 -51.92
CA GLN C 524 -5.03 9.62 -52.06
C GLN C 524 -5.30 8.84 -50.78
N LEU C 525 -5.32 9.53 -49.62
CA LEU C 525 -5.73 8.85 -48.40
C LEU C 525 -7.22 8.53 -48.42
N SER C 526 -8.04 9.39 -49.02
CA SER C 526 -9.45 9.08 -49.22
C SER C 526 -9.63 7.95 -50.22
N LYS C 527 -8.73 7.89 -51.24
CA LYS C 527 -8.71 6.79 -52.20
C LYS C 527 -8.36 5.46 -51.52
N THR C 528 -7.33 5.44 -50.66
CA THR C 528 -6.98 4.17 -50.04
C THR C 528 -7.86 3.85 -48.84
N MET C 529 -8.62 4.81 -48.30
CA MET C 529 -9.64 4.44 -47.33
C MET C 529 -10.89 3.88 -47.99
N ASP C 530 -11.23 4.35 -49.21
CA ASP C 530 -12.23 3.64 -50.03
C ASP C 530 -11.76 2.24 -50.38
N ASN C 531 -10.48 2.10 -50.75
CA ASN C 531 -9.93 0.80 -51.09
C ASN C 531 -9.74 -0.07 -49.84
N LEU C 532 -9.59 0.53 -48.68
CA LEU C 532 -9.36 -0.23 -47.45
C LEU C 532 -10.67 -0.63 -46.81
N GLU C 533 -11.71 0.16 -47.03
CA GLU C 533 -13.08 -0.27 -46.80
C GLU C 533 -13.46 -1.39 -47.76
N ASN C 534 -12.94 -1.35 -48.99
CA ASN C 534 -13.24 -2.40 -49.97
C ASN C 534 -12.52 -3.71 -49.65
N LEU C 535 -11.24 -3.64 -49.26
CA LEU C 535 -10.45 -4.84 -48.98
C LEU C 535 -10.29 -5.13 -47.50
N THR C 536 -11.15 -4.60 -46.63
CA THR C 536 -11.23 -5.20 -45.30
C THR C 536 -12.08 -6.46 -45.28
N ILE C 537 -12.86 -6.69 -46.32
CA ILE C 537 -13.85 -7.78 -46.39
C ILE C 537 -13.31 -9.17 -46.73
N PRO C 538 -12.69 -9.47 -47.91
CA PRO C 538 -12.92 -10.79 -48.54
C PRO C 538 -12.22 -11.99 -47.93
N ARG C 539 -11.09 -11.78 -47.23
CA ARG C 539 -10.25 -12.89 -46.77
C ARG C 539 -10.89 -13.63 -45.59
N VAL C 540 -11.82 -12.99 -44.89
CA VAL C 540 -12.68 -13.62 -43.89
C VAL C 540 -13.57 -14.70 -44.55
N ARG C 541 -14.01 -14.46 -45.78
CA ARG C 541 -14.78 -15.48 -46.50
C ARG C 541 -13.88 -16.50 -47.19
N THR C 542 -12.97 -16.04 -48.07
CA THR C 542 -12.32 -16.95 -49.01
C THR C 542 -11.26 -17.84 -48.37
N GLN C 543 -10.77 -17.48 -47.18
CA GLN C 543 -10.01 -18.40 -46.35
C GLN C 543 -10.54 -18.33 -44.92
N LYS D 1 55.72 -3.18 4.14
CA LYS D 1 56.25 -1.92 4.66
C LYS D 1 56.04 -1.89 6.18
N VAL D 2 56.92 -1.24 6.92
CA VAL D 2 56.83 -1.18 8.38
C VAL D 2 56.96 0.29 8.77
N TYR D 3 55.94 0.82 9.42
CA TYR D 3 55.90 2.24 9.71
C TYR D 3 55.75 2.45 11.20
N TYR D 4 56.14 3.63 11.66
CA TYR D 4 56.09 3.97 13.08
C TYR D 4 55.51 5.35 13.29
N LEU D 5 54.99 5.56 14.50
CA LEU D 5 54.31 6.78 14.90
C LEU D 5 54.79 7.22 16.27
N PRO D 6 54.99 8.53 16.47
CA PRO D 6 55.21 9.03 17.83
C PRO D 6 53.95 9.08 18.67
N VAL D 7 53.84 8.15 19.62
CA VAL D 7 52.75 8.19 20.58
C VAL D 7 53.20 9.08 21.73
N THR D 8 52.50 10.17 21.95
CA THR D 8 52.76 11.07 23.05
C THR D 8 51.86 10.69 24.22
N LEU D 9 51.83 11.50 25.27
CA LEU D 9 51.12 11.15 26.49
C LEU D 9 50.19 12.27 26.94
N THR D 10 49.29 11.92 27.86
CA THR D 10 48.53 12.89 28.62
C THR D 10 48.98 12.85 30.09
N GLN D 11 48.39 13.76 30.89
CA GLN D 11 48.64 13.85 32.33
C GLN D 11 48.31 12.55 33.07
N PHE D 12 47.22 11.88 32.66
CA PHE D 12 46.83 10.63 33.28
C PHE D 12 47.79 9.49 32.92
N GLN D 13 48.45 9.59 31.77
CA GLN D 13 49.57 8.74 31.44
C GLN D 13 50.86 9.14 32.15
N LYS D 14 50.88 10.30 32.80
CA LYS D 14 52.05 10.70 33.57
C LYS D 14 51.92 10.39 35.06
N ASP D 15 50.72 10.53 35.64
CA ASP D 15 50.64 10.53 37.11
C ASP D 15 50.69 9.12 37.72
N LEU D 16 49.97 8.15 37.14
CA LEU D 16 49.97 6.79 37.69
C LEU D 16 51.29 6.07 37.47
N SER D 17 52.06 6.48 36.44
CA SER D 17 53.41 5.97 36.22
C SER D 17 54.32 6.32 37.39
N GLU D 18 54.34 7.59 37.79
CA GLU D 18 55.14 8.01 38.94
C GLU D 18 54.55 7.55 40.27
N ILE D 19 53.25 7.24 40.30
CA ILE D 19 52.65 6.54 41.44
C ILE D 19 53.26 5.14 41.59
N LEU D 20 53.41 4.43 40.48
CA LEU D 20 54.02 3.10 40.52
C LEU D 20 55.53 3.15 40.70
N ILE D 21 56.16 4.22 40.24
CA ILE D 21 57.58 4.47 40.52
C ILE D 21 57.79 4.76 42.01
N SER D 22 56.86 5.50 42.63
CA SER D 22 57.03 5.94 44.02
C SER D 22 56.89 4.81 45.03
N LEU D 23 56.27 3.70 44.66
CA LEU D 23 56.28 2.54 45.53
C LEU D 23 57.54 1.70 45.34
N HIS D 24 58.17 1.76 44.17
CA HIS D 24 59.24 0.83 43.83
C HIS D 24 60.60 1.44 43.53
N ALA D 25 60.73 2.76 43.34
CA ALA D 25 62.06 3.27 43.00
C ALA D 25 62.92 3.57 44.21
N LYS D 26 62.52 3.16 45.41
CA LYS D 26 63.48 2.85 46.47
C LYS D 26 63.76 1.36 46.53
N SER D 27 62.78 0.53 46.16
CA SER D 27 63.03 -0.90 46.05
C SER D 27 63.90 -1.22 44.84
N PHE D 28 63.69 -0.52 43.72
CA PHE D 28 64.57 -0.68 42.56
C PHE D 28 65.89 0.04 42.76
N LYS D 29 65.94 1.06 43.63
CA LYS D 29 67.20 1.68 44.02
C LYS D 29 68.01 0.72 44.89
N ALA D 30 67.34 -0.01 45.79
CA ALA D 30 68.01 -1.04 46.56
C ALA D 30 68.32 -2.28 45.72
N SER D 31 67.61 -2.48 44.61
CA SER D 31 67.83 -3.67 43.79
C SER D 31 68.98 -3.48 42.80
N ILE D 32 69.03 -2.32 42.13
CA ILE D 32 70.16 -2.04 41.25
C ILE D 32 71.39 -1.66 42.07
N ILE D 33 71.24 -0.72 43.01
CA ILE D 33 72.35 -0.36 43.89
C ILE D 33 72.18 -1.07 45.23
N PRO D 57 55.62 -15.16 50.98
CA PRO D 57 55.19 -14.85 49.62
C PRO D 57 54.82 -13.38 49.44
N THR D 58 55.67 -12.49 49.96
CA THR D 58 55.47 -11.06 49.82
C THR D 58 55.60 -10.60 48.37
N LEU D 59 56.84 -10.66 47.83
CA LEU D 59 57.18 -10.27 46.46
C LEU D 59 58.60 -10.71 46.13
N SER D 60 58.83 -11.14 44.90
CA SER D 60 60.15 -11.54 44.44
C SER D 60 60.54 -10.72 43.22
N GLN D 61 61.86 -10.66 42.96
CA GLN D 61 62.44 -9.63 42.10
C GLN D 61 62.17 -9.85 40.62
N ARG D 62 62.11 -11.10 40.17
CA ARG D 62 61.57 -11.44 38.86
C ARG D 62 60.11 -11.00 38.74
N GLN D 63 59.33 -11.29 39.78
CA GLN D 63 57.92 -10.96 39.75
C GLN D 63 57.69 -9.48 39.97
N LEU D 64 58.53 -8.82 40.80
CA LEU D 64 58.48 -7.37 40.95
C LEU D 64 58.87 -6.64 39.67
N THR D 65 59.83 -7.18 38.91
CA THR D 65 60.22 -6.61 37.63
C THR D 65 59.09 -6.76 36.60
N TYR D 66 58.42 -7.92 36.60
CA TYR D 66 57.34 -8.12 35.63
C TYR D 66 56.06 -7.37 36.03
N ILE D 67 55.78 -7.19 37.33
CA ILE D 67 54.70 -6.30 37.79
C ILE D 67 54.99 -4.84 37.42
N PHE D 68 56.26 -4.40 37.56
CA PHE D 68 56.65 -3.04 37.19
C PHE D 68 56.54 -2.79 35.68
N ASP D 69 56.98 -3.76 34.87
CA ASP D 69 56.90 -3.62 33.42
C ASP D 69 55.47 -3.71 32.90
N SER D 70 54.67 -4.66 33.41
CA SER D 70 53.29 -4.80 32.95
C SER D 70 52.41 -3.66 33.47
N ASN D 71 52.72 -3.16 34.67
CA ASN D 71 52.00 -2.04 35.24
C ASN D 71 52.40 -0.71 34.61
N ILE D 72 53.57 -0.63 33.99
CA ILE D 72 53.90 0.55 33.19
C ILE D 72 53.30 0.44 31.78
N ARG D 73 53.34 -0.75 31.17
CA ARG D 73 52.76 -0.99 29.85
C ARG D 73 51.23 -0.99 29.83
N ALA D 74 50.58 -1.08 30.99
CA ALA D 74 49.16 -0.76 31.07
C ALA D 74 48.89 0.74 31.04
N ILE D 75 49.88 1.56 31.38
CA ILE D 75 49.70 3.01 31.42
C ILE D 75 50.04 3.63 30.06
N ALA D 76 51.01 3.06 29.35
CA ALA D 76 51.32 3.50 27.99
C ALA D 76 50.19 3.16 27.01
N ASN D 77 49.50 2.06 27.24
CA ASN D 77 48.33 1.65 26.47
C ASN D 77 47.10 1.77 27.37
N HIS D 78 46.49 2.97 27.40
CA HIS D 78 45.29 3.35 28.17
C HIS D 78 45.37 3.10 29.67
N PRO D 79 45.83 4.07 30.47
CA PRO D 79 46.03 3.85 31.92
C PRO D 79 44.77 3.64 32.78
N SER D 80 43.58 3.55 32.20
CA SER D 80 42.37 3.13 32.89
C SER D 80 42.21 1.62 32.97
N LEU D 81 43.26 0.85 32.68
CA LEU D 81 43.32 -0.59 32.89
C LEU D 81 44.36 -0.98 33.92
N LEU D 82 44.74 -0.05 34.79
CA LEU D 82 45.50 -0.40 35.98
C LEU D 82 44.58 -0.86 37.10
N VAL D 83 43.26 -0.68 36.92
CA VAL D 83 42.24 -1.29 37.75
C VAL D 83 42.31 -2.83 37.67
N ASP D 84 42.48 -3.45 38.82
CA ASP D 84 42.50 -4.91 38.95
C ASP D 84 41.23 -5.38 39.64
N HIS D 85 40.14 -4.66 39.44
CA HIS D 85 38.81 -5.16 39.76
C HIS D 85 38.03 -5.17 38.46
N TYR D 86 37.58 -6.35 38.05
CA TYR D 86 36.84 -6.39 36.81
C TYR D 86 35.40 -5.95 37.04
N MET D 87 34.75 -5.64 35.93
CA MET D 87 33.53 -4.88 35.89
C MET D 87 32.35 -5.80 36.25
N PRO D 88 31.14 -5.25 36.42
CA PRO D 88 29.93 -6.03 36.16
C PRO D 88 29.50 -6.09 34.70
N ARG D 89 30.37 -5.60 33.79
CA ARG D 89 30.25 -5.54 32.34
C ARG D 89 29.00 -4.77 31.94
N GLN D 90 29.01 -3.49 32.33
CA GLN D 90 27.94 -2.57 32.00
C GLN D 90 28.55 -1.34 31.35
N LEU D 91 29.73 -0.93 31.82
CA LEU D 91 30.39 0.31 31.40
C LEU D 91 30.97 0.23 29.99
N LEU D 92 31.15 -0.98 29.43
CA LEU D 92 31.81 -1.16 28.14
C LEU D 92 30.98 -0.68 26.95
N ARG D 93 29.69 -0.45 27.12
CA ARG D 93 28.90 0.31 26.16
C ARG D 93 28.45 1.66 26.73
N MET D 94 29.02 2.08 27.86
CA MET D 94 28.49 3.23 28.59
C MET D 94 29.52 4.32 28.79
N GLU D 95 30.18 4.74 27.71
CA GLU D 95 31.06 5.88 27.78
C GLU D 95 30.80 6.84 26.63
N PRO D 96 30.60 8.13 26.91
CA PRO D 96 30.77 9.15 25.87
C PRO D 96 32.20 9.24 25.39
N THR D 97 32.35 9.80 24.18
CA THR D 97 33.61 9.72 23.44
C THR D 97 34.68 10.62 24.04
N GLU D 98 34.31 11.85 24.41
CA GLU D 98 35.26 12.79 25.00
C GLU D 98 35.64 12.38 26.43
N SER D 99 34.72 11.70 27.12
CA SER D 99 35.00 11.19 28.46
C SER D 99 35.95 10.01 28.41
N SER D 100 35.84 9.19 27.36
CA SER D 100 36.63 7.97 27.25
C SER D 100 37.97 8.18 26.58
N ILE D 101 38.13 9.27 25.80
CA ILE D 101 39.47 9.63 25.36
C ILE D 101 40.16 10.56 26.35
N ALA D 102 39.54 10.85 27.49
CA ALA D 102 40.13 11.70 28.52
C ALA D 102 41.19 10.98 29.36
N GLY D 103 41.33 9.65 29.21
CA GLY D 103 42.32 8.90 29.95
C GLY D 103 43.67 8.78 29.28
N SER D 104 43.70 8.72 27.95
CA SER D 104 44.95 8.49 27.22
C SER D 104 44.97 9.29 25.92
N HIS D 105 46.19 9.65 25.52
CA HIS D 105 46.46 10.19 24.17
C HIS D 105 46.06 9.19 23.09
N LYS D 106 46.37 7.90 23.33
CA LYS D 106 46.19 6.71 22.52
C LYS D 106 44.76 6.26 22.41
N PHE D 107 43.77 7.00 22.92
CA PHE D 107 42.38 6.88 22.50
C PHE D 107 41.93 8.07 21.66
N GLN D 108 42.44 9.27 21.97
CA GLN D 108 42.16 10.49 21.22
C GLN D 108 42.60 10.38 19.78
N VAL D 109 43.89 10.14 19.58
CA VAL D 109 44.39 10.19 18.22
C VAL D 109 44.18 8.87 17.51
N LEU D 110 43.93 7.80 18.29
CA LEU D 110 43.32 6.58 17.79
C LEU D 110 41.99 6.86 17.11
N ASN D 111 41.08 7.50 17.84
CA ASN D 111 39.74 7.76 17.32
C ASN D 111 39.76 8.83 16.23
N GLN D 112 40.72 9.77 16.33
CA GLN D 112 41.01 10.73 15.26
C GLN D 112 41.41 10.04 13.97
N LEU D 113 42.32 9.05 14.06
CA LEU D 113 42.74 8.31 12.88
C LEU D 113 41.63 7.40 12.36
N ILE D 114 40.76 6.91 13.26
CA ILE D 114 39.63 6.07 12.90
C ILE D 114 38.62 6.85 12.08
N ASN D 115 38.30 8.07 12.49
CA ASN D 115 37.42 8.88 11.65
C ASN D 115 38.16 9.61 10.54
N SER D 116 39.50 9.64 10.56
CA SER D 116 40.23 10.08 9.39
C SER D 116 40.13 9.08 8.26
N ILE D 117 40.24 7.79 8.58
CA ILE D 117 40.07 6.77 7.54
C ILE D 117 38.61 6.44 7.31
N CYS D 118 37.69 6.96 8.12
CA CYS D 118 36.30 6.94 7.73
C CYS D 118 36.05 7.89 6.56
N PHE D 119 36.46 9.14 6.70
CA PHE D 119 36.05 10.21 5.79
C PHE D 119 37.10 10.46 4.72
N ARG D 120 37.75 9.41 4.25
CA ARG D 120 38.44 9.47 2.98
C ARG D 120 37.43 9.49 1.82
N ASP D 121 37.95 9.80 0.64
CA ASP D 121 37.08 9.89 -0.54
C ASP D 121 36.80 8.47 -1.04
N ARG D 122 35.52 8.11 -1.06
CA ARG D 122 35.09 6.83 -1.56
C ARG D 122 34.23 7.02 -2.80
N PRO D 126 34.43 5.34 -5.61
CA PRO D 126 34.30 3.88 -5.65
C PRO D 126 33.99 3.27 -4.29
N ASN D 127 33.37 2.09 -4.29
CA ASN D 127 33.14 1.35 -3.05
C ASN D 127 34.51 0.79 -2.64
N GLU D 128 34.86 1.05 -1.39
CA GLU D 128 36.12 0.55 -0.86
C GLU D 128 35.81 -0.31 0.36
N VAL D 129 36.18 -1.59 0.27
CA VAL D 129 35.75 -2.61 1.22
C VAL D 129 37.06 -2.97 1.93
N ILE D 130 37.90 -1.96 2.17
CA ILE D 130 39.26 -2.11 2.65
C ILE D 130 39.30 -2.52 4.12
N LYS D 131 40.47 -2.96 4.58
CA LYS D 131 40.62 -3.64 5.86
C LYS D 131 41.70 -2.98 6.70
N CYS D 132 41.71 -3.35 7.98
CA CYS D 132 42.80 -3.06 8.90
C CYS D 132 42.76 -4.07 10.04
N ALA D 133 43.85 -4.14 10.79
CA ALA D 133 43.90 -5.05 11.94
C ALA D 133 44.60 -4.39 13.12
N ILE D 134 44.03 -4.56 14.30
CA ILE D 134 44.51 -3.97 15.55
C ILE D 134 44.78 -5.09 16.54
N ILE D 135 45.99 -5.12 17.06
CA ILE D 135 46.36 -6.09 18.08
C ILE D 135 46.13 -5.42 19.44
N ALA D 136 45.91 -6.22 20.47
CA ALA D 136 45.96 -5.76 21.85
C ALA D 136 47.05 -6.51 22.60
N HIS D 137 47.35 -6.04 23.81
CA HIS D 137 48.34 -6.72 24.63
C HIS D 137 47.74 -7.93 25.35
N SER D 138 46.53 -7.79 25.87
CA SER D 138 45.89 -8.86 26.63
C SER D 138 44.39 -8.81 26.36
N ILE D 139 43.62 -9.47 27.23
CA ILE D 139 42.18 -9.62 27.03
C ILE D 139 41.44 -8.31 27.34
N LYS D 140 41.96 -7.52 28.28
CA LYS D 140 41.21 -6.39 28.81
C LYS D 140 41.28 -5.17 27.90
N GLU D 141 42.41 -5.01 27.17
CA GLU D 141 42.53 -3.96 26.17
C GLU D 141 41.59 -4.17 24.99
N LEU D 142 41.56 -5.41 24.48
CA LEU D 142 40.63 -5.78 23.42
C LEU D 142 39.17 -5.80 23.90
N ASP D 143 38.95 -6.02 25.20
CA ASP D 143 37.63 -5.86 25.79
C ASP D 143 37.19 -4.40 25.79
N LEU D 144 38.15 -3.47 25.99
CA LEU D 144 37.83 -2.06 25.74
C LEU D 144 37.68 -1.75 24.26
N LEU D 145 38.29 -2.54 23.37
CA LEU D 145 38.20 -2.25 21.94
C LEU D 145 36.86 -2.62 21.30
N GLU D 146 35.90 -3.18 22.05
CA GLU D 146 34.53 -3.23 21.56
C GLU D 146 33.91 -1.84 21.52
N GLY D 147 34.19 -1.03 22.54
CA GLY D 147 33.25 0.02 22.94
C GLY D 147 33.29 1.27 22.09
N LEU D 148 34.48 1.65 21.59
CA LEU D 148 34.62 2.92 20.89
C LEU D 148 34.04 2.87 19.48
N ILE D 149 33.98 1.68 18.87
CA ILE D 149 33.63 1.57 17.46
C ILE D 149 32.32 0.78 17.43
N LEU D 150 31.50 1.00 18.47
CA LEU D 150 30.16 0.40 18.48
C LEU D 150 29.24 1.09 17.47
N GLY D 151 28.98 2.38 17.68
CA GLY D 151 28.01 3.09 16.88
C GLY D 151 28.54 3.67 15.60
N LYS D 152 29.81 3.44 15.29
CA LYS D 152 30.41 4.01 14.10
C LYS D 152 29.99 3.23 12.87
N LYS D 153 30.09 3.88 11.71
CA LYS D 153 29.80 3.21 10.44
C LYS D 153 31.08 2.51 10.03
N PHE D 154 31.28 1.33 10.61
CA PHE D 154 32.31 0.38 10.19
C PHE D 154 31.75 -1.02 10.38
N ARG D 155 32.14 -1.90 9.49
CA ARG D 155 31.83 -3.32 9.64
C ARG D 155 32.90 -3.92 10.54
N THR D 156 32.67 -3.83 11.84
CA THR D 156 33.63 -4.26 12.86
C THR D 156 33.40 -5.71 13.22
N LYS D 157 34.42 -6.54 13.03
CA LYS D 157 34.50 -7.88 13.60
C LYS D 157 35.70 -7.97 14.54
N ARG D 158 35.43 -7.88 15.83
CA ARG D 158 36.35 -8.43 16.80
C ARG D 158 36.42 -9.94 16.61
N LEU D 159 37.64 -10.49 16.70
CA LEU D 159 37.82 -11.92 16.46
C LEU D 159 38.23 -12.66 17.73
N SER D 160 37.60 -12.34 18.85
CA SER D 160 37.67 -13.18 20.04
C SER D 160 36.35 -13.07 20.79
N GLY D 161 36.09 -14.07 21.63
CA GLY D 161 34.85 -14.14 22.37
C GLY D 161 34.90 -13.35 23.67
N THR D 162 33.96 -13.71 24.56
CA THR D 162 33.70 -13.09 25.88
C THR D 162 33.47 -11.58 25.79
N SER D 163 32.79 -11.15 24.74
CA SER D 163 32.52 -9.74 24.54
C SER D 163 31.18 -9.37 25.17
N LEU D 164 30.93 -8.07 25.25
CA LEU D 164 29.65 -7.56 25.69
C LEU D 164 28.84 -7.28 24.42
N TYR D 165 28.00 -8.27 24.05
CA TYR D 165 26.98 -8.20 22.99
C TYR D 165 27.61 -7.90 21.62
N ASN D 166 28.31 -8.92 21.12
CA ASN D 166 29.10 -8.84 19.90
C ASN D 166 28.25 -8.57 18.66
N GLU D 167 28.89 -8.01 17.63
CA GLU D 167 28.19 -7.51 16.45
C GLU D 167 27.82 -8.65 15.49
N LYS D 168 27.01 -8.31 14.49
CA LYS D 168 26.58 -9.25 13.44
C LYS D 168 26.85 -8.73 12.03
N HIS D 169 28.04 -8.20 11.76
CA HIS D 169 28.45 -7.90 10.39
C HIS D 169 28.83 -9.16 9.64
N LYS D 170 28.63 -9.14 8.32
CA LYS D 170 28.90 -10.25 7.43
C LYS D 170 29.79 -9.79 6.28
N PHE D 171 30.83 -10.66 5.92
CA PHE D 171 31.85 -10.33 4.93
C PHE D 171 31.40 -10.67 3.51
N PRO D 172 31.72 -9.81 2.54
CA PRO D 172 31.61 -10.19 1.12
C PRO D 172 32.78 -11.09 0.71
N ASN D 173 32.49 -12.40 0.58
CA ASN D 173 33.43 -13.51 0.32
C ASN D 173 34.64 -13.55 1.26
N TYR D 202 1.95 -16.60 -3.70
CA TYR D 202 1.65 -15.92 -2.45
C TYR D 202 0.61 -16.63 -1.60
N THR D 203 -0.01 -17.67 -2.19
CA THR D 203 -1.10 -18.47 -1.61
C THR D 203 -2.27 -17.60 -1.14
N GLY D 204 -2.66 -16.65 -1.99
CA GLY D 204 -3.84 -15.84 -1.74
C GLY D 204 -5.11 -16.66 -1.87
N TYR D 205 -5.40 -17.09 -3.09
CA TYR D 205 -6.37 -18.15 -3.28
C TYR D 205 -5.73 -19.51 -3.05
N SER D 206 -6.53 -20.55 -3.18
CA SER D 206 -5.99 -21.86 -3.47
C SER D 206 -5.39 -21.83 -4.87
N LYS D 207 -4.14 -22.31 -4.98
CA LYS D 207 -3.38 -22.63 -6.19
C LYS D 207 -2.95 -21.43 -7.05
N ASP D 208 -3.34 -20.21 -6.69
CA ASP D 208 -2.95 -19.02 -7.43
C ASP D 208 -1.60 -18.51 -6.96
N ASP D 209 -0.55 -19.14 -7.48
CA ASP D 209 0.82 -18.80 -7.16
C ASP D 209 1.55 -18.40 -8.43
N TYR D 210 1.80 -17.11 -8.58
CA TYR D 210 2.96 -16.68 -9.35
C TYR D 210 4.23 -16.73 -8.53
N ASP D 211 4.10 -16.39 -7.23
CA ASP D 211 5.18 -16.29 -6.25
C ASP D 211 6.26 -15.33 -6.72
N TYR D 212 5.86 -14.06 -6.82
CA TYR D 212 6.76 -12.92 -6.97
C TYR D 212 7.33 -12.46 -5.62
N SER D 213 7.04 -13.17 -4.52
CA SER D 213 7.51 -12.83 -3.17
C SER D 213 9.04 -12.86 -3.07
N VAL D 214 9.66 -13.78 -3.82
CA VAL D 214 11.11 -13.75 -4.01
C VAL D 214 11.54 -12.52 -4.82
N LYS D 215 10.81 -12.18 -5.89
CA LYS D 215 11.19 -11.01 -6.67
C LYS D 215 10.73 -9.72 -6.03
N ARG D 216 9.69 -9.76 -5.19
CA ARG D 216 9.33 -8.61 -4.39
C ARG D 216 10.39 -8.35 -3.33
N ASN D 217 10.97 -9.42 -2.77
CA ASN D 217 12.08 -9.23 -1.85
C ASN D 217 13.41 -9.03 -2.55
N LEU D 218 13.50 -9.23 -3.87
CA LEU D 218 14.78 -9.16 -4.54
C LEU D 218 15.22 -7.73 -4.80
N LYS D 219 14.30 -6.83 -5.11
CA LYS D 219 14.64 -5.42 -5.33
C LYS D 219 14.61 -4.60 -4.04
N LYS D 220 14.41 -5.24 -2.90
CA LYS D 220 14.20 -4.53 -1.64
C LYS D 220 15.53 -4.23 -0.92
N ARG D 221 16.50 -5.12 -1.01
CA ARG D 221 17.56 -5.20 -0.02
C ARG D 221 18.68 -4.19 -0.29
N LYS D 222 19.73 -4.27 0.52
CA LYS D 222 20.67 -3.18 0.75
C LYS D 222 22.05 -3.49 0.17
N ILE D 223 22.97 -2.58 0.43
CA ILE D 223 24.40 -2.77 0.20
C ILE D 223 25.18 -2.06 1.31
N ASN D 224 26.18 -2.74 1.85
CA ASN D 224 27.05 -2.15 2.85
C ASN D 224 28.29 -1.58 2.18
N THR D 225 28.46 -0.27 2.29
CA THR D 225 29.53 0.44 1.63
C THR D 225 30.35 1.05 2.77
N ASP D 226 30.71 0.19 3.71
CA ASP D 226 31.47 0.57 4.88
C ASP D 226 32.87 -0.02 4.79
N ASP D 227 33.63 0.09 5.86
CA ASP D 227 35.01 -0.36 5.91
C ASP D 227 35.13 -1.56 6.85
N TRP D 228 36.27 -2.25 6.75
CA TRP D 228 36.52 -3.45 7.53
C TRP D 228 37.78 -3.33 8.35
N LEU D 229 37.65 -3.60 9.65
CA LEU D 229 38.77 -3.66 10.57
C LEU D 229 38.53 -4.84 11.51
N PHE D 230 39.62 -5.41 12.00
CA PHE D 230 39.54 -6.56 12.89
C PHE D 230 40.40 -6.37 14.13
N LEU D 231 40.04 -7.11 15.18
CA LEU D 231 40.53 -6.88 16.53
C LEU D 231 40.99 -8.20 17.11
N ALA D 232 42.25 -8.28 17.53
CA ALA D 232 42.74 -9.53 18.08
C ALA D 232 43.68 -9.27 19.24
N THR D 233 43.74 -10.23 20.16
CA THR D 233 44.79 -10.26 21.17
C THR D 233 45.94 -11.14 20.69
N THR D 234 47.06 -11.09 21.41
CA THR D 234 48.28 -11.66 20.85
C THR D 234 48.57 -13.08 21.34
N LYS D 235 48.07 -13.47 22.53
CA LYS D 235 48.46 -14.74 23.14
C LYS D 235 47.84 -15.94 22.42
N HIS D 236 46.53 -15.90 22.19
CA HIS D 236 45.86 -16.97 21.47
C HIS D 236 46.18 -16.91 19.97
N LEU D 237 46.58 -15.74 19.46
CA LEU D 237 47.12 -15.63 18.11
C LEU D 237 48.48 -16.33 17.99
N LYS D 238 49.30 -16.26 19.05
CA LYS D 238 50.49 -17.09 19.05
C LYS D 238 50.18 -18.55 19.35
N HIS D 239 49.02 -18.85 19.94
CA HIS D 239 48.56 -20.23 19.99
C HIS D 239 48.00 -20.66 18.64
N ASP D 240 46.94 -20.00 18.19
CA ASP D 240 46.35 -20.26 16.87
C ASP D 240 47.02 -19.34 15.86
N GLN D 241 48.14 -19.80 15.29
CA GLN D 241 48.66 -19.18 14.09
C GLN D 241 47.88 -19.71 12.88
N TYR D 242 48.18 -19.12 11.70
CA TYR D 242 47.30 -19.11 10.52
C TYR D 242 45.88 -18.66 10.89
N LEU D 243 45.80 -17.59 11.67
CA LEU D 243 44.52 -16.98 12.00
C LEU D 243 44.31 -15.68 11.25
N LEU D 244 45.32 -15.25 10.47
CA LEU D 244 45.26 -14.02 9.71
C LEU D 244 45.40 -14.21 8.21
N ALA D 245 45.89 -15.35 7.74
CA ALA D 245 46.03 -15.56 6.30
C ALA D 245 44.71 -15.87 5.61
N ASN D 246 43.68 -16.26 6.36
CA ASN D 246 42.37 -16.52 5.80
C ASN D 246 41.61 -15.24 5.43
N TYR D 247 42.00 -14.09 5.97
CA TYR D 247 41.35 -12.82 5.68
C TYR D 247 42.41 -11.88 5.11
N ASP D 248 42.23 -11.44 3.86
CA ASP D 248 43.25 -10.60 3.22
C ASP D 248 43.12 -9.19 3.76
N ILE D 249 43.81 -8.93 4.87
CA ILE D 249 43.76 -7.64 5.55
C ILE D 249 44.71 -6.68 4.85
N ASP D 250 44.22 -5.48 4.54
CA ASP D 250 44.98 -4.54 3.73
C ASP D 250 46.12 -3.92 4.53
N MET D 251 45.87 -3.58 5.80
CA MET D 251 46.91 -2.92 6.58
C MET D 251 46.82 -3.32 8.05
N ILE D 252 47.98 -3.34 8.70
CA ILE D 252 48.08 -3.72 10.10
C ILE D 252 48.55 -2.49 10.86
N ILE D 253 47.88 -2.16 11.96
CA ILE D 253 48.43 -1.21 12.92
C ILE D 253 48.49 -1.91 14.27
N SER D 254 49.68 -1.94 14.85
CA SER D 254 49.88 -2.52 16.18
C SER D 254 49.68 -1.43 17.22
N PHE D 255 48.57 -1.52 17.95
CA PHE D 255 48.31 -0.70 19.14
C PHE D 255 49.35 -0.96 20.20
N ASP D 256 49.36 -2.17 20.74
CA ASP D 256 50.50 -2.65 21.50
C ASP D 256 51.59 -3.02 20.49
N PRO D 257 52.74 -2.34 20.49
CA PRO D 257 53.70 -2.55 19.39
C PRO D 257 54.63 -3.75 19.55
N MET D 258 54.31 -4.70 20.42
CA MET D 258 55.05 -5.96 20.56
C MET D 258 54.45 -7.07 19.73
N LEU D 259 54.00 -6.76 18.52
CA LEU D 259 53.33 -7.72 17.65
C LEU D 259 54.28 -8.75 17.02
N GLU D 260 55.60 -8.53 17.10
CA GLU D 260 56.69 -9.29 16.46
C GLU D 260 56.42 -9.50 14.96
N VAL D 261 56.61 -8.36 14.26
CA VAL D 261 56.14 -7.96 12.92
C VAL D 261 56.25 -9.01 11.82
N GLU D 262 57.26 -9.88 11.88
CA GLU D 262 57.29 -11.08 11.08
C GLU D 262 56.52 -12.22 11.78
N LEU D 263 55.21 -12.03 11.86
CA LEU D 263 54.33 -13.07 12.34
C LEU D 263 54.19 -14.15 11.27
N PRO D 264 54.01 -15.43 11.67
CA PRO D 264 53.94 -16.50 10.66
C PRO D 264 52.70 -16.47 9.81
N ALA D 265 51.57 -16.01 10.36
CA ALA D 265 50.40 -15.74 9.52
C ALA D 265 50.65 -14.54 8.61
N LEU D 266 51.40 -13.55 9.09
CA LEU D 266 51.79 -12.45 8.21
C LEU D 266 52.84 -12.85 7.20
N GLN D 267 53.71 -13.80 7.54
CA GLN D 267 54.71 -14.25 6.58
C GLN D 267 54.10 -15.15 5.51
N VAL D 268 53.07 -15.92 5.86
CA VAL D 268 52.37 -16.71 4.85
C VAL D 268 51.28 -15.89 4.19
N LEU D 269 50.96 -14.72 4.73
CA LEU D 269 49.96 -13.83 4.15
C LEU D 269 50.59 -12.84 3.17
N ARG D 270 51.89 -12.55 3.36
CA ARG D 270 52.60 -11.49 2.63
C ARG D 270 52.73 -11.82 1.15
N ASN D 271 53.04 -13.06 0.81
CA ASN D 271 53.02 -13.50 -0.58
C ASN D 271 51.76 -14.27 -0.93
N ASN D 272 50.80 -14.37 -0.01
CA ASN D 272 49.46 -14.79 -0.40
C ASN D 272 48.78 -13.71 -1.23
N ALA D 273 48.95 -12.45 -0.83
CA ALA D 273 48.62 -11.34 -1.70
C ALA D 273 49.71 -11.20 -2.77
N ASN D 274 49.37 -10.48 -3.83
CA ASN D 274 50.30 -10.30 -4.94
C ASN D 274 51.43 -9.34 -4.59
N LYS D 275 51.17 -8.38 -3.70
CA LYS D 275 52.13 -7.36 -3.31
C LYS D 275 52.43 -7.49 -1.81
N ASP D 276 53.30 -6.62 -1.33
CA ASP D 276 53.67 -6.58 0.09
C ASP D 276 52.57 -5.87 0.87
N ILE D 277 52.40 -6.28 2.12
CA ILE D 277 51.33 -5.80 3.00
C ILE D 277 51.96 -4.92 4.09
N PRO D 278 51.43 -3.71 4.32
CA PRO D 278 52.10 -2.77 5.24
C PRO D 278 51.66 -2.73 6.71
N ILE D 279 52.64 -2.36 7.54
CA ILE D 279 52.54 -2.34 8.99
C ILE D 279 52.74 -0.89 9.46
N ILE D 280 51.93 -0.46 10.42
CA ILE D 280 52.08 0.80 11.13
C ILE D 280 52.07 0.46 12.63
N LYS D 281 53.01 1.01 13.39
CA LYS D 281 53.08 0.75 14.81
C LYS D 281 52.77 1.99 15.64
N LEU D 282 52.07 1.77 16.76
CA LEU D 282 51.76 2.78 17.76
C LEU D 282 52.80 2.70 18.87
N LEU D 283 54.03 3.00 18.51
CA LEU D 283 55.14 2.85 19.43
C LEU D 283 55.17 4.08 20.32
N VAL D 284 55.17 3.86 21.63
CA VAL D 284 55.34 4.95 22.59
C VAL D 284 56.78 5.41 22.52
N GLN D 285 56.99 6.75 22.53
CA GLN D 285 58.29 7.35 22.25
C GLN D 285 59.35 7.04 23.30
N ASN D 286 58.95 6.85 24.56
CA ASN D 286 59.85 6.31 25.58
C ASN D 286 59.04 5.34 26.42
N SER D 287 59.39 4.06 26.32
CA SER D 287 58.61 2.99 26.92
C SER D 287 59.56 1.86 27.22
N PRO D 288 59.12 0.82 27.95
CA PRO D 288 59.89 -0.43 27.99
C PRO D 288 59.76 -1.34 26.77
N ASP D 289 59.33 -0.85 25.62
CA ASP D 289 59.59 -1.52 24.35
C ASP D 289 60.17 -0.63 23.26
N HIS D 290 60.39 0.67 23.54
CA HIS D 290 60.83 1.57 22.48
C HIS D 290 62.30 1.34 22.15
N TYR D 291 63.11 1.03 23.16
CA TYR D 291 64.45 0.58 22.88
C TYR D 291 64.46 -0.82 22.29
N LEU D 292 63.46 -1.64 22.61
CA LEU D 292 63.34 -2.98 22.05
C LEU D 292 62.95 -2.94 20.58
N LEU D 293 61.92 -2.14 20.24
CA LEU D 293 61.59 -1.92 18.83
C LEU D 293 62.66 -1.13 18.09
N ASP D 294 63.37 -0.26 18.81
CA ASP D 294 64.46 0.53 18.24
C ASP D 294 65.64 -0.36 17.87
N SER D 295 65.89 -1.40 18.66
CA SER D 295 66.86 -2.42 18.28
C SER D 295 66.30 -3.40 17.26
N GLU D 296 64.97 -3.50 17.12
CA GLU D 296 64.41 -4.31 16.03
C GLU D 296 64.53 -3.61 14.68
N ILE D 297 64.50 -2.27 14.67
CA ILE D 297 64.65 -1.51 13.42
C ILE D 297 66.07 -1.63 12.87
N LYS D 298 67.06 -1.53 13.77
CA LYS D 298 68.29 -0.74 13.64
C LYS D 298 68.94 -0.72 12.25
N ASN D 299 69.14 0.51 11.74
CA ASN D 299 69.60 0.84 10.38
C ASN D 299 68.82 0.17 9.24
N SER D 300 64.78 -15.27 30.65
CA SER D 300 65.96 -15.53 29.85
C SER D 300 66.48 -14.23 29.23
N GLN D 317 66.52 -14.18 27.89
CA GLN D 317 66.85 -12.94 27.20
C GLN D 317 65.71 -11.93 27.30
N GLU D 318 64.48 -12.41 27.48
CA GLU D 318 63.35 -11.51 27.66
C GLU D 318 63.39 -10.84 29.03
N TYR D 319 64.01 -11.48 30.04
CA TYR D 319 64.12 -10.86 31.36
C TYR D 319 65.13 -9.72 31.38
N GLU D 320 66.30 -9.91 30.77
CA GLU D 320 67.26 -8.83 30.68
C GLU D 320 66.81 -7.74 29.73
N GLU D 321 66.02 -8.08 28.70
CA GLU D 321 65.44 -7.04 27.86
C GLU D 321 64.33 -6.26 28.57
N ILE D 322 63.56 -6.91 29.44
CA ILE D 322 62.54 -6.21 30.22
C ILE D 322 63.17 -5.31 31.28
N LYS D 323 64.24 -5.80 31.95
CA LYS D 323 64.97 -4.98 32.93
C LYS D 323 65.66 -3.79 32.29
N SER D 324 66.41 -4.01 31.20
CA SER D 324 67.12 -2.93 30.52
C SER D 324 66.19 -1.98 29.80
N SER D 325 64.99 -2.43 29.42
CA SER D 325 64.06 -1.48 28.84
C SER D 325 63.29 -0.72 29.92
N LEU D 326 63.16 -1.26 31.14
CA LEU D 326 62.80 -0.41 32.28
C LEU D 326 63.89 0.59 32.62
N LEU D 327 65.15 0.22 32.45
CA LEU D 327 66.24 1.19 32.62
C LEU D 327 66.22 2.27 31.54
N TYR D 328 65.81 1.93 30.32
CA TYR D 328 65.65 2.97 29.30
C TYR D 328 64.41 3.82 29.57
N PHE D 329 63.36 3.22 30.13
CA PHE D 329 62.14 3.97 30.41
C PHE D 329 62.33 4.93 31.57
N LEU D 330 62.98 4.48 32.65
CA LEU D 330 63.34 5.39 33.73
C LEU D 330 64.50 6.31 33.35
N GLN D 331 65.29 5.93 32.34
CA GLN D 331 66.34 6.82 31.83
C GLN D 331 65.74 7.99 31.06
N ALA D 332 64.85 7.71 30.12
CA ALA D 332 64.33 8.69 29.18
C ALA D 332 62.91 9.11 29.52
N ARG D 333 62.62 9.30 30.81
CA ARG D 333 61.23 9.37 31.30
C ARG D 333 60.56 10.71 31.00
N ASN D 334 61.12 11.81 31.50
CA ASN D 334 60.61 13.15 31.16
C ASN D 334 61.12 13.49 29.77
N ALA D 335 60.37 13.07 28.77
CA ALA D 335 60.72 13.37 27.39
C ALA D 335 60.37 14.82 27.08
N PRO D 336 61.34 15.66 26.71
CA PRO D 336 61.00 17.05 26.35
C PRO D 336 60.32 17.17 24.99
N VAL D 337 60.53 16.21 24.10
CA VAL D 337 59.79 16.13 22.85
C VAL D 337 59.29 14.70 22.67
N ASN D 338 57.99 14.56 22.42
CA ASN D 338 57.41 13.35 21.88
C ASN D 338 56.78 13.78 20.57
N ASN D 339 57.27 13.20 19.47
CA ASN D 339 57.45 13.91 18.21
C ASN D 339 56.12 14.22 17.51
N CYS D 340 56.23 15.05 16.49
CA CYS D 340 55.13 15.87 16.00
C CYS D 340 55.05 15.73 14.49
N GLU D 341 54.34 16.68 13.87
CA GLU D 341 54.10 16.87 12.42
C GLU D 341 53.62 15.59 11.72
N ILE D 342 52.70 14.90 12.39
CA ILE D 342 52.16 13.62 11.94
C ILE D 342 50.72 13.85 11.47
N ASP D 343 50.44 13.43 10.25
CA ASP D 343 49.15 13.65 9.61
C ASP D 343 48.36 12.34 9.64
N TYR D 344 47.04 12.46 9.73
CA TYR D 344 46.15 11.32 9.87
C TYR D 344 45.49 10.94 8.56
N ILE D 345 45.45 11.85 7.58
CA ILE D 345 45.00 11.49 6.25
C ILE D 345 46.13 10.84 5.47
N LYS D 346 47.32 11.46 5.51
CA LYS D 346 48.34 11.19 4.52
C LYS D 346 49.24 9.99 4.85
N LEU D 347 49.47 9.68 6.13
CA LEU D 347 50.41 8.60 6.45
C LEU D 347 49.77 7.23 6.23
N VAL D 348 48.48 7.11 6.48
CA VAL D 348 47.80 5.87 6.12
C VAL D 348 47.56 5.76 4.62
N LYS D 349 47.54 6.87 3.88
CA LYS D 349 47.47 6.77 2.42
C LYS D 349 48.82 6.35 1.85
N CYS D 350 49.92 6.86 2.40
CA CYS D 350 51.27 6.43 2.04
C CYS D 350 51.51 4.98 2.42
N CYS D 351 50.87 4.53 3.50
CA CYS D 351 50.75 3.11 3.81
C CYS D 351 49.97 2.37 2.73
N LEU D 352 48.85 2.94 2.26
CA LEU D 352 48.02 2.28 1.25
C LEU D 352 48.68 2.28 -0.12
N GLU D 353 49.35 3.37 -0.49
CA GLU D 353 50.10 3.39 -1.74
C GLU D 353 51.46 2.73 -1.63
N GLY D 354 51.89 2.37 -0.42
CA GLY D 354 53.20 1.76 -0.25
C GLY D 354 54.33 2.75 -0.28
N LYS D 355 54.04 4.04 -0.09
CA LYS D 355 55.08 5.06 -0.08
C LYS D 355 55.85 5.03 1.22
N ASP D 356 57.16 5.19 1.11
CA ASP D 356 58.01 5.47 2.27
C ASP D 356 58.24 6.97 2.38
N CYS D 357 57.13 7.70 2.52
CA CYS D 357 57.09 9.11 2.19
C CYS D 357 57.58 9.97 3.36
N ASN D 358 57.36 11.29 3.26
CA ASN D 358 58.14 12.25 4.03
C ASN D 358 57.68 12.41 5.47
N ASN D 359 56.51 11.89 5.84
CA ASN D 359 55.97 12.16 7.17
C ASN D 359 56.39 11.07 8.16
N ILE D 360 56.80 9.91 7.67
CA ILE D 360 57.10 8.74 8.49
C ILE D 360 58.48 8.97 9.12
N LEU D 361 58.50 9.28 10.42
CA LEU D 361 59.66 9.93 11.05
C LEU D 361 60.77 8.92 11.35
N PRO D 362 61.98 9.14 10.84
CA PRO D 362 63.11 8.27 11.18
C PRO D 362 63.93 8.75 12.38
N VAL D 363 63.36 9.62 13.24
CA VAL D 363 64.12 10.18 14.35
C VAL D 363 64.37 9.13 15.45
N LEU D 364 63.45 8.16 15.64
CA LEU D 364 63.72 6.77 16.02
C LEU D 364 64.20 6.51 17.45
N ASP D 365 64.58 7.55 18.21
CA ASP D 365 65.03 7.43 19.58
C ASP D 365 65.02 8.81 20.22
N LEU D 366 64.86 8.84 21.54
CA LEU D 366 65.17 10.02 22.33
C LEU D 366 66.40 9.71 23.16
N ILE D 367 67.38 10.58 23.10
CA ILE D 367 68.69 10.35 23.70
C ILE D 367 68.64 10.80 25.16
N THR D 368 69.31 10.07 26.04
CA THR D 368 69.49 10.45 27.44
C THR D 368 70.25 11.76 27.61
N SER D 379 72.81 12.28 39.97
CA SER D 379 71.64 11.80 40.70
C SER D 379 70.43 12.69 40.40
N GLY D 380 69.24 12.20 40.75
CA GLY D 380 68.04 12.98 40.52
C GLY D 380 66.88 12.27 39.85
N PHE D 381 66.88 10.93 39.82
CA PHE D 381 65.81 10.21 39.14
C PHE D 381 65.14 9.10 39.97
N TRP D 382 65.65 8.76 41.15
CA TRP D 382 64.99 7.75 41.97
C TRP D 382 63.80 8.31 42.74
N GLN D 383 63.71 9.61 42.88
CA GLN D 383 62.41 10.13 43.23
C GLN D 383 61.53 10.11 41.97
N PRO D 384 60.23 9.90 42.09
CA PRO D 384 59.36 10.03 40.93
C PRO D 384 59.21 11.49 40.51
N GLN D 385 59.02 11.68 39.21
CA GLN D 385 58.86 13.02 38.65
C GLN D 385 57.43 13.20 38.16
N LEU D 386 56.55 13.52 39.10
CA LEU D 386 55.23 14.02 38.74
C LEU D 386 55.35 15.51 38.43
N THR D 387 54.44 16.02 37.60
CA THR D 387 54.20 17.45 37.52
C THR D 387 53.67 17.91 38.87
N LYS D 388 54.46 18.72 39.58
CA LYS D 388 54.04 19.28 40.86
C LYS D 388 52.94 20.32 40.66
N LEU D 389 52.09 20.48 41.67
CA LEU D 389 50.81 21.16 41.50
C LEU D 389 50.64 22.27 42.54
N GLN D 390 49.76 23.22 42.18
CA GLN D 390 49.62 24.48 42.90
C GLN D 390 48.71 24.31 44.11
N TYR D 391 49.25 24.67 45.30
CA TYR D 391 48.66 24.56 46.65
C TYR D 391 47.97 23.22 46.92
N SER D 392 48.75 22.16 46.73
CA SER D 392 48.32 20.82 47.12
C SER D 392 49.08 20.33 48.35
N SER D 393 50.42 20.49 48.34
CA SER D 393 51.39 20.06 49.37
C SER D 393 51.22 18.58 49.74
N THR D 394 51.07 17.75 48.71
CA THR D 394 50.85 16.33 48.92
C THR D 394 52.19 15.66 49.20
N GLU D 395 52.38 15.23 50.45
CA GLU D 395 53.56 14.47 50.81
C GLU D 395 53.28 13.00 50.60
N LEU D 396 54.00 12.40 49.67
CA LEU D 396 53.81 11.00 49.35
C LEU D 396 54.84 10.22 50.16
N PRO D 397 54.42 9.27 51.00
CA PRO D 397 55.31 8.77 52.07
C PRO D 397 56.40 7.82 51.60
N LEU D 398 56.31 7.31 50.37
CA LEU D 398 57.31 6.62 49.54
C LEU D 398 57.61 5.17 49.99
N TRP D 399 57.14 4.80 51.19
CA TRP D 399 57.12 3.47 51.82
C TRP D 399 58.49 2.81 51.83
N ASP D 400 59.37 3.39 52.65
CA ASP D 400 60.67 2.78 52.97
C ASP D 400 60.47 1.63 53.97
N GLY D 401 60.05 0.48 53.43
CA GLY D 401 59.74 -0.67 54.24
C GLY D 401 59.50 -1.89 53.38
N PRO D 402 58.79 -2.88 53.92
CA PRO D 402 58.54 -4.11 53.16
C PRO D 402 57.43 -3.91 52.12
N LEU D 403 57.49 -4.73 51.07
CA LEU D 403 56.46 -4.72 50.05
C LEU D 403 55.88 -6.13 49.97
N ASP D 404 54.61 -6.24 50.35
CA ASP D 404 53.92 -7.50 50.65
C ASP D 404 52.64 -7.49 49.82
N ILE D 405 51.99 -8.66 49.69
CA ILE D 405 50.73 -8.79 48.96
C ILE D 405 49.57 -8.06 49.63
N LYS D 406 49.65 -7.82 50.95
CA LYS D 406 48.74 -6.89 51.59
C LYS D 406 49.12 -5.46 51.23
N THR D 407 50.39 -5.11 51.50
CA THR D 407 50.88 -3.74 51.57
C THR D 407 50.92 -3.06 50.21
N TYR D 408 51.05 -3.83 49.12
CA TYR D 408 50.96 -3.32 47.75
C TYR D 408 49.59 -2.72 47.47
N GLN D 409 48.52 -3.43 47.80
CA GLN D 409 47.20 -2.91 47.51
C GLN D 409 46.75 -1.88 48.54
N THR D 410 47.12 -2.06 49.83
CA THR D 410 46.83 -1.04 50.84
C THR D 410 47.64 0.25 50.68
N GLU D 411 48.74 0.22 49.93
CA GLU D 411 49.40 1.46 49.58
C GLU D 411 48.94 2.03 48.23
N LEU D 412 48.63 1.16 47.25
CA LEU D 412 48.36 1.64 45.89
C LEU D 412 46.95 2.17 45.73
N MET D 413 45.96 1.57 46.42
CA MET D 413 44.61 2.15 46.44
C MET D 413 44.61 3.50 47.13
N HIS D 414 45.38 3.60 48.23
CA HIS D 414 45.52 4.84 48.96
C HIS D 414 46.25 5.90 48.14
N ARG D 415 47.19 5.49 47.30
CA ARG D 415 47.90 6.42 46.44
C ARG D 415 47.03 6.89 45.27
N ALA D 416 46.12 6.03 44.80
CA ALA D 416 45.19 6.45 43.75
C ALA D 416 44.13 7.41 44.27
N VAL D 417 43.61 7.18 45.49
CA VAL D 417 42.52 8.05 45.95
C VAL D 417 42.99 9.42 46.43
N ILE D 418 44.23 9.56 46.91
CA ILE D 418 44.75 10.90 47.19
C ILE D 418 45.18 11.58 45.88
N ARG D 419 45.41 10.83 44.80
CA ARG D 419 45.66 11.49 43.51
C ARG D 419 44.35 11.99 42.92
N LEU D 420 43.25 11.27 43.18
CA LEU D 420 41.90 11.76 42.91
C LEU D 420 41.58 13.03 43.70
N ARG D 421 41.83 12.99 45.01
CA ARG D 421 41.65 14.16 45.89
C ARG D 421 42.58 15.31 45.52
N ASP D 422 43.76 14.98 44.99
CA ASP D 422 44.68 15.97 44.47
C ASP D 422 44.09 16.69 43.26
N ILE D 423 43.44 15.95 42.34
CA ILE D 423 42.86 16.64 41.19
C ILE D 423 41.57 17.38 41.59
N GLN D 424 40.89 16.90 42.64
CA GLN D 424 39.64 17.52 43.09
C GLN D 424 39.90 18.82 43.82
N ASP D 425 40.72 18.79 44.87
CA ASP D 425 41.13 19.99 45.59
C ASP D 425 42.20 20.79 44.85
N GLU D 426 42.71 20.31 43.72
CA GLU D 426 43.53 21.15 42.87
C GLU D 426 42.66 22.02 42.00
N TYR D 427 41.60 21.45 41.43
CA TYR D 427 40.69 22.24 40.60
C TYR D 427 39.81 23.16 41.44
N ALA D 428 39.33 22.69 42.60
CA ALA D 428 38.05 23.12 43.18
C ALA D 428 38.01 24.56 43.73
N LYS D 429 39.14 25.26 43.82
CA LYS D 429 39.13 26.64 44.32
C LYS D 429 39.60 27.66 43.31
N GLY D 430 39.70 27.31 42.04
CA GLY D 430 40.16 28.25 41.03
C GLY D 430 39.10 29.11 40.40
N THR D 431 37.90 29.17 40.98
CA THR D 431 36.79 29.90 40.39
C THR D 431 36.89 31.40 40.59
N VAL D 432 37.39 31.83 41.75
CA VAL D 432 37.59 33.23 42.15
C VAL D 432 38.43 34.09 41.18
N PRO D 433 39.55 33.63 40.55
CA PRO D 433 40.17 34.52 39.55
C PRO D 433 39.42 34.69 38.24
N LEU D 434 38.69 33.68 37.75
CA LEU D 434 37.88 33.89 36.55
C LEU D 434 36.63 34.71 36.87
N TYR D 435 36.13 34.55 38.11
CA TYR D 435 35.10 35.42 38.67
C TYR D 435 35.53 36.88 38.66
N GLU D 436 36.75 37.15 39.14
CA GLU D 436 37.24 38.51 39.18
C GLU D 436 37.62 39.01 37.78
N LYS D 437 37.97 38.07 36.90
CA LYS D 437 38.33 38.37 35.51
C LYS D 437 37.14 38.91 34.74
N ARG D 438 36.05 38.12 34.65
CA ARG D 438 34.87 38.74 34.06
C ARG D 438 34.12 39.68 34.98
N LEU D 439 34.45 39.81 36.27
CA LEU D 439 33.84 40.86 37.07
C LEU D 439 34.39 42.23 36.67
N ASN D 440 35.72 42.35 36.60
CA ASN D 440 36.35 43.58 36.12
C ASN D 440 36.10 43.79 34.63
N GLU D 441 35.93 42.71 33.88
CA GLU D 441 35.65 42.83 32.45
C GLU D 441 34.22 43.30 32.20
N THR D 442 33.24 42.89 33.03
CA THR D 442 31.91 43.46 32.89
C THR D 442 31.78 44.87 33.43
N GLN D 443 32.53 45.26 34.48
CA GLN D 443 32.54 46.67 34.87
C GLN D 443 33.19 47.54 33.80
N ARG D 444 34.22 47.01 33.13
CA ARG D 444 34.81 47.67 31.98
C ARG D 444 33.86 47.68 30.78
N GLN D 445 33.00 46.65 30.65
CA GLN D 445 32.04 46.59 29.55
C GLN D 445 30.91 47.59 29.72
N ASN D 446 30.38 47.72 30.95
CA ASN D 446 29.36 48.75 31.20
C ASN D 446 29.96 50.14 31.14
N GLN D 447 31.24 50.27 31.52
CA GLN D 447 31.99 51.49 31.27
C GLN D 447 32.14 51.81 29.79
N LEU D 448 32.35 50.75 28.96
CA LEU D 448 32.48 50.91 27.51
C LEU D 448 31.21 51.42 26.87
N ASP D 449 30.10 50.69 27.04
CA ASP D 449 28.83 51.14 26.48
C ASP D 449 28.27 52.38 27.17
N GLU D 450 28.73 52.68 28.41
CA GLU D 450 28.50 53.98 29.03
C GLU D 450 29.22 55.10 28.28
N ILE D 451 30.35 54.82 27.64
CA ILE D 451 30.88 55.81 26.69
C ILE D 451 30.04 55.83 25.41
N LYS D 452 29.79 54.63 24.83
CA LYS D 452 29.20 54.52 23.48
C LYS D 452 27.77 55.03 23.34
N ASN D 453 27.00 55.19 24.42
CA ASN D 453 25.76 55.94 24.21
C ASN D 453 26.05 57.43 24.18
N SER D 454 27.00 57.88 25.00
CA SER D 454 27.24 59.29 25.25
C SER D 454 27.97 59.96 24.11
N VAL D 455 28.72 59.17 23.32
CA VAL D 455 29.32 59.62 22.07
C VAL D 455 28.28 60.18 21.12
N GLY D 456 27.30 59.35 20.76
CA GLY D 456 26.25 59.79 19.89
C GLY D 456 25.28 60.75 20.51
N LEU D 457 25.08 60.66 21.84
CA LEU D 457 24.23 61.58 22.59
C LEU D 457 24.75 63.01 22.53
N THR D 458 25.99 63.22 22.98
CA THR D 458 26.55 64.56 23.03
C THR D 458 26.93 65.07 21.65
N PHE D 459 27.29 64.19 20.71
CA PHE D 459 27.67 64.69 19.39
C PHE D 459 26.42 65.01 18.57
N LYS D 460 25.33 64.27 18.78
CA LYS D 460 24.04 64.61 18.18
C LYS D 460 23.47 65.89 18.79
N LYS D 461 23.75 66.13 20.09
CA LYS D 461 23.31 67.36 20.75
C LYS D 461 24.04 68.58 20.21
N LYS D 462 25.36 68.47 20.01
CA LYS D 462 26.14 69.52 19.35
C LYS D 462 25.69 69.74 17.91
N GLN D 463 25.44 68.63 17.20
CA GLN D 463 25.03 68.63 15.80
C GLN D 463 23.64 69.23 15.60
N GLU D 464 22.79 69.23 16.63
CA GLU D 464 21.51 69.92 16.55
C GLU D 464 21.49 71.30 17.20
N VAL D 465 22.50 71.68 18.00
CA VAL D 465 22.59 73.08 18.39
C VAL D 465 23.50 73.90 17.47
N GLU D 466 24.05 73.30 16.40
CA GLU D 466 24.74 74.10 15.38
C GLU D 466 23.79 75.02 14.62
N LYS D 467 22.57 74.57 14.34
CA LYS D 467 21.66 75.37 13.53
C LYS D 467 21.00 76.51 14.30
N SER D 468 21.17 76.56 15.63
CA SER D 468 20.79 77.77 16.36
C SER D 468 21.79 78.89 16.14
N ILE D 469 23.09 78.57 16.14
CA ILE D 469 24.09 79.61 15.94
C ILE D 469 24.20 79.96 14.44
N ASN D 470 23.76 79.05 13.56
CA ASN D 470 23.69 79.33 12.12
C ASN D 470 22.65 80.40 11.83
N ASP D 471 21.53 80.38 12.56
CA ASP D 471 20.56 81.47 12.47
C ASP D 471 20.99 82.69 13.26
N SER D 472 21.77 82.50 14.33
CA SER D 472 22.16 83.61 15.20
C SER D 472 23.18 84.53 14.53
N GLU D 473 24.01 84.02 13.62
CA GLU D 473 24.86 84.92 12.84
C GLU D 473 24.09 85.75 11.83
N LYS D 474 23.04 85.18 11.22
CA LYS D 474 22.23 85.93 10.26
C LYS D 474 21.39 86.99 10.96
N ARG D 475 20.90 86.68 12.16
CA ARG D 475 20.18 87.71 12.91
C ARG D 475 21.12 88.63 13.68
N LEU D 476 22.39 88.24 13.83
CA LEU D 476 23.43 89.18 14.26
C LEU D 476 23.65 90.23 13.18
N LYS D 477 23.71 89.78 11.90
CA LYS D 477 23.76 90.71 10.77
C LYS D 477 22.51 91.57 10.64
N HIS D 478 21.34 91.01 11.00
CA HIS D 478 20.11 91.80 11.14
C HIS D 478 20.24 92.89 12.18
N ALA D 479 20.85 92.58 13.33
CA ALA D 479 21.08 93.58 14.37
C ALA D 479 22.09 94.64 13.93
N MET D 480 23.09 94.24 13.13
CA MET D 480 24.04 95.21 12.57
C MET D 480 23.38 96.14 11.56
N THR D 481 22.48 95.62 10.72
CA THR D 481 21.74 96.48 9.78
C THR D 481 20.74 97.39 10.50
N GLU D 482 20.15 96.92 11.62
CA GLU D 482 19.34 97.75 12.50
C GLU D 482 20.11 98.95 13.03
N SER D 483 21.33 98.69 13.55
CA SER D 483 22.14 99.77 14.11
C SER D 483 22.63 100.76 13.04
N THR D 484 23.15 100.26 11.91
CA THR D 484 23.71 101.20 10.94
C THR D 484 22.63 101.93 10.14
N LYS D 485 21.45 101.33 9.92
CA LYS D 485 20.47 102.06 9.13
C LYS D 485 19.62 102.98 10.00
N LEU D 486 19.43 102.62 11.30
CA LEU D 486 18.87 103.57 12.25
C LEU D 486 19.79 104.77 12.46
N GLN D 487 21.11 104.53 12.56
CA GLN D 487 22.01 105.68 12.66
C GLN D 487 22.21 106.41 11.33
N ASN D 488 21.87 105.80 10.18
CA ASN D 488 21.72 106.58 8.94
C ASN D 488 20.56 107.57 9.05
N LYS D 489 19.44 107.14 9.66
CA LYS D 489 18.36 108.10 9.94
C LYS D 489 18.77 109.17 10.97
N ILE D 490 19.64 108.84 11.92
CA ILE D 490 20.12 109.87 12.87
C ILE D 490 21.05 110.88 12.17
N ASN D 491 21.89 110.42 11.23
CA ASN D 491 22.69 111.38 10.45
C ASN D 491 21.83 112.21 9.48
N HIS D 492 20.72 111.66 8.97
CA HIS D 492 19.84 112.50 8.17
C HIS D 492 19.08 113.54 9.01
N LEU D 493 18.73 113.20 10.26
CA LEU D 493 18.20 114.24 11.16
C LEU D 493 19.25 115.23 11.62
N LEU D 494 20.53 114.84 11.72
CA LEU D 494 21.55 115.84 12.07
C LEU D 494 21.91 116.73 10.89
N LYS D 495 21.81 116.22 9.66
CA LYS D 495 21.87 117.08 8.48
C LYS D 495 20.62 117.95 8.33
N ASN D 496 19.50 117.55 8.91
CA ASN D 496 18.39 118.49 9.06
C ASN D 496 18.68 119.53 10.15
N ARG D 497 19.43 119.15 11.18
CA ARG D 497 19.64 119.97 12.38
C ARG D 497 20.75 121.01 12.25
N GLN D 498 21.78 120.76 11.44
CA GLN D 498 23.04 121.50 11.55
C GLN D 498 22.94 122.93 10.99
N GLU D 499 21.98 123.18 10.10
CA GLU D 499 21.60 124.53 9.72
C GLU D 499 20.34 125.05 10.39
N LEU D 500 19.97 124.51 11.56
CA LEU D 500 19.05 125.19 12.44
C LEU D 500 19.58 125.33 13.87
N GLU D 501 20.74 124.73 14.19
CA GLU D 501 21.36 124.97 15.48
C GLU D 501 22.02 126.35 15.54
N ASN D 502 22.78 126.71 14.51
CA ASN D 502 23.50 127.97 14.51
C ASN D 502 22.57 129.14 14.21
N PHE D 503 22.66 130.18 15.05
CA PHE D 503 21.81 131.38 15.10
C PHE D 503 20.34 130.96 15.21
N ASN D 504 20.04 130.45 16.42
CA ASN D 504 19.22 129.25 16.65
C ASN D 504 17.81 129.32 16.07
N LYS D 505 17.02 130.32 16.51
CA LYS D 505 15.60 130.53 16.18
C LYS D 505 14.77 129.28 16.49
N LEU D 506 14.85 128.84 17.77
CA LEU D 506 14.77 127.46 18.25
C LEU D 506 13.46 126.74 17.92
N PRO D 507 13.49 125.81 16.95
CA PRO D 507 12.32 124.95 16.71
C PRO D 507 12.36 123.71 17.59
N SER D 508 11.41 122.80 17.38
CA SER D 508 11.39 121.52 18.08
C SER D 508 11.94 120.38 17.24
N ASN D 509 12.66 120.70 16.16
CA ASN D 509 13.29 119.66 15.33
C ASN D 509 14.46 119.00 16.05
N THR D 510 15.18 119.78 16.86
CA THR D 510 16.27 119.21 17.65
C THR D 510 15.75 118.41 18.84
N ILE D 511 14.52 118.72 19.30
CA ILE D 511 13.89 117.94 20.36
C ILE D 511 13.41 116.60 19.79
N SER D 512 13.05 116.57 18.51
CA SER D 512 12.73 115.31 17.86
C SER D 512 13.98 114.50 17.56
N SER D 513 15.07 115.18 17.18
CA SER D 513 16.28 114.49 16.77
C SER D 513 17.18 114.05 17.93
N GLU D 514 16.98 114.58 19.14
CA GLU D 514 17.73 114.10 20.29
C GLU D 514 17.04 112.95 21.02
N ASN D 515 15.91 112.45 20.52
CA ASN D 515 15.19 111.35 21.14
C ASN D 515 15.29 110.04 20.36
N HIS D 516 15.33 110.12 19.02
CA HIS D 516 15.58 108.93 18.22
C HIS D 516 17.03 108.44 18.34
N LEU D 517 17.97 109.34 18.70
CA LEU D 517 19.30 108.90 19.12
C LEU D 517 19.26 108.11 20.43
N GLU D 518 18.34 108.45 21.34
CA GLU D 518 18.18 107.68 22.57
C GLU D 518 17.53 106.32 22.29
N GLU D 519 16.59 106.28 21.34
CA GLU D 519 16.02 104.99 20.91
C GLU D 519 17.04 104.16 20.15
N GLY D 520 17.93 104.79 19.39
CA GLY D 520 19.00 104.06 18.74
C GLY D 520 20.06 103.58 19.71
N SER D 521 20.26 104.31 20.81
CA SER D 521 21.17 103.84 21.85
C SER D 521 20.55 102.68 22.64
N ALA D 522 19.23 102.71 22.84
CA ALA D 522 18.54 101.58 23.47
C ALA D 522 18.52 100.37 22.55
N LEU D 523 18.41 100.60 21.24
CA LEU D 523 18.53 99.54 20.24
C LEU D 523 19.94 98.97 20.21
N ALA D 524 20.95 99.83 20.38
CA ALA D 524 22.33 99.40 20.47
C ALA D 524 22.61 98.62 21.74
N ASP D 525 21.94 98.98 22.84
CA ASP D 525 22.08 98.25 24.10
C ASP D 525 21.42 96.88 23.99
N LYS D 526 20.26 96.79 23.32
CA LYS D 526 19.57 95.51 23.13
C LYS D 526 20.33 94.59 22.18
N LEU D 527 20.89 95.13 21.11
CA LEU D 527 21.71 94.28 20.25
C LEU D 527 23.06 93.98 20.86
N LYS D 528 23.57 94.83 21.77
CA LYS D 528 24.80 94.52 22.46
C LYS D 528 24.60 93.40 23.48
N GLU D 529 23.43 93.38 24.14
CA GLU D 529 23.04 92.21 24.92
C GLU D 529 22.81 90.99 24.03
N TYR D 530 22.40 91.19 22.78
CA TYR D 530 22.36 90.08 21.84
C TYR D 530 23.76 89.64 21.36
N ILE D 531 24.78 90.53 21.40
CA ILE D 531 26.18 90.09 21.23
C ILE D 531 26.59 89.16 22.38
N ASP D 532 26.20 89.52 23.62
CA ASP D 532 26.45 88.59 24.74
C ASP D 532 25.65 87.29 24.66
N LYS D 533 24.41 87.31 24.15
CA LYS D 533 23.64 86.07 23.98
C LYS D 533 24.22 85.17 22.91
N ASN D 534 24.61 85.75 21.76
CA ASN D 534 25.24 85.01 20.67
C ASN D 534 26.61 84.48 21.09
N ALA D 535 27.33 85.26 21.91
CA ALA D 535 28.64 84.85 22.40
C ALA D 535 28.54 83.74 23.44
N THR D 536 27.53 83.77 24.32
CA THR D 536 27.46 82.69 25.31
C THR D 536 26.88 81.42 24.69
N LEU D 537 26.06 81.54 23.62
CA LEU D 537 25.58 80.35 22.92
C LEU D 537 26.70 79.70 22.11
N PHE D 538 27.56 80.55 21.50
CA PHE D 538 28.78 80.11 20.84
C PHE D 538 29.74 79.45 21.83
N ASN D 539 29.81 79.99 23.06
CA ASN D 539 30.73 79.49 24.07
C ASN D 539 30.25 78.15 24.63
N LYS D 540 28.94 77.97 24.80
CA LYS D 540 28.42 76.66 25.20
C LYS D 540 28.58 75.62 24.11
N LEU D 541 28.48 76.03 22.83
CA LEU D 541 28.71 75.10 21.74
C LEU D 541 30.18 74.68 21.66
N LYS D 542 31.10 75.58 22.00
CA LYS D 542 32.51 75.17 21.94
C LYS D 542 32.97 74.43 23.20
N GLU D 543 32.38 74.68 24.37
CA GLU D 543 32.73 73.82 25.51
C GLU D 543 32.06 72.45 25.42
N LEU D 544 30.99 72.33 24.64
CA LEU D 544 30.52 71.00 24.27
C LEU D 544 31.40 70.38 23.18
N GLN D 545 31.94 71.21 22.27
CA GLN D 545 32.68 70.74 21.10
C GLN D 545 34.07 70.22 21.48
N GLN D 546 34.69 70.78 22.52
CA GLN D 546 35.97 70.24 22.99
C GLN D 546 35.81 68.84 23.60
N ALA D 547 34.69 68.59 24.29
CA ALA D 547 34.42 67.26 24.82
C ALA D 547 34.10 66.28 23.70
N ASN D 548 33.38 66.78 22.67
CA ASN D 548 33.12 66.06 21.43
C ASN D 548 34.41 65.68 20.71
N ALA D 549 35.42 66.54 20.78
CA ALA D 549 36.72 66.23 20.23
C ALA D 549 37.43 65.14 21.05
N GLU D 550 37.39 65.23 22.38
CA GLU D 550 38.26 64.33 23.14
C GLU D 550 37.62 62.97 23.45
N LYS D 551 36.34 62.73 23.14
CA LYS D 551 35.70 61.51 23.61
C LYS D 551 36.15 60.25 22.85
N SER D 552 36.36 60.35 21.53
CA SER D 552 36.69 59.17 20.73
C SER D 552 38.11 58.70 20.96
N LYS D 553 38.97 59.58 21.45
CA LYS D 553 40.34 59.20 21.79
C LYS D 553 40.35 58.37 23.06
N LEU D 554 39.51 58.72 24.04
CA LEU D 554 39.32 57.92 25.24
C LEU D 554 38.63 56.61 24.93
N ASN D 555 37.74 56.63 23.92
CA ASN D 555 37.08 55.41 23.42
C ASN D 555 38.11 54.45 22.85
N ASP D 556 39.01 54.94 21.98
CA ASP D 556 40.04 54.08 21.43
C ASP D 556 41.13 53.74 22.45
N GLU D 557 41.30 54.59 23.48
CA GLU D 557 42.24 54.33 24.57
C GLU D 557 41.81 53.12 25.39
N LEU D 558 40.59 53.16 25.92
CA LEU D 558 40.11 52.03 26.70
C LEU D 558 39.71 50.86 25.83
N ARG D 559 39.49 51.10 24.53
CA ARG D 559 39.34 50.02 23.56
C ARG D 559 40.66 49.24 23.40
N SER D 560 41.79 49.93 23.32
CA SER D 560 43.06 49.22 23.21
C SER D 560 43.46 48.57 24.53
N LYS D 561 43.10 49.23 25.65
CA LYS D 561 43.24 48.68 27.00
C LYS D 561 42.38 47.44 27.21
N TYR D 562 41.26 47.38 26.53
CA TYR D 562 40.33 46.27 26.54
C TYR D 562 40.80 45.16 25.60
N GLN D 563 41.41 45.56 24.49
CA GLN D 563 41.86 44.64 23.44
C GLN D 563 43.06 43.83 23.89
N ILE D 564 43.93 44.43 24.70
CA ILE D 564 45.03 43.63 25.25
C ILE D 564 44.52 42.69 26.35
N GLU D 565 43.47 43.08 27.07
CA GLU D 565 42.95 42.31 28.19
C GLU D 565 42.09 41.15 27.72
N SER D 566 41.67 41.19 26.45
CA SER D 566 40.98 40.06 25.80
C SER D 566 41.81 38.78 25.80
N SER D 567 43.12 38.91 25.61
CA SER D 567 43.99 37.73 25.53
C SER D 567 44.18 37.07 26.89
N LYS D 568 44.38 37.85 27.95
CA LYS D 568 44.50 37.28 29.29
C LYS D 568 43.16 36.78 29.83
N ALA D 569 42.05 37.37 29.38
CA ALA D 569 40.73 36.85 29.76
C ALA D 569 40.43 35.51 29.09
N ALA D 570 40.76 35.39 27.80
CA ALA D 570 40.59 34.12 27.09
C ALA D 570 41.57 33.06 27.60
N GLU D 571 42.74 33.50 28.07
CA GLU D 571 43.72 32.62 28.71
C GLU D 571 43.20 32.05 30.02
N SER D 572 42.64 32.91 30.89
CA SER D 572 42.18 32.46 32.21
C SER D 572 40.95 31.59 32.11
N ALA D 573 40.02 31.94 31.20
CA ALA D 573 38.85 31.12 30.95
C ALA D 573 39.21 29.78 30.33
N GLN D 574 40.24 29.77 29.46
CA GLN D 574 40.67 28.52 28.84
C GLN D 574 41.37 27.61 29.83
N THR D 575 42.18 28.17 30.76
CA THR D 575 42.87 27.28 31.68
C THR D 575 41.94 26.76 32.78
N LEU D 576 40.92 27.54 33.19
CA LEU D 576 39.93 26.97 34.11
C LEU D 576 39.03 25.96 33.41
N LYS D 577 38.84 26.12 32.08
CA LYS D 577 38.09 25.14 31.29
C LYS D 577 38.83 23.81 31.22
N ILE D 578 40.14 23.83 30.98
CA ILE D 578 40.87 22.55 30.97
C ILE D 578 41.14 22.03 32.38
N LEU D 579 41.04 22.87 33.44
CA LEU D 579 40.99 22.28 34.78
C LEU D 579 39.68 21.54 35.07
N GLN D 580 38.55 21.99 34.49
CA GLN D 580 37.31 21.21 34.58
C GLN D 580 37.44 19.86 33.86
N GLU D 581 38.00 19.89 32.64
CA GLU D 581 38.12 18.68 31.84
C GLU D 581 39.19 17.75 32.40
N SER D 582 40.21 18.29 33.06
CA SER D 582 41.24 17.45 33.66
C SER D 582 40.80 16.86 34.99
N MET D 583 40.00 17.59 35.78
CA MET D 583 39.42 17.01 36.99
C MET D 583 38.39 15.95 36.65
N LYS D 584 37.69 16.12 35.52
CA LYS D 584 36.85 15.04 34.98
C LYS D 584 37.72 13.87 34.49
N SER D 585 38.88 14.18 33.87
CA SER D 585 39.74 13.19 33.22
C SER D 585 40.39 12.26 34.24
N LEU D 586 40.69 12.79 35.42
CA LEU D 586 41.21 11.97 36.50
C LEU D 586 40.11 11.62 37.51
N GLU D 587 38.89 12.11 37.28
CA GLU D 587 37.72 11.67 38.03
C GLU D 587 37.18 10.35 37.50
N ASN D 588 37.21 10.18 36.17
CA ASN D 588 36.41 9.18 35.45
C ASN D 588 36.87 7.74 35.68
N GLU D 589 38.17 7.51 35.89
CA GLU D 589 38.67 6.17 36.15
C GLU D 589 38.25 5.66 37.51
N VAL D 590 38.65 6.37 38.56
CA VAL D 590 38.64 5.87 39.91
C VAL D 590 37.25 6.02 40.55
N ASN D 591 36.29 6.60 39.83
CA ASN D 591 34.92 6.66 40.29
C ASN D 591 34.18 5.35 40.02
N GLY D 592 34.58 4.60 39.00
CA GLY D 592 33.95 3.34 38.70
C GLY D 592 34.53 2.20 39.52
N PRO D 593 34.69 1.02 38.91
CA PRO D 593 35.60 0.03 39.47
C PRO D 593 37.03 0.56 39.38
N LEU D 594 37.74 0.48 40.49
CA LEU D 594 38.93 1.28 40.69
C LEU D 594 40.00 0.36 41.26
N THR D 595 41.15 0.98 41.63
CA THR D 595 42.34 0.28 42.09
C THR D 595 42.08 -0.51 43.37
N LYS D 596 42.66 -1.71 43.45
CA LYS D 596 41.98 -2.90 43.98
C LYS D 596 41.79 -2.92 45.50
N PHE D 597 41.06 -1.92 46.01
CA PHE D 597 40.10 -2.02 47.11
C PHE D 597 39.00 -1.05 46.69
N SER D 598 37.95 -1.56 46.07
CA SER D 598 37.16 -0.76 45.14
C SER D 598 35.80 -0.34 45.68
N THR D 599 35.73 0.08 46.94
CA THR D 599 34.46 0.47 47.52
C THR D 599 34.33 1.97 47.79
N GLU D 600 35.20 2.80 47.25
CA GLU D 600 35.15 4.23 47.55
C GLU D 600 34.40 5.05 46.50
N SER D 601 34.49 4.65 45.23
CA SER D 601 33.95 5.33 44.04
C SER D 601 34.32 6.82 43.92
N GLN D 610 18.69 7.60 34.40
CA GLN D 610 19.17 8.16 35.67
C GLN D 610 19.54 9.64 35.52
N ASN D 611 19.32 10.39 36.59
CA ASN D 611 19.48 11.85 36.60
C ASN D 611 20.80 12.19 37.30
N ASP D 612 21.74 12.81 36.58
CA ASP D 612 21.67 13.19 35.16
C ASP D 612 22.39 12.17 34.31
N PHE D 613 22.12 12.19 33.01
CA PHE D 613 22.71 11.25 32.06
C PHE D 613 24.18 11.58 31.85
N GLN D 614 25.05 10.61 32.13
CA GLN D 614 26.49 10.82 32.04
C GLN D 614 27.22 9.77 31.22
N SER D 615 26.56 8.68 30.85
CA SER D 615 27.23 7.53 30.24
C SER D 615 26.86 7.33 28.77
N LEU D 616 26.40 8.41 28.12
CA LEU D 616 25.87 8.47 26.74
C LEU D 616 24.73 7.46 26.55
N LYS D 617 23.71 7.62 27.38
CA LYS D 617 22.53 6.75 27.37
C LYS D 617 21.25 7.57 27.30
N ALA D 618 21.25 8.60 26.45
CA ALA D 618 20.00 9.28 26.14
C ALA D 618 19.16 8.39 25.25
N ARG D 619 17.95 8.07 25.67
CA ARG D 619 17.13 7.09 24.95
C ARG D 619 16.25 7.73 23.87
N ASN D 620 16.85 8.60 23.06
CA ASN D 620 16.31 8.95 21.75
C ASN D 620 17.32 8.41 20.75
N LYS D 621 17.19 7.11 20.46
CA LYS D 621 17.90 6.37 19.39
C LYS D 621 19.41 6.34 19.66
N PHE D 622 19.79 6.13 20.92
CA PHE D 622 21.13 5.57 21.13
C PHE D 622 21.09 4.05 21.11
N LEU D 623 19.98 3.47 21.56
CA LEU D 623 19.80 2.03 21.53
C LEU D 623 19.23 1.52 20.21
N LYS D 624 19.22 2.35 19.17
CA LYS D 624 18.82 1.95 17.82
C LYS D 624 19.82 2.43 16.77
N ASN D 625 20.80 3.25 17.15
CA ASN D 625 21.86 3.70 16.24
C ASN D 625 23.07 2.78 16.25
N TYR D 626 22.95 1.57 16.78
CA TYR D 626 23.94 0.54 16.52
C TYR D 626 23.57 -0.19 15.24
N ILE D 627 24.21 -1.34 14.99
CA ILE D 627 23.97 -2.00 13.73
C ILE D 627 22.66 -2.81 13.75
N THR D 628 22.22 -3.24 14.94
CA THR D 628 20.87 -3.75 15.30
C THR D 628 20.39 -4.96 14.48
N LEU D 629 21.27 -5.68 13.80
CA LEU D 629 20.88 -6.80 12.95
C LEU D 629 22.03 -7.78 12.79
N PRO E 1 -12.60 -77.08 -82.03
CA PRO E 1 -13.12 -77.06 -80.66
C PRO E 1 -12.19 -76.31 -79.72
N HIS E 2 -12.52 -75.06 -79.44
CA HIS E 2 -11.68 -74.20 -78.61
C HIS E 2 -12.16 -74.29 -77.17
N ARG E 3 -11.21 -74.29 -76.25
CA ARG E 3 -11.50 -74.66 -74.87
C ARG E 3 -10.52 -73.97 -73.95
N TYR E 4 -11.05 -73.26 -72.95
CA TYR E 4 -10.23 -72.45 -72.07
C TYR E 4 -9.47 -73.29 -71.07
N ARG E 5 -8.30 -72.78 -70.68
CA ARG E 5 -7.62 -73.24 -69.50
C ARG E 5 -8.45 -72.94 -68.26
N PRO E 6 -8.41 -73.81 -67.23
CA PRO E 6 -9.42 -73.78 -66.17
C PRO E 6 -9.35 -72.60 -65.21
N GLY E 7 -10.54 -72.13 -64.84
CA GLY E 7 -10.71 -71.18 -63.76
C GLY E 7 -10.45 -69.74 -64.08
N THR E 8 -10.02 -69.41 -65.31
CA THR E 8 -9.58 -68.05 -65.60
C THR E 8 -10.76 -67.18 -66.04
N VAL E 9 -11.64 -67.73 -66.89
CA VAL E 9 -12.88 -67.05 -67.25
C VAL E 9 -13.85 -67.07 -66.06
N ALA E 10 -13.69 -68.06 -65.18
CA ALA E 10 -14.28 -68.03 -63.84
C ALA E 10 -13.83 -66.82 -63.04
N LEU E 11 -12.53 -66.46 -63.11
CA LEU E 11 -12.07 -65.24 -62.45
C LEU E 11 -12.54 -63.96 -63.15
N ARG E 12 -12.81 -64.03 -64.46
CA ARG E 12 -13.45 -62.91 -65.16
C ARG E 12 -14.86 -62.71 -64.63
N GLU E 13 -15.55 -63.80 -64.32
CA GLU E 13 -16.83 -63.66 -63.66
C GLU E 13 -16.71 -63.35 -62.17
N ILE E 14 -15.55 -63.62 -61.55
CA ILE E 14 -15.30 -63.11 -60.19
C ILE E 14 -15.22 -61.59 -60.22
N ARG E 15 -14.59 -61.04 -61.27
CA ARG E 15 -14.63 -59.59 -61.50
C ARG E 15 -16.04 -59.09 -61.80
N ARG E 16 -16.87 -59.92 -62.45
CA ARG E 16 -18.27 -59.56 -62.67
C ARG E 16 -19.08 -59.52 -61.38
N TYR E 17 -19.01 -60.58 -60.57
CA TYR E 17 -19.77 -60.60 -59.32
C TYR E 17 -19.20 -59.70 -58.24
N GLN E 18 -17.95 -59.28 -58.35
CA GLN E 18 -17.46 -58.25 -57.46
C GLN E 18 -17.53 -56.86 -58.09
N LYS E 19 -18.15 -56.75 -59.28
CA LYS E 19 -18.64 -55.45 -59.75
C LYS E 19 -20.13 -55.22 -59.51
N SER E 20 -20.77 -55.96 -58.61
CA SER E 20 -22.22 -55.85 -58.47
C SER E 20 -22.65 -55.88 -56.99
N THR E 21 -23.98 -55.87 -56.77
CA THR E 21 -24.57 -55.76 -55.43
C THR E 21 -25.68 -56.76 -55.11
N GLU E 22 -26.07 -57.62 -56.06
CA GLU E 22 -27.42 -58.21 -56.06
C GLU E 22 -27.55 -59.38 -55.09
N LEU E 23 -28.79 -59.83 -54.91
CA LEU E 23 -29.06 -61.16 -54.38
C LEU E 23 -28.95 -62.19 -55.48
N LEU E 24 -28.80 -63.46 -55.08
CA LEU E 24 -28.78 -64.59 -55.98
C LEU E 24 -29.67 -65.75 -55.56
N ILE E 25 -30.09 -65.80 -54.29
CA ILE E 25 -31.06 -66.79 -53.85
C ILE E 25 -32.42 -66.43 -54.43
N ARG E 26 -33.05 -67.37 -55.12
CA ARG E 26 -34.30 -67.02 -55.76
C ARG E 26 -35.44 -67.16 -54.76
N LYS E 27 -36.53 -66.45 -55.04
CA LYS E 27 -37.41 -65.95 -54.00
C LYS E 27 -38.36 -67.01 -53.48
N LEU E 28 -39.02 -67.75 -54.39
CA LEU E 28 -39.87 -68.87 -53.99
C LEU E 28 -39.15 -70.01 -53.23
N PRO E 29 -37.88 -70.40 -53.53
CA PRO E 29 -37.22 -71.36 -52.62
C PRO E 29 -36.96 -70.87 -51.23
N PHE E 30 -36.58 -69.60 -51.08
CA PHE E 30 -36.29 -69.07 -49.76
C PHE E 30 -37.58 -68.81 -49.01
N GLN E 31 -38.65 -68.53 -49.75
CA GLN E 31 -39.97 -68.33 -49.19
C GLN E 31 -40.52 -69.62 -48.60
N ARG E 32 -40.46 -70.71 -49.40
CA ARG E 32 -40.81 -72.05 -48.94
C ARG E 32 -39.91 -72.53 -47.81
N LEU E 33 -38.64 -72.12 -47.85
CA LEU E 33 -37.67 -72.49 -46.83
C LEU E 33 -37.98 -71.86 -45.49
N VAL E 34 -38.22 -70.56 -45.47
CA VAL E 34 -38.44 -69.86 -44.21
C VAL E 34 -39.84 -70.18 -43.68
N ARG E 35 -40.78 -70.55 -44.56
CA ARG E 35 -42.02 -71.14 -44.05
C ARG E 35 -41.83 -72.55 -43.51
N GLU E 36 -40.81 -73.28 -43.98
CA GLU E 36 -40.49 -74.55 -43.32
C GLU E 36 -39.82 -74.35 -41.96
N ILE E 37 -39.00 -73.31 -41.81
CA ILE E 37 -38.33 -73.12 -40.51
C ILE E 37 -39.31 -72.54 -39.50
N ALA E 38 -40.13 -71.57 -39.91
CA ALA E 38 -41.11 -70.97 -39.01
C ALA E 38 -42.29 -71.89 -38.77
N GLN E 39 -42.47 -72.87 -39.66
CA GLN E 39 -43.38 -73.99 -39.43
C GLN E 39 -42.97 -74.82 -38.22
N ASP E 40 -41.67 -74.89 -37.93
CA ASP E 40 -41.16 -75.82 -36.94
C ASP E 40 -41.29 -75.29 -35.51
N PHE E 41 -41.79 -74.08 -35.32
CA PHE E 41 -41.90 -73.51 -33.99
C PHE E 41 -43.35 -73.27 -33.59
N LYS E 42 -44.10 -72.53 -34.39
CA LYS E 42 -45.54 -72.42 -34.23
C LYS E 42 -46.13 -72.14 -35.60
N THR E 43 -47.11 -72.95 -36.00
CA THR E 43 -47.48 -73.07 -37.40
C THR E 43 -48.39 -71.94 -37.88
N ASP E 44 -48.29 -71.68 -39.19
CA ASP E 44 -49.23 -70.92 -40.03
C ASP E 44 -49.37 -69.47 -39.59
N LEU E 45 -48.27 -68.74 -39.73
CA LEU E 45 -48.27 -67.31 -39.53
C LEU E 45 -48.14 -66.60 -40.87
N ARG E 46 -48.78 -65.45 -40.98
CA ARG E 46 -48.61 -64.61 -42.14
C ARG E 46 -47.40 -63.71 -41.90
N PHE E 47 -46.80 -63.25 -42.99
CA PHE E 47 -45.54 -62.54 -42.83
C PHE E 47 -45.52 -61.19 -43.54
N GLN E 48 -44.32 -60.62 -43.64
CA GLN E 48 -44.02 -59.54 -44.57
C GLN E 48 -43.09 -60.08 -45.65
N SER E 49 -43.23 -59.53 -46.86
CA SER E 49 -42.28 -59.87 -47.92
C SER E 49 -40.92 -59.22 -47.68
N SER E 50 -40.94 -58.06 -47.04
CA SER E 50 -39.73 -57.39 -46.59
C SER E 50 -39.00 -58.15 -45.50
N ALA E 51 -39.71 -58.94 -44.69
CA ALA E 51 -39.07 -59.84 -43.73
C ALA E 51 -38.27 -60.93 -44.45
N VAL E 52 -38.84 -61.46 -45.53
CA VAL E 52 -38.20 -62.48 -46.34
C VAL E 52 -36.97 -61.91 -47.05
N MET E 53 -37.09 -60.68 -47.54
CA MET E 53 -35.97 -60.02 -48.19
C MET E 53 -34.86 -59.65 -47.22
N ALA E 54 -35.23 -59.33 -45.97
CA ALA E 54 -34.25 -59.03 -44.93
C ALA E 54 -33.46 -60.27 -44.51
N LEU E 55 -34.16 -61.40 -44.32
CA LEU E 55 -33.48 -62.66 -44.00
C LEU E 55 -32.65 -63.17 -45.17
N GLN E 56 -33.07 -62.86 -46.39
CA GLN E 56 -32.33 -63.29 -47.57
C GLN E 56 -31.05 -62.49 -47.78
N GLU E 57 -31.11 -61.17 -47.53
CA GLU E 57 -29.90 -60.33 -47.55
C GLU E 57 -28.90 -60.72 -46.46
N ALA E 58 -29.40 -61.04 -45.25
CA ALA E 58 -28.50 -61.46 -44.16
C ALA E 58 -27.87 -62.83 -44.45
N SER E 59 -28.62 -63.69 -45.14
CA SER E 59 -28.13 -65.00 -45.59
C SER E 59 -26.97 -64.86 -46.56
N GLU E 60 -27.19 -64.15 -47.68
CA GLU E 60 -26.12 -63.97 -48.69
C GLU E 60 -24.93 -63.16 -48.19
N ALA E 61 -25.17 -62.24 -47.23
CA ALA E 61 -24.07 -61.48 -46.63
C ALA E 61 -23.16 -62.38 -45.81
N TYR E 62 -23.76 -63.26 -44.98
CA TYR E 62 -22.93 -64.07 -44.11
C TYR E 62 -22.27 -65.21 -44.88
N LEU E 63 -22.93 -65.63 -45.99
CA LEU E 63 -22.34 -66.58 -46.94
C LEU E 63 -21.07 -66.06 -47.59
N VAL E 64 -21.14 -64.94 -48.32
CA VAL E 64 -19.98 -64.42 -49.07
C VAL E 64 -18.86 -63.91 -48.14
N ALA E 65 -19.22 -63.50 -46.91
CA ALA E 65 -18.23 -63.27 -45.85
C ALA E 65 -17.46 -64.55 -45.50
N LEU E 66 -18.17 -65.65 -45.28
CA LEU E 66 -17.47 -66.87 -44.92
C LEU E 66 -16.82 -67.55 -46.13
N PHE E 67 -17.28 -67.23 -47.35
CA PHE E 67 -16.60 -67.69 -48.57
C PHE E 67 -15.25 -67.00 -48.74
N GLU E 68 -15.17 -65.73 -48.39
CA GLU E 68 -13.88 -65.06 -48.46
C GLU E 68 -12.94 -65.50 -47.34
N ASP E 69 -13.49 -65.84 -46.16
CA ASP E 69 -12.66 -66.47 -45.11
C ASP E 69 -12.16 -67.85 -45.51
N THR E 70 -12.99 -68.65 -46.19
CA THR E 70 -12.59 -69.98 -46.64
C THR E 70 -11.56 -69.90 -47.77
N ASN E 71 -11.66 -68.85 -48.61
CA ASN E 71 -10.63 -68.57 -49.60
C ASN E 71 -9.29 -68.20 -48.98
N LEU E 72 -9.32 -67.40 -47.91
CA LEU E 72 -8.08 -67.09 -47.19
C LEU E 72 -7.51 -68.29 -46.45
N CYS E 73 -8.37 -69.21 -46.00
CA CYS E 73 -7.90 -70.48 -45.41
C CYS E 73 -7.23 -71.37 -46.45
N ALA E 74 -7.74 -71.40 -47.69
CA ALA E 74 -7.10 -72.20 -48.72
C ALA E 74 -5.79 -71.56 -49.21
N ILE E 75 -5.69 -70.23 -49.12
CA ILE E 75 -4.44 -69.55 -49.44
C ILE E 75 -3.37 -69.85 -48.39
N HIS E 76 -3.72 -69.78 -47.10
CA HIS E 76 -2.78 -70.14 -46.05
C HIS E 76 -2.52 -71.64 -46.00
N ALA E 77 -3.43 -72.46 -46.51
CA ALA E 77 -3.26 -73.89 -46.65
C ALA E 77 -2.38 -74.30 -47.84
N LYS E 78 -1.73 -73.33 -48.52
CA LYS E 78 -0.77 -73.50 -49.60
C LYS E 78 -1.40 -74.17 -50.80
N ARG E 79 -2.69 -73.91 -50.99
CA ARG E 79 -3.52 -74.62 -51.92
C ARG E 79 -4.21 -73.61 -52.83
N VAL E 80 -4.73 -74.14 -53.92
CA VAL E 80 -5.52 -73.36 -54.86
C VAL E 80 -6.97 -73.79 -54.59
N THR E 81 -7.11 -75.00 -54.07
CA THR E 81 -8.39 -75.64 -53.84
C THR E 81 -8.77 -75.52 -52.36
N ILE E 82 -10.07 -75.54 -52.09
CA ILE E 82 -10.61 -75.42 -50.75
C ILE E 82 -10.97 -76.81 -50.21
N MET E 83 -11.25 -76.89 -48.91
CA MET E 83 -11.77 -78.12 -48.30
C MET E 83 -12.86 -77.80 -47.29
N PRO E 84 -13.63 -78.80 -46.81
CA PRO E 84 -14.44 -78.58 -45.61
C PRO E 84 -13.65 -78.40 -44.34
N LYS E 85 -12.37 -78.78 -44.29
CA LYS E 85 -11.57 -78.54 -43.10
C LYS E 85 -11.27 -77.05 -42.93
N ASP E 86 -11.26 -76.28 -44.03
CA ASP E 86 -11.16 -74.83 -43.99
C ASP E 86 -12.36 -74.22 -43.28
N ILE E 87 -13.53 -74.79 -43.57
CA ILE E 87 -14.78 -74.34 -42.99
C ILE E 87 -14.85 -74.70 -41.51
N GLN E 88 -14.38 -75.91 -41.19
CA GLN E 88 -14.41 -76.43 -39.82
C GLN E 88 -13.43 -75.68 -38.93
N LEU E 89 -12.26 -75.36 -39.50
CA LEU E 89 -11.28 -74.49 -38.86
C LEU E 89 -11.83 -73.10 -38.64
N ALA E 90 -12.60 -72.58 -39.61
CA ALA E 90 -13.20 -71.26 -39.47
C ALA E 90 -14.27 -71.23 -38.39
N ARG E 91 -14.99 -72.35 -38.21
CA ARG E 91 -15.98 -72.42 -37.14
C ARG E 91 -15.33 -72.50 -35.76
N ARG E 92 -14.23 -73.26 -35.64
CA ARG E 92 -13.59 -73.27 -34.32
C ARG E 92 -12.74 -72.05 -34.05
N ILE E 93 -12.37 -71.28 -35.08
CA ILE E 93 -11.76 -69.98 -34.81
C ILE E 93 -12.84 -69.01 -34.37
N ARG E 94 -13.95 -68.95 -35.10
CA ARG E 94 -15.06 -68.07 -34.74
C ARG E 94 -15.85 -68.56 -33.53
N GLY E 95 -15.68 -69.81 -33.11
CA GLY E 95 -16.28 -70.29 -31.88
C GLY E 95 -17.73 -70.68 -32.07
N GLU E 96 -18.00 -71.49 -33.09
CA GLU E 96 -19.34 -71.88 -33.46
C GLU E 96 -19.61 -73.30 -32.99
N ARG E 97 -20.81 -73.54 -32.47
CA ARG E 97 -21.13 -74.78 -31.77
C ARG E 97 -22.49 -75.31 -32.23
N LYS F 1 -48.54 -80.95 -40.47
CA LYS F 1 -48.22 -80.34 -41.75
C LYS F 1 -46.86 -79.63 -41.68
N VAL F 2 -45.85 -80.27 -42.26
CA VAL F 2 -44.56 -79.65 -42.41
C VAL F 2 -44.20 -79.64 -43.90
N LEU F 3 -43.32 -78.73 -44.28
CA LEU F 3 -42.78 -78.67 -45.63
C LEU F 3 -41.51 -79.49 -45.70
N ARG F 4 -41.03 -79.75 -46.92
CA ARG F 4 -40.00 -80.75 -47.12
C ARG F 4 -39.23 -80.46 -48.40
N ASP F 5 -37.91 -80.77 -48.35
CA ASP F 5 -36.95 -80.68 -49.46
C ASP F 5 -36.82 -79.27 -50.01
N ASN F 6 -36.94 -78.27 -49.14
CA ASN F 6 -36.73 -76.91 -49.59
C ASN F 6 -35.25 -76.55 -49.62
N ILE F 7 -34.44 -77.24 -48.82
CA ILE F 7 -33.00 -77.02 -48.82
C ILE F 7 -32.37 -77.68 -50.04
N GLN F 8 -33.08 -78.63 -50.67
CA GLN F 8 -32.77 -79.09 -52.02
C GLN F 8 -32.96 -78.01 -53.07
N GLY F 9 -33.83 -77.02 -52.82
CA GLY F 9 -33.93 -75.87 -53.69
C GLY F 9 -32.68 -75.01 -53.69
N ILE F 10 -31.95 -75.00 -52.58
CA ILE F 10 -30.60 -74.48 -52.59
C ILE F 10 -29.76 -75.51 -53.32
N THR F 11 -29.52 -75.27 -54.60
CA THR F 11 -28.70 -76.20 -55.35
C THR F 11 -27.24 -75.76 -55.30
N LYS F 12 -26.36 -76.71 -55.55
CA LYS F 12 -24.91 -76.60 -55.71
C LYS F 12 -24.42 -75.46 -56.62
N PRO F 13 -25.03 -75.14 -57.80
CA PRO F 13 -24.53 -73.96 -58.56
C PRO F 13 -24.79 -72.61 -57.92
N ALA F 14 -25.81 -72.46 -57.07
CA ALA F 14 -26.07 -71.15 -56.47
C ALA F 14 -25.05 -70.82 -55.39
N ILE F 15 -24.70 -71.83 -54.57
CA ILE F 15 -23.61 -71.74 -53.60
C ILE F 15 -22.27 -71.54 -54.30
N ARG F 16 -22.14 -72.14 -55.50
CA ARG F 16 -20.95 -71.97 -56.33
C ARG F 16 -20.81 -70.54 -56.85
N ARG F 17 -21.92 -69.91 -57.27
CA ARG F 17 -21.89 -68.49 -57.67
C ARG F 17 -21.58 -67.56 -56.50
N LEU F 18 -22.12 -67.85 -55.33
CA LEU F 18 -21.83 -66.99 -54.17
C LEU F 18 -20.40 -67.16 -53.66
N ALA F 19 -19.81 -68.33 -53.86
CA ALA F 19 -18.39 -68.47 -53.61
C ALA F 19 -17.54 -67.80 -54.69
N ARG F 20 -18.04 -67.69 -55.92
CA ARG F 20 -17.35 -66.85 -56.90
C ARG F 20 -17.43 -65.36 -56.58
N ARG F 21 -18.50 -64.89 -55.93
CA ARG F 21 -18.43 -63.54 -55.38
C ARG F 21 -17.52 -63.52 -54.15
N GLY F 22 -17.43 -64.63 -53.43
CA GLY F 22 -16.45 -64.79 -52.37
C GLY F 22 -15.00 -65.01 -52.77
N GLY F 23 -14.63 -64.73 -54.02
CA GLY F 23 -13.26 -64.69 -54.46
C GLY F 23 -12.62 -66.04 -54.73
N VAL F 24 -13.37 -67.12 -54.63
CA VAL F 24 -12.79 -68.45 -54.58
C VAL F 24 -12.51 -68.96 -55.99
N LYS F 25 -11.27 -69.37 -56.23
CA LYS F 25 -10.84 -69.91 -57.52
C LYS F 25 -11.34 -71.32 -57.77
N ARG F 26 -10.91 -72.27 -56.95
CA ARG F 26 -11.20 -73.68 -57.17
C ARG F 26 -12.21 -74.20 -56.16
N ILE F 27 -13.16 -74.99 -56.66
CA ILE F 27 -14.37 -75.34 -55.95
C ILE F 27 -14.38 -76.84 -55.70
N SER F 28 -14.33 -77.22 -54.43
CA SER F 28 -14.29 -78.63 -54.09
C SER F 28 -15.68 -79.25 -54.18
N GLY F 29 -15.70 -80.55 -54.42
CA GLY F 29 -16.97 -81.27 -54.46
C GLY F 29 -17.50 -81.70 -53.12
N LEU F 30 -16.79 -81.42 -52.03
CA LEU F 30 -17.08 -81.98 -50.72
C LEU F 30 -17.86 -81.02 -49.84
N ILE F 31 -18.33 -79.91 -50.41
CA ILE F 31 -18.57 -78.69 -49.68
C ILE F 31 -20.06 -78.48 -49.40
N TYR F 32 -20.89 -78.66 -50.42
CA TYR F 32 -22.12 -77.90 -50.66
C TYR F 32 -23.19 -78.22 -49.64
N GLU F 33 -23.16 -79.42 -49.08
CA GLU F 33 -24.17 -79.81 -48.09
C GLU F 33 -23.95 -79.10 -46.77
N GLU F 34 -22.69 -79.01 -46.34
CA GLU F 34 -22.36 -78.56 -44.98
C GLU F 34 -22.67 -77.09 -44.79
N THR F 35 -22.38 -76.31 -45.84
CA THR F 35 -22.85 -74.93 -46.05
C THR F 35 -24.33 -74.77 -45.78
N ARG F 36 -25.13 -75.63 -46.44
CA ARG F 36 -26.58 -75.62 -46.29
C ARG F 36 -26.97 -76.04 -44.89
N GLY F 37 -26.20 -76.97 -44.31
CA GLY F 37 -26.42 -77.40 -42.95
C GLY F 37 -26.10 -76.29 -41.97
N VAL F 38 -25.05 -75.52 -42.27
CA VAL F 38 -24.68 -74.34 -41.49
C VAL F 38 -25.74 -73.27 -41.64
N LEU F 39 -26.34 -73.21 -42.85
CA LEU F 39 -27.46 -72.32 -43.15
C LEU F 39 -28.68 -72.68 -42.33
N LYS F 40 -28.89 -73.99 -42.10
CA LYS F 40 -29.95 -74.45 -41.20
C LYS F 40 -29.65 -74.06 -39.76
N VAL F 41 -28.38 -74.22 -39.36
CA VAL F 41 -27.89 -73.79 -38.06
C VAL F 41 -27.84 -72.26 -37.98
N PHE F 42 -27.86 -71.56 -39.12
CA PHE F 42 -28.09 -70.13 -39.12
C PHE F 42 -29.52 -69.81 -38.69
N LEU F 43 -30.52 -70.34 -39.41
CA LEU F 43 -31.89 -69.88 -39.22
C LEU F 43 -32.55 -70.47 -37.98
N GLU F 44 -32.05 -71.63 -37.52
CA GLU F 44 -32.42 -72.19 -36.23
C GLU F 44 -32.01 -71.27 -35.08
N ASN F 45 -30.91 -70.55 -35.25
CA ASN F 45 -30.55 -69.58 -34.25
C ASN F 45 -31.25 -68.25 -34.45
N VAL F 46 -31.93 -68.05 -35.58
CA VAL F 46 -32.66 -66.82 -35.77
C VAL F 46 -34.05 -66.91 -35.16
N ILE F 47 -34.90 -67.77 -35.72
CA ILE F 47 -36.33 -67.63 -35.52
C ILE F 47 -36.79 -68.29 -34.23
N ARG F 48 -35.89 -69.06 -33.57
CA ARG F 48 -36.01 -69.43 -32.15
C ARG F 48 -36.24 -68.21 -31.27
N ASP F 49 -35.50 -67.14 -31.57
CA ASP F 49 -35.84 -65.85 -30.99
C ASP F 49 -37.16 -65.34 -31.55
N ALA F 50 -37.25 -65.22 -32.90
CA ALA F 50 -37.94 -64.09 -33.54
C ALA F 50 -39.45 -64.10 -33.35
N VAL F 51 -40.06 -65.29 -33.38
CA VAL F 51 -41.50 -65.46 -33.22
C VAL F 51 -41.93 -65.12 -31.80
N THR F 52 -41.01 -65.28 -30.83
CA THR F 52 -41.11 -64.85 -29.44
C THR F 52 -41.31 -63.33 -29.31
N TYR F 53 -40.83 -62.55 -30.29
CA TYR F 53 -41.29 -61.17 -30.46
C TYR F 53 -42.80 -61.11 -30.74
N THR F 54 -43.22 -61.66 -31.89
CA THR F 54 -44.57 -61.42 -32.37
C THR F 54 -45.62 -62.28 -31.66
N GLU F 55 -45.19 -63.32 -30.95
CA GLU F 55 -46.09 -63.97 -29.99
C GLU F 55 -46.38 -63.06 -28.82
N HIS F 56 -45.37 -62.30 -28.39
CA HIS F 56 -45.61 -61.26 -27.41
C HIS F 56 -46.45 -60.12 -27.96
N ALA F 57 -46.29 -59.82 -29.24
CA ALA F 57 -47.01 -58.69 -29.83
C ALA F 57 -48.47 -58.99 -30.13
N LYS F 58 -48.91 -60.25 -29.95
CA LYS F 58 -50.28 -60.75 -30.13
C LYS F 58 -50.73 -60.57 -31.57
N ARG F 59 -49.77 -60.69 -32.47
CA ARG F 59 -49.97 -60.50 -33.89
C ARG F 59 -49.91 -61.85 -34.55
N LYS F 60 -50.81 -62.07 -35.49
CA LYS F 60 -50.79 -63.28 -36.27
C LYS F 60 -50.07 -63.07 -37.58
N THR F 61 -49.58 -61.86 -37.80
CA THR F 61 -48.69 -61.52 -38.89
C THR F 61 -47.31 -61.20 -38.32
N VAL F 62 -46.26 -61.52 -39.09
CA VAL F 62 -44.88 -61.36 -38.64
C VAL F 62 -44.24 -60.25 -39.45
N THR F 63 -43.62 -59.30 -38.78
CA THR F 63 -43.09 -58.14 -39.47
C THR F 63 -41.65 -58.38 -39.91
N ALA F 64 -41.13 -57.42 -40.69
CA ALA F 64 -39.69 -57.30 -40.88
C ALA F 64 -39.01 -56.64 -39.70
N MET F 65 -39.81 -55.96 -38.86
CA MET F 65 -39.26 -55.30 -37.69
C MET F 65 -38.75 -56.30 -36.69
N ASP F 66 -39.43 -57.44 -36.57
CA ASP F 66 -39.01 -58.53 -35.69
C ASP F 66 -37.72 -59.17 -36.18
N VAL F 67 -37.59 -59.26 -37.52
CA VAL F 67 -36.37 -59.72 -38.17
C VAL F 67 -35.20 -58.79 -37.88
N VAL F 68 -35.44 -57.48 -37.98
CA VAL F 68 -34.45 -56.45 -37.68
C VAL F 68 -34.03 -56.47 -36.22
N TYR F 69 -34.99 -56.75 -35.32
CA TYR F 69 -34.72 -56.74 -33.90
C TYR F 69 -33.95 -57.99 -33.49
N ALA F 70 -34.23 -59.09 -34.21
CA ALA F 70 -33.50 -60.33 -34.04
C ALA F 70 -32.05 -60.18 -34.49
N LEU F 71 -31.83 -59.58 -35.67
CA LEU F 71 -30.48 -59.35 -36.16
C LEU F 71 -29.72 -58.28 -35.37
N LYS F 72 -30.42 -57.44 -34.60
CA LYS F 72 -29.76 -56.71 -33.53
C LYS F 72 -29.22 -57.66 -32.47
N ARG F 73 -30.08 -58.52 -31.92
CA ARG F 73 -29.59 -59.47 -30.91
C ARG F 73 -28.70 -60.58 -31.47
N GLN F 74 -28.90 -61.01 -32.73
CA GLN F 74 -27.85 -61.83 -33.35
C GLN F 74 -26.61 -61.03 -33.80
N GLY F 75 -26.64 -59.71 -33.74
CA GLY F 75 -25.47 -58.92 -34.06
C GLY F 75 -25.21 -58.81 -35.54
N ARG F 76 -26.24 -58.97 -36.36
CA ARG F 76 -26.09 -58.98 -37.81
C ARG F 76 -26.94 -57.86 -38.40
N THR F 77 -26.79 -56.65 -37.84
CA THR F 77 -27.64 -55.50 -38.16
C THR F 77 -27.41 -55.03 -39.59
N LEU F 78 -28.50 -54.83 -40.33
CA LEU F 78 -28.45 -54.37 -41.70
C LEU F 78 -29.38 -53.18 -41.81
N TYR F 79 -29.07 -52.26 -42.72
CA TYR F 79 -29.96 -51.14 -42.97
C TYR F 79 -30.77 -51.42 -44.24
N GLY F 80 -31.49 -50.40 -44.70
CA GLY F 80 -32.35 -50.51 -45.84
C GLY F 80 -33.77 -50.91 -45.52
N PHE F 81 -34.09 -51.11 -44.24
CA PHE F 81 -35.41 -51.57 -43.85
C PHE F 81 -36.03 -50.72 -42.76
N GLY F 82 -35.26 -49.87 -42.09
CA GLY F 82 -35.83 -48.86 -41.23
C GLY F 82 -36.17 -49.36 -39.85
N GLY F 83 -36.03 -48.45 -38.88
CA GLY F 83 -36.48 -48.69 -37.52
C GLY F 83 -35.60 -49.58 -36.68
N THR G 1 -42.97 -58.82 3.39
CA THR G 1 -42.09 -58.47 2.28
C THR G 1 -42.85 -58.45 0.97
N ARG G 2 -42.09 -58.38 -0.13
CA ARG G 2 -42.58 -58.82 -1.42
C ARG G 2 -41.89 -60.07 -1.93
N SER G 3 -40.93 -60.60 -1.17
CA SER G 3 -40.02 -61.60 -1.70
C SER G 3 -40.27 -62.99 -1.12
N SER G 4 -40.38 -63.09 0.21
CA SER G 4 -40.76 -64.35 0.83
C SER G 4 -42.21 -64.70 0.57
N ARG G 5 -43.05 -63.68 0.36
CA ARG G 5 -44.42 -63.88 -0.07
C ARG G 5 -44.47 -64.41 -1.50
N ALA G 6 -43.51 -64.00 -2.32
CA ALA G 6 -43.33 -64.52 -3.66
C ALA G 6 -42.65 -65.89 -3.69
N GLY G 7 -41.84 -66.18 -2.67
CA GLY G 7 -41.08 -67.41 -2.65
C GLY G 7 -39.95 -67.47 -3.65
N LEU G 8 -38.95 -66.61 -3.44
CA LEU G 8 -37.71 -66.63 -4.22
C LEU G 8 -36.55 -66.46 -3.26
N GLN G 9 -35.35 -66.24 -3.78
CA GLN G 9 -34.22 -65.83 -2.95
C GLN G 9 -33.73 -64.44 -3.28
N PHE G 10 -34.33 -63.77 -4.25
CA PHE G 10 -33.73 -62.63 -4.92
C PHE G 10 -34.67 -61.44 -4.73
N PRO G 11 -34.26 -60.36 -4.03
CA PRO G 11 -35.23 -59.44 -3.39
C PRO G 11 -35.92 -58.48 -4.37
N VAL G 12 -37.25 -58.50 -4.33
CA VAL G 12 -38.10 -57.72 -5.23
C VAL G 12 -38.01 -56.21 -4.97
N GLY G 13 -37.69 -55.81 -3.74
CA GLY G 13 -37.54 -54.40 -3.39
C GLY G 13 -36.32 -53.72 -3.99
N ARG G 14 -35.16 -54.36 -3.78
CA ARG G 14 -33.91 -54.07 -4.49
C ARG G 14 -34.08 -53.94 -6.00
N VAL G 15 -34.62 -54.99 -6.62
CA VAL G 15 -34.70 -55.10 -8.07
C VAL G 15 -35.71 -54.10 -8.61
N HIS G 16 -36.80 -53.88 -7.87
CA HIS G 16 -37.80 -52.87 -8.21
C HIS G 16 -37.26 -51.45 -8.14
N ARG G 17 -36.48 -51.14 -7.09
CA ARG G 17 -35.81 -49.85 -6.99
C ARG G 17 -34.81 -49.64 -8.11
N LEU G 18 -34.11 -50.70 -8.50
CA LEU G 18 -33.13 -50.56 -9.56
C LEU G 18 -33.75 -50.50 -10.96
N LEU G 19 -34.93 -51.07 -11.14
CA LEU G 19 -35.65 -50.91 -12.39
C LEU G 19 -36.31 -49.56 -12.48
N ARG G 20 -36.73 -49.02 -11.33
CA ARG G 20 -37.17 -47.63 -11.23
C ARG G 20 -36.04 -46.70 -11.60
N LYS G 21 -34.86 -46.95 -11.05
CA LYS G 21 -33.70 -46.10 -11.28
C LYS G 21 -33.11 -46.31 -12.65
N GLY G 22 -33.34 -47.46 -13.27
CA GLY G 22 -32.57 -47.84 -14.43
C GLY G 22 -33.09 -47.42 -15.78
N ASN G 23 -34.23 -46.71 -15.84
CA ASN G 23 -34.72 -45.97 -17.02
C ASN G 23 -35.00 -46.87 -18.23
N TYR G 24 -36.03 -47.69 -18.15
CA TYR G 24 -36.28 -48.63 -19.24
C TYR G 24 -37.56 -48.23 -19.97
N ALA G 25 -38.66 -48.19 -19.25
CA ALA G 25 -39.91 -47.58 -19.63
C ALA G 25 -40.37 -46.72 -18.45
N GLU G 26 -41.61 -46.24 -18.50
CA GLU G 26 -42.07 -45.42 -17.39
C GLU G 26 -42.49 -46.25 -16.18
N ARG G 27 -43.56 -47.02 -16.34
CA ARG G 27 -44.13 -47.67 -15.17
C ARG G 27 -43.72 -49.14 -15.14
N VAL G 28 -44.07 -49.83 -14.06
CA VAL G 28 -43.58 -51.19 -13.83
C VAL G 28 -44.76 -52.07 -13.44
N GLY G 29 -45.01 -53.13 -14.22
CA GLY G 29 -45.76 -54.25 -13.70
C GLY G 29 -44.91 -55.11 -12.79
N ALA G 30 -45.44 -55.37 -11.58
CA ALA G 30 -44.62 -55.89 -10.50
C ALA G 30 -44.30 -57.38 -10.60
N GLY G 31 -44.79 -58.07 -11.62
CA GLY G 31 -44.35 -59.43 -11.86
C GLY G 31 -42.99 -59.47 -12.51
N ALA G 32 -42.63 -58.39 -13.21
CA ALA G 32 -41.32 -58.29 -13.83
C ALA G 32 -40.10 -58.36 -12.90
N PRO G 33 -40.05 -57.73 -11.68
CA PRO G 33 -38.93 -58.05 -10.78
C PRO G 33 -38.97 -59.46 -10.25
N VAL G 34 -40.17 -60.01 -10.16
CA VAL G 34 -40.33 -61.36 -9.66
C VAL G 34 -39.92 -62.38 -10.72
N TYR G 35 -40.31 -62.15 -11.99
CA TYR G 35 -39.98 -63.10 -13.05
C TYR G 35 -38.51 -62.98 -13.41
N LEU G 36 -37.98 -61.76 -13.37
CA LEU G 36 -36.56 -61.51 -13.56
C LEU G 36 -35.72 -62.14 -12.46
N ALA G 37 -36.20 -62.06 -11.22
CA ALA G 37 -35.54 -62.67 -10.07
C ALA G 37 -35.58 -64.19 -10.16
N ALA G 38 -36.65 -64.74 -10.74
CA ALA G 38 -36.75 -66.18 -10.95
C ALA G 38 -35.76 -66.70 -11.97
N VAL G 39 -35.62 -65.99 -13.12
CA VAL G 39 -34.65 -66.40 -14.14
C VAL G 39 -33.21 -66.23 -13.64
N LEU G 40 -32.95 -65.16 -12.89
CA LEU G 40 -31.62 -64.91 -12.34
C LEU G 40 -31.25 -65.94 -11.28
N GLU G 41 -32.22 -66.35 -10.47
CA GLU G 41 -31.99 -67.35 -9.45
C GLU G 41 -31.82 -68.75 -10.05
N TYR G 42 -32.52 -69.04 -11.15
CA TYR G 42 -32.38 -70.34 -11.82
C TYR G 42 -31.03 -70.45 -12.53
N LEU G 43 -30.59 -69.38 -13.20
CA LEU G 43 -29.31 -69.44 -13.87
C LEU G 43 -28.12 -69.40 -12.91
N THR G 44 -28.24 -68.74 -11.75
CA THR G 44 -27.15 -68.89 -10.78
C THR G 44 -27.18 -70.25 -10.07
N ALA G 45 -28.34 -70.92 -10.03
CA ALA G 45 -28.36 -72.31 -9.57
C ALA G 45 -27.66 -73.24 -10.56
N GLU G 46 -27.83 -72.97 -11.86
CA GLU G 46 -27.11 -73.67 -12.94
C GLU G 46 -25.60 -73.55 -12.82
N ILE G 47 -25.12 -72.30 -12.68
CA ILE G 47 -23.68 -72.01 -12.60
C ILE G 47 -23.08 -72.58 -11.32
N LEU G 48 -23.74 -72.41 -10.16
CA LEU G 48 -23.20 -72.93 -8.92
C LEU G 48 -23.28 -74.45 -8.82
N GLU G 49 -24.21 -75.09 -9.52
CA GLU G 49 -24.29 -76.54 -9.48
C GLU G 49 -23.19 -77.17 -10.33
N LEU G 50 -22.99 -76.66 -11.56
CA LEU G 50 -21.87 -77.13 -12.38
C LEU G 50 -20.51 -76.72 -11.82
N ALA G 51 -20.43 -75.61 -11.10
CA ALA G 51 -19.19 -75.19 -10.48
C ALA G 51 -18.86 -76.04 -9.27
N GLY G 52 -19.88 -76.48 -8.52
CA GLY G 52 -19.64 -77.42 -7.46
C GLY G 52 -19.26 -78.80 -7.94
N ASN G 53 -19.77 -79.20 -9.12
CA ASN G 53 -19.34 -80.46 -9.73
C ASN G 53 -17.90 -80.38 -10.22
N ALA G 54 -17.52 -79.23 -10.77
CA ALA G 54 -16.13 -79.04 -11.17
C ALA G 54 -15.19 -78.86 -9.98
N ALA G 55 -15.69 -78.37 -8.85
CA ALA G 55 -14.91 -78.36 -7.62
C ALA G 55 -14.83 -79.75 -7.01
N ARG G 56 -15.81 -80.61 -7.29
CA ARG G 56 -15.71 -82.01 -6.90
C ARG G 56 -14.66 -82.75 -7.73
N ASP G 57 -14.42 -82.29 -8.96
CA ASP G 57 -13.37 -82.90 -9.79
C ASP G 57 -11.96 -82.64 -9.25
N ASN G 58 -11.73 -81.54 -8.55
CA ASN G 58 -10.37 -81.17 -8.15
C ASN G 58 -10.16 -81.11 -6.65
N LYS G 59 -11.25 -81.01 -5.87
CA LYS G 59 -11.31 -81.07 -4.41
C LYS G 59 -10.55 -79.97 -3.70
N LYS G 60 -10.30 -78.83 -4.35
CA LYS G 60 -10.26 -77.60 -3.59
C LYS G 60 -11.65 -77.32 -3.04
N THR G 61 -11.76 -77.34 -1.71
CA THR G 61 -13.08 -77.24 -1.09
C THR G 61 -13.61 -75.82 -1.12
N ARG G 62 -12.74 -74.82 -1.21
CA ARG G 62 -13.14 -73.50 -1.66
C ARG G 62 -12.92 -73.44 -3.16
N ILE G 63 -13.95 -73.02 -3.88
CA ILE G 63 -13.96 -73.03 -5.34
C ILE G 63 -13.02 -71.99 -5.88
N ILE G 64 -11.91 -72.46 -6.44
CA ILE G 64 -11.02 -71.57 -7.19
C ILE G 64 -11.69 -71.42 -8.54
N PRO G 65 -11.50 -70.29 -9.24
CA PRO G 65 -12.25 -70.05 -10.49
C PRO G 65 -11.80 -70.88 -11.69
N ARG G 66 -10.72 -71.65 -11.53
CA ARG G 66 -10.46 -72.87 -12.30
C ARG G 66 -11.71 -73.70 -12.50
N HIS G 67 -12.43 -73.97 -11.40
CA HIS G 67 -13.66 -74.74 -11.43
C HIS G 67 -14.77 -74.00 -12.17
N LEU G 68 -14.74 -72.66 -12.13
CA LEU G 68 -15.75 -71.88 -12.84
C LEU G 68 -15.53 -71.97 -14.34
N GLN G 69 -14.29 -71.94 -14.78
CA GLN G 69 -14.02 -72.08 -16.20
C GLN G 69 -14.21 -73.52 -16.66
N LEU G 70 -13.98 -74.49 -15.77
CA LEU G 70 -14.36 -75.88 -16.04
C LEU G 70 -15.87 -76.04 -16.18
N ALA G 71 -16.64 -75.32 -15.36
CA ALA G 71 -18.08 -75.35 -15.49
C ALA G 71 -18.58 -74.63 -16.74
N VAL G 72 -17.80 -73.67 -17.25
CA VAL G 72 -18.08 -73.11 -18.56
C VAL G 72 -17.86 -74.14 -19.65
N ARG G 73 -16.69 -74.78 -19.66
CA ARG G 73 -16.36 -75.67 -20.77
C ARG G 73 -17.05 -77.02 -20.68
N ASN G 74 -17.66 -77.37 -19.55
CA ASN G 74 -18.53 -78.54 -19.54
C ASN G 74 -19.83 -78.27 -20.27
N ASP G 75 -20.59 -77.28 -19.83
CA ASP G 75 -21.94 -77.03 -20.34
C ASP G 75 -21.80 -76.28 -21.66
N GLU G 76 -22.20 -76.92 -22.76
CA GLU G 76 -22.08 -76.35 -24.10
C GLU G 76 -23.14 -75.27 -24.34
N GLU G 77 -24.23 -75.26 -23.58
CA GLU G 77 -25.08 -74.07 -23.57
C GLU G 77 -24.39 -72.89 -22.88
N LEU G 78 -23.57 -73.18 -21.87
CA LEU G 78 -22.84 -72.11 -21.20
C LEU G 78 -21.60 -71.72 -21.98
N ASN G 79 -20.91 -72.72 -22.53
CA ASN G 79 -19.79 -72.49 -23.43
C ASN G 79 -20.21 -71.79 -24.71
N LYS G 80 -21.37 -72.14 -25.24
CA LYS G 80 -21.96 -71.44 -26.37
C LYS G 80 -22.51 -70.09 -25.95
N LEU G 81 -22.90 -69.97 -24.69
CA LEU G 81 -23.56 -68.78 -24.20
C LEU G 81 -22.56 -67.68 -23.88
N LEU G 82 -21.66 -67.95 -22.94
CA LEU G 82 -20.73 -66.95 -22.43
C LEU G 82 -19.41 -66.98 -23.19
N GLY G 83 -19.51 -66.91 -24.52
CA GLY G 83 -18.37 -67.11 -25.39
C GLY G 83 -17.50 -65.91 -25.64
N ARG G 84 -17.79 -64.78 -25.00
CA ARG G 84 -17.02 -63.56 -25.22
C ARG G 84 -16.42 -63.05 -23.92
N VAL G 85 -16.66 -63.74 -22.83
CA VAL G 85 -16.44 -63.23 -21.48
C VAL G 85 -15.25 -63.96 -20.88
N THR G 86 -14.32 -63.22 -20.30
CA THR G 86 -13.14 -63.84 -19.69
C THR G 86 -13.38 -64.14 -18.22
N ILE G 87 -12.56 -65.07 -17.72
CA ILE G 87 -12.57 -65.49 -16.31
C ILE G 87 -11.14 -65.43 -15.82
N ALA G 88 -10.90 -64.67 -14.76
CA ALA G 88 -9.61 -64.69 -14.11
C ALA G 88 -9.48 -65.94 -13.25
N GLN G 89 -8.24 -66.44 -13.12
CA GLN G 89 -7.86 -67.68 -12.40
C GLN G 89 -8.60 -68.93 -12.90
N GLY G 90 -8.90 -68.97 -14.19
CA GLY G 90 -9.73 -70.03 -14.72
C GLY G 90 -9.01 -71.20 -15.36
N GLY G 91 -7.80 -70.97 -15.86
CA GLY G 91 -7.01 -72.03 -16.46
C GLY G 91 -7.54 -72.50 -17.81
N VAL G 92 -6.92 -73.59 -18.28
CA VAL G 92 -7.30 -74.25 -19.53
C VAL G 92 -7.32 -75.76 -19.33
N LEU G 93 -7.56 -76.50 -20.41
CA LEU G 93 -7.72 -77.94 -20.50
C LEU G 93 -6.93 -78.51 -21.67
N PRO G 94 -6.45 -79.76 -21.60
CA PRO G 94 -5.56 -80.25 -22.66
C PRO G 94 -6.26 -80.63 -23.94
N ASN G 95 -5.56 -80.41 -25.05
CA ASN G 95 -6.06 -80.69 -26.39
C ASN G 95 -4.86 -80.94 -27.29
N ILE G 96 -4.57 -82.20 -27.56
CA ILE G 96 -3.34 -82.58 -28.27
C ILE G 96 -3.77 -83.47 -29.42
N GLN G 97 -3.30 -83.17 -30.62
CA GLN G 97 -3.90 -83.73 -31.83
C GLN G 97 -3.00 -84.76 -32.49
N SER G 98 -3.50 -85.26 -33.64
CA SER G 98 -2.84 -86.33 -34.38
C SER G 98 -1.55 -85.86 -35.03
N VAL G 99 -1.48 -84.59 -35.41
CA VAL G 99 -0.23 -84.04 -35.91
C VAL G 99 0.70 -83.70 -34.76
N LEU G 100 0.17 -83.60 -33.54
CA LEU G 100 0.96 -83.11 -32.42
C LEU G 100 1.57 -84.24 -31.60
N LEU G 101 0.87 -85.37 -31.46
CA LEU G 101 1.38 -86.51 -30.72
C LEU G 101 2.52 -87.20 -31.48
N PRO G 102 3.48 -87.82 -30.77
CA PRO G 102 4.54 -88.56 -31.46
C PRO G 102 4.02 -89.85 -32.08
N LYS G 103 4.49 -90.09 -33.30
CA LYS G 103 3.97 -91.16 -34.13
C LYS G 103 4.64 -92.49 -33.83
N LYS H 1 -17.12 -43.64 4.22
CA LYS H 1 -17.84 -44.80 4.75
C LYS H 1 -19.05 -45.11 3.88
N THR H 2 -19.06 -46.31 3.30
CA THR H 2 -20.12 -46.75 2.38
C THR H 2 -20.51 -48.19 2.70
N ARG H 3 -21.80 -48.43 2.90
CA ARG H 3 -22.28 -49.75 3.29
C ARG H 3 -22.76 -50.48 2.04
N LYS H 4 -21.81 -50.83 1.18
CA LYS H 4 -22.10 -50.96 -0.24
C LYS H 4 -22.69 -52.33 -0.57
N GLU H 5 -23.78 -52.32 -1.34
CA GLU H 5 -24.57 -53.52 -1.57
C GLU H 5 -24.06 -54.34 -2.76
N SER H 6 -24.30 -55.64 -2.69
CA SER H 6 -23.86 -56.61 -3.70
C SER H 6 -24.87 -57.74 -3.74
N TYR H 7 -24.46 -58.88 -4.29
CA TYR H 7 -25.31 -60.07 -4.32
C TYR H 7 -24.70 -61.21 -3.52
N ALA H 8 -24.23 -60.93 -2.30
CA ALA H 8 -23.43 -61.89 -1.57
C ALA H 8 -24.28 -63.00 -0.95
N ILE H 9 -25.25 -62.61 -0.09
CA ILE H 9 -25.99 -63.58 0.70
C ILE H 9 -26.99 -64.39 -0.12
N TYR H 10 -27.40 -63.88 -1.28
CA TYR H 10 -28.43 -64.55 -2.04
C TYR H 10 -27.81 -65.67 -2.87
N VAL H 11 -26.70 -65.36 -3.54
CA VAL H 11 -25.94 -66.33 -4.32
C VAL H 11 -25.25 -67.34 -3.39
N TYR H 12 -24.85 -66.87 -2.19
CA TYR H 12 -24.45 -67.70 -1.06
C TYR H 12 -25.48 -68.79 -0.73
N LYS H 13 -26.73 -68.39 -0.49
CA LYS H 13 -27.74 -69.38 -0.14
C LYS H 13 -28.24 -70.18 -1.33
N VAL H 14 -28.06 -69.69 -2.57
CA VAL H 14 -28.34 -70.55 -3.73
C VAL H 14 -27.26 -71.63 -3.86
N LEU H 15 -26.03 -71.30 -3.48
CA LEU H 15 -24.98 -72.32 -3.40
C LEU H 15 -25.22 -73.29 -2.24
N LYS H 16 -25.79 -72.79 -1.13
CA LYS H 16 -26.23 -73.67 -0.04
C LYS H 16 -27.39 -74.58 -0.45
N GLN H 17 -28.21 -74.14 -1.40
CA GLN H 17 -29.21 -75.03 -1.99
C GLN H 17 -28.56 -76.12 -2.83
N VAL H 18 -27.79 -75.73 -3.86
CA VAL H 18 -27.39 -76.72 -4.85
C VAL H 18 -26.20 -77.56 -4.40
N HIS H 19 -25.38 -77.07 -3.46
CA HIS H 19 -24.27 -77.85 -2.93
C HIS H 19 -24.18 -77.57 -1.45
N PRO H 20 -24.84 -78.42 -0.60
CA PRO H 20 -25.24 -78.01 0.77
C PRO H 20 -24.15 -77.71 1.78
N ASP H 21 -22.94 -78.22 1.57
CA ASP H 21 -21.83 -77.92 2.46
C ASP H 21 -20.54 -77.83 1.65
N THR H 22 -20.20 -76.61 1.26
CA THR H 22 -19.00 -76.32 0.47
C THR H 22 -18.57 -74.87 0.72
N GLY H 23 -17.47 -74.46 0.07
CA GLY H 23 -16.96 -73.12 0.25
C GLY H 23 -16.56 -72.49 -1.07
N ILE H 24 -16.30 -71.18 -1.02
CA ILE H 24 -15.89 -70.44 -2.21
C ILE H 24 -14.97 -69.30 -1.74
N SER H 25 -14.08 -68.86 -2.64
CA SER H 25 -13.24 -67.70 -2.41
C SER H 25 -14.03 -66.42 -2.67
N SER H 26 -13.45 -65.30 -2.27
CA SER H 26 -14.07 -64.02 -2.54
C SER H 26 -13.91 -63.59 -3.99
N LYS H 27 -12.84 -64.06 -4.64
CA LYS H 27 -12.59 -63.73 -6.04
C LYS H 27 -13.63 -64.34 -6.95
N ALA H 28 -13.97 -65.60 -6.72
CA ALA H 28 -15.02 -66.28 -7.45
C ALA H 28 -16.38 -65.70 -7.15
N MET H 29 -16.57 -65.18 -5.93
CA MET H 29 -17.79 -64.45 -5.57
C MET H 29 -17.86 -63.13 -6.31
N SER H 30 -16.72 -62.51 -6.58
CA SER H 30 -16.70 -61.28 -7.35
C SER H 30 -17.03 -61.53 -8.81
N ILE H 31 -16.52 -62.64 -9.36
CA ILE H 31 -16.98 -63.19 -10.64
C ILE H 31 -18.49 -63.46 -10.65
N MET H 32 -19.03 -63.96 -9.54
CA MET H 32 -20.46 -64.27 -9.53
C MET H 32 -21.32 -63.02 -9.40
N ASN H 33 -20.86 -62.04 -8.61
CA ASN H 33 -21.53 -60.75 -8.49
C ASN H 33 -21.52 -60.01 -9.81
N SER H 34 -20.38 -60.12 -10.53
CA SER H 34 -20.23 -59.63 -11.89
C SER H 34 -21.20 -60.32 -12.84
N PHE H 35 -21.42 -61.61 -12.63
CA PHE H 35 -22.24 -62.39 -13.53
C PHE H 35 -23.72 -62.04 -13.33
N VAL H 36 -24.12 -61.81 -12.08
CA VAL H 36 -25.49 -61.41 -11.75
C VAL H 36 -25.79 -60.02 -12.30
N ASN H 37 -24.85 -59.07 -12.13
CA ASN H 37 -24.96 -57.74 -12.74
C ASN H 37 -25.02 -57.77 -14.25
N ASP H 38 -24.27 -58.69 -14.89
CA ASP H 38 -24.22 -58.78 -16.35
C ASP H 38 -25.56 -59.27 -16.89
N VAL H 39 -26.11 -60.33 -16.28
CA VAL H 39 -27.36 -60.88 -16.79
C VAL H 39 -28.53 -59.96 -16.44
N PHE H 40 -28.41 -59.22 -15.32
CA PHE H 40 -29.35 -58.18 -14.91
C PHE H 40 -29.39 -57.08 -15.98
N GLU H 41 -28.22 -56.70 -16.47
CA GLU H 41 -28.11 -55.65 -17.48
C GLU H 41 -28.62 -56.11 -18.83
N ARG H 42 -28.41 -57.37 -19.20
CA ARG H 42 -28.85 -57.79 -20.53
C ARG H 42 -30.35 -58.04 -20.61
N ILE H 43 -30.93 -58.65 -19.57
CA ILE H 43 -32.39 -58.82 -19.54
C ILE H 43 -33.08 -57.47 -19.36
N ALA H 44 -32.50 -56.58 -18.55
CA ALA H 44 -33.05 -55.25 -18.36
C ALA H 44 -32.94 -54.38 -19.61
N GLY H 45 -31.86 -54.55 -20.38
CA GLY H 45 -31.72 -53.78 -21.61
C GLY H 45 -32.64 -54.28 -22.70
N GLU H 46 -32.82 -55.61 -22.79
CA GLU H 46 -33.81 -56.13 -23.73
C GLU H 46 -35.24 -55.79 -23.32
N ALA H 47 -35.48 -55.66 -22.00
CA ALA H 47 -36.77 -55.24 -21.50
C ALA H 47 -37.04 -53.79 -21.86
N SER H 48 -36.00 -52.95 -21.77
CA SER H 48 -36.06 -51.55 -22.20
C SER H 48 -36.38 -51.43 -23.67
N ARG H 49 -35.70 -52.24 -24.51
CA ARG H 49 -35.91 -52.15 -25.95
C ARG H 49 -37.28 -52.65 -26.34
N LEU H 50 -37.71 -53.79 -25.79
CA LEU H 50 -39.03 -54.35 -26.09
C LEU H 50 -40.17 -53.50 -25.55
N ALA H 51 -39.93 -52.78 -24.45
CA ALA H 51 -40.89 -51.81 -23.96
C ALA H 51 -40.99 -50.60 -24.88
N HIS H 52 -39.87 -50.17 -25.46
CA HIS H 52 -39.96 -49.13 -26.47
C HIS H 52 -40.50 -49.63 -27.80
N TYR H 53 -40.40 -50.93 -28.05
CA TYR H 53 -40.86 -51.49 -29.31
C TYR H 53 -42.37 -51.62 -29.30
N ASN H 54 -42.93 -51.89 -28.14
CA ASN H 54 -44.36 -52.12 -28.00
C ASN H 54 -45.13 -50.85 -27.68
N LYS H 55 -44.48 -49.68 -27.78
CA LYS H 55 -45.08 -48.34 -27.73
C LYS H 55 -45.73 -48.04 -26.38
N ARG H 56 -45.21 -48.66 -25.31
CA ARG H 56 -45.91 -48.66 -24.05
C ARG H 56 -44.95 -48.35 -22.91
N SER H 57 -45.54 -48.11 -21.74
CA SER H 57 -44.83 -47.52 -20.62
C SER H 57 -44.50 -48.51 -19.52
N THR H 58 -44.90 -49.76 -19.65
CA THR H 58 -44.71 -50.68 -18.54
C THR H 58 -44.22 -52.04 -19.00
N ILE H 59 -43.74 -52.80 -18.01
CA ILE H 59 -43.04 -54.08 -18.21
C ILE H 59 -43.53 -55.00 -17.11
N THR H 60 -44.14 -56.12 -17.48
CA THR H 60 -44.61 -57.10 -16.50
C THR H 60 -43.84 -58.39 -16.67
N SER H 61 -44.33 -59.41 -15.96
CA SER H 61 -43.73 -60.74 -15.98
C SER H 61 -43.85 -61.41 -17.35
N ARG H 62 -44.92 -61.09 -18.09
CA ARG H 62 -45.11 -61.46 -19.49
C ARG H 62 -43.94 -61.02 -20.36
N GLU H 63 -43.45 -59.82 -20.09
CA GLU H 63 -42.38 -59.24 -20.86
C GLU H 63 -41.06 -59.89 -20.50
N ILE H 64 -40.96 -60.41 -19.28
CA ILE H 64 -39.75 -61.10 -18.88
C ILE H 64 -39.75 -62.51 -19.43
N GLN H 65 -40.95 -63.09 -19.57
CA GLN H 65 -41.15 -64.39 -20.21
C GLN H 65 -40.71 -64.38 -21.67
N THR H 66 -41.22 -63.41 -22.42
CA THR H 66 -40.79 -63.29 -23.80
C THR H 66 -39.34 -62.80 -23.93
N ALA H 67 -38.80 -62.11 -22.92
CA ALA H 67 -37.42 -61.66 -22.97
C ALA H 67 -36.45 -62.81 -22.77
N VAL H 68 -36.80 -63.74 -21.90
CA VAL H 68 -35.92 -64.85 -21.65
C VAL H 68 -36.03 -65.92 -22.75
N ARG H 69 -37.24 -66.14 -23.31
CA ARG H 69 -37.27 -66.99 -24.51
C ARG H 69 -36.85 -66.27 -25.79
N LEU H 70 -36.50 -64.99 -25.76
CA LEU H 70 -35.55 -64.49 -26.73
C LEU H 70 -34.09 -64.66 -26.32
N LEU H 71 -33.77 -64.71 -25.03
CA LEU H 71 -32.36 -64.63 -24.67
C LEU H 71 -31.65 -65.99 -24.72
N LEU H 72 -32.04 -66.92 -23.85
CA LEU H 72 -31.37 -68.22 -23.73
C LEU H 72 -31.75 -69.12 -24.90
N PRO H 73 -30.96 -70.16 -25.21
CA PRO H 73 -31.49 -71.23 -26.06
C PRO H 73 -32.61 -71.96 -25.36
N GLY H 74 -33.59 -72.41 -26.16
CA GLY H 74 -34.98 -72.51 -25.71
C GLY H 74 -35.27 -73.58 -24.68
N GLU H 75 -34.32 -74.48 -24.45
CA GLU H 75 -34.47 -75.46 -23.38
C GLU H 75 -34.28 -74.79 -22.02
N LEU H 76 -33.15 -74.11 -21.83
CA LEU H 76 -32.89 -73.31 -20.62
C LEU H 76 -33.89 -72.19 -20.46
N ALA H 77 -34.29 -71.60 -21.59
CA ALA H 77 -35.27 -70.53 -21.60
C ALA H 77 -36.65 -71.04 -21.19
N LYS H 78 -37.01 -72.23 -21.62
CA LYS H 78 -38.33 -72.74 -21.29
C LYS H 78 -38.39 -73.34 -19.89
N HIS H 79 -37.22 -73.79 -19.38
CA HIS H 79 -37.11 -74.09 -17.96
C HIS H 79 -37.25 -72.83 -17.12
N ALA H 80 -36.72 -71.71 -17.61
CA ALA H 80 -36.96 -70.45 -16.94
C ALA H 80 -38.39 -69.94 -17.10
N VAL H 81 -39.10 -70.34 -18.16
CA VAL H 81 -40.54 -70.11 -18.24
C VAL H 81 -41.28 -70.86 -17.15
N SER H 82 -40.80 -72.07 -16.82
CA SER H 82 -41.38 -72.83 -15.70
C SER H 82 -41.13 -72.17 -14.35
N GLU H 83 -39.89 -71.75 -14.10
CA GLU H 83 -39.54 -71.04 -12.85
C GLU H 83 -40.22 -69.67 -12.78
N GLY H 84 -40.39 -69.03 -13.92
CA GLY H 84 -41.00 -67.72 -13.94
C GLY H 84 -42.49 -67.75 -13.76
N THR H 85 -43.21 -68.68 -14.39
CA THR H 85 -44.65 -68.70 -14.23
C THR H 85 -45.05 -69.32 -12.90
N LYS H 86 -44.20 -70.21 -12.36
CA LYS H 86 -44.15 -70.53 -10.94
C LYS H 86 -44.11 -69.30 -10.05
N ALA H 87 -43.17 -68.40 -10.36
CA ALA H 87 -43.07 -67.16 -9.60
C ALA H 87 -44.22 -66.20 -9.85
N VAL H 88 -44.86 -66.27 -11.03
CA VAL H 88 -46.05 -65.47 -11.35
C VAL H 88 -47.21 -65.86 -10.44
N THR H 89 -47.51 -67.15 -10.37
CA THR H 89 -48.62 -67.58 -9.53
C THR H 89 -48.24 -67.56 -8.05
N LYS H 90 -46.96 -67.59 -7.73
CA LYS H 90 -46.57 -67.64 -6.34
C LYS H 90 -46.33 -66.23 -5.78
N TYR H 91 -46.28 -65.21 -6.64
CA TYR H 91 -46.33 -63.83 -6.18
C TYR H 91 -47.71 -63.21 -6.34
N THR H 92 -48.55 -63.75 -7.21
CA THR H 92 -49.97 -63.40 -7.16
C THR H 92 -50.74 -64.25 -6.17
N SER H 93 -50.07 -65.18 -5.48
CA SER H 93 -50.63 -65.79 -4.27
C SER H 93 -50.88 -64.74 -3.19
N ALA H 94 -49.82 -64.08 -2.73
CA ALA H 94 -49.89 -63.06 -1.69
C ALA H 94 -49.76 -61.67 -2.31
N LYS H 95 -49.53 -60.67 -1.47
CA LYS H 95 -49.20 -59.32 -1.96
C LYS H 95 -47.68 -59.16 -2.08
N HIS I 1 20.54 -88.97 -20.76
CA HIS I 1 20.54 -89.23 -22.19
C HIS I 1 19.81 -88.13 -22.93
N ARG I 2 20.21 -87.90 -24.17
CA ARG I 2 19.68 -86.78 -24.92
C ARG I 2 18.34 -87.16 -25.53
N TYR I 3 17.28 -86.49 -25.10
CA TYR I 3 15.94 -86.78 -25.58
C TYR I 3 15.72 -86.20 -26.97
N ARG I 4 14.76 -86.77 -27.67
CA ARG I 4 14.24 -86.23 -28.91
C ARG I 4 13.39 -84.99 -28.63
N PRO I 5 13.17 -84.13 -29.64
CA PRO I 5 12.21 -83.02 -29.48
C PRO I 5 10.78 -83.48 -29.27
N GLY I 6 10.16 -82.96 -28.21
CA GLY I 6 8.76 -83.20 -27.93
C GLY I 6 8.47 -83.69 -26.53
N THR I 7 9.49 -84.22 -25.86
CA THR I 7 9.34 -84.96 -24.61
C THR I 7 8.99 -84.03 -23.45
N VAL I 8 9.87 -83.08 -23.16
CA VAL I 8 9.60 -82.08 -22.15
C VAL I 8 8.60 -81.05 -22.69
N ALA I 9 8.41 -80.97 -24.02
CA ALA I 9 7.36 -80.15 -24.61
C ALA I 9 5.96 -80.62 -24.22
N LEU I 10 5.68 -81.92 -24.43
CA LEU I 10 4.40 -82.48 -24.02
C LEU I 10 4.27 -82.53 -22.50
N ARG I 11 5.38 -82.85 -21.81
CA ARG I 11 5.39 -82.87 -20.35
C ARG I 11 5.20 -81.49 -19.71
N GLU I 12 5.63 -80.43 -20.38
CA GLU I 12 5.37 -79.10 -19.84
C GLU I 12 4.02 -78.55 -20.26
N ILE I 13 3.43 -79.04 -21.36
CA ILE I 13 2.01 -78.78 -21.61
C ILE I 13 1.14 -79.41 -20.51
N ARG I 14 1.46 -80.65 -20.12
CA ARG I 14 0.77 -81.30 -19.01
C ARG I 14 1.08 -80.65 -17.67
N ARG I 15 2.26 -80.04 -17.52
CA ARG I 15 2.58 -79.39 -16.26
C ARG I 15 1.90 -78.02 -16.15
N TYR I 16 2.01 -77.18 -17.18
CA TYR I 16 1.48 -75.81 -17.09
C TYR I 16 -0.03 -75.75 -17.21
N GLN I 17 -0.66 -76.70 -17.90
CA GLN I 17 -2.12 -76.73 -17.85
C GLN I 17 -2.68 -77.49 -16.66
N LYS I 18 -1.82 -78.02 -15.78
CA LYS I 18 -2.27 -78.44 -14.46
C LYS I 18 -2.45 -77.25 -13.54
N SER I 19 -1.42 -76.42 -13.43
CA SER I 19 -1.31 -75.41 -12.39
C SER I 19 -2.21 -74.21 -12.69
N THR I 20 -2.62 -73.54 -11.62
CA THR I 20 -3.50 -72.39 -11.67
C THR I 20 -2.73 -71.08 -11.61
N GLU I 21 -1.53 -71.04 -12.18
CA GLU I 21 -0.51 -70.12 -11.71
C GLU I 21 -0.08 -69.13 -12.78
N LEU I 22 0.43 -68.00 -12.31
CA LEU I 22 1.00 -66.97 -13.18
C LEU I 22 2.35 -67.42 -13.69
N LEU I 23 2.79 -66.80 -14.79
CA LEU I 23 4.01 -67.25 -15.47
C LEU I 23 5.03 -66.15 -15.78
N ILE I 24 4.73 -64.88 -15.55
CA ILE I 24 5.53 -63.77 -16.06
C ILE I 24 6.15 -63.00 -14.88
N ARG I 25 7.44 -62.71 -14.99
CA ARG I 25 8.11 -61.71 -14.17
C ARG I 25 7.42 -60.36 -14.27
N LYS I 26 7.04 -59.84 -13.11
CA LYS I 26 5.95 -58.86 -13.02
C LYS I 26 6.41 -57.45 -13.37
N LEU I 27 7.36 -56.92 -12.61
CA LEU I 27 7.94 -55.59 -12.80
C LEU I 27 8.59 -55.30 -14.18
N PRO I 28 9.10 -56.27 -14.99
CA PRO I 28 9.32 -55.95 -16.42
C PRO I 28 8.07 -55.59 -17.19
N PHE I 29 6.97 -56.26 -16.88
CA PHE I 29 5.73 -55.90 -17.52
C PHE I 29 5.15 -54.63 -16.93
N GLN I 30 5.42 -54.34 -15.66
CA GLN I 30 4.96 -53.06 -15.10
C GLN I 30 5.80 -51.90 -15.63
N ARG I 31 7.07 -52.17 -15.93
CA ARG I 31 7.91 -51.22 -16.64
C ARG I 31 7.40 -50.98 -18.05
N LEU I 32 6.86 -52.03 -18.69
CA LEU I 32 6.18 -51.87 -19.98
C LEU I 32 4.91 -51.02 -19.87
N VAL I 33 4.09 -51.26 -18.83
CA VAL I 33 2.82 -50.54 -18.70
C VAL I 33 3.01 -49.08 -18.30
N ARG I 34 3.94 -48.77 -17.39
CA ARG I 34 4.23 -47.36 -17.13
C ARG I 34 5.01 -46.70 -18.26
N GLU I 35 5.73 -47.48 -19.07
CA GLU I 35 6.34 -46.97 -20.29
C GLU I 35 5.29 -46.61 -21.33
N ILE I 36 4.15 -47.29 -21.30
CA ILE I 36 2.99 -46.81 -22.05
C ILE I 36 2.29 -45.65 -21.34
N ALA I 37 2.18 -45.71 -20.01
CA ALA I 37 1.35 -44.80 -19.23
C ALA I 37 1.94 -43.41 -19.07
N GLN I 38 3.20 -43.23 -19.45
CA GLN I 38 3.77 -41.89 -19.48
C GLN I 38 3.22 -41.03 -20.62
N ASP I 39 2.78 -41.68 -21.72
CA ASP I 39 2.77 -41.09 -23.07
C ASP I 39 1.79 -39.94 -23.24
N PHE I 40 0.68 -39.93 -22.50
CA PHE I 40 -0.31 -38.88 -22.72
C PHE I 40 -0.86 -38.28 -21.44
N LYS I 41 -0.41 -38.72 -20.27
CA LYS I 41 -0.96 -38.18 -19.03
C LYS I 41 0.09 -38.25 -17.95
N THR I 42 0.01 -37.31 -17.00
CA THR I 42 0.99 -37.10 -15.95
C THR I 42 0.31 -37.02 -14.58
N ASP I 43 1.15 -36.96 -13.55
CA ASP I 43 0.79 -37.02 -12.11
C ASP I 43 -0.09 -38.23 -11.82
N LEU I 44 0.45 -39.40 -12.14
CA LEU I 44 -0.33 -40.62 -12.27
C LEU I 44 0.03 -41.62 -11.17
N ARG I 45 -0.66 -41.51 -10.05
CA ARG I 45 -0.80 -42.65 -9.16
C ARG I 45 -1.69 -43.70 -9.81
N PHE I 46 -1.51 -44.95 -9.39
CA PHE I 46 -2.28 -46.03 -9.98
C PHE I 46 -2.77 -46.95 -8.89
N GLN I 47 -3.62 -47.90 -9.28
CA GLN I 47 -4.11 -48.92 -8.39
C GLN I 47 -3.71 -50.30 -8.93
N SER I 48 -3.38 -51.21 -8.00
CA SER I 48 -2.63 -52.41 -8.33
C SER I 48 -3.47 -53.45 -9.05
N SER I 49 -4.76 -53.53 -8.71
CA SER I 49 -5.62 -54.54 -9.31
C SER I 49 -5.98 -54.23 -10.75
N ALA I 50 -5.81 -52.98 -11.19
CA ALA I 50 -5.90 -52.66 -12.62
C ALA I 50 -4.74 -53.27 -13.39
N VAL I 51 -3.56 -53.29 -12.77
CA VAL I 51 -2.41 -53.95 -13.36
C VAL I 51 -2.60 -55.46 -13.34
N MET I 52 -3.26 -55.97 -12.30
CA MET I 52 -3.61 -57.40 -12.27
C MET I 52 -4.67 -57.75 -13.31
N ALA I 53 -5.57 -56.82 -13.61
CA ALA I 53 -6.57 -57.06 -14.64
C ALA I 53 -5.95 -57.02 -16.03
N LEU I 54 -4.97 -56.14 -16.23
CA LEU I 54 -4.24 -56.11 -17.48
C LEU I 54 -3.36 -57.33 -17.65
N GLN I 55 -2.86 -57.87 -16.52
CA GLN I 55 -2.18 -59.16 -16.50
C GLN I 55 -3.09 -60.29 -16.96
N GLU I 56 -4.31 -60.36 -16.39
CA GLU I 56 -5.28 -61.40 -16.78
C GLU I 56 -5.73 -61.26 -18.22
N ALA I 57 -5.86 -60.01 -18.70
CA ALA I 57 -6.23 -59.74 -20.08
C ALA I 57 -5.16 -60.19 -21.05
N SER I 58 -3.91 -59.91 -20.69
CA SER I 58 -2.78 -60.24 -21.55
C SER I 58 -2.52 -61.74 -21.57
N GLU I 59 -2.51 -62.39 -20.39
CA GLU I 59 -2.26 -63.82 -20.32
C GLU I 59 -3.40 -64.64 -20.92
N ALA I 60 -4.66 -64.25 -20.67
CA ALA I 60 -5.78 -65.00 -21.20
C ALA I 60 -5.90 -64.82 -22.72
N TYR I 61 -5.64 -63.60 -23.19
CA TYR I 61 -5.75 -63.29 -24.60
C TYR I 61 -4.62 -63.93 -25.39
N LEU I 62 -3.47 -64.10 -24.75
CA LEU I 62 -2.36 -64.65 -25.50
C LEU I 62 -2.25 -66.17 -25.40
N VAL I 63 -2.74 -66.79 -24.31
CA VAL I 63 -2.91 -68.24 -24.32
C VAL I 63 -4.02 -68.64 -25.29
N ALA I 64 -5.04 -67.78 -25.43
CA ALA I 64 -6.01 -67.92 -26.50
C ALA I 64 -5.38 -67.78 -27.89
N LEU I 65 -4.42 -66.87 -28.04
CA LEU I 65 -3.79 -66.70 -29.34
C LEU I 65 -2.81 -67.83 -29.65
N PHE I 66 -2.18 -68.41 -28.63
CA PHE I 66 -1.41 -69.63 -28.81
C PHE I 66 -2.30 -70.82 -29.14
N GLU I 67 -3.55 -70.81 -28.66
CA GLU I 67 -4.48 -71.86 -29.05
C GLU I 67 -4.89 -71.73 -30.52
N ASP I 68 -5.15 -70.50 -30.98
CA ASP I 68 -5.43 -70.27 -32.41
C ASP I 68 -4.23 -70.60 -33.29
N THR I 69 -3.05 -70.26 -32.79
CA THR I 69 -1.80 -70.49 -33.50
C THR I 69 -1.50 -71.98 -33.58
N ASN I 70 -1.84 -72.69 -32.49
CA ASN I 70 -1.75 -74.14 -32.43
C ASN I 70 -2.70 -74.80 -33.42
N LEU I 71 -3.94 -74.31 -33.51
CA LEU I 71 -4.85 -74.93 -34.47
C LEU I 71 -4.58 -74.54 -35.91
N CYS I 72 -3.96 -73.39 -36.17
CA CYS I 72 -3.44 -73.16 -37.52
C CYS I 72 -2.24 -74.04 -37.82
N ALA I 73 -1.46 -74.42 -36.81
CA ALA I 73 -0.42 -75.41 -37.03
C ALA I 73 -1.00 -76.80 -37.23
N ILE I 74 -2.13 -77.10 -36.58
CA ILE I 74 -2.83 -78.36 -36.75
C ILE I 74 -3.40 -78.46 -38.16
N HIS I 75 -3.93 -77.34 -38.66
CA HIS I 75 -4.30 -77.20 -40.05
C HIS I 75 -3.10 -77.26 -40.99
N ALA I 76 -1.94 -76.81 -40.53
CA ALA I 76 -0.78 -76.68 -41.40
C ALA I 76 0.01 -77.98 -41.53
N LYS I 77 -0.46 -79.08 -40.92
CA LYS I 77 0.18 -80.41 -40.87
C LYS I 77 1.59 -80.35 -40.28
N ARG I 78 1.82 -79.47 -39.31
CA ARG I 78 3.15 -79.18 -38.80
C ARG I 78 3.12 -79.18 -37.29
N VAL I 79 4.30 -79.00 -36.69
CA VAL I 79 4.40 -78.91 -35.24
C VAL I 79 5.17 -77.64 -34.89
N THR I 80 6.04 -77.21 -35.79
CA THR I 80 6.78 -75.97 -35.60
C THR I 80 6.10 -74.85 -36.38
N ILE I 81 5.86 -73.74 -35.71
CA ILE I 81 4.93 -72.69 -36.14
C ILE I 81 5.57 -71.64 -37.04
N MET I 82 4.74 -70.78 -37.62
CA MET I 82 5.11 -69.62 -38.41
C MET I 82 4.37 -68.39 -37.90
N PRO I 83 4.89 -67.18 -38.16
CA PRO I 83 4.11 -65.96 -37.86
C PRO I 83 2.89 -65.76 -38.76
N LYS I 84 2.90 -66.35 -39.96
CA LYS I 84 1.78 -66.23 -40.88
C LYS I 84 0.56 -67.03 -40.44
N ASP I 85 0.76 -68.03 -39.58
CA ASP I 85 -0.36 -68.66 -38.85
C ASP I 85 -1.06 -67.67 -37.94
N ILE I 86 -0.29 -66.80 -37.25
CA ILE I 86 -0.86 -65.80 -36.36
C ILE I 86 -1.57 -64.71 -37.18
N GLN I 87 -1.03 -64.41 -38.36
CA GLN I 87 -1.63 -63.41 -39.25
C GLN I 87 -2.98 -63.88 -39.80
N LEU I 88 -3.07 -65.14 -40.25
CA LEU I 88 -4.34 -65.70 -40.71
C LEU I 88 -5.32 -65.86 -39.54
N ALA I 89 -4.79 -66.24 -38.37
CA ALA I 89 -5.58 -66.50 -37.16
C ALA I 89 -6.26 -65.23 -36.68
N ARG I 90 -5.58 -64.10 -36.74
CA ARG I 90 -6.25 -62.87 -36.35
C ARG I 90 -6.98 -62.18 -37.49
N ARG I 91 -6.79 -62.60 -38.76
CA ARG I 91 -7.81 -62.22 -39.75
C ARG I 91 -9.14 -62.89 -39.48
N ILE I 92 -9.15 -64.17 -39.12
CA ILE I 92 -10.41 -64.89 -38.97
C ILE I 92 -10.95 -64.77 -37.54
N ARG I 93 -10.16 -64.24 -36.60
CA ARG I 93 -10.76 -63.55 -35.46
C ARG I 93 -11.58 -62.36 -35.92
N GLY I 94 -11.07 -61.60 -36.89
CA GLY I 94 -11.63 -60.30 -37.16
C GLY I 94 -11.09 -59.20 -36.29
N GLU I 95 -10.20 -59.53 -35.35
CA GLU I 95 -9.45 -58.54 -34.60
C GLU I 95 -8.51 -57.77 -35.52
N ARG I 96 -7.94 -58.47 -36.50
CA ARG I 96 -7.02 -57.90 -37.47
C ARG I 96 -7.69 -58.07 -38.83
N ALA I 97 -7.44 -57.14 -39.76
CA ALA I 97 -8.07 -57.17 -41.08
C ALA I 97 -7.53 -58.33 -41.95
N ASN J 1 10.65 -53.37 -19.50
CA ASN J 1 10.28 -52.26 -20.38
C ASN J 1 9.75 -52.83 -21.68
N ILE J 2 10.21 -52.28 -22.82
CA ILE J 2 9.81 -52.76 -24.13
C ILE J 2 10.44 -54.14 -24.41
N GLN J 3 11.58 -54.44 -23.79
CA GLN J 3 12.19 -55.76 -23.88
C GLN J 3 12.42 -56.34 -22.49
N GLY J 4 11.60 -55.92 -21.53
CA GLY J 4 11.59 -56.59 -20.25
C GLY J 4 10.96 -57.96 -20.32
N ILE J 5 10.01 -58.14 -21.25
CA ILE J 5 9.43 -59.45 -21.51
C ILE J 5 10.42 -60.26 -22.35
N THR J 6 10.78 -61.44 -21.87
CA THR J 6 11.78 -62.25 -22.55
C THR J 6 11.14 -63.44 -23.26
N LYS J 7 11.92 -63.97 -24.20
CA LYS J 7 11.65 -65.22 -24.92
C LYS J 7 11.20 -66.45 -24.10
N PRO J 8 11.80 -66.83 -22.93
CA PRO J 8 11.31 -68.04 -22.24
C PRO J 8 9.95 -67.90 -21.59
N ALA J 9 9.56 -66.69 -21.18
CA ALA J 9 8.20 -66.47 -20.66
C ALA J 9 7.17 -66.65 -21.74
N ILE J 10 7.51 -66.25 -22.97
CA ILE J 10 6.67 -66.45 -24.14
C ILE J 10 6.58 -67.94 -24.45
N ARG J 11 7.65 -68.69 -24.19
CA ARG J 11 7.59 -70.14 -24.40
C ARG J 11 6.78 -70.84 -23.30
N ARG J 12 6.80 -70.31 -22.08
CA ARG J 12 5.94 -70.84 -21.01
C ARG J 12 4.47 -70.60 -21.30
N LEU J 13 4.15 -69.43 -21.86
CA LEU J 13 2.77 -69.18 -22.29
C LEU J 13 2.40 -70.00 -23.52
N ALA J 14 3.37 -70.35 -24.35
CA ALA J 14 3.12 -71.29 -25.44
C ALA J 14 2.85 -72.69 -24.91
N ARG J 15 3.49 -73.07 -23.81
CA ARG J 15 3.29 -74.42 -23.30
C ARG J 15 2.00 -74.53 -22.50
N ARG J 16 1.56 -73.45 -21.85
CA ARG J 16 0.18 -73.47 -21.38
C ARG J 16 -0.78 -73.28 -22.56
N GLY J 17 -0.34 -72.59 -23.61
CA GLY J 17 -1.13 -72.45 -24.81
C GLY J 17 -1.13 -73.61 -25.78
N GLY J 18 -0.59 -74.77 -25.41
CA GLY J 18 -0.70 -75.95 -26.24
C GLY J 18 0.26 -76.00 -27.41
N VAL J 19 1.22 -75.10 -27.47
CA VAL J 19 2.15 -75.05 -28.59
C VAL J 19 3.36 -75.91 -28.24
N LYS J 20 3.85 -76.68 -29.20
CA LYS J 20 4.83 -77.73 -28.95
C LYS J 20 6.23 -77.40 -29.49
N ARG J 21 6.33 -76.71 -30.62
CA ARG J 21 7.64 -76.32 -31.14
C ARG J 21 7.45 -75.00 -31.90
N ILE J 22 8.43 -74.09 -31.74
CA ILE J 22 8.22 -72.64 -31.78
C ILE J 22 9.24 -72.02 -32.74
N SER J 23 8.82 -71.01 -33.52
CA SER J 23 9.71 -70.19 -34.35
C SER J 23 10.14 -68.92 -33.61
N GLY J 24 10.88 -68.03 -34.31
CA GLY J 24 11.66 -67.00 -33.65
C GLY J 24 11.38 -65.52 -33.89
N LEU J 25 10.79 -65.15 -35.03
CA LEU J 25 10.31 -63.78 -35.23
C LEU J 25 9.04 -63.50 -34.44
N ILE J 26 8.38 -64.59 -34.07
CA ILE J 26 7.25 -64.80 -33.19
C ILE J 26 7.33 -63.94 -31.94
N TYR J 27 8.53 -63.89 -31.32
CA TYR J 27 8.69 -63.26 -30.02
C TYR J 27 8.57 -61.75 -30.13
N GLU J 28 9.25 -61.16 -31.11
CA GLU J 28 9.20 -59.71 -31.32
C GLU J 28 7.85 -59.25 -31.87
N GLU J 29 7.25 -60.07 -32.75
CA GLU J 29 5.90 -59.79 -33.24
C GLU J 29 4.86 -59.85 -32.12
N THR J 30 5.07 -60.77 -31.17
CA THR J 30 4.22 -60.93 -30.00
C THR J 30 4.31 -59.72 -29.06
N ARG J 31 5.53 -59.21 -28.84
CA ARG J 31 5.74 -58.01 -28.01
C ARG J 31 5.09 -56.77 -28.63
N GLY J 32 5.15 -56.67 -29.97
CA GLY J 32 4.49 -55.55 -30.64
C GLY J 32 2.97 -55.59 -30.57
N VAL J 33 2.36 -56.76 -30.76
CA VAL J 33 0.91 -56.88 -30.71
C VAL J 33 0.39 -56.73 -29.26
N LEU J 34 1.17 -57.20 -28.28
CA LEU J 34 0.87 -56.99 -26.86
C LEU J 34 0.91 -55.50 -26.50
N LYS J 35 1.84 -54.76 -27.10
CA LYS J 35 1.92 -53.34 -26.77
C LYS J 35 0.80 -52.55 -27.47
N VAL J 36 0.31 -53.03 -28.62
CA VAL J 36 -0.86 -52.43 -29.30
C VAL J 36 -2.13 -52.62 -28.46
N PHE J 37 -2.37 -53.86 -28.00
CA PHE J 37 -3.38 -54.27 -27.01
C PHE J 37 -3.46 -53.35 -25.79
N LEU J 38 -2.31 -53.19 -25.14
CA LEU J 38 -2.23 -52.35 -23.95
C LEU J 38 -2.41 -50.87 -24.24
N GLU J 39 -1.97 -50.38 -25.41
CA GLU J 39 -2.15 -48.96 -25.75
C GLU J 39 -3.61 -48.61 -26.01
N ASN J 40 -4.38 -49.51 -26.65
CA ASN J 40 -5.79 -49.20 -26.89
C ASN J 40 -6.62 -49.24 -25.61
N VAL J 41 -6.29 -50.20 -24.71
CA VAL J 41 -6.95 -50.29 -23.41
C VAL J 41 -6.67 -49.05 -22.56
N ILE J 42 -5.40 -48.66 -22.46
CA ILE J 42 -5.06 -47.53 -21.62
C ILE J 42 -5.38 -46.18 -22.28
N ARG J 43 -5.55 -46.15 -23.62
CA ARG J 43 -6.13 -45.00 -24.34
C ARG J 43 -7.51 -44.65 -23.83
N ASP J 44 -8.41 -45.63 -23.88
CA ASP J 44 -9.76 -45.29 -23.47
C ASP J 44 -9.93 -45.23 -21.95
N ALA J 45 -9.07 -45.93 -21.18
CA ALA J 45 -9.14 -45.84 -19.71
C ALA J 45 -8.66 -44.48 -19.21
N VAL J 46 -7.63 -43.93 -19.85
CA VAL J 46 -7.18 -42.58 -19.56
C VAL J 46 -8.22 -41.55 -20.01
N THR J 47 -8.95 -41.83 -21.10
CA THR J 47 -10.04 -40.93 -21.54
C THR J 47 -11.19 -40.90 -20.53
N TYR J 48 -11.50 -42.06 -19.94
CA TYR J 48 -12.46 -42.15 -18.83
C TYR J 48 -11.97 -41.41 -17.59
N THR J 49 -10.67 -41.48 -17.32
CA THR J 49 -10.15 -40.83 -16.12
C THR J 49 -10.05 -39.31 -16.26
N GLU J 50 -9.79 -38.82 -17.48
CA GLU J 50 -9.83 -37.38 -17.71
C GLU J 50 -11.25 -36.85 -17.73
N HIS J 51 -12.23 -37.70 -18.06
CA HIS J 51 -13.59 -37.29 -17.74
C HIS J 51 -13.85 -37.32 -16.25
N ALA J 52 -13.21 -38.24 -15.54
CA ALA J 52 -13.51 -38.47 -14.14
C ALA J 52 -12.98 -37.39 -13.21
N LYS J 53 -12.10 -36.51 -13.72
CA LYS J 53 -11.38 -35.46 -12.99
C LYS J 53 -10.58 -36.05 -11.83
N ARG J 54 -10.00 -37.20 -12.07
CA ARG J 54 -9.21 -37.89 -11.10
C ARG J 54 -7.83 -38.06 -11.69
N LYS J 55 -6.85 -38.31 -10.83
CA LYS J 55 -5.51 -38.55 -11.33
C LYS J 55 -5.05 -39.98 -11.04
N THR J 56 -6.00 -40.91 -11.03
CA THR J 56 -5.72 -42.33 -10.82
C THR J 56 -6.64 -43.14 -11.72
N VAL J 57 -6.06 -43.87 -12.66
CA VAL J 57 -6.84 -44.71 -13.57
C VAL J 57 -7.27 -45.96 -12.81
N THR J 58 -8.57 -46.18 -12.73
CA THR J 58 -9.10 -47.31 -11.96
C THR J 58 -9.24 -48.54 -12.83
N ALA J 59 -9.46 -49.68 -12.16
CA ALA J 59 -9.76 -50.92 -12.86
C ALA J 59 -11.17 -50.94 -13.40
N MET J 60 -12.04 -50.09 -12.84
CA MET J 60 -13.36 -49.78 -13.38
C MET J 60 -13.25 -49.35 -14.83
N ASP J 61 -12.32 -48.42 -15.10
CA ASP J 61 -12.03 -47.89 -16.44
C ASP J 61 -11.55 -48.99 -17.38
N VAL J 62 -10.77 -49.93 -16.86
CA VAL J 62 -10.23 -51.00 -17.67
C VAL J 62 -11.31 -52.00 -18.03
N VAL J 63 -12.22 -52.27 -17.09
CA VAL J 63 -13.36 -53.14 -17.36
C VAL J 63 -14.33 -52.47 -18.33
N TYR J 64 -14.43 -51.14 -18.28
CA TYR J 64 -15.29 -50.43 -19.22
C TYR J 64 -14.67 -50.38 -20.61
N ALA J 65 -13.34 -50.39 -20.66
CA ALA J 65 -12.64 -50.46 -21.94
C ALA J 65 -12.74 -51.86 -22.55
N LEU J 66 -12.78 -52.89 -21.71
CA LEU J 66 -13.12 -54.23 -22.19
C LEU J 66 -14.56 -54.29 -22.63
N LYS J 67 -15.41 -53.51 -21.97
CA LYS J 67 -16.84 -53.48 -22.20
C LYS J 67 -17.18 -52.68 -23.45
N ARG J 68 -16.20 -51.94 -24.02
CA ARG J 68 -16.34 -51.45 -25.38
C ARG J 68 -16.50 -52.58 -26.40
N GLN J 69 -15.57 -53.53 -26.44
CA GLN J 69 -15.63 -54.57 -27.47
C GLN J 69 -15.97 -55.95 -26.94
N GLY J 70 -16.75 -56.02 -25.86
CA GLY J 70 -17.39 -57.26 -25.45
C GLY J 70 -16.47 -58.30 -24.86
N ARG J 71 -15.49 -57.89 -24.08
CA ARG J 71 -14.40 -58.76 -23.65
C ARG J 71 -14.29 -58.72 -22.14
N THR J 72 -15.42 -58.87 -21.46
CA THR J 72 -15.57 -58.46 -20.07
C THR J 72 -14.90 -59.44 -19.12
N LEU J 73 -13.93 -58.93 -18.36
CA LEU J 73 -13.41 -59.70 -17.24
C LEU J 73 -14.40 -59.67 -16.10
N TYR J 74 -14.76 -60.85 -15.63
CA TYR J 74 -15.50 -61.01 -14.38
C TYR J 74 -14.57 -60.93 -13.18
N GLY J 75 -14.98 -60.19 -12.16
CA GLY J 75 -14.37 -60.29 -10.85
C GLY J 75 -13.55 -59.10 -10.40
N PHE J 76 -13.13 -58.19 -11.27
CA PHE J 76 -12.19 -57.13 -10.89
C PHE J 76 -12.62 -55.75 -11.39
N GLY J 77 -13.81 -55.33 -11.00
CA GLY J 77 -14.20 -53.95 -11.17
C GLY J 77 -15.24 -53.65 -12.21
N GLY J 78 -16.28 -54.48 -12.23
CA GLY J 78 -17.46 -54.26 -13.05
C GLY J 78 -18.26 -53.02 -12.67
N ALA K 1 -38.75 -17.35 -37.66
CA ALA K 1 -37.84 -18.41 -37.26
C ALA K 1 -38.18 -18.95 -35.87
N LYS K 2 -38.93 -20.05 -35.85
CA LYS K 2 -39.31 -20.70 -34.60
C LYS K 2 -38.14 -21.42 -33.95
N THR K 3 -37.19 -21.89 -34.76
CA THR K 3 -36.32 -23.00 -34.38
C THR K 3 -35.16 -22.58 -33.48
N ARG K 4 -34.82 -23.47 -32.55
CA ARG K 4 -33.62 -23.31 -31.73
C ARG K 4 -32.35 -23.60 -32.51
N SER K 5 -32.45 -24.31 -33.64
CA SER K 5 -31.27 -24.74 -34.38
C SER K 5 -30.65 -23.60 -35.18
N SER K 6 -31.46 -22.63 -35.61
CA SER K 6 -30.92 -21.46 -36.30
C SER K 6 -30.22 -20.50 -35.35
N ARG K 7 -30.50 -20.59 -34.05
CA ARG K 7 -29.73 -19.90 -33.03
C ARG K 7 -28.31 -20.42 -32.92
N ALA K 8 -28.10 -21.70 -33.26
CA ALA K 8 -26.77 -22.28 -33.32
C ALA K 8 -26.30 -22.52 -34.75
N GLY K 9 -27.13 -22.24 -35.74
CA GLY K 9 -26.75 -22.48 -37.12
C GLY K 9 -26.72 -23.94 -37.52
N LEU K 10 -27.48 -24.79 -36.82
CA LEU K 10 -27.58 -26.20 -37.15
C LEU K 10 -28.58 -26.42 -38.28
N GLN K 11 -28.89 -27.68 -38.53
CA GLN K 11 -30.03 -28.02 -39.38
C GLN K 11 -30.95 -29.04 -38.76
N PHE K 12 -30.63 -29.57 -37.59
CA PHE K 12 -31.39 -30.70 -37.08
C PHE K 12 -32.12 -30.27 -35.82
N PRO K 13 -33.40 -30.64 -35.66
CA PRO K 13 -34.26 -29.97 -34.67
C PRO K 13 -34.00 -30.42 -33.24
N VAL K 14 -33.39 -29.53 -32.45
CA VAL K 14 -33.04 -29.78 -31.06
C VAL K 14 -34.29 -29.81 -30.16
N GLY K 15 -35.41 -29.25 -30.63
CA GLY K 15 -36.67 -29.49 -29.96
C GLY K 15 -37.13 -30.94 -30.10
N ARG K 16 -37.02 -31.49 -31.30
CA ARG K 16 -37.35 -32.89 -31.56
C ARG K 16 -36.40 -33.83 -30.85
N VAL K 17 -35.10 -33.51 -30.92
CA VAL K 17 -34.07 -34.32 -30.28
C VAL K 17 -34.19 -34.23 -28.77
N HIS K 18 -34.42 -33.02 -28.24
CA HIS K 18 -34.67 -32.78 -26.83
C HIS K 18 -35.97 -33.42 -26.35
N ARG K 19 -36.94 -33.56 -27.25
CA ARG K 19 -38.17 -34.28 -26.92
C ARG K 19 -37.91 -35.77 -26.77
N LEU K 20 -37.26 -36.39 -27.77
CA LEU K 20 -36.96 -37.81 -27.68
C LEU K 20 -35.90 -38.16 -26.65
N LEU K 21 -35.06 -37.19 -26.28
CA LEU K 21 -34.22 -37.38 -25.10
C LEU K 21 -35.04 -37.30 -23.83
N ARG K 22 -36.02 -36.41 -23.79
CA ARG K 22 -36.87 -36.36 -22.61
C ARG K 22 -37.83 -37.53 -22.58
N LYS K 23 -38.45 -37.85 -23.71
CA LYS K 23 -39.29 -39.03 -23.82
C LYS K 23 -38.52 -40.16 -24.50
N GLY K 24 -37.49 -40.65 -23.81
CA GLY K 24 -36.84 -41.86 -24.29
C GLY K 24 -36.27 -42.82 -23.25
N ASN K 25 -36.41 -42.46 -21.96
CA ASN K 25 -35.80 -43.13 -20.81
C ASN K 25 -34.29 -43.34 -20.98
N TYR K 26 -33.60 -42.30 -21.42
CA TYR K 26 -32.13 -42.38 -21.47
C TYR K 26 -31.60 -41.83 -20.15
N ALA K 27 -31.85 -40.56 -19.90
CA ALA K 27 -31.50 -39.92 -18.65
C ALA K 27 -32.77 -39.41 -18.00
N GLU K 28 -32.62 -38.86 -16.81
CA GLU K 28 -33.78 -38.36 -16.09
C GLU K 28 -34.13 -36.97 -16.58
N ARG K 29 -33.23 -36.02 -16.42
CA ARG K 29 -33.37 -34.70 -17.00
C ARG K 29 -32.36 -34.56 -18.13
N VAL K 30 -32.67 -33.69 -19.09
CA VAL K 30 -31.84 -33.51 -20.28
C VAL K 30 -31.45 -32.04 -20.35
N GLY K 31 -30.15 -31.78 -20.47
CA GLY K 31 -29.62 -30.43 -20.50
C GLY K 31 -29.90 -29.69 -21.80
N ALA K 32 -29.31 -28.50 -21.88
CA ALA K 32 -29.60 -27.60 -22.98
C ALA K 32 -28.69 -27.85 -24.18
N GLY K 33 -27.38 -27.72 -23.99
CA GLY K 33 -26.45 -27.73 -25.09
C GLY K 33 -25.79 -29.06 -25.38
N ALA K 34 -25.92 -30.03 -24.48
CA ALA K 34 -25.58 -31.40 -24.84
C ALA K 34 -26.42 -31.98 -26.00
N PRO K 35 -27.75 -31.72 -26.16
CA PRO K 35 -28.38 -32.10 -27.45
C PRO K 35 -27.91 -31.30 -28.64
N VAL K 36 -27.45 -30.07 -28.40
CA VAL K 36 -26.91 -29.25 -29.48
C VAL K 36 -25.58 -29.82 -29.97
N TYR K 37 -24.75 -30.28 -29.02
CA TYR K 37 -23.46 -30.89 -29.33
C TYR K 37 -23.66 -32.23 -30.00
N LEU K 38 -24.69 -32.96 -29.56
CA LEU K 38 -25.01 -34.25 -30.16
C LEU K 38 -25.53 -34.09 -31.58
N ALA K 39 -26.37 -33.07 -31.81
CA ALA K 39 -26.86 -32.77 -33.15
C ALA K 39 -25.77 -32.21 -34.03
N ALA K 40 -24.75 -31.58 -33.42
CA ALA K 40 -23.59 -31.14 -34.16
C ALA K 40 -22.74 -32.31 -34.64
N VAL K 41 -22.53 -33.32 -33.79
CA VAL K 41 -21.78 -34.52 -34.20
C VAL K 41 -22.56 -35.30 -35.24
N LEU K 42 -23.90 -35.35 -35.08
CA LEU K 42 -24.79 -35.99 -36.05
C LEU K 42 -24.75 -35.30 -37.40
N GLU K 43 -24.72 -33.97 -37.37
CA GLU K 43 -24.70 -33.17 -38.57
C GLU K 43 -23.33 -33.24 -39.26
N TYR K 44 -22.26 -33.38 -38.46
CA TYR K 44 -20.92 -33.51 -39.02
C TYR K 44 -20.74 -34.86 -39.69
N LEU K 45 -21.17 -35.93 -39.02
CA LEU K 45 -21.00 -37.25 -39.62
C LEU K 45 -21.94 -37.49 -40.79
N THR K 46 -23.11 -36.84 -40.84
CA THR K 46 -23.90 -37.02 -42.06
C THR K 46 -23.34 -36.20 -43.21
N ALA K 47 -22.68 -35.06 -42.92
CA ALA K 47 -21.98 -34.33 -43.96
C ALA K 47 -20.75 -35.08 -44.44
N GLU K 48 -20.10 -35.78 -43.52
CA GLU K 48 -18.88 -36.50 -43.83
C GLU K 48 -19.17 -37.79 -44.60
N ILE K 49 -20.29 -38.44 -44.28
CA ILE K 49 -20.70 -39.61 -45.06
C ILE K 49 -21.16 -39.19 -46.45
N LEU K 50 -22.02 -38.18 -46.54
CA LEU K 50 -22.58 -37.82 -47.83
C LEU K 50 -21.59 -37.09 -48.73
N GLU K 51 -20.52 -36.55 -48.16
CA GLU K 51 -19.29 -36.23 -48.87
C GLU K 51 -18.76 -37.37 -49.71
N LEU K 52 -18.44 -38.49 -49.07
CA LEU K 52 -17.84 -39.58 -49.81
C LEU K 52 -18.86 -40.38 -50.57
N ALA K 53 -20.13 -40.27 -50.19
CA ALA K 53 -21.21 -40.84 -50.97
C ALA K 53 -21.38 -40.10 -52.29
N GLY K 54 -21.25 -38.76 -52.25
CA GLY K 54 -21.22 -37.98 -53.47
C GLY K 54 -19.98 -38.24 -54.29
N ASN K 55 -18.87 -38.56 -53.63
CA ASN K 55 -17.65 -38.95 -54.33
C ASN K 55 -17.81 -40.28 -55.05
N ALA K 56 -18.40 -41.26 -54.39
CA ALA K 56 -18.50 -42.59 -54.97
C ALA K 56 -19.61 -42.67 -56.00
N ALA K 57 -20.66 -41.86 -55.87
CA ALA K 57 -21.62 -41.73 -56.94
C ALA K 57 -21.07 -40.89 -58.08
N ARG K 58 -20.15 -39.99 -57.76
CA ARG K 58 -19.56 -39.08 -58.73
C ARG K 58 -18.63 -39.80 -59.69
N ASP K 59 -17.76 -40.67 -59.17
CA ASP K 59 -16.93 -41.45 -60.08
C ASP K 59 -17.70 -42.58 -60.74
N ASN K 60 -18.82 -43.01 -60.17
CA ASN K 60 -19.69 -43.98 -60.83
C ASN K 60 -20.78 -43.29 -61.62
N LYS K 61 -20.72 -41.95 -61.73
CA LYS K 61 -21.51 -41.13 -62.66
C LYS K 61 -23.00 -41.18 -62.35
N LYS K 62 -23.35 -41.27 -61.07
CA LYS K 62 -24.74 -41.35 -60.65
C LYS K 62 -25.12 -40.14 -59.79
N THR K 63 -26.40 -39.79 -59.87
CA THR K 63 -27.01 -38.73 -59.07
C THR K 63 -27.95 -39.29 -58.01
N ARG K 64 -28.93 -40.09 -58.44
CA ARG K 64 -29.89 -40.72 -57.54
C ARG K 64 -29.21 -41.97 -56.99
N ILE K 65 -28.65 -41.83 -55.78
CA ILE K 65 -27.57 -42.70 -55.26
C ILE K 65 -28.06 -44.12 -54.99
N ILE K 66 -27.39 -45.09 -55.60
CA ILE K 66 -27.55 -46.50 -55.24
C ILE K 66 -26.55 -46.81 -54.12
N PRO K 67 -26.87 -47.68 -53.16
CA PRO K 67 -26.04 -47.80 -51.95
C PRO K 67 -24.76 -48.63 -52.11
N ARG K 68 -24.41 -49.05 -53.33
CA ARG K 68 -23.06 -49.41 -53.71
C ARG K 68 -22.06 -48.35 -53.31
N HIS K 69 -22.41 -47.10 -53.62
CA HIS K 69 -21.64 -45.90 -53.31
C HIS K 69 -21.49 -45.72 -51.80
N LEU K 70 -22.55 -46.02 -51.06
CA LEU K 70 -22.55 -45.95 -49.60
C LEU K 70 -21.65 -47.02 -48.99
N GLN K 71 -21.63 -48.21 -49.60
CA GLN K 71 -20.77 -49.29 -49.10
C GLN K 71 -19.31 -48.98 -49.34
N LEU K 72 -19.00 -48.35 -50.50
CA LEU K 72 -17.66 -47.83 -50.75
C LEU K 72 -17.28 -46.74 -49.76
N ALA K 73 -18.24 -45.88 -49.41
CA ALA K 73 -17.95 -44.73 -48.57
C ALA K 73 -17.70 -45.11 -47.12
N VAL K 74 -18.42 -46.11 -46.61
CA VAL K 74 -18.08 -46.63 -45.29
C VAL K 74 -16.79 -47.44 -45.35
N ARG K 75 -16.73 -48.45 -46.22
CA ARG K 75 -15.73 -49.50 -46.20
C ARG K 75 -14.34 -49.00 -46.61
N ASN K 76 -14.25 -47.94 -47.41
CA ASN K 76 -12.94 -47.40 -47.77
C ASN K 76 -12.33 -46.60 -46.63
N ASP K 77 -13.12 -45.78 -45.96
CA ASP K 77 -12.61 -44.93 -44.89
C ASP K 77 -12.40 -45.74 -43.63
N GLU K 78 -11.14 -46.03 -43.30
CA GLU K 78 -10.83 -46.89 -42.17
C GLU K 78 -10.85 -46.15 -40.83
N GLU K 79 -11.29 -44.90 -40.78
CA GLU K 79 -11.84 -44.43 -39.51
C GLU K 79 -13.26 -44.93 -39.34
N LEU K 80 -14.04 -44.90 -40.41
CA LEU K 80 -15.44 -45.29 -40.35
C LEU K 80 -15.68 -46.73 -40.71
N ASN K 81 -14.78 -47.36 -41.48
CA ASN K 81 -14.88 -48.79 -41.67
C ASN K 81 -14.50 -49.50 -40.37
N LYS K 82 -13.58 -48.89 -39.61
CA LYS K 82 -13.38 -49.23 -38.21
C LYS K 82 -14.63 -49.00 -37.39
N LEU K 83 -15.25 -47.84 -37.55
CA LEU K 83 -16.32 -47.47 -36.64
C LEU K 83 -17.64 -48.11 -37.01
N LEU K 84 -17.84 -48.42 -38.29
CA LEU K 84 -19.10 -49.01 -38.74
C LEU K 84 -18.83 -50.31 -39.51
N GLY K 85 -17.98 -51.17 -38.96
CA GLY K 85 -17.79 -52.46 -39.60
C GLY K 85 -18.86 -53.47 -39.29
N ARG K 86 -19.67 -53.21 -38.27
CA ARG K 86 -20.66 -54.16 -37.78
C ARG K 86 -21.86 -54.32 -38.72
N VAL K 87 -22.13 -53.34 -39.56
CA VAL K 87 -23.39 -53.26 -40.28
C VAL K 87 -23.13 -53.36 -41.77
N THR K 88 -23.74 -54.35 -42.40
CA THR K 88 -23.76 -54.45 -43.85
C THR K 88 -24.90 -53.57 -44.36
N ILE K 89 -24.65 -52.87 -45.45
CA ILE K 89 -25.72 -52.18 -46.14
C ILE K 89 -26.42 -53.19 -47.05
N ALA K 90 -27.75 -53.20 -47.02
CA ALA K 90 -28.50 -53.94 -48.02
C ALA K 90 -28.27 -53.35 -49.39
N GLN K 91 -28.06 -54.25 -50.36
CA GLN K 91 -27.46 -53.97 -51.68
C GLN K 91 -26.14 -53.21 -51.52
N GLY K 92 -25.27 -53.72 -50.66
CA GLY K 92 -23.98 -53.10 -50.46
C GLY K 92 -23.01 -53.37 -51.61
N GLY K 93 -22.74 -54.65 -51.86
CA GLY K 93 -21.77 -55.02 -52.85
C GLY K 93 -20.37 -55.11 -52.27
N VAL K 94 -19.57 -55.98 -52.87
CA VAL K 94 -18.27 -56.30 -52.32
C VAL K 94 -17.16 -55.70 -53.19
N LEU K 95 -15.99 -55.59 -52.59
CA LEU K 95 -14.82 -55.00 -53.24
C LEU K 95 -14.09 -56.07 -54.05
N PRO K 96 -13.34 -55.68 -55.08
CA PRO K 96 -12.36 -56.61 -55.64
C PRO K 96 -11.17 -56.76 -54.70
N ASN K 97 -11.12 -57.87 -53.97
CA ASN K 97 -10.07 -58.14 -52.99
C ASN K 97 -9.54 -59.50 -53.45
N ILE K 98 -8.63 -59.47 -54.41
CA ILE K 98 -8.21 -60.65 -55.14
C ILE K 98 -6.74 -60.90 -54.82
N GLN K 99 -6.44 -62.04 -54.21
CA GLN K 99 -5.07 -62.30 -53.79
C GLN K 99 -4.23 -62.78 -54.96
N SER K 100 -2.91 -62.57 -54.82
CA SER K 100 -1.97 -62.76 -55.92
C SER K 100 -1.72 -64.22 -56.22
N VAL K 101 -1.92 -65.09 -55.24
CA VAL K 101 -1.52 -66.48 -55.37
C VAL K 101 -2.53 -67.26 -56.21
N LEU K 102 -3.74 -66.73 -56.33
CA LEU K 102 -4.75 -67.33 -57.17
C LEU K 102 -4.89 -66.59 -58.50
N LEU K 103 -4.18 -65.48 -58.65
CA LEU K 103 -4.05 -64.84 -59.94
C LEU K 103 -3.17 -65.69 -60.86
N PRO K 104 -3.42 -65.66 -62.20
CA PRO K 104 -2.59 -66.45 -63.12
C PRO K 104 -1.17 -65.93 -63.27
N LYS K 105 -0.32 -66.74 -63.87
CA LYS K 105 1.12 -66.57 -63.78
C LYS K 105 1.85 -67.35 -64.87
N THR L 1 -51.63 -37.53 -40.02
CA THR L 1 -50.81 -37.94 -38.90
C THR L 1 -49.53 -37.14 -38.85
N ARG L 2 -48.67 -37.44 -37.88
CA ARG L 2 -47.27 -37.05 -37.94
C ARG L 2 -46.42 -38.27 -38.26
N LYS L 3 -45.19 -37.98 -38.66
CA LYS L 3 -44.18 -39.01 -38.89
C LYS L 3 -42.83 -38.35 -38.65
N GLU L 4 -42.28 -38.52 -37.46
CA GLU L 4 -41.04 -37.83 -37.14
C GLU L 4 -39.85 -38.58 -37.71
N SER L 5 -39.39 -38.10 -38.86
CA SER L 5 -38.22 -38.60 -39.53
C SER L 5 -37.19 -37.49 -39.51
N TYR L 6 -36.11 -37.68 -40.26
CA TYR L 6 -35.09 -36.66 -40.31
C TYR L 6 -34.71 -36.31 -41.75
N ALA L 7 -35.63 -36.58 -42.68
CA ALA L 7 -35.32 -36.58 -44.11
C ALA L 7 -35.08 -35.18 -44.65
N ILE L 8 -35.78 -34.20 -44.12
CA ILE L 8 -35.61 -32.84 -44.60
C ILE L 8 -34.38 -32.19 -44.01
N TYR L 9 -33.94 -32.61 -42.83
CA TYR L 9 -32.70 -32.06 -42.29
C TYR L 9 -31.50 -32.73 -42.91
N VAL L 10 -31.67 -33.99 -43.32
CA VAL L 10 -30.72 -34.64 -44.21
C VAL L 10 -30.69 -33.95 -45.57
N TYR L 11 -31.85 -33.48 -46.07
CA TYR L 11 -31.90 -32.68 -47.29
C TYR L 11 -31.20 -31.34 -47.12
N LYS L 12 -31.27 -30.77 -45.91
CA LYS L 12 -30.59 -29.51 -45.58
C LYS L 12 -29.08 -29.66 -45.61
N VAL L 13 -28.56 -30.68 -44.93
CA VAL L 13 -27.11 -30.87 -44.88
C VAL L 13 -26.59 -31.43 -46.20
N LEU L 14 -27.45 -32.16 -46.91
CA LEU L 14 -27.21 -32.61 -48.27
C LEU L 14 -27.01 -31.44 -49.22
N LYS L 15 -27.89 -30.44 -49.13
CA LYS L 15 -27.77 -29.29 -49.98
C LYS L 15 -26.68 -28.34 -49.52
N GLN L 16 -26.30 -28.42 -48.23
CA GLN L 16 -25.10 -27.75 -47.74
C GLN L 16 -23.85 -28.29 -48.40
N VAL L 17 -23.77 -29.61 -48.56
CA VAL L 17 -22.64 -30.18 -49.31
C VAL L 17 -22.83 -29.96 -50.81
N HIS L 18 -23.94 -30.43 -51.35
CA HIS L 18 -24.15 -30.25 -52.77
C HIS L 18 -25.59 -30.02 -53.17
N PRO L 19 -25.84 -29.07 -54.07
CA PRO L 19 -27.16 -28.99 -54.73
C PRO L 19 -27.35 -29.98 -55.87
N ASP L 20 -26.51 -31.01 -56.02
CA ASP L 20 -26.37 -31.77 -57.24
C ASP L 20 -26.73 -33.24 -57.06
N THR L 21 -27.40 -33.58 -55.96
CA THR L 21 -27.33 -34.95 -55.44
C THR L 21 -28.71 -35.42 -54.99
N GLY L 22 -29.11 -36.61 -55.46
CA GLY L 22 -30.40 -37.19 -55.14
C GLY L 22 -30.27 -38.38 -54.20
N ILE L 23 -30.93 -38.29 -53.05
CA ILE L 23 -30.98 -39.39 -52.11
C ILE L 23 -32.07 -40.35 -52.59
N SER L 24 -31.95 -41.62 -52.22
CA SER L 24 -33.08 -42.53 -52.36
C SER L 24 -33.81 -42.58 -51.02
N SER L 25 -35.02 -43.13 -51.08
CA SER L 25 -35.76 -43.41 -49.85
C SER L 25 -35.12 -44.54 -49.07
N LYS L 26 -34.50 -45.49 -49.76
CA LYS L 26 -33.72 -46.49 -49.06
C LYS L 26 -32.43 -45.93 -48.53
N ALA L 27 -31.82 -44.99 -49.25
CA ALA L 27 -30.64 -44.32 -48.70
C ALA L 27 -31.02 -43.41 -47.55
N MET L 28 -32.24 -42.87 -47.60
CA MET L 28 -32.79 -42.18 -46.45
C MET L 28 -33.08 -43.16 -45.31
N SER L 29 -33.41 -44.40 -45.63
CA SER L 29 -33.62 -45.40 -44.60
C SER L 29 -32.30 -45.81 -43.95
N ILE L 30 -31.24 -45.94 -44.77
CA ILE L 30 -29.88 -46.15 -44.28
C ILE L 30 -29.42 -44.99 -43.43
N MET L 31 -29.71 -43.77 -43.87
CA MET L 31 -29.25 -42.58 -43.19
C MET L 31 -30.02 -42.34 -41.92
N ASN L 32 -31.32 -42.61 -41.92
CA ASN L 32 -32.13 -42.45 -40.73
C ASN L 32 -31.86 -43.53 -39.71
N SER L 33 -31.55 -44.74 -40.19
CA SER L 33 -31.16 -45.81 -39.30
C SER L 33 -29.80 -45.55 -38.70
N PHE L 34 -28.93 -44.90 -39.46
CA PHE L 34 -27.66 -44.43 -38.95
C PHE L 34 -27.86 -43.36 -37.87
N VAL L 35 -28.81 -42.45 -38.09
CA VAL L 35 -29.17 -41.43 -37.10
C VAL L 35 -29.70 -42.06 -35.82
N ASN L 36 -30.62 -43.00 -35.96
CA ASN L 36 -31.27 -43.62 -34.81
C ASN L 36 -30.30 -44.52 -34.06
N ASP L 37 -29.41 -45.15 -34.82
CA ASP L 37 -28.33 -45.98 -34.30
C ASP L 37 -27.37 -45.14 -33.47
N VAL L 38 -26.84 -44.07 -34.06
CA VAL L 38 -25.80 -43.28 -33.43
C VAL L 38 -26.37 -42.43 -32.30
N PHE L 39 -27.63 -42.00 -32.49
CA PHE L 39 -28.53 -41.48 -31.47
C PHE L 39 -28.55 -42.37 -30.25
N GLU L 40 -28.85 -43.66 -30.45
CA GLU L 40 -29.03 -44.48 -29.27
C GLU L 40 -27.74 -45.02 -28.68
N ARG L 41 -26.68 -45.17 -29.49
CA ARG L 41 -25.39 -45.54 -28.93
C ARG L 41 -24.81 -44.43 -28.09
N ILE L 42 -24.84 -43.20 -28.60
CA ILE L 42 -24.32 -42.06 -27.86
C ILE L 42 -25.25 -41.72 -26.71
N ALA L 43 -26.55 -41.94 -26.88
CA ALA L 43 -27.52 -41.61 -25.87
C ALA L 43 -27.47 -42.58 -24.72
N GLY L 44 -27.32 -43.87 -25.01
CA GLY L 44 -27.03 -44.83 -23.98
C GLY L 44 -25.63 -44.71 -23.42
N GLU L 45 -24.71 -44.14 -24.17
CA GLU L 45 -23.37 -44.00 -23.64
C GLU L 45 -23.28 -42.83 -22.68
N ALA L 46 -24.02 -41.78 -22.98
CA ALA L 46 -24.17 -40.67 -22.04
C ALA L 46 -24.98 -41.09 -20.83
N SER L 47 -25.94 -41.99 -21.03
CA SER L 47 -26.68 -42.55 -19.91
C SER L 47 -25.79 -43.45 -19.06
N ARG L 48 -24.85 -44.16 -19.71
CA ARG L 48 -23.86 -44.96 -19.01
C ARG L 48 -22.93 -44.06 -18.23
N LEU L 49 -22.56 -42.93 -18.82
CA LEU L 49 -21.70 -41.93 -18.19
C LEU L 49 -22.35 -41.30 -16.98
N ALA L 50 -23.62 -40.94 -17.11
CA ALA L 50 -24.37 -40.39 -15.99
C ALA L 50 -24.67 -41.44 -14.93
N HIS L 51 -24.72 -42.71 -15.31
CA HIS L 51 -24.83 -43.77 -14.32
C HIS L 51 -23.53 -43.94 -13.58
N TYR L 52 -22.41 -43.70 -14.26
CA TYR L 52 -21.13 -43.86 -13.61
C TYR L 52 -20.82 -42.67 -12.73
N ASN L 53 -21.36 -41.52 -13.11
CA ASN L 53 -21.05 -40.27 -12.45
C ASN L 53 -22.09 -39.87 -11.42
N LYS L 54 -23.28 -40.49 -11.48
CA LYS L 54 -24.37 -40.38 -10.50
C LYS L 54 -24.91 -38.96 -10.40
N ARG L 55 -25.40 -38.45 -11.53
CA ARG L 55 -26.03 -37.14 -11.62
C ARG L 55 -27.43 -37.27 -12.21
N SER L 56 -28.02 -36.13 -12.59
CA SER L 56 -29.36 -36.10 -13.12
C SER L 56 -29.42 -35.69 -14.58
N THR L 57 -28.76 -34.60 -14.96
CA THR L 57 -28.79 -34.25 -16.36
C THR L 57 -27.38 -34.27 -16.94
N ILE L 58 -27.29 -33.87 -18.21
CA ILE L 58 -26.15 -34.14 -19.08
C ILE L 58 -25.56 -32.83 -19.53
N THR L 59 -24.27 -32.63 -19.26
CA THR L 59 -23.55 -31.54 -19.89
C THR L 59 -22.90 -32.04 -21.17
N SER L 60 -22.52 -31.10 -22.03
CA SER L 60 -21.95 -31.41 -23.33
C SER L 60 -20.49 -31.85 -23.26
N ARG L 61 -19.84 -31.66 -22.10
CA ARG L 61 -18.62 -32.37 -21.72
C ARG L 61 -18.74 -33.87 -21.88
N GLU L 62 -19.88 -34.43 -21.50
CA GLU L 62 -20.12 -35.87 -21.61
C GLU L 62 -20.22 -36.30 -23.06
N ILE L 63 -20.79 -35.42 -23.90
CA ILE L 63 -20.96 -35.72 -25.32
C ILE L 63 -19.61 -35.65 -26.01
N GLN L 64 -18.79 -34.67 -25.60
CA GLN L 64 -17.40 -34.50 -26.01
C GLN L 64 -16.55 -35.74 -25.69
N THR L 65 -16.62 -36.20 -24.44
CA THR L 65 -15.90 -37.36 -23.97
C THR L 65 -16.32 -38.65 -24.67
N ALA L 66 -17.63 -38.88 -24.79
CA ALA L 66 -18.15 -40.08 -25.44
C ALA L 66 -17.88 -40.09 -26.93
N VAL L 67 -17.76 -38.91 -27.54
CA VAL L 67 -17.34 -38.81 -28.92
C VAL L 67 -15.86 -39.18 -29.04
N ARG L 68 -15.05 -38.78 -28.05
CA ARG L 68 -13.64 -39.20 -28.06
C ARG L 68 -13.46 -40.68 -27.76
N LEU L 69 -14.34 -41.26 -26.94
CA LEU L 69 -14.26 -42.68 -26.64
C LEU L 69 -14.70 -43.52 -27.81
N LEU L 70 -15.74 -43.09 -28.52
CA LEU L 70 -16.22 -43.94 -29.61
C LEU L 70 -15.42 -43.72 -30.87
N LEU L 71 -15.33 -42.48 -31.31
CA LEU L 71 -14.85 -42.21 -32.66
C LEU L 71 -13.33 -42.26 -32.68
N PRO L 72 -12.73 -42.71 -33.78
CA PRO L 72 -11.27 -42.58 -33.93
C PRO L 72 -10.81 -41.16 -34.28
N GLY L 73 -9.51 -41.02 -34.57
CA GLY L 73 -8.74 -39.77 -34.49
C GLY L 73 -9.23 -38.48 -35.11
N GLU L 74 -9.30 -38.42 -36.45
CA GLU L 74 -9.84 -37.25 -37.14
C GLU L 74 -11.32 -37.10 -36.89
N LEU L 75 -12.02 -38.23 -36.71
CA LEU L 75 -13.46 -38.23 -36.53
C LEU L 75 -13.84 -37.62 -35.18
N ALA L 76 -13.20 -38.10 -34.10
CA ALA L 76 -13.41 -37.54 -32.77
C ALA L 76 -12.84 -36.14 -32.64
N LYS L 77 -11.74 -35.85 -33.36
CA LYS L 77 -11.11 -34.54 -33.38
C LYS L 77 -12.04 -33.47 -33.96
N HIS L 78 -12.49 -33.68 -35.20
CA HIS L 78 -13.36 -32.74 -35.90
C HIS L 78 -14.74 -32.69 -35.26
N ALA L 79 -15.19 -33.77 -34.63
CA ALA L 79 -16.50 -33.76 -33.99
C ALA L 79 -16.49 -32.98 -32.68
N VAL L 80 -15.39 -33.10 -31.90
CA VAL L 80 -15.21 -32.26 -30.72
C VAL L 80 -15.08 -30.78 -31.09
N SER L 81 -14.43 -30.51 -32.22
CA SER L 81 -14.25 -29.14 -32.70
C SER L 81 -15.56 -28.50 -33.15
N GLU L 82 -16.36 -29.25 -33.94
CA GLU L 82 -17.68 -28.78 -34.38
C GLU L 82 -18.65 -28.65 -33.22
N GLY L 83 -18.54 -29.53 -32.23
CA GLY L 83 -19.38 -29.45 -31.05
C GLY L 83 -19.10 -28.25 -30.17
N THR L 84 -17.82 -27.94 -29.92
CA THR L 84 -17.55 -26.75 -29.12
C THR L 84 -17.75 -25.47 -29.91
N LYS L 85 -17.70 -25.54 -31.26
CA LYS L 85 -18.16 -24.45 -32.11
C LYS L 85 -19.64 -24.17 -31.90
N ALA L 86 -20.45 -25.23 -31.83
CA ALA L 86 -21.88 -25.07 -31.59
C ALA L 86 -22.20 -24.62 -30.17
N VAL L 87 -21.38 -25.04 -29.20
CA VAL L 87 -21.51 -24.59 -27.80
C VAL L 87 -21.27 -23.10 -27.68
N THR L 88 -20.23 -22.61 -28.37
CA THR L 88 -19.96 -21.18 -28.49
C THR L 88 -21.11 -20.45 -29.19
N LYS L 89 -21.57 -20.99 -30.31
CA LYS L 89 -22.50 -20.30 -31.21
C LYS L 89 -23.91 -20.17 -30.61
N TYR L 90 -24.35 -21.17 -29.85
CA TYR L 90 -25.63 -21.01 -29.17
C TYR L 90 -25.46 -20.37 -27.79
N THR L 91 -24.64 -20.99 -26.93
CA THR L 91 -24.59 -20.72 -25.51
C THR L 91 -23.96 -19.36 -25.21
N SER L 92 -23.14 -18.85 -26.14
CA SER L 92 -22.56 -17.50 -26.05
C SER L 92 -23.60 -16.40 -26.10
N ALA L 93 -24.34 -16.29 -27.19
CA ALA L 93 -25.35 -15.24 -27.31
C ALA L 93 -26.71 -15.78 -26.87
#